data_8URJ
#
_entry.id   8URJ
#
_cell.length_a   1.00
_cell.length_b   1.00
_cell.length_c   1.00
_cell.angle_alpha   90.00
_cell.angle_beta   90.00
_cell.angle_gamma   90.00
#
_symmetry.space_group_name_H-M   'P 1'
#
loop_
_entity.id
_entity.type
_entity.pdbx_description
1 polymer Exportin-1
2 polymer 'Rev HIV-1'
3 polymer 'GTP-binding nuclear protein Ran'
4 polymer 'Rev HIV-1'
5 polymer 'HIV-1 RRE'
#
loop_
_entity_poly.entity_id
_entity_poly.type
_entity_poly.pdbx_seq_one_letter_code
_entity_poly.pdbx_strand_id
1 'polypeptide(L)'
;GAMGSGMPAIMTMLADHAARQLLDFSQKLDINLLDNVVNCLYHGEGAQQRMAQEVLTHLKEHPDAWTRVDTILEFSQNMN
TKYYGLQILENVIKTRWKILPRNQCEGIKKYVVGLIIKTSSDPTCVEKEKVYIGKLNMILVQILKQEWPKHWPTFISDIV
GASRTSESLCQNNMVILKLLSEEVFDFSSGQITQVKSKHLKDSMCNEFSQIFQLCQFVMENSQNAPLVHATLETLLRFLN
WIPLGYIFETKLISTLIYKFLNVPMFRNVSLKCLTEIAGVSVSQYEEQFVTLFTLTMMQLKQMLPLNTNIRLAYSNGKDD
EQNFIQNLSLFLCTFLKEHDQLIEKRLNLRETLMEALHYMLLVSEVEETEIFKICLEYWNHLAAELYRESPFSTSASPLL
SGSQHFDVPPRRQLYLPMLFKVRLLMVSRMAKPEEVLVVENDQGEVVREFMKDTDSINLYKNMRETLVYLTHLDYVDTER
IMTEKLHNQVNGTEWSWKNLNTLCWAIGSISGAMHEEDEKRFLVTVIKDLLGLCEQKRGKDNKAIIASNIMYIVGQYPRF
LRAHWKFLKTVVNKLFEFMHETHDGVQDMACDTFIKIAQKCRRHFVQVQVGEVMPFIDEILNNINTIICDLQPQQVHTFY
EAVGYMIGAQTDQTVQEHLIEKYMLLPNQVWDSIIQQATKNVDILKDPETVKQLGSILKTNVRACKAVGHPFVIQLGRIY
LDMLNVYKCLSENISAAIQANGEMVTKQPLIRSMRTVKRETLKLISGWVSRSNDPQMVAENFVPPLLDAVLIDYQRNVPA
AREPEVLSTMAIIVNKLGGHITAEIPQIFDAVFECTLNMINKDFEEYPEHRTNFFLLLQAVNSHCFPAFLAIPPTQFKLV
LDSIIWAFKHTMRNVADTGLQILFTLLQNVAQEEAAAQSFYQTYFCDILQHIFSVVTDTSHTAGLTMHASILAYMFNLVE
EGKISTSLNPGNPVNNQIFLQEYVANLLKSAFPHLQDAQVKLFVTGLFSLNQDIPAFKEHLRDFLVQIKEFAGEDTSDLF
LEEREIALRQADEEKHKRQMSV
;
A,C
2 'polypeptide(L)'
;AMAGRSGDSDEDLLKAVRLIKFLYQSNPPPNPEGTRQARRNRRRRWRARQRQIHSISERIRSTYLGRSAEPVPLQTVDEM
TKKFGTLTIDCN
;
B
3 'polypeptide(L)'
;GHMTAQGEPQVQFKLVLVGDGGTGKTTFVKRHLTGEFEKKYVATLGVEVHPLVFHTNRGPIKFNVWDTAGLEKFGGLRDG
YYIQAQCAIIMFDVTSRVTYKNVPNWHRDLVRVCENIPIVLCGNKVDIKDRKVKAKSIVFHRKKNLQYYDISAKSNYNFE
KPFLWLARKLIGDPNLEFVAM
;
D,H
4 'polypeptide(L)'
;GAMAGRSGDSDEDLLKAVRLIKFLYQSNPPPNPEGTRQARRNRRRRWRERQRQIHSISERILSTYLGRSAEPVPLQTVDE
MTKKFGTLTIDC
;
E
5 'polyribonucleotide'
;UGAACCAUUAGGAAUAGCACCCACCAAGGCAAAGAGAAGAGUGGUGCAGAGAGAAAAAAGAGCAGUGGGAAUAGUAGGAG
CUAUGUUCCUUGGGUUCUUGGGAGCAGCAGGAAGCACUAUGGGCGCAGUGUCAUUGACGCUGACGGUACAGGCCAGACAA
UUAUUGUCUGGUAUAGUGCAACAGCAGAACAAUUUGCUGAGGGCUAUUGAGGCGCAACAACAUCUGUUGCAACUCACAGU
CUGGGGCAUCAAGCAGCUCCAAGCAAGAAUCCUGGCUGUGGAAAGAUACCUAAGGGAUCAACAGCUCCUAGGGGAAUUCG
GUUGCUCUGGAAAACUCAUUUGCACCACUGCUGUG
;
G
#
# COMPACT_ATOMS: atom_id res chain seq x y z
N MET A 13 -14.08 46.03 45.73
CA MET A 13 -13.48 47.13 46.48
C MET A 13 -14.33 48.40 46.41
N LEU A 14 -15.63 48.23 46.19
CA LEU A 14 -16.52 49.37 46.02
C LEU A 14 -17.94 48.96 46.41
N ALA A 15 -18.62 49.87 47.09
CA ALA A 15 -19.97 49.62 47.58
C ALA A 15 -20.99 50.13 46.57
N ASP A 16 -22.14 49.45 46.52
CA ASP A 16 -23.10 49.75 45.47
C ASP A 16 -23.47 51.22 45.45
N HIS A 17 -23.63 51.84 46.62
CA HIS A 17 -23.92 53.26 46.66
C HIS A 17 -22.75 54.06 46.08
N ALA A 18 -21.52 53.65 46.39
CA ALA A 18 -20.36 54.33 45.83
C ALA A 18 -20.34 54.24 44.31
N ALA A 19 -20.66 53.06 43.77
CA ALA A 19 -20.73 52.91 42.33
C ALA A 19 -21.83 53.80 41.74
N ARG A 20 -23.01 53.77 42.35
CA ARG A 20 -24.11 54.60 41.86
C ARG A 20 -23.76 56.08 41.93
N GLN A 21 -22.83 56.46 42.82
CA GLN A 21 -22.43 57.86 42.91
C GLN A 21 -21.99 58.37 41.54
N LEU A 22 -21.37 57.51 40.74
CA LEU A 22 -20.99 57.89 39.38
C LEU A 22 -22.21 58.29 38.55
N LEU A 23 -23.39 57.78 38.91
CA LEU A 23 -24.61 58.13 38.18
C LEU A 23 -25.08 59.55 38.47
N ASP A 24 -24.37 60.30 39.31
CA ASP A 24 -24.63 61.73 39.46
C ASP A 24 -23.98 62.45 38.29
N PHE A 25 -24.78 62.77 37.27
CA PHE A 25 -24.26 63.32 36.03
C PHE A 25 -23.89 64.80 36.14
N SER A 26 -24.15 65.43 37.28
CA SER A 26 -23.74 66.81 37.51
C SER A 26 -22.31 66.93 38.00
N GLN A 27 -21.62 65.81 38.20
CA GLN A 27 -20.26 65.80 38.72
C GLN A 27 -19.34 65.06 37.78
N LYS A 28 -18.06 65.41 37.82
CA LYS A 28 -17.06 64.75 36.99
C LYS A 28 -16.87 63.31 37.44
N LEU A 29 -16.91 62.38 36.50
CA LEU A 29 -16.62 60.98 36.81
C LEU A 29 -15.14 60.77 37.04
N ASP A 30 -14.82 59.94 38.02
CA ASP A 30 -13.43 59.60 38.31
C ASP A 30 -13.01 58.50 37.34
N ILE A 31 -12.20 58.88 36.34
CA ILE A 31 -11.76 57.91 35.34
C ILE A 31 -11.02 56.76 36.00
N ASN A 32 -10.22 57.05 37.02
CA ASN A 32 -9.56 55.99 37.75
C ASN A 32 -10.58 55.07 38.43
N LEU A 33 -11.70 55.63 38.90
CA LEU A 33 -12.73 54.80 39.50
C LEU A 33 -13.33 53.84 38.47
N LEU A 34 -13.61 54.33 37.26
CA LEU A 34 -14.14 53.46 36.23
C LEU A 34 -13.12 52.40 35.82
N ASP A 35 -11.84 52.78 35.76
CA ASP A 35 -10.80 51.80 35.49
C ASP A 35 -10.80 50.72 36.56
N ASN A 36 -10.93 51.11 37.82
CA ASN A 36 -11.03 50.15 38.91
C ASN A 36 -12.23 49.25 38.72
N VAL A 37 -13.38 49.82 38.36
CA VAL A 37 -14.59 49.03 38.18
C VAL A 37 -14.38 47.98 37.11
N VAL A 38 -13.80 48.38 35.98
CA VAL A 38 -13.65 47.46 34.86
C VAL A 38 -12.60 46.40 35.17
N ASN A 39 -11.51 46.79 35.82
CA ASN A 39 -10.51 45.81 36.23
C ASN A 39 -11.10 44.81 37.21
N CYS A 40 -11.96 45.26 38.12
CA CYS A 40 -12.66 44.33 39.00
C CYS A 40 -13.58 43.41 38.21
N LEU A 41 -14.26 43.96 37.21
CA LEU A 41 -15.15 43.13 36.40
C LEU A 41 -14.37 42.02 35.71
N TYR A 42 -13.22 42.36 35.11
CA TYR A 42 -12.46 41.39 34.33
C TYR A 42 -11.50 40.58 35.19
N HIS A 43 -11.36 40.89 36.48
CA HIS A 43 -10.50 40.13 37.36
C HIS A 43 -11.13 39.82 38.70
N GLY A 44 -12.22 40.49 39.07
CA GLY A 44 -12.95 40.16 40.28
C GLY A 44 -13.88 38.99 40.08
N GLU A 45 -14.42 38.50 41.20
CA GLU A 45 -15.23 37.30 41.20
C GLU A 45 -16.44 37.49 42.10
N GLY A 46 -17.46 36.69 41.84
CA GLY A 46 -18.62 36.66 42.71
C GLY A 46 -19.29 38.02 42.83
N ALA A 47 -19.58 38.41 44.08
CA ALA A 47 -20.40 39.59 44.32
C ALA A 47 -19.80 40.83 43.69
N GLN A 48 -18.48 40.99 43.77
CA GLN A 48 -17.84 42.18 43.20
C GLN A 48 -18.08 42.26 41.69
N GLN A 49 -17.79 41.16 40.98
CA GLN A 49 -17.97 41.16 39.53
C GLN A 49 -19.44 41.30 39.16
N ARG A 50 -20.32 40.64 39.89
CA ARG A 50 -21.76 40.77 39.61
C ARG A 50 -22.23 42.20 39.80
N MET A 51 -21.79 42.86 40.87
CA MET A 51 -22.14 44.25 41.11
C MET A 51 -21.63 45.14 39.98
N ALA A 52 -20.37 44.95 39.58
CA ALA A 52 -19.83 45.75 38.50
C ALA A 52 -20.63 45.55 37.21
N GLN A 53 -20.95 44.29 36.88
CA GLN A 53 -21.77 44.02 35.72
C GLN A 53 -23.10 44.76 35.80
N GLU A 54 -23.78 44.66 36.93
CA GLU A 54 -25.09 45.28 37.07
C GLU A 54 -24.99 46.79 36.91
N VAL A 55 -24.02 47.41 37.57
CA VAL A 55 -23.89 48.86 37.54
C VAL A 55 -23.58 49.33 36.12
N LEU A 56 -22.65 48.65 35.45
CA LEU A 56 -22.29 49.05 34.09
C LEU A 56 -23.46 48.86 33.13
N THR A 57 -24.22 47.77 33.30
CA THR A 57 -25.41 47.57 32.47
C THR A 57 -26.40 48.70 32.68
N HIS A 58 -26.65 49.06 33.94
CA HIS A 58 -27.57 50.15 34.24
C HIS A 58 -27.10 51.45 33.61
N LEU A 59 -25.81 51.76 33.74
CA LEU A 59 -25.26 52.97 33.17
C LEU A 59 -25.41 52.99 31.66
N LYS A 60 -25.07 51.88 31.00
CA LYS A 60 -25.19 51.81 29.55
C LYS A 60 -26.64 52.03 29.11
N GLU A 61 -27.61 51.64 29.93
CA GLU A 61 -29.01 51.89 29.67
C GLU A 61 -29.42 53.33 29.92
N HIS A 62 -28.56 54.13 30.55
CA HIS A 62 -28.93 55.50 30.87
C HIS A 62 -29.09 56.33 29.60
N PRO A 63 -30.05 57.26 29.56
CA PRO A 63 -30.24 58.09 28.36
C PRO A 63 -29.08 59.02 28.08
N ASP A 64 -28.64 59.79 29.07
CA ASP A 64 -27.70 60.88 28.88
C ASP A 64 -26.25 60.46 29.09
N ALA A 65 -26.00 59.15 29.24
CA ALA A 65 -24.64 58.69 29.43
C ALA A 65 -23.70 59.21 28.34
N TRP A 66 -24.18 59.23 27.10
CA TRP A 66 -23.35 59.72 26.00
C TRP A 66 -22.76 61.09 26.28
N THR A 67 -23.42 61.88 27.13
CA THR A 67 -22.90 63.21 27.41
C THR A 67 -21.47 63.18 27.94
N ARG A 68 -21.07 62.08 28.57
CA ARG A 68 -19.70 61.95 29.06
C ARG A 68 -18.80 61.17 28.11
N VAL A 69 -19.35 60.45 27.15
CA VAL A 69 -18.56 59.54 26.34
C VAL A 69 -17.38 60.27 25.71
N ASP A 70 -17.65 61.43 25.11
CA ASP A 70 -16.57 62.21 24.51
C ASP A 70 -15.47 62.47 25.54
N THR A 71 -15.85 63.03 26.69
CA THR A 71 -14.86 63.30 27.73
C THR A 71 -14.13 62.03 28.13
N ILE A 72 -14.81 60.89 28.09
CA ILE A 72 -14.15 59.63 28.44
C ILE A 72 -13.01 59.36 27.47
N LEU A 73 -13.28 59.48 26.17
CA LEU A 73 -12.28 59.05 25.20
C LEU A 73 -11.02 59.90 25.29
N GLU A 74 -11.19 61.20 25.50
CA GLU A 74 -10.02 62.07 25.60
C GLU A 74 -9.20 61.75 26.84
N PHE A 75 -9.84 61.33 27.92
CA PHE A 75 -9.15 61.04 29.17
C PHE A 75 -8.93 59.55 29.42
N SER A 76 -9.78 58.68 28.89
CA SER A 76 -9.70 57.26 29.23
C SER A 76 -8.32 56.71 28.86
N GLN A 77 -7.80 55.86 29.75
CA GLN A 77 -6.53 55.20 29.53
C GLN A 77 -6.66 53.68 29.35
N ASN A 78 -7.77 53.11 29.79
CA ASN A 78 -8.02 51.67 29.65
C ASN A 78 -8.83 51.44 28.38
N MET A 79 -8.27 50.66 27.46
CA MET A 79 -8.98 50.35 26.23
C MET A 79 -10.32 49.70 26.51
N ASN A 80 -10.44 48.97 27.62
CA ASN A 80 -11.71 48.34 27.95
C ASN A 80 -12.77 49.38 28.29
N THR A 81 -12.41 50.40 29.07
CA THR A 81 -13.34 51.48 29.36
C THR A 81 -13.72 52.23 28.09
N LYS A 82 -12.75 52.45 27.21
CA LYS A 82 -13.05 53.03 25.91
C LYS A 82 -14.06 52.17 25.16
N TYR A 83 -13.89 50.84 25.23
CA TYR A 83 -14.82 49.94 24.57
C TYR A 83 -16.21 50.08 25.14
N TYR A 84 -16.32 50.19 26.46
CA TYR A 84 -17.64 50.36 27.07
C TYR A 84 -18.28 51.66 26.62
N GLY A 85 -17.50 52.75 26.59
CA GLY A 85 -18.02 54.01 26.09
C GLY A 85 -18.47 53.89 24.65
N LEU A 86 -17.71 53.18 23.82
CA LEU A 86 -18.10 52.97 22.44
C LEU A 86 -19.37 52.13 22.35
N GLN A 87 -19.57 51.20 23.27
CA GLN A 87 -20.84 50.47 23.31
C GLN A 87 -21.99 51.41 23.60
N ILE A 88 -21.79 52.33 24.54
CA ILE A 88 -22.82 53.33 24.81
C ILE A 88 -23.10 54.14 23.57
N LEU A 89 -22.04 54.56 22.88
CA LEU A 89 -22.20 55.34 21.66
C LEU A 89 -22.93 54.54 20.59
N GLU A 90 -22.66 53.24 20.50
CA GLU A 90 -23.34 52.39 19.54
C GLU A 90 -24.81 52.30 19.85
N ASN A 91 -25.16 52.15 21.12
CA ASN A 91 -26.57 52.19 21.51
C ASN A 91 -27.21 53.50 21.07
N VAL A 92 -26.53 54.62 21.36
CA VAL A 92 -27.10 55.93 21.02
C VAL A 92 -27.32 56.03 19.51
N ILE A 93 -26.31 55.64 18.73
CA ILE A 93 -26.42 55.73 17.29
C ILE A 93 -27.53 54.83 16.76
N LYS A 94 -27.64 53.62 17.32
CA LYS A 94 -28.64 52.67 16.89
C LYS A 94 -30.04 53.02 17.37
N THR A 95 -30.17 53.98 18.28
CA THR A 95 -31.46 54.33 18.86
C THR A 95 -31.99 55.68 18.37
N ARG A 96 -31.16 56.72 18.43
CA ARG A 96 -31.65 58.09 18.43
C ARG A 96 -30.95 58.98 17.41
N TRP A 97 -30.22 58.41 16.45
CA TRP A 97 -29.46 59.24 15.53
C TRP A 97 -30.36 60.22 14.78
N LYS A 98 -31.61 59.86 14.55
CA LYS A 98 -32.55 60.77 13.90
C LYS A 98 -33.14 61.79 14.87
N ILE A 99 -32.85 61.65 16.17
CA ILE A 99 -33.33 62.59 17.16
C ILE A 99 -32.21 63.45 17.72
N LEU A 100 -30.95 63.05 17.57
CA LEU A 100 -29.85 63.83 18.10
C LEU A 100 -29.70 65.14 17.33
N PRO A 101 -29.26 66.21 17.99
CA PRO A 101 -29.02 67.47 17.27
C PRO A 101 -28.01 67.28 16.14
N ARG A 102 -28.32 67.88 14.98
CA ARG A 102 -27.45 67.75 13.83
C ARG A 102 -26.03 68.24 14.15
N ASN A 103 -25.92 69.38 14.83
CA ASN A 103 -24.61 69.92 15.17
C ASN A 103 -23.80 68.92 15.99
N GLN A 104 -24.42 68.34 17.02
CA GLN A 104 -23.70 67.38 17.84
C GLN A 104 -23.36 66.12 17.06
N CYS A 105 -24.29 65.66 16.21
CA CYS A 105 -24.00 64.51 15.36
C CYS A 105 -22.74 64.75 14.54
N GLU A 106 -22.68 65.89 13.85
CA GLU A 106 -21.52 66.18 13.00
C GLU A 106 -20.26 66.35 13.82
N GLY A 107 -20.35 67.02 14.97
CA GLY A 107 -19.18 67.20 15.80
C GLY A 107 -18.60 65.87 16.26
N ILE A 108 -19.46 64.97 16.74
CA ILE A 108 -18.98 63.68 17.21
C ILE A 108 -18.49 62.83 16.05
N LYS A 109 -19.12 62.96 14.87
CA LYS A 109 -18.63 62.26 13.69
C LYS A 109 -17.21 62.69 13.34
N LYS A 110 -16.98 64.00 13.33
CA LYS A 110 -15.63 64.50 13.10
C LYS A 110 -14.67 64.00 14.18
N TYR A 111 -15.14 63.98 15.42
CA TYR A 111 -14.32 63.49 16.53
C TYR A 111 -13.87 62.06 16.29
N VAL A 112 -14.82 61.18 15.95
CA VAL A 112 -14.49 59.77 15.76
C VAL A 112 -13.60 59.59 14.54
N VAL A 113 -13.86 60.32 13.47
CA VAL A 113 -13.01 60.20 12.28
C VAL A 113 -11.59 60.61 12.61
N GLY A 114 -11.43 61.72 13.33
CA GLY A 114 -10.10 62.16 13.71
C GLY A 114 -9.40 61.15 14.60
N LEU A 115 -10.14 60.56 15.54
CA LEU A 115 -9.54 59.55 16.41
C LEU A 115 -9.10 58.33 15.61
N ILE A 116 -9.91 57.90 14.65
CA ILE A 116 -9.52 56.78 13.80
C ILE A 116 -8.25 57.12 13.05
N ILE A 117 -8.17 58.33 12.50
CA ILE A 117 -6.99 58.73 11.73
C ILE A 117 -5.76 58.74 12.64
N LYS A 118 -5.88 59.32 13.83
CA LYS A 118 -4.73 59.40 14.73
C LYS A 118 -4.27 58.01 15.14
N THR A 119 -5.21 57.12 15.46
CA THR A 119 -4.85 55.75 15.81
C THR A 119 -4.14 55.05 14.66
N SER A 120 -4.67 55.21 13.44
CA SER A 120 -4.01 54.64 12.28
C SER A 120 -2.62 55.21 12.05
N SER A 121 -2.38 56.46 12.50
CA SER A 121 -1.07 57.05 12.31
C SER A 121 0.00 56.35 13.15
N ASP A 122 -0.38 55.76 14.28
CA ASP A 122 0.59 55.08 15.13
C ASP A 122 0.52 53.58 14.88
N PRO A 123 1.54 52.97 14.27
CA PRO A 123 1.50 51.51 14.09
C PRO A 123 1.38 50.75 15.39
N THR A 124 2.00 51.27 16.46
CA THR A 124 1.94 50.55 17.72
C THR A 124 0.50 50.43 18.18
N CYS A 125 -0.27 51.52 18.12
CA CYS A 125 -1.66 51.42 18.54
C CYS A 125 -2.42 50.46 17.64
N VAL A 126 -2.02 50.41 16.36
CA VAL A 126 -2.66 49.50 15.41
C VAL A 126 -2.54 48.06 15.89
N GLU A 127 -1.35 47.69 16.35
CA GLU A 127 -1.18 46.33 16.88
C GLU A 127 -1.81 46.19 18.25
N LYS A 128 -1.72 47.22 19.09
CA LYS A 128 -2.11 47.13 20.49
C LYS A 128 -3.62 47.16 20.66
N GLU A 129 -4.31 47.98 19.87
CA GLU A 129 -5.71 48.31 20.10
C GLU A 129 -6.58 47.80 18.96
N LYS A 130 -6.27 46.60 18.46
CA LYS A 130 -6.99 46.08 17.31
C LYS A 130 -8.49 45.97 17.59
N VAL A 131 -8.85 45.47 18.77
CA VAL A 131 -10.27 45.36 19.13
C VAL A 131 -10.89 46.75 19.19
N TYR A 132 -10.18 47.70 19.80
CA TYR A 132 -10.70 49.07 19.89
C TYR A 132 -10.89 49.66 18.50
N ILE A 133 -9.92 49.45 17.60
CA ILE A 133 -10.04 49.97 16.24
C ILE A 133 -11.23 49.32 15.54
N GLY A 134 -11.41 48.02 15.72
CA GLY A 134 -12.54 47.35 15.10
C GLY A 134 -13.87 47.87 15.61
N LYS A 135 -13.95 48.13 16.92
CA LYS A 135 -15.17 48.71 17.48
C LYS A 135 -15.42 50.09 16.89
N LEU A 136 -14.36 50.89 16.74
CA LEU A 136 -14.51 52.19 16.10
C LEU A 136 -15.01 52.03 14.67
N ASN A 137 -14.47 51.05 13.94
CA ASN A 137 -14.90 50.86 12.57
C ASN A 137 -16.38 50.49 12.52
N MET A 138 -16.83 49.62 13.42
CA MET A 138 -18.24 49.25 13.44
C MET A 138 -19.12 50.44 13.82
N ILE A 139 -18.65 51.27 14.76
CA ILE A 139 -19.44 52.44 15.14
C ILE A 139 -19.60 53.35 13.93
N LEU A 140 -18.52 53.51 13.16
CA LEU A 140 -18.60 54.34 11.97
C LEU A 140 -19.51 53.70 10.92
N VAL A 141 -19.51 52.37 10.82
CA VAL A 141 -20.40 51.71 9.89
C VAL A 141 -21.85 52.00 10.24
N GLN A 142 -22.19 51.93 11.53
CA GLN A 142 -23.55 52.29 11.94
C GLN A 142 -23.86 53.74 11.63
N ILE A 143 -22.92 54.63 11.92
CA ILE A 143 -23.11 56.05 11.62
C ILE A 143 -23.44 56.24 10.14
N LEU A 144 -22.66 55.59 9.27
CA LEU A 144 -22.87 55.76 7.84
C LEU A 144 -24.17 55.11 7.39
N LYS A 145 -24.49 53.93 7.91
CA LYS A 145 -25.78 53.31 7.63
C LYS A 145 -26.91 54.29 7.92
N GLN A 146 -26.79 55.05 9.00
CA GLN A 146 -27.79 56.08 9.26
C GLN A 146 -27.67 57.24 8.28
N GLU A 147 -26.45 57.62 7.91
CA GLU A 147 -26.21 58.79 7.06
C GLU A 147 -25.95 58.41 5.60
N TRP A 148 -24.94 57.59 5.36
CA TRP A 148 -24.53 57.31 4.00
C TRP A 148 -25.68 56.67 3.23
N PRO A 149 -25.86 56.98 1.94
CA PRO A 149 -25.12 57.94 1.10
C PRO A 149 -25.71 59.34 1.15
N LYS A 150 -26.76 59.55 1.94
CA LYS A 150 -27.47 60.82 1.92
C LYS A 150 -26.55 61.98 2.28
N HIS A 151 -26.04 62.00 3.51
CA HIS A 151 -25.32 63.16 4.01
C HIS A 151 -23.81 63.08 3.81
N TRP A 152 -23.29 61.97 3.33
CA TRP A 152 -21.86 61.87 3.09
C TRP A 152 -21.58 61.07 1.82
N PRO A 153 -22.23 61.39 0.70
CA PRO A 153 -21.94 60.65 -0.53
C PRO A 153 -20.51 60.82 -1.00
N THR A 154 -19.86 61.92 -0.64
CA THR A 154 -18.47 62.15 -1.03
C THR A 154 -17.48 61.35 -0.21
N PHE A 155 -17.95 60.57 0.77
CA PHE A 155 -17.05 59.87 1.67
C PHE A 155 -16.15 58.92 0.93
N ILE A 156 -16.74 58.05 0.09
CA ILE A 156 -16.00 56.92 -0.45
C ILE A 156 -14.81 57.41 -1.26
N SER A 157 -15.06 58.36 -2.16
CA SER A 157 -13.97 58.85 -2.99
C SER A 157 -12.88 59.44 -2.12
N ASP A 158 -13.26 60.24 -1.13
CA ASP A 158 -12.25 60.84 -0.29
C ASP A 158 -11.41 59.77 0.38
N ILE A 159 -12.07 58.74 0.91
CA ILE A 159 -11.31 57.75 1.66
C ILE A 159 -10.39 56.98 0.72
N VAL A 160 -10.84 56.72 -0.51
CA VAL A 160 -9.93 55.98 -1.39
C VAL A 160 -8.74 56.85 -1.71
N GLY A 161 -8.96 58.16 -1.90
CA GLY A 161 -7.82 59.04 -2.06
C GLY A 161 -6.93 58.97 -0.84
N ALA A 162 -7.55 59.04 0.35
CA ALA A 162 -6.78 58.89 1.57
C ALA A 162 -6.08 57.55 1.60
N SER A 163 -6.77 56.49 1.17
CA SER A 163 -6.14 55.19 1.05
C SER A 163 -4.87 55.27 0.20
N ARG A 164 -4.97 55.90 -0.96
CA ARG A 164 -3.79 56.12 -1.80
C ARG A 164 -2.69 56.90 -1.09
N THR A 165 -3.06 57.74 -0.12
CA THR A 165 -2.05 58.54 0.58
C THR A 165 -1.20 57.70 1.52
N SER A 166 -1.81 56.79 2.27
CA SER A 166 -1.08 56.02 3.28
C SER A 166 -1.47 54.56 3.21
N GLU A 167 -0.48 53.68 3.41
CA GLU A 167 -0.74 52.24 3.37
C GLU A 167 -1.60 51.80 4.54
N SER A 168 -1.30 52.29 5.74
CA SER A 168 -2.09 51.90 6.91
C SER A 168 -3.51 52.47 6.81
N LEU A 169 -3.64 53.70 6.31
CA LEU A 169 -4.96 54.25 6.08
C LEU A 169 -5.73 53.42 5.08
N CYS A 170 -5.06 52.98 4.01
CA CYS A 170 -5.72 52.10 3.05
C CYS A 170 -6.15 50.80 3.70
N GLN A 171 -5.30 50.25 4.58
CA GLN A 171 -5.65 49.00 5.26
C GLN A 171 -6.91 49.18 6.10
N ASN A 172 -6.93 50.23 6.92
CA ASN A 172 -8.11 50.49 7.75
C ASN A 172 -9.32 50.79 6.90
N ASN A 173 -9.14 51.46 5.76
CA ASN A 173 -10.29 51.76 4.91
C ASN A 173 -10.85 50.50 4.27
N MET A 174 -9.98 49.57 3.88
CA MET A 174 -10.48 48.29 3.40
C MET A 174 -11.20 47.53 4.52
N VAL A 175 -10.68 47.62 5.75
CA VAL A 175 -11.34 46.93 6.85
C VAL A 175 -12.74 47.51 7.06
N ILE A 176 -12.86 48.84 7.06
CA ILE A 176 -14.17 49.46 7.24
C ILE A 176 -15.08 49.10 6.08
N LEU A 177 -14.53 49.02 4.87
CA LEU A 177 -15.33 48.61 3.73
C LEU A 177 -15.82 47.18 3.89
N LYS A 178 -14.96 46.29 4.40
CA LYS A 178 -15.36 44.91 4.65
C LYS A 178 -16.50 44.86 5.66
N LEU A 179 -16.37 45.62 6.74
CA LEU A 179 -17.42 45.64 7.74
C LEU A 179 -18.72 46.19 7.16
N LEU A 180 -18.62 47.23 6.33
CA LEU A 180 -19.81 47.78 5.68
C LEU A 180 -20.48 46.72 4.80
N SER A 181 -19.67 45.99 4.02
CA SER A 181 -20.25 44.97 3.16
C SER A 181 -20.91 43.87 3.98
N GLU A 182 -20.27 43.45 5.06
CA GLU A 182 -20.86 42.41 5.91
C GLU A 182 -22.19 42.88 6.47
N GLU A 183 -22.23 44.11 7.00
CA GLU A 183 -23.45 44.62 7.59
C GLU A 183 -24.54 44.81 6.55
N VAL A 184 -24.16 45.18 5.33
CA VAL A 184 -25.15 45.49 4.30
C VAL A 184 -25.74 44.21 3.72
N PHE A 185 -24.92 43.19 3.51
CA PHE A 185 -25.32 41.99 2.80
C PHE A 185 -25.45 40.76 3.70
N ASP A 186 -24.40 40.45 4.46
CA ASP A 186 -24.38 39.20 5.21
C ASP A 186 -25.25 39.24 6.45
N PHE A 187 -25.32 40.40 7.12
CA PHE A 187 -26.00 40.50 8.42
C PHE A 187 -27.07 41.59 8.42
N SER A 188 -27.61 41.93 7.25
CA SER A 188 -28.63 42.96 7.21
C SER A 188 -29.96 42.45 7.78
N SER A 189 -30.34 41.23 7.44
CA SER A 189 -31.64 40.72 7.86
C SER A 189 -31.75 40.75 9.38
N GLY A 190 -32.89 41.25 9.87
CA GLY A 190 -33.15 41.34 11.28
C GLY A 190 -32.63 42.60 11.95
N GLN A 191 -31.75 43.34 11.28
CA GLN A 191 -31.25 44.60 11.82
C GLN A 191 -31.67 45.82 11.01
N ILE A 192 -32.00 45.65 9.74
CA ILE A 192 -32.29 46.76 8.84
C ILE A 192 -33.59 46.47 8.10
N THR A 193 -34.41 47.51 7.93
CA THR A 193 -35.60 47.39 7.11
C THR A 193 -35.23 46.92 5.70
N GLN A 194 -36.21 46.33 5.02
CA GLN A 194 -35.95 45.83 3.67
C GLN A 194 -35.55 46.95 2.73
N VAL A 195 -36.28 48.07 2.77
CA VAL A 195 -36.06 49.14 1.81
C VAL A 195 -34.73 49.84 2.07
N LYS A 196 -34.41 50.11 3.33
CA LYS A 196 -33.12 50.72 3.63
C LYS A 196 -31.98 49.82 3.19
N SER A 197 -32.12 48.51 3.42
CA SER A 197 -31.10 47.57 2.97
C SER A 197 -30.96 47.60 1.46
N LYS A 198 -32.08 47.63 0.75
CA LYS A 198 -32.03 47.68 -0.72
C LYS A 198 -31.33 48.94 -1.19
N HIS A 199 -31.67 50.09 -0.59
CA HIS A 199 -31.01 51.34 -0.98
C HIS A 199 -29.52 51.27 -0.73
N LEU A 200 -29.12 50.77 0.44
CA LEU A 200 -27.70 50.70 0.75
C LEU A 200 -26.98 49.76 -0.22
N LYS A 201 -27.61 48.63 -0.55
CA LYS A 201 -27.01 47.71 -1.50
C LYS A 201 -26.83 48.36 -2.86
N ASP A 202 -27.84 49.09 -3.33
CA ASP A 202 -27.74 49.76 -4.61
C ASP A 202 -26.61 50.78 -4.60
N SER A 203 -26.54 51.58 -3.53
CA SER A 203 -25.48 52.59 -3.44
C SER A 203 -24.10 51.93 -3.45
N MET A 204 -23.95 50.84 -2.70
CA MET A 204 -22.68 50.13 -2.66
C MET A 204 -22.33 49.61 -4.05
N CYS A 205 -23.29 49.00 -4.73
CA CYS A 205 -22.99 48.48 -6.07
C CYS A 205 -22.57 49.61 -6.98
N ASN A 206 -23.29 50.73 -6.92
CA ASN A 206 -22.99 51.84 -7.81
C ASN A 206 -21.57 52.35 -7.60
N GLU A 207 -21.14 52.47 -6.34
CA GLU A 207 -19.83 53.03 -6.05
C GLU A 207 -18.73 51.97 -6.02
N PHE A 208 -19.07 50.69 -6.19
CA PHE A 208 -18.09 49.63 -6.03
C PHE A 208 -16.87 49.82 -6.94
N SER A 209 -17.08 50.37 -8.14
CA SER A 209 -16.00 50.45 -9.11
C SER A 209 -14.75 51.09 -8.51
N GLN A 210 -14.92 52.17 -7.75
CA GLN A 210 -13.77 52.80 -7.11
C GLN A 210 -13.06 51.82 -6.19
N ILE A 211 -13.83 51.07 -5.40
CA ILE A 211 -13.24 50.12 -4.46
C ILE A 211 -12.47 49.04 -5.21
N PHE A 212 -13.08 48.53 -6.29
CA PHE A 212 -12.42 47.48 -7.07
C PHE A 212 -11.12 47.97 -7.66
N GLN A 213 -11.15 49.18 -8.24
CA GLN A 213 -9.93 49.76 -8.79
C GLN A 213 -8.87 49.92 -7.71
N LEU A 214 -9.28 50.40 -6.53
CA LEU A 214 -8.32 50.61 -5.45
C LEU A 214 -7.69 49.29 -5.01
N CYS A 215 -8.51 48.25 -4.83
CA CYS A 215 -7.96 46.99 -4.37
C CYS A 215 -7.03 46.40 -5.42
N GLN A 216 -7.37 46.52 -6.70
CA GLN A 216 -6.49 46.01 -7.74
C GLN A 216 -5.16 46.77 -7.75
N PHE A 217 -5.22 48.09 -7.55
CA PHE A 217 -4.00 48.87 -7.41
C PHE A 217 -3.15 48.35 -6.25
N VAL A 218 -3.78 48.12 -5.10
CA VAL A 218 -3.06 47.65 -3.93
C VAL A 218 -2.43 46.29 -4.20
N MET A 219 -3.20 45.37 -4.77
CA MET A 219 -2.69 44.04 -5.08
C MET A 219 -1.49 44.12 -6.01
N GLU A 220 -1.58 44.94 -7.06
CA GLU A 220 -0.49 44.98 -8.02
C GLU A 220 0.74 45.68 -7.47
N ASN A 221 0.57 46.66 -6.59
CA ASN A 221 1.66 47.52 -6.17
C ASN A 221 2.07 47.37 -4.71
N SER A 222 1.14 47.04 -3.81
CA SER A 222 1.45 47.04 -2.39
C SER A 222 2.34 45.87 -2.02
N GLN A 223 3.29 46.13 -1.12
CA GLN A 223 4.16 45.11 -0.56
C GLN A 223 3.98 44.92 0.94
N ASN A 224 3.16 45.75 1.59
CA ASN A 224 2.89 45.63 3.02
C ASN A 224 2.00 44.41 3.24
N ALA A 225 2.61 43.31 3.68
CA ALA A 225 1.88 42.05 3.77
C ALA A 225 0.65 42.15 4.65
N PRO A 226 0.67 42.78 5.83
CA PRO A 226 -0.59 42.99 6.55
C PRO A 226 -1.62 43.74 5.73
N LEU A 227 -1.19 44.76 4.99
CA LEU A 227 -2.12 45.49 4.13
C LEU A 227 -2.67 44.58 3.05
N VAL A 228 -1.81 43.75 2.46
CA VAL A 228 -2.27 42.82 1.44
C VAL A 228 -3.30 41.86 2.01
N HIS A 229 -3.05 41.36 3.23
CA HIS A 229 -3.98 40.43 3.84
C HIS A 229 -5.32 41.10 4.12
N ALA A 230 -5.30 42.35 4.61
CA ALA A 230 -6.55 43.06 4.83
C ALA A 230 -7.28 43.26 3.51
N THR A 231 -6.53 43.59 2.45
CA THR A 231 -7.12 43.74 1.13
C THR A 231 -7.78 42.45 0.68
N LEU A 232 -7.11 41.32 0.88
CA LEU A 232 -7.68 40.04 0.50
C LEU A 232 -8.93 39.73 1.30
N GLU A 233 -8.91 40.03 2.60
CA GLU A 233 -10.11 39.82 3.42
C GLU A 233 -11.29 40.65 2.91
N THR A 234 -11.06 41.93 2.69
CA THR A 234 -12.14 42.80 2.21
C THR A 234 -12.66 42.31 0.87
N LEU A 235 -11.75 41.93 -0.04
CA LEU A 235 -12.18 41.38 -1.31
C LEU A 235 -12.99 40.11 -1.10
N LEU A 236 -12.59 39.29 -0.13
CA LEU A 236 -13.27 38.04 0.14
C LEU A 236 -14.72 38.30 0.51
N ARG A 237 -14.94 39.26 1.40
CA ARG A 237 -16.32 39.61 1.75
C ARG A 237 -17.07 40.19 0.56
N PHE A 238 -16.44 41.07 -0.22
CA PHE A 238 -17.09 41.59 -1.42
C PHE A 238 -17.54 40.46 -2.34
N LEU A 239 -16.77 39.39 -2.42
CA LEU A 239 -17.08 38.31 -3.36
C LEU A 239 -18.47 37.73 -3.14
N ASN A 240 -19.12 38.03 -2.03
CA ASN A 240 -20.42 37.43 -1.73
C ASN A 240 -21.49 37.89 -2.72
N TRP A 241 -21.41 39.15 -3.18
CA TRP A 241 -22.53 39.76 -3.90
C TRP A 241 -22.14 40.52 -5.15
N ILE A 242 -20.87 40.87 -5.36
CA ILE A 242 -20.49 41.80 -6.42
C ILE A 242 -20.82 41.22 -7.79
N PRO A 243 -21.12 42.05 -8.79
CA PRO A 243 -21.42 41.53 -10.12
C PRO A 243 -20.26 40.73 -10.69
N LEU A 244 -20.60 39.68 -11.45
CA LEU A 244 -19.59 38.77 -11.97
C LEU A 244 -18.59 39.47 -12.87
N GLY A 245 -19.02 40.52 -13.57
CA GLY A 245 -18.10 41.22 -14.46
C GLY A 245 -16.83 41.69 -13.77
N TYR A 246 -16.95 42.18 -12.53
CA TYR A 246 -15.78 42.58 -11.76
C TYR A 246 -14.86 41.42 -11.42
N ILE A 247 -15.35 40.19 -11.45
CA ILE A 247 -14.57 39.03 -11.02
C ILE A 247 -13.77 38.44 -12.17
N PHE A 248 -14.46 38.00 -13.20
CA PHE A 248 -13.87 37.15 -14.23
C PHE A 248 -13.31 37.91 -15.42
N GLU A 249 -13.48 39.23 -15.48
CA GLU A 249 -13.05 40.02 -16.62
C GLU A 249 -11.85 40.91 -16.30
N THR A 250 -11.00 40.45 -15.39
CA THR A 250 -9.82 41.21 -14.98
C THR A 250 -8.69 40.24 -14.71
N LYS A 251 -7.56 40.78 -14.27
CA LYS A 251 -6.39 39.98 -13.88
C LYS A 251 -6.54 39.40 -12.50
N LEU A 252 -7.74 39.44 -11.92
CA LEU A 252 -7.92 39.07 -10.52
C LEU A 252 -7.47 37.63 -10.28
N ILE A 253 -8.01 36.69 -11.05
CA ILE A 253 -7.74 35.28 -10.79
C ILE A 253 -6.25 35.00 -10.95
N SER A 254 -5.67 35.49 -12.06
CA SER A 254 -4.25 35.28 -12.30
C SER A 254 -3.42 35.97 -11.23
N THR A 255 -3.79 37.20 -10.86
CA THR A 255 -3.05 37.90 -9.81
C THR A 255 -3.04 37.10 -8.53
N LEU A 256 -4.20 36.60 -8.12
CA LEU A 256 -4.27 35.81 -6.89
C LEU A 256 -3.42 34.57 -6.99
N ILE A 257 -3.53 33.85 -8.10
CA ILE A 257 -2.85 32.56 -8.23
C ILE A 257 -1.34 32.76 -8.27
N TYR A 258 -0.87 33.84 -8.89
CA TYR A 258 0.56 34.01 -9.11
C TYR A 258 1.25 34.74 -7.97
N LYS A 259 0.64 35.79 -7.42
CA LYS A 259 1.29 36.57 -6.39
C LYS A 259 1.06 36.05 -4.99
N PHE A 260 -0.10 35.46 -4.72
CA PHE A 260 -0.55 35.20 -3.37
C PHE A 260 -0.81 33.73 -3.07
N LEU A 261 -1.26 32.94 -4.05
CA LEU A 261 -1.57 31.55 -3.76
C LEU A 261 -0.33 30.78 -3.33
N ASN A 262 0.84 31.16 -3.84
CA ASN A 262 2.09 30.52 -3.44
C ASN A 262 2.67 31.08 -2.15
N VAL A 263 2.12 32.17 -1.63
CA VAL A 263 2.59 32.78 -0.39
C VAL A 263 1.83 32.15 0.77
N PRO A 264 2.50 31.51 1.72
CA PRO A 264 1.77 30.99 2.88
C PRO A 264 0.99 32.06 3.62
N MET A 265 1.53 33.27 3.70
CA MET A 265 0.86 34.34 4.43
C MET A 265 -0.45 34.76 3.80
N PHE A 266 -0.69 34.38 2.54
CA PHE A 266 -1.89 34.77 1.83
C PHE A 266 -2.63 33.61 1.20
N ARG A 267 -2.06 32.40 1.23
CA ARG A 267 -2.67 31.27 0.54
C ARG A 267 -4.05 30.94 1.09
N ASN A 268 -4.22 31.04 2.40
CA ASN A 268 -5.51 30.69 3.00
C ASN A 268 -6.61 31.61 2.49
N VAL A 269 -6.39 32.92 2.59
CA VAL A 269 -7.41 33.87 2.18
C VAL A 269 -7.64 33.77 0.67
N SER A 270 -6.57 33.65 -0.11
CA SER A 270 -6.72 33.52 -1.55
C SER A 270 -7.56 32.30 -1.90
N LEU A 271 -7.27 31.16 -1.28
CA LEU A 271 -8.01 29.95 -1.60
C LEU A 271 -9.44 30.03 -1.13
N LYS A 272 -9.72 30.74 -0.04
CA LYS A 272 -11.10 30.97 0.36
C LYS A 272 -11.84 31.76 -0.71
N CYS A 273 -11.20 32.82 -1.22
CA CYS A 273 -11.80 33.59 -2.31
C CYS A 273 -12.05 32.70 -3.51
N LEU A 274 -11.07 31.87 -3.84
CA LEU A 274 -11.19 31.00 -5.01
C LEU A 274 -12.33 30.01 -4.83
N THR A 275 -12.50 29.44 -3.63
CA THR A 275 -13.62 28.56 -3.37
C THR A 275 -14.94 29.28 -3.58
N GLU A 276 -15.08 30.49 -3.03
CA GLU A 276 -16.31 31.24 -3.25
C GLU A 276 -16.54 31.43 -4.75
N ILE A 277 -15.49 31.77 -5.50
CA ILE A 277 -15.67 31.93 -6.94
C ILE A 277 -16.14 30.62 -7.54
N ALA A 278 -15.53 29.51 -7.11
CA ALA A 278 -15.87 28.21 -7.67
C ALA A 278 -17.34 27.92 -7.47
N GLY A 279 -17.93 28.46 -6.41
CA GLY A 279 -19.33 28.19 -6.16
C GLY A 279 -20.27 28.88 -7.11
N VAL A 280 -19.76 29.78 -7.94
CA VAL A 280 -20.59 30.48 -8.92
C VAL A 280 -20.91 29.52 -10.06
N SER A 281 -22.21 29.29 -10.29
CA SER A 281 -22.65 28.35 -11.31
C SER A 281 -23.31 29.12 -12.45
N VAL A 282 -22.48 29.54 -13.42
CA VAL A 282 -22.95 30.27 -14.59
C VAL A 282 -22.04 29.93 -15.75
N SER A 283 -22.63 29.81 -16.94
CA SER A 283 -21.86 29.43 -18.13
C SER A 283 -21.13 30.61 -18.76
N GLN A 284 -21.43 31.84 -18.36
CA GLN A 284 -20.92 32.99 -19.09
C GLN A 284 -19.42 33.13 -18.93
N TYR A 285 -18.81 32.34 -18.05
CA TYR A 285 -17.39 32.44 -17.74
C TYR A 285 -16.75 31.06 -17.77
N GLU A 286 -17.34 30.12 -18.54
CA GLU A 286 -16.83 28.76 -18.57
C GLU A 286 -15.31 28.73 -18.64
N GLU A 287 -14.75 29.29 -19.72
CA GLU A 287 -13.31 29.20 -19.94
C GLU A 287 -12.54 29.71 -18.73
N GLN A 288 -12.99 30.82 -18.14
CA GLN A 288 -12.31 31.36 -16.98
C GLN A 288 -12.15 30.30 -15.90
N PHE A 289 -13.25 29.62 -15.55
CA PHE A 289 -13.15 28.56 -14.56
C PHE A 289 -12.01 27.61 -14.91
N VAL A 290 -11.96 27.15 -16.16
CA VAL A 290 -10.94 26.21 -16.56
C VAL A 290 -9.56 26.78 -16.25
N THR A 291 -9.32 28.01 -16.70
CA THR A 291 -8.04 28.64 -16.40
C THR A 291 -7.81 28.69 -14.90
N LEU A 292 -8.82 29.12 -14.15
CA LEU A 292 -8.72 29.14 -12.70
C LEU A 292 -8.23 27.80 -12.18
N PHE A 293 -8.82 26.71 -12.67
CA PHE A 293 -8.36 25.40 -12.25
C PHE A 293 -6.93 25.15 -12.73
N THR A 294 -6.68 25.36 -14.02
CA THR A 294 -5.41 24.93 -14.60
C THR A 294 -4.23 25.56 -13.87
N LEU A 295 -4.27 26.89 -13.68
CA LEU A 295 -3.21 27.53 -12.93
C LEU A 295 -3.19 27.08 -11.49
N THR A 296 -4.35 27.00 -10.85
CA THR A 296 -4.38 26.66 -9.42
C THR A 296 -3.64 25.36 -9.16
N MET A 297 -3.99 24.30 -9.89
CA MET A 297 -3.28 23.04 -9.73
C MET A 297 -1.79 23.24 -9.96
N MET A 298 -1.44 23.96 -11.03
CA MET A 298 -0.03 24.24 -11.29
C MET A 298 0.66 24.80 -10.06
N GLN A 299 -0.01 25.73 -9.37
CA GLN A 299 0.57 26.27 -8.15
C GLN A 299 0.58 25.24 -7.03
N LEU A 300 -0.53 24.50 -6.87
CA LEU A 300 -0.63 23.57 -5.76
C LEU A 300 0.53 22.58 -5.78
N LYS A 301 0.78 21.99 -6.95
CA LYS A 301 1.85 21.00 -7.06
C LYS A 301 3.20 21.59 -6.69
N GLN A 302 3.43 22.87 -6.97
CA GLN A 302 4.67 23.48 -6.51
C GLN A 302 4.72 23.56 -5.00
N MET A 303 3.63 24.01 -4.38
CA MET A 303 3.60 24.11 -2.91
C MET A 303 3.44 22.74 -2.26
N LEU A 304 2.59 21.88 -2.80
CA LEU A 304 2.16 20.66 -2.14
C LEU A 304 2.35 19.48 -3.09
N PRO A 305 3.54 18.90 -3.13
CA PRO A 305 3.79 17.76 -4.02
C PRO A 305 2.82 16.61 -3.76
N LEU A 306 2.37 15.98 -4.84
CA LEU A 306 1.38 14.92 -4.71
C LEU A 306 1.91 13.71 -3.97
N ASN A 307 3.22 13.60 -3.79
CA ASN A 307 3.80 12.50 -3.04
C ASN A 307 3.88 12.79 -1.55
N THR A 308 3.51 13.99 -1.12
CA THR A 308 3.56 14.33 0.29
C THR A 308 2.47 13.58 1.04
N ASN A 309 2.79 13.15 2.26
CA ASN A 309 1.82 12.48 3.13
C ASN A 309 0.98 13.54 3.80
N ILE A 310 -0.18 13.84 3.21
CA ILE A 310 -1.03 14.89 3.76
C ILE A 310 -1.44 14.56 5.18
N ARG A 311 -1.71 13.29 5.46
CA ARG A 311 -2.08 12.90 6.82
C ARG A 311 -0.97 13.27 7.81
N LEU A 312 0.27 12.92 7.48
CA LEU A 312 1.38 13.26 8.35
C LEU A 312 1.58 14.76 8.45
N ALA A 313 1.45 15.47 7.32
CA ALA A 313 1.58 16.92 7.34
C ALA A 313 0.57 17.54 8.30
N TYR A 314 -0.69 17.11 8.19
CA TYR A 314 -1.74 17.61 9.08
C TYR A 314 -1.43 17.28 10.53
N SER A 315 -1.27 16.00 10.86
CA SER A 315 -1.01 15.62 12.24
C SER A 315 0.21 16.33 12.81
N ASN A 316 1.20 16.60 11.98
CA ASN A 316 2.39 17.33 12.38
C ASN A 316 2.35 18.80 11.97
N GLY A 317 1.30 19.23 11.28
CA GLY A 317 1.21 20.60 10.84
C GLY A 317 0.63 21.53 11.90
N LYS A 318 0.77 22.82 11.63
CA LYS A 318 0.28 23.84 12.54
C LYS A 318 -1.14 24.27 12.14
N ASP A 319 -1.67 25.24 12.86
CA ASP A 319 -3.03 25.71 12.61
C ASP A 319 -3.17 26.20 11.17
N ASP A 320 -2.22 27.02 10.71
CA ASP A 320 -2.31 27.55 9.35
C ASP A 320 -2.27 26.43 8.31
N GLU A 321 -1.39 25.45 8.48
CA GLU A 321 -1.29 24.37 7.51
C GLU A 321 -2.55 23.54 7.47
N GLN A 322 -3.10 23.21 8.64
CA GLN A 322 -4.33 22.42 8.68
C GLN A 322 -5.50 23.19 8.08
N ASN A 323 -5.60 24.49 8.39
CA ASN A 323 -6.64 25.30 7.79
C ASN A 323 -6.47 25.36 6.28
N PHE A 324 -5.23 25.45 5.80
CA PHE A 324 -4.99 25.46 4.36
C PHE A 324 -5.43 24.14 3.73
N ILE A 325 -5.15 23.03 4.39
CA ILE A 325 -5.56 21.74 3.84
C ILE A 325 -7.08 21.65 3.78
N GLN A 326 -7.75 22.10 4.84
CA GLN A 326 -9.21 22.12 4.83
C GLN A 326 -9.75 22.99 3.72
N ASN A 327 -9.16 24.17 3.53
CA ASN A 327 -9.58 25.06 2.45
C ASN A 327 -9.37 24.41 1.10
N LEU A 328 -8.24 23.72 0.93
CA LEU A 328 -7.98 23.01 -0.32
C LEU A 328 -9.05 21.97 -0.58
N SER A 329 -9.41 21.20 0.45
CA SER A 329 -10.45 20.20 0.28
C SER A 329 -11.77 20.85 -0.11
N LEU A 330 -12.11 21.97 0.55
CA LEU A 330 -13.36 22.66 0.24
C LEU A 330 -13.36 23.16 -1.20
N PHE A 331 -12.24 23.78 -1.62
CA PHE A 331 -12.15 24.32 -2.97
C PHE A 331 -12.29 23.21 -4.00
N LEU A 332 -11.58 22.10 -3.80
CA LEU A 332 -11.69 20.99 -4.74
C LEU A 332 -13.11 20.46 -4.79
N CYS A 333 -13.73 20.26 -3.62
CA CYS A 333 -15.10 19.75 -3.60
C CYS A 333 -16.03 20.67 -4.39
N THR A 334 -16.01 21.96 -4.07
CA THR A 334 -16.92 22.89 -4.73
C THR A 334 -16.68 22.92 -6.23
N PHE A 335 -15.43 23.15 -6.64
CA PHE A 335 -15.14 23.32 -8.05
C PHE A 335 -15.48 22.07 -8.83
N LEU A 336 -15.10 20.90 -8.32
CA LEU A 336 -15.39 19.67 -9.04
C LEU A 336 -16.88 19.42 -9.11
N LYS A 337 -17.61 19.60 -7.99
CA LYS A 337 -19.04 19.38 -8.03
C LYS A 337 -19.71 20.28 -9.05
N GLU A 338 -19.20 21.50 -9.23
CA GLU A 338 -19.84 22.44 -10.14
C GLU A 338 -19.31 22.37 -11.56
N HIS A 339 -18.17 21.72 -11.81
CA HIS A 339 -17.52 21.81 -13.10
C HIS A 339 -16.95 20.48 -13.59
N ASP A 340 -17.41 19.36 -13.04
CA ASP A 340 -16.98 18.07 -13.54
C ASP A 340 -17.29 17.92 -15.03
N GLN A 341 -18.50 18.31 -15.44
CA GLN A 341 -18.84 18.19 -16.85
C GLN A 341 -17.94 19.06 -17.71
N LEU A 342 -17.60 20.27 -17.23
CA LEU A 342 -16.68 21.12 -17.97
C LEU A 342 -15.32 20.46 -18.14
N ILE A 343 -14.77 19.93 -17.04
CA ILE A 343 -13.41 19.40 -17.12
C ILE A 343 -13.38 18.07 -17.88
N GLU A 344 -14.49 17.34 -17.91
CA GLU A 344 -14.52 16.04 -18.56
C GLU A 344 -14.24 16.17 -20.06
N LYS A 345 -14.89 17.12 -20.71
CA LYS A 345 -14.86 17.20 -22.17
C LYS A 345 -13.50 17.61 -22.71
N ARG A 346 -12.58 18.08 -21.87
CA ARG A 346 -11.27 18.53 -22.32
C ARG A 346 -10.24 17.44 -22.00
N LEU A 347 -9.83 16.71 -23.05
CA LEU A 347 -8.89 15.61 -22.86
C LEU A 347 -7.54 16.12 -22.35
N ASN A 348 -7.09 17.27 -22.86
CA ASN A 348 -5.78 17.78 -22.47
C ASN A 348 -5.72 18.06 -20.97
N LEU A 349 -6.85 18.32 -20.34
CA LEU A 349 -6.89 18.55 -18.90
C LEU A 349 -7.09 17.28 -18.09
N ARG A 350 -7.29 16.13 -18.75
CA ARG A 350 -7.60 14.91 -18.04
C ARG A 350 -6.59 14.65 -16.93
N GLU A 351 -5.31 14.70 -17.26
CA GLU A 351 -4.28 14.47 -16.26
C GLU A 351 -4.51 15.36 -15.04
N THR A 352 -4.71 16.65 -15.27
CA THR A 352 -4.89 17.56 -14.15
C THR A 352 -6.08 17.14 -13.31
N LEU A 353 -7.18 16.75 -13.96
CA LEU A 353 -8.34 16.27 -13.22
C LEU A 353 -7.92 15.20 -12.24
N MET A 354 -7.18 14.20 -12.72
CA MET A 354 -6.75 13.12 -11.84
C MET A 354 -5.97 13.68 -10.65
N GLU A 355 -5.06 14.61 -10.92
CA GLU A 355 -4.30 15.21 -9.82
C GLU A 355 -5.26 15.72 -8.75
N ALA A 356 -6.28 16.46 -9.15
CA ALA A 356 -7.25 16.93 -8.17
C ALA A 356 -7.81 15.76 -7.37
N LEU A 357 -8.35 14.76 -8.05
CA LEU A 357 -8.85 13.59 -7.35
C LEU A 357 -7.77 12.98 -6.48
N HIS A 358 -6.54 12.91 -7.01
CA HIS A 358 -5.44 12.38 -6.22
C HIS A 358 -5.34 13.10 -4.89
N TYR A 359 -5.35 14.43 -4.92
CA TYR A 359 -5.30 15.20 -3.69
C TYR A 359 -6.37 14.74 -2.71
N MET A 360 -7.61 14.60 -3.19
CA MET A 360 -8.67 14.19 -2.26
C MET A 360 -8.34 12.88 -1.58
N LEU A 361 -7.76 11.93 -2.29
CA LEU A 361 -7.37 10.69 -1.63
C LEU A 361 -6.38 11.00 -0.52
N LEU A 362 -5.32 11.74 -0.84
CA LEU A 362 -4.35 12.08 0.18
C LEU A 362 -5.02 12.86 1.29
N VAL A 363 -6.01 13.70 0.93
CA VAL A 363 -6.73 14.46 1.93
C VAL A 363 -7.60 13.53 2.78
N SER A 364 -8.21 12.53 2.15
CA SER A 364 -9.18 11.70 2.84
C SER A 364 -8.56 10.92 3.99
N GLU A 365 -7.23 10.78 4.01
CA GLU A 365 -6.58 10.02 5.07
C GLU A 365 -6.32 10.85 6.32
N VAL A 366 -6.59 12.15 6.28
CA VAL A 366 -6.31 13.00 7.44
C VAL A 366 -7.20 12.57 8.61
N GLU A 367 -6.66 12.66 9.81
CA GLU A 367 -7.38 12.26 11.01
C GLU A 367 -8.20 13.42 11.56
N GLU A 368 -9.12 13.90 10.71
CA GLU A 368 -10.09 14.92 11.12
C GLU A 368 -11.44 14.55 10.54
N THR A 369 -12.47 14.58 11.38
CA THR A 369 -13.80 14.18 10.93
C THR A 369 -14.33 15.12 9.85
N GLU A 370 -14.08 16.42 9.97
CA GLU A 370 -14.66 17.38 9.04
C GLU A 370 -14.05 17.26 7.65
N ILE A 371 -12.74 17.07 7.57
CA ILE A 371 -12.10 16.91 6.27
C ILE A 371 -12.65 15.68 5.57
N PHE A 372 -12.74 14.57 6.31
CA PHE A 372 -13.32 13.37 5.73
C PHE A 372 -14.77 13.59 5.35
N LYS A 373 -15.49 14.43 6.09
CA LYS A 373 -16.87 14.75 5.74
C LYS A 373 -16.94 15.46 4.40
N ILE A 374 -16.07 16.45 4.19
CA ILE A 374 -16.05 17.16 2.92
C ILE A 374 -15.73 16.17 1.79
N CYS A 375 -14.71 15.34 2.00
CA CYS A 375 -14.35 14.37 0.98
C CYS A 375 -15.50 13.42 0.70
N LEU A 376 -16.20 12.97 1.75
CA LEU A 376 -17.34 12.09 1.57
C LEU A 376 -18.45 12.78 0.81
N GLU A 377 -18.65 14.07 1.06
CA GLU A 377 -19.66 14.81 0.32
C GLU A 377 -19.34 14.78 -1.16
N TYR A 378 -18.10 15.07 -1.52
CA TYR A 378 -17.74 15.03 -2.94
C TYR A 378 -17.86 13.63 -3.51
N TRP A 379 -17.37 12.64 -2.77
CA TRP A 379 -17.39 11.27 -3.27
C TRP A 379 -18.83 10.80 -3.47
N ASN A 380 -19.72 11.21 -2.57
CA ASN A 380 -21.13 10.83 -2.70
C ASN A 380 -21.77 11.54 -3.87
N HIS A 381 -21.39 12.79 -4.13
CA HIS A 381 -21.88 13.46 -5.34
C HIS A 381 -21.45 12.69 -6.58
N LEU A 382 -20.18 12.30 -6.64
CA LEU A 382 -19.68 11.51 -7.77
C LEU A 382 -20.46 10.20 -7.89
N ALA A 383 -20.62 9.50 -6.77
CA ALA A 383 -21.31 8.22 -6.80
C ALA A 383 -22.76 8.38 -7.20
N ALA A 384 -23.39 9.50 -6.84
CA ALA A 384 -24.78 9.71 -7.22
C ALA A 384 -24.89 9.94 -8.72
N GLU A 385 -24.01 10.77 -9.28
CA GLU A 385 -24.04 10.95 -10.73
C GLU A 385 -23.76 9.64 -11.45
N LEU A 386 -22.76 8.90 -10.98
CA LEU A 386 -22.40 7.65 -11.65
C LEU A 386 -23.48 6.59 -11.48
N TYR A 387 -24.22 6.60 -10.38
CA TYR A 387 -25.30 5.64 -10.17
C TYR A 387 -26.62 6.15 -10.72
N ARG A 388 -26.65 7.36 -11.25
CA ARG A 388 -27.75 7.79 -12.08
C ARG A 388 -27.49 7.45 -13.55
N GLU A 389 -26.22 7.40 -13.93
CA GLU A 389 -25.87 7.00 -15.30
C GLU A 389 -25.87 5.47 -15.46
N SER A 390 -25.08 4.78 -14.63
CA SER A 390 -24.81 3.35 -14.84
C SER A 390 -26.05 2.47 -14.79
N PRO A 391 -26.92 2.56 -13.78
CA PRO A 391 -27.93 1.51 -13.60
C PRO A 391 -28.86 1.36 -14.77
N PHE A 392 -29.03 2.40 -15.60
CA PHE A 392 -29.83 2.25 -16.80
C PHE A 392 -29.36 1.04 -17.60
N SER A 393 -28.05 0.91 -17.78
CA SER A 393 -27.48 -0.29 -18.39
C SER A 393 -27.32 -1.41 -17.36
N THR A 394 -26.49 -1.17 -16.35
CA THR A 394 -26.06 -2.26 -15.45
C THR A 394 -27.25 -2.89 -14.74
N SER A 395 -28.16 -2.08 -14.21
CA SER A 395 -29.32 -2.63 -13.52
C SER A 395 -30.36 -3.16 -14.50
N ALA A 396 -30.83 -2.31 -15.42
CA ALA A 396 -31.79 -2.74 -16.43
C ALA A 396 -31.08 -3.25 -17.68
N SER A 397 -30.11 -4.15 -17.49
CA SER A 397 -29.55 -4.96 -18.56
C SER A 397 -28.61 -6.00 -17.95
N PRO A 398 -28.81 -7.29 -18.23
CA PRO A 398 -28.05 -8.31 -17.49
C PRO A 398 -26.56 -8.19 -17.77
N LEU A 399 -25.76 -8.74 -16.86
CA LEU A 399 -24.32 -8.63 -16.95
C LEU A 399 -23.68 -9.99 -16.68
N LEU A 400 -22.41 -10.09 -17.06
CA LEU A 400 -21.62 -11.31 -16.93
C LEU A 400 -20.27 -10.96 -16.32
N SER A 401 -19.41 -11.96 -16.18
CA SER A 401 -18.07 -11.73 -15.68
C SER A 401 -17.34 -10.75 -16.57
N GLY A 402 -17.07 -9.55 -16.07
CA GLY A 402 -16.36 -8.55 -16.85
C GLY A 402 -17.19 -7.85 -17.90
N SER A 403 -18.48 -8.15 -18.01
CA SER A 403 -19.30 -7.49 -19.03
C SER A 403 -19.59 -6.04 -18.69
N GLN A 404 -19.43 -5.64 -17.41
CA GLN A 404 -19.66 -4.26 -17.05
C GLN A 404 -18.78 -3.34 -17.90
N HIS A 405 -17.57 -3.79 -18.21
CA HIS A 405 -16.61 -2.94 -18.90
C HIS A 405 -17.10 -2.56 -20.29
N PHE A 406 -17.69 -3.51 -21.02
CA PHE A 406 -18.06 -3.25 -22.40
C PHE A 406 -19.20 -2.26 -22.50
N ASP A 407 -20.18 -2.35 -21.60
CA ASP A 407 -21.37 -1.51 -21.67
C ASP A 407 -21.13 -0.12 -21.07
N VAL A 408 -19.93 0.13 -20.57
CA VAL A 408 -19.59 1.34 -19.83
C VAL A 408 -20.09 2.59 -20.55
N PRO A 409 -20.94 3.41 -19.93
CA PRO A 409 -21.16 4.74 -20.46
C PRO A 409 -19.88 5.55 -20.45
N PRO A 410 -19.71 6.47 -21.41
CA PRO A 410 -18.42 7.16 -21.52
C PRO A 410 -17.98 7.86 -20.24
N ARG A 411 -18.91 8.51 -19.54
CA ARG A 411 -18.51 9.38 -18.44
C ARG A 411 -17.86 8.60 -17.30
N ARG A 412 -18.25 7.34 -17.12
CA ARG A 412 -17.69 6.56 -16.01
C ARG A 412 -16.21 6.28 -16.20
N GLN A 413 -15.79 5.96 -17.44
CA GLN A 413 -14.38 5.67 -17.66
C GLN A 413 -13.49 6.81 -17.21
N LEU A 414 -14.00 8.04 -17.27
CA LEU A 414 -13.17 9.18 -16.90
C LEU A 414 -12.69 9.06 -15.45
N TYR A 415 -13.58 8.64 -14.56
CA TYR A 415 -13.23 8.48 -13.15
C TYR A 415 -12.89 7.05 -12.77
N LEU A 416 -13.04 6.10 -13.70
CA LEU A 416 -12.79 4.70 -13.39
C LEU A 416 -11.43 4.45 -12.74
N PRO A 417 -10.33 5.07 -13.17
CA PRO A 417 -9.04 4.78 -12.53
C PRO A 417 -8.99 5.12 -11.04
N MET A 418 -10.02 5.75 -10.48
CA MET A 418 -10.01 6.14 -9.09
C MET A 418 -11.10 5.47 -8.25
N LEU A 419 -12.01 4.72 -8.88
CA LEU A 419 -13.11 4.13 -8.14
C LEU A 419 -12.61 3.13 -7.11
N PHE A 420 -11.59 2.34 -7.46
CA PHE A 420 -11.11 1.33 -6.53
C PHE A 420 -10.43 1.97 -5.32
N LYS A 421 -9.72 3.08 -5.52
CA LYS A 421 -9.15 3.78 -4.38
C LYS A 421 -10.25 4.41 -3.52
N VAL A 422 -11.32 4.90 -4.15
CA VAL A 422 -12.44 5.39 -3.36
C VAL A 422 -13.01 4.25 -2.51
N ARG A 423 -13.16 3.08 -3.10
CA ARG A 423 -13.67 1.93 -2.38
C ARG A 423 -12.75 1.56 -1.22
N LEU A 424 -11.44 1.56 -1.46
CA LEU A 424 -10.50 1.27 -0.39
C LEU A 424 -10.62 2.29 0.73
N LEU A 425 -10.74 3.57 0.38
CA LEU A 425 -10.89 4.60 1.40
C LEU A 425 -12.13 4.36 2.25
N MET A 426 -13.25 4.06 1.59
CA MET A 426 -14.49 3.81 2.32
C MET A 426 -14.33 2.62 3.25
N VAL A 427 -13.77 1.52 2.75
CA VAL A 427 -13.66 0.31 3.54
C VAL A 427 -12.60 0.43 4.62
N SER A 428 -11.73 1.43 4.52
CA SER A 428 -10.67 1.62 5.49
C SER A 428 -11.03 2.61 6.58
N ARG A 429 -11.84 3.62 6.27
CA ARG A 429 -12.19 4.66 7.25
C ARG A 429 -13.67 4.68 7.57
N MET A 430 -14.39 3.57 7.38
CA MET A 430 -15.80 3.51 7.74
C MET A 430 -15.96 3.78 9.23
N ALA A 431 -16.97 4.59 9.56
CA ALA A 431 -17.25 4.93 10.94
C ALA A 431 -18.31 3.99 11.52
N LYS A 432 -18.42 4.02 12.85
CA LYS A 432 -19.28 3.08 13.54
C LYS A 432 -20.74 3.26 13.10
N PRO A 433 -21.44 2.20 12.71
CA PRO A 433 -22.81 2.38 12.21
C PRO A 433 -23.76 2.92 13.26
N GLU A 434 -23.54 2.63 14.55
CA GLU A 434 -24.45 3.04 15.60
C GLU A 434 -23.67 3.43 16.84
N GLU A 435 -24.13 4.47 17.53
CA GLU A 435 -23.49 4.97 18.73
C GLU A 435 -24.42 4.77 19.91
N VAL A 436 -23.93 4.13 20.96
CA VAL A 436 -24.70 3.84 22.16
C VAL A 436 -23.98 4.44 23.36
N LEU A 437 -24.74 5.07 24.25
CA LEU A 437 -24.18 5.64 25.46
C LEU A 437 -24.82 5.02 26.70
N VAL A 438 -24.02 4.93 27.76
CA VAL A 438 -24.52 4.59 29.09
C VAL A 438 -24.93 5.90 29.76
N VAL A 439 -26.23 6.07 29.99
CA VAL A 439 -26.79 7.32 30.49
C VAL A 439 -27.52 7.05 31.79
N GLU A 440 -27.29 7.92 32.77
CA GLU A 440 -27.93 7.82 34.08
C GLU A 440 -29.21 8.66 34.06
N ASN A 441 -30.35 8.00 33.99
CA ASN A 441 -31.62 8.71 34.02
C ASN A 441 -31.81 9.38 35.38
N ASP A 442 -32.91 10.13 35.51
CA ASP A 442 -33.20 10.79 36.78
C ASP A 442 -33.39 9.78 37.91
N GLN A 443 -33.83 8.57 37.59
CA GLN A 443 -34.07 7.54 38.58
C GLN A 443 -32.79 6.84 39.03
N GLY A 444 -31.62 7.34 38.61
CA GLY A 444 -30.36 6.74 38.98
C GLY A 444 -30.00 5.50 38.21
N GLU A 445 -30.84 5.07 37.26
CA GLU A 445 -30.54 3.88 36.47
C GLU A 445 -29.62 4.24 35.32
N VAL A 446 -28.51 3.51 35.21
CA VAL A 446 -27.63 3.62 34.05
C VAL A 446 -28.12 2.63 33.00
N VAL A 447 -28.56 3.16 31.86
CA VAL A 447 -29.13 2.36 30.79
C VAL A 447 -28.41 2.68 29.49
N ARG A 448 -28.51 1.76 28.54
CA ARG A 448 -27.88 1.91 27.24
C ARG A 448 -28.89 2.55 26.28
N GLU A 449 -28.55 3.73 25.77
CA GLU A 449 -29.39 4.45 24.83
C GLU A 449 -28.73 4.42 23.45
N PHE A 450 -29.52 4.11 22.44
CA PHE A 450 -29.06 4.11 21.05
C PHE A 450 -29.27 5.49 20.46
N MET A 451 -28.19 6.20 20.18
CA MET A 451 -28.29 7.53 19.59
C MET A 451 -28.93 7.43 18.21
N LYS A 452 -29.58 8.53 17.80
CA LYS A 452 -30.28 8.56 16.53
C LYS A 452 -30.01 9.89 15.84
N ASP A 453 -29.73 9.83 14.54
CA ASP A 453 -29.56 11.01 13.71
C ASP A 453 -28.46 11.92 14.24
N THR A 454 -27.49 11.35 14.96
CA THR A 454 -26.33 12.12 15.35
C THR A 454 -25.45 12.38 14.13
N ASP A 455 -24.47 13.26 14.31
CA ASP A 455 -23.54 13.56 13.23
C ASP A 455 -22.88 12.29 12.71
N SER A 456 -22.42 11.44 13.61
CA SER A 456 -21.70 10.23 13.21
C SER A 456 -22.63 9.29 12.44
N ILE A 457 -23.90 9.20 12.84
CA ILE A 457 -24.82 8.33 12.11
C ILE A 457 -25.05 8.85 10.70
N ASN A 458 -25.13 10.18 10.55
CA ASN A 458 -25.23 10.74 9.21
C ASN A 458 -23.97 10.43 8.40
N LEU A 459 -22.80 10.52 9.04
CA LEU A 459 -21.56 10.15 8.37
C LEU A 459 -21.63 8.72 7.86
N TYR A 460 -22.04 7.80 8.72
CA TYR A 460 -22.11 6.41 8.32
C TYR A 460 -23.12 6.21 7.20
N LYS A 461 -24.27 6.89 7.27
CA LYS A 461 -25.27 6.72 6.23
C LYS A 461 -24.75 7.21 4.89
N ASN A 462 -24.07 8.36 4.88
CA ASN A 462 -23.48 8.86 3.65
C ASN A 462 -22.44 7.88 3.10
N MET A 463 -21.58 7.36 3.98
CA MET A 463 -20.57 6.41 3.53
C MET A 463 -21.22 5.16 2.96
N ARG A 464 -22.27 4.69 3.62
CA ARG A 464 -22.98 3.50 3.15
C ARG A 464 -23.61 3.74 1.78
N GLU A 465 -24.24 4.89 1.60
CA GLU A 465 -24.84 5.19 0.29
C GLU A 465 -23.78 5.25 -0.80
N THR A 466 -22.68 5.95 -0.54
CA THR A 466 -21.60 6.02 -1.52
C THR A 466 -21.10 4.63 -1.88
N LEU A 467 -20.78 3.83 -0.87
CA LEU A 467 -20.20 2.52 -1.12
C LEU A 467 -21.20 1.62 -1.81
N VAL A 468 -22.49 1.77 -1.52
CA VAL A 468 -23.50 0.95 -2.18
C VAL A 468 -23.58 1.31 -3.65
N TYR A 469 -23.56 2.60 -3.96
CA TYR A 469 -23.53 3.02 -5.36
C TYR A 469 -22.31 2.43 -6.06
N LEU A 470 -21.14 2.54 -5.43
CA LEU A 470 -19.92 2.02 -6.06
C LEU A 470 -20.03 0.52 -6.26
N THR A 471 -20.62 -0.19 -5.30
CA THR A 471 -20.82 -1.63 -5.45
C THR A 471 -21.73 -1.92 -6.64
N HIS A 472 -22.78 -1.13 -6.80
CA HIS A 472 -23.64 -1.29 -7.98
C HIS A 472 -22.85 -1.08 -9.26
N LEU A 473 -21.91 -0.13 -9.24
CA LEU A 473 -21.05 0.08 -10.40
C LEU A 473 -20.15 -1.14 -10.66
N ASP A 474 -19.34 -1.51 -9.66
CA ASP A 474 -18.47 -2.69 -9.77
C ASP A 474 -18.47 -3.41 -8.42
N TYR A 475 -19.36 -4.39 -8.29
CA TYR A 475 -19.43 -5.15 -7.05
C TYR A 475 -18.26 -6.11 -6.92
N VAL A 476 -17.74 -6.61 -8.03
CA VAL A 476 -16.66 -7.60 -7.97
C VAL A 476 -15.41 -6.99 -7.35
N ASP A 477 -15.07 -5.77 -7.75
CA ASP A 477 -13.88 -5.12 -7.17
C ASP A 477 -14.05 -4.94 -5.67
N THR A 478 -15.24 -4.50 -5.25
CA THR A 478 -15.48 -4.30 -3.83
C THR A 478 -15.36 -5.61 -3.07
N GLU A 479 -15.99 -6.67 -3.59
CA GLU A 479 -15.88 -7.98 -2.95
C GLU A 479 -14.43 -8.45 -2.85
N ARG A 480 -13.66 -8.27 -3.93
CA ARG A 480 -12.23 -8.56 -3.86
C ARG A 480 -11.55 -7.73 -2.77
N ILE A 481 -12.03 -6.51 -2.53
CA ILE A 481 -11.30 -5.64 -1.61
C ILE A 481 -11.55 -6.08 -0.18
N MET A 482 -12.81 -6.36 0.14
CA MET A 482 -13.10 -6.92 1.46
C MET A 482 -12.40 -8.26 1.64
N THR A 483 -12.40 -9.11 0.62
CA THR A 483 -11.73 -10.40 0.77
C THR A 483 -10.23 -10.22 1.00
N GLU A 484 -9.61 -9.27 0.31
CA GLU A 484 -8.18 -9.03 0.47
C GLU A 484 -7.86 -8.51 1.86
N LYS A 485 -8.65 -7.55 2.35
CA LYS A 485 -8.39 -7.05 3.70
C LYS A 485 -8.68 -8.12 4.74
N LEU A 486 -9.67 -8.98 4.49
CA LEU A 486 -9.94 -10.08 5.39
C LEU A 486 -8.76 -11.03 5.46
N HIS A 487 -8.15 -11.32 4.30
CA HIS A 487 -6.93 -12.12 4.31
C HIS A 487 -5.80 -11.42 5.05
N ASN A 488 -5.63 -10.12 4.81
CA ASN A 488 -4.64 -9.35 5.55
C ASN A 488 -4.83 -9.51 7.05
N GLN A 489 -6.09 -9.60 7.49
CA GLN A 489 -6.35 -9.88 8.90
C GLN A 489 -5.98 -11.32 9.24
N VAL A 490 -6.37 -12.27 8.39
CA VAL A 490 -6.10 -13.68 8.68
C VAL A 490 -4.60 -13.92 8.79
N ASN A 491 -3.83 -13.35 7.86
CA ASN A 491 -2.38 -13.50 7.92
C ASN A 491 -1.74 -12.66 9.02
N GLY A 492 -2.52 -11.80 9.68
CA GLY A 492 -2.01 -11.00 10.77
C GLY A 492 -1.20 -9.80 10.34
N THR A 493 -1.08 -9.55 9.04
CA THR A 493 -0.34 -8.38 8.58
C THR A 493 -1.00 -7.09 9.05
N GLU A 494 -2.34 -7.03 9.01
CA GLU A 494 -3.09 -5.85 9.36
C GLU A 494 -3.96 -6.09 10.60
N TRP A 495 -3.44 -6.87 11.55
CA TRP A 495 -4.25 -7.29 12.67
C TRP A 495 -4.43 -6.17 13.68
N SER A 496 -5.67 -5.82 13.96
CA SER A 496 -6.02 -4.90 15.04
C SER A 496 -7.54 -4.89 15.18
N TRP A 497 -8.00 -4.73 16.41
CA TRP A 497 -9.43 -4.76 16.66
C TRP A 497 -10.16 -3.69 15.87
N LYS A 498 -9.60 -2.48 15.83
CA LYS A 498 -10.24 -1.39 15.11
C LYS A 498 -10.40 -1.73 13.64
N ASN A 499 -9.35 -2.27 13.02
CA ASN A 499 -9.41 -2.58 11.60
C ASN A 499 -10.45 -3.65 11.31
N LEU A 500 -10.49 -4.71 12.12
CA LEU A 500 -11.48 -5.75 11.91
C LEU A 500 -12.89 -5.20 12.09
N ASN A 501 -13.10 -4.38 13.12
CA ASN A 501 -14.42 -3.81 13.34
C ASN A 501 -14.83 -2.94 12.17
N THR A 502 -13.91 -2.13 11.65
CA THR A 502 -14.22 -1.29 10.50
C THR A 502 -14.59 -2.14 9.30
N LEU A 503 -13.80 -3.20 9.04
CA LEU A 503 -14.09 -4.07 7.92
C LEU A 503 -15.47 -4.69 8.04
N CYS A 504 -15.81 -5.19 9.24
CA CYS A 504 -17.09 -5.85 9.42
C CYS A 504 -18.24 -4.86 9.30
N TRP A 505 -18.06 -3.66 9.84
CA TRP A 505 -19.06 -2.61 9.65
C TRP A 505 -19.28 -2.34 8.18
N ALA A 506 -18.19 -2.21 7.42
CA ALA A 506 -18.32 -1.97 5.99
C ALA A 506 -19.05 -3.11 5.31
N ILE A 507 -18.71 -4.35 5.66
CA ILE A 507 -19.35 -5.50 5.03
C ILE A 507 -20.85 -5.47 5.29
N GLY A 508 -21.23 -5.22 6.54
CA GLY A 508 -22.65 -5.12 6.85
C GLY A 508 -23.33 -3.97 6.15
N SER A 509 -22.60 -2.89 5.91
CA SER A 509 -23.22 -1.67 5.40
C SER A 509 -23.90 -1.90 4.05
N ILE A 510 -23.42 -2.84 3.26
CA ILE A 510 -23.81 -2.93 1.86
C ILE A 510 -24.85 -4.02 1.63
N SER A 511 -25.57 -4.44 2.67
CA SER A 511 -26.58 -5.47 2.48
C SER A 511 -27.60 -5.01 1.44
N GLY A 512 -27.94 -5.93 0.53
CA GLY A 512 -28.92 -5.66 -0.50
C GLY A 512 -28.36 -5.02 -1.75
N ALA A 513 -27.08 -4.64 -1.76
CA ALA A 513 -26.48 -4.04 -2.93
C ALA A 513 -26.07 -5.05 -3.99
N MET A 514 -26.05 -6.35 -3.64
CA MET A 514 -25.61 -7.40 -4.54
C MET A 514 -26.76 -8.32 -4.86
N HIS A 515 -26.64 -9.05 -5.97
CA HIS A 515 -27.63 -10.06 -6.29
C HIS A 515 -27.60 -11.17 -5.24
N GLU A 516 -28.72 -11.88 -5.12
CA GLU A 516 -28.86 -12.84 -4.03
C GLU A 516 -27.71 -13.85 -4.03
N GLU A 517 -27.41 -14.42 -5.19
CA GLU A 517 -26.38 -15.48 -5.24
C GLU A 517 -25.01 -14.93 -4.89
N ASP A 518 -24.66 -13.76 -5.42
CA ASP A 518 -23.35 -13.19 -5.13
C ASP A 518 -23.21 -12.87 -3.65
N GLU A 519 -24.24 -12.27 -3.05
CA GLU A 519 -24.18 -11.99 -1.62
C GLU A 519 -24.09 -13.26 -0.82
N LYS A 520 -24.84 -14.29 -1.22
CA LYS A 520 -24.75 -15.59 -0.56
C LYS A 520 -23.33 -16.12 -0.56
N ARG A 521 -22.69 -16.14 -1.74
CA ARG A 521 -21.35 -16.69 -1.85
C ARG A 521 -20.36 -15.86 -1.05
N PHE A 522 -20.48 -14.54 -1.13
CA PHE A 522 -19.57 -13.67 -0.40
C PHE A 522 -19.70 -13.89 1.10
N LEU A 523 -20.93 -14.00 1.59
CA LEU A 523 -21.15 -14.28 3.00
C LEU A 523 -20.55 -15.62 3.39
N VAL A 524 -20.75 -16.65 2.56
CA VAL A 524 -20.21 -17.97 2.89
C VAL A 524 -18.69 -17.89 3.04
N THR A 525 -18.03 -17.27 2.06
CA THR A 525 -16.58 -17.17 2.11
C THR A 525 -16.14 -16.37 3.33
N VAL A 526 -16.80 -15.24 3.58
CA VAL A 526 -16.39 -14.37 4.68
C VAL A 526 -16.54 -15.10 6.01
N ILE A 527 -17.67 -15.78 6.20
CA ILE A 527 -17.90 -16.49 7.45
C ILE A 527 -16.89 -17.62 7.63
N LYS A 528 -16.62 -18.37 6.55
CA LYS A 528 -15.65 -19.45 6.68
C LYS A 528 -14.29 -18.91 7.08
N ASP A 529 -13.88 -17.80 6.46
CA ASP A 529 -12.60 -17.18 6.84
C ASP A 529 -12.63 -16.71 8.28
N LEU A 530 -13.76 -16.14 8.72
CA LEU A 530 -13.84 -15.62 10.07
C LEU A 530 -13.75 -16.74 11.11
N LEU A 531 -14.43 -17.85 10.86
CA LEU A 531 -14.35 -18.97 11.77
C LEU A 531 -12.95 -19.57 11.79
N GLY A 532 -12.30 -19.63 10.63
CA GLY A 532 -10.91 -20.03 10.61
C GLY A 532 -10.06 -19.12 11.46
N LEU A 533 -10.28 -17.81 11.36
CA LEU A 533 -9.54 -16.87 12.18
C LEU A 533 -9.79 -17.09 13.66
N CYS A 534 -11.05 -17.32 14.03
CA CYS A 534 -11.38 -17.55 15.43
C CYS A 534 -10.67 -18.80 15.95
N GLU A 535 -10.65 -19.87 15.16
CA GLU A 535 -9.88 -21.04 15.56
C GLU A 535 -8.40 -20.71 15.66
N GLN A 536 -7.92 -19.79 14.80
CA GLN A 536 -6.50 -19.48 14.76
C GLN A 536 -6.06 -18.70 15.99
N LYS A 537 -6.81 -17.68 16.38
CA LYS A 537 -6.37 -16.79 17.44
C LYS A 537 -6.38 -17.46 18.80
N ARG A 538 -5.49 -16.99 19.66
CA ARG A 538 -5.44 -17.35 21.08
C ARG A 538 -5.77 -16.13 21.92
N GLY A 539 -6.50 -16.35 23.02
CA GLY A 539 -6.90 -15.26 23.89
C GLY A 539 -8.38 -14.95 23.80
N LYS A 540 -9.07 -14.92 24.96
CA LYS A 540 -10.51 -14.74 24.93
C LYS A 540 -10.90 -13.38 24.39
N ASP A 541 -10.05 -12.37 24.57
CA ASP A 541 -10.39 -11.04 24.10
C ASP A 541 -10.61 -11.03 22.59
N ASN A 542 -9.63 -11.52 21.83
CA ASN A 542 -9.73 -11.52 20.38
C ASN A 542 -10.84 -12.44 19.91
N LYS A 543 -11.00 -13.60 20.56
CA LYS A 543 -12.06 -14.51 20.16
C LYS A 543 -13.43 -13.86 20.33
N ALA A 544 -13.64 -13.16 21.44
CA ALA A 544 -14.91 -12.48 21.64
C ALA A 544 -15.09 -11.35 20.64
N ILE A 545 -14.02 -10.61 20.35
CA ILE A 545 -14.11 -9.57 19.32
C ILE A 545 -14.58 -10.17 18.00
N ILE A 546 -13.96 -11.27 17.60
CA ILE A 546 -14.30 -11.89 16.33
C ILE A 546 -15.73 -12.41 16.35
N ALA A 547 -16.14 -13.04 17.45
CA ALA A 547 -17.50 -13.55 17.53
C ALA A 547 -18.52 -12.42 17.42
N SER A 548 -18.28 -11.33 18.14
CA SER A 548 -19.18 -10.18 18.07
C SER A 548 -19.25 -9.64 16.65
N ASN A 549 -18.10 -9.53 15.99
CA ASN A 549 -18.09 -9.06 14.61
C ASN A 549 -18.92 -9.98 13.72
N ILE A 550 -18.77 -11.29 13.89
CA ILE A 550 -19.52 -12.25 13.08
C ILE A 550 -21.00 -12.08 13.31
N MET A 551 -21.41 -11.95 14.57
CA MET A 551 -22.82 -11.77 14.87
C MET A 551 -23.36 -10.51 14.24
N TYR A 552 -22.61 -9.41 14.34
CA TYR A 552 -23.06 -8.17 13.71
C TYR A 552 -23.22 -8.35 12.21
N ILE A 553 -22.24 -8.98 11.57
CA ILE A 553 -22.28 -9.16 10.12
C ILE A 553 -23.52 -9.96 9.73
N VAL A 554 -23.74 -11.09 10.39
CA VAL A 554 -24.88 -11.92 10.03
C VAL A 554 -26.18 -11.17 10.27
N GLY A 555 -26.25 -10.40 11.35
CA GLY A 555 -27.42 -9.57 11.58
C GLY A 555 -27.66 -8.60 10.45
N GLN A 556 -26.60 -8.04 9.87
CA GLN A 556 -26.73 -7.10 8.78
C GLN A 556 -27.17 -7.75 7.48
N TYR A 557 -27.22 -9.08 7.41
CA TYR A 557 -27.57 -9.79 6.18
C TYR A 557 -28.69 -10.79 6.45
N PRO A 558 -29.87 -10.29 6.83
CA PRO A 558 -30.95 -11.21 7.19
C PRO A 558 -31.51 -12.01 6.03
N ARG A 559 -31.27 -11.58 4.78
CA ARG A 559 -31.80 -12.34 3.65
C ARG A 559 -31.23 -13.74 3.63
N PHE A 560 -29.90 -13.86 3.76
CA PHE A 560 -29.27 -15.18 3.79
C PHE A 560 -29.89 -16.03 4.90
N LEU A 561 -30.09 -15.43 6.07
CA LEU A 561 -30.64 -16.18 7.19
C LEU A 561 -32.05 -16.69 6.86
N ARG A 562 -32.86 -15.85 6.22
CA ARG A 562 -34.21 -16.28 5.84
C ARG A 562 -34.17 -17.44 4.85
N ALA A 563 -33.14 -17.49 4.00
CA ALA A 563 -33.04 -18.55 3.01
C ALA A 563 -32.51 -19.86 3.56
N HIS A 564 -32.04 -19.88 4.82
CA HIS A 564 -31.34 -21.05 5.35
C HIS A 564 -31.77 -21.24 6.81
N TRP A 565 -32.77 -22.10 7.02
CA TRP A 565 -33.31 -22.29 8.36
C TRP A 565 -32.26 -22.88 9.30
N LYS A 566 -31.53 -23.90 8.84
CA LYS A 566 -30.62 -24.60 9.74
C LYS A 566 -29.55 -23.66 10.28
N PHE A 567 -28.99 -22.82 9.41
CA PHE A 567 -28.01 -21.85 9.88
C PHE A 567 -28.63 -20.90 10.90
N LEU A 568 -29.88 -20.50 10.70
CA LEU A 568 -30.52 -19.61 11.65
C LEU A 568 -30.65 -20.28 13.02
N LYS A 569 -31.14 -21.52 13.02
CA LYS A 569 -31.27 -22.27 14.27
C LYS A 569 -29.92 -22.39 14.97
N THR A 570 -28.88 -22.74 14.21
CA THR A 570 -27.56 -22.88 14.81
C THR A 570 -27.07 -21.55 15.37
N VAL A 571 -27.32 -20.46 14.65
CA VAL A 571 -26.88 -19.15 15.11
C VAL A 571 -27.57 -18.79 16.42
N VAL A 572 -28.88 -19.03 16.50
CA VAL A 572 -29.61 -18.66 17.71
C VAL A 572 -29.16 -19.55 18.87
N ASN A 573 -28.91 -20.82 18.61
CA ASN A 573 -28.39 -21.69 19.67
C ASN A 573 -27.05 -21.20 20.18
N LYS A 574 -26.16 -20.83 19.26
CA LYS A 574 -24.87 -20.28 19.66
C LYS A 574 -25.05 -18.98 20.43
N LEU A 575 -26.03 -18.16 20.04
CA LEU A 575 -26.30 -16.93 20.75
C LEU A 575 -26.72 -17.20 22.20
N PHE A 576 -27.61 -18.16 22.39
CA PHE A 576 -27.99 -18.52 23.75
C PHE A 576 -26.81 -19.05 24.53
N GLU A 577 -25.95 -19.83 23.87
CA GLU A 577 -24.72 -20.29 24.51
C GLU A 577 -23.88 -19.09 24.97
N PHE A 578 -23.74 -18.09 24.10
CA PHE A 578 -23.00 -16.89 24.47
C PHE A 578 -23.65 -16.18 25.65
N MET A 579 -24.99 -16.18 25.69
CA MET A 579 -25.68 -15.37 26.68
C MET A 579 -25.23 -15.71 28.10
N HIS A 580 -24.75 -16.93 28.31
CA HIS A 580 -24.23 -17.31 29.62
C HIS A 580 -22.83 -16.78 29.86
N GLU A 581 -22.19 -16.23 28.84
CA GLU A 581 -20.82 -15.74 28.98
C GLU A 581 -20.78 -14.54 29.91
N THR A 582 -19.75 -14.49 30.76
CA THR A 582 -19.57 -13.37 31.67
C THR A 582 -18.69 -12.27 31.10
N HIS A 583 -17.87 -12.57 30.11
CA HIS A 583 -16.91 -11.60 29.60
C HIS A 583 -17.62 -10.38 29.05
N ASP A 584 -16.98 -9.23 29.20
CA ASP A 584 -17.61 -7.95 28.90
C ASP A 584 -18.10 -7.90 27.46
N GLY A 585 -19.32 -7.38 27.28
CA GLY A 585 -19.86 -7.09 25.98
C GLY A 585 -20.49 -8.26 25.26
N VAL A 586 -20.14 -9.49 25.61
CA VAL A 586 -20.67 -10.65 24.90
C VAL A 586 -22.19 -10.70 25.01
N GLN A 587 -22.70 -10.56 26.23
CA GLN A 587 -24.15 -10.66 26.44
C GLN A 587 -24.90 -9.55 25.71
N ASP A 588 -24.41 -8.32 25.81
CA ASP A 588 -25.09 -7.21 25.15
C ASP A 588 -25.08 -7.39 23.64
N MET A 589 -23.93 -7.79 23.09
CA MET A 589 -23.85 -8.13 21.68
C MET A 589 -24.88 -9.18 21.30
N ALA A 590 -24.94 -10.27 22.07
CA ALA A 590 -25.85 -11.36 21.74
C ALA A 590 -27.29 -10.89 21.76
N CYS A 591 -27.67 -10.09 22.76
CA CYS A 591 -29.03 -9.59 22.82
C CYS A 591 -29.35 -8.67 21.65
N ASP A 592 -28.41 -7.79 21.30
CA ASP A 592 -28.65 -6.89 20.18
C ASP A 592 -28.84 -7.66 18.88
N THR A 593 -27.94 -8.61 18.61
CA THR A 593 -28.07 -9.41 17.41
C THR A 593 -29.36 -10.21 17.44
N PHE A 594 -29.76 -10.68 18.63
CA PHE A 594 -30.98 -11.46 18.74
C PHE A 594 -32.20 -10.62 18.37
N ILE A 595 -32.27 -9.38 18.88
CA ILE A 595 -33.41 -8.54 18.55
C ILE A 595 -33.40 -8.20 17.07
N LYS A 596 -32.23 -7.92 16.50
CA LYS A 596 -32.18 -7.65 15.06
C LYS A 596 -32.70 -8.84 14.26
N ILE A 597 -32.20 -10.03 14.59
CA ILE A 597 -32.61 -11.23 13.85
C ILE A 597 -34.10 -11.47 14.02
N ALA A 598 -34.62 -11.26 15.23
CA ALA A 598 -36.05 -11.42 15.45
C ALA A 598 -36.83 -10.46 14.57
N GLN A 599 -36.49 -9.18 14.63
CA GLN A 599 -37.18 -8.19 13.80
C GLN A 599 -37.18 -8.62 12.35
N LYS A 600 -36.06 -9.14 11.86
CA LYS A 600 -35.93 -9.41 10.43
C LYS A 600 -36.39 -10.80 10.02
N CYS A 601 -36.69 -11.71 10.97
CA CYS A 601 -37.02 -13.07 10.58
C CYS A 601 -38.15 -13.67 11.43
N ARG A 602 -38.96 -12.83 12.08
CA ARG A 602 -40.05 -13.36 12.89
C ARG A 602 -40.82 -14.43 12.13
N ARG A 603 -41.12 -14.16 10.85
CA ARG A 603 -41.90 -15.13 10.08
C ARG A 603 -41.22 -16.48 10.14
N HIS A 604 -39.89 -16.50 10.02
CA HIS A 604 -39.22 -17.79 9.97
C HIS A 604 -39.17 -18.41 11.35
N PHE A 605 -39.27 -17.59 12.40
CA PHE A 605 -39.25 -18.15 13.74
C PHE A 605 -40.56 -18.84 14.08
N VAL A 606 -41.68 -18.25 13.66
CA VAL A 606 -42.98 -18.82 14.01
C VAL A 606 -43.54 -19.72 12.92
N GLN A 607 -43.10 -19.57 11.68
CA GLN A 607 -43.52 -20.48 10.63
C GLN A 607 -42.84 -21.82 10.78
N VAL A 608 -43.62 -22.90 10.72
CA VAL A 608 -43.07 -24.23 10.91
C VAL A 608 -41.98 -24.47 9.86
N GLN A 609 -40.75 -24.64 10.31
CA GLN A 609 -39.61 -24.78 9.41
C GLN A 609 -39.43 -26.24 9.02
N VAL A 610 -38.99 -26.46 7.77
CA VAL A 610 -38.79 -27.81 7.28
C VAL A 610 -37.79 -28.52 8.16
N GLY A 611 -38.05 -29.80 8.44
CA GLY A 611 -37.25 -30.56 9.37
C GLY A 611 -37.63 -30.36 10.82
N GLU A 612 -38.57 -29.47 11.11
CA GLU A 612 -39.06 -29.24 12.45
C GLU A 612 -40.58 -29.27 12.44
N VAL A 613 -41.16 -29.93 13.45
CA VAL A 613 -42.61 -30.05 13.53
C VAL A 613 -43.26 -28.92 14.31
N MET A 614 -42.50 -28.17 15.08
CA MET A 614 -42.98 -27.03 15.83
C MET A 614 -42.08 -25.84 15.58
N PRO A 615 -42.60 -24.61 15.62
CA PRO A 615 -41.73 -23.45 15.47
C PRO A 615 -40.72 -23.38 16.59
N PHE A 616 -39.53 -22.89 16.24
CA PHE A 616 -38.45 -22.75 17.22
C PHE A 616 -38.89 -22.01 18.47
N ILE A 617 -39.93 -21.18 18.38
CA ILE A 617 -40.34 -20.37 19.51
C ILE A 617 -40.73 -21.25 20.68
N ASP A 618 -41.27 -22.44 20.44
CA ASP A 618 -41.67 -23.32 21.54
C ASP A 618 -40.47 -23.72 22.39
N GLU A 619 -39.38 -24.15 21.75
CA GLU A 619 -38.18 -24.48 22.49
C GLU A 619 -37.65 -23.27 23.23
N ILE A 620 -37.68 -22.10 22.60
CA ILE A 620 -37.22 -20.88 23.25
C ILE A 620 -38.03 -20.64 24.52
N LEU A 621 -39.35 -20.75 24.43
CA LEU A 621 -40.20 -20.53 25.59
C LEU A 621 -39.89 -21.53 26.69
N ASN A 622 -39.73 -22.80 26.32
CA ASN A 622 -39.47 -23.83 27.33
C ASN A 622 -38.14 -23.59 28.02
N ASN A 623 -37.13 -23.10 27.29
CA ASN A 623 -35.79 -22.94 27.81
C ASN A 623 -35.47 -21.52 28.28
N ILE A 624 -36.47 -20.62 28.29
CA ILE A 624 -36.23 -19.25 28.75
C ILE A 624 -35.43 -19.25 30.05
N ASN A 625 -35.95 -19.91 31.08
CA ASN A 625 -35.34 -19.86 32.39
C ASN A 625 -33.88 -20.28 32.33
N THR A 626 -33.59 -21.38 31.64
CA THR A 626 -32.20 -21.79 31.49
C THR A 626 -31.39 -20.71 30.79
N ILE A 627 -31.99 -20.05 29.80
CA ILE A 627 -31.26 -19.05 29.02
C ILE A 627 -30.88 -17.86 29.87
N ILE A 628 -31.72 -17.50 30.84
CA ILE A 628 -31.62 -16.19 31.48
C ILE A 628 -30.84 -16.23 32.79
N CYS A 629 -30.38 -17.41 33.22
CA CYS A 629 -29.77 -17.52 34.54
C CYS A 629 -28.63 -16.54 34.72
N ASP A 630 -27.92 -16.20 33.64
CA ASP A 630 -26.72 -15.36 33.73
C ASP A 630 -26.90 -13.99 33.09
N LEU A 631 -28.14 -13.52 32.94
CA LEU A 631 -28.42 -12.30 32.20
C LEU A 631 -28.79 -11.17 33.15
N GLN A 632 -28.48 -9.95 32.73
CA GLN A 632 -28.84 -8.76 33.48
C GLN A 632 -30.29 -8.36 33.19
N PRO A 633 -30.91 -7.60 34.09
CA PRO A 633 -32.31 -7.21 33.87
C PRO A 633 -32.51 -6.49 32.54
N GLN A 634 -31.58 -5.62 32.16
CA GLN A 634 -31.68 -4.95 30.87
C GLN A 634 -31.64 -5.95 29.73
N GLN A 635 -30.73 -6.92 29.81
CA GLN A 635 -30.66 -7.96 28.80
C GLN A 635 -31.92 -8.81 28.80
N VAL A 636 -32.50 -9.05 29.98
CA VAL A 636 -33.77 -9.77 30.06
C VAL A 636 -34.83 -9.01 29.30
N HIS A 637 -34.92 -7.70 29.51
CA HIS A 637 -35.91 -6.90 28.82
C HIS A 637 -35.69 -6.94 27.32
N THR A 638 -34.45 -6.84 26.88
CA THR A 638 -34.17 -6.87 25.44
C THR A 638 -34.56 -8.22 24.83
N PHE A 639 -34.24 -9.31 25.53
CA PHE A 639 -34.64 -10.62 25.05
C PHE A 639 -36.15 -10.73 24.96
N TYR A 640 -36.85 -10.22 25.97
CA TYR A 640 -38.31 -10.26 25.96
C TYR A 640 -38.85 -9.45 24.79
N GLU A 641 -38.25 -8.31 24.50
CA GLU A 641 -38.63 -7.54 23.32
C GLU A 641 -38.48 -8.38 22.05
N ALA A 642 -37.34 -9.05 21.91
CA ALA A 642 -37.13 -9.92 20.75
C ALA A 642 -38.27 -10.93 20.62
N VAL A 643 -38.56 -11.62 21.73
CA VAL A 643 -39.61 -12.62 21.67
C VAL A 643 -40.93 -11.96 21.33
N GLY A 644 -41.15 -10.73 21.80
CA GLY A 644 -42.40 -10.07 21.48
C GLY A 644 -42.53 -9.81 19.99
N TYR A 645 -41.43 -9.43 19.34
CA TYR A 645 -41.47 -9.27 17.89
C TYR A 645 -41.89 -10.58 17.25
N MET A 646 -41.27 -11.67 17.67
CA MET A 646 -41.63 -12.97 17.09
C MET A 646 -43.11 -13.26 17.31
N ILE A 647 -43.60 -13.03 18.52
CA ILE A 647 -44.99 -13.32 18.87
C ILE A 647 -45.94 -12.52 17.99
N GLY A 648 -45.65 -11.24 17.81
CA GLY A 648 -46.49 -10.40 16.96
C GLY A 648 -46.62 -10.90 15.53
N ALA A 649 -45.61 -11.61 15.04
CA ALA A 649 -45.73 -12.20 13.71
C ALA A 649 -46.85 -13.22 13.63
N GLN A 650 -47.29 -13.76 14.76
CA GLN A 650 -48.35 -14.76 14.73
C GLN A 650 -49.64 -14.14 14.22
N THR A 651 -50.43 -14.94 13.52
CA THR A 651 -51.71 -14.51 12.98
C THR A 651 -52.90 -15.15 13.66
N ASP A 652 -52.81 -16.43 14.03
CA ASP A 652 -53.91 -17.11 14.70
C ASP A 652 -54.12 -16.49 16.07
N GLN A 653 -55.32 -15.95 16.30
CA GLN A 653 -55.57 -15.21 17.54
C GLN A 653 -55.41 -16.11 18.77
N THR A 654 -55.97 -17.31 18.72
CA THR A 654 -55.90 -18.21 19.88
C THR A 654 -54.48 -18.70 20.11
N VAL A 655 -53.78 -19.07 19.04
CA VAL A 655 -52.39 -19.49 19.18
C VAL A 655 -51.55 -18.35 19.72
N GLN A 656 -51.77 -17.13 19.22
CA GLN A 656 -51.05 -15.98 19.76
C GLN A 656 -51.37 -15.78 21.23
N GLU A 657 -52.63 -15.98 21.62
CA GLU A 657 -53.01 -15.84 23.02
C GLU A 657 -52.25 -16.82 23.89
N HIS A 658 -52.23 -18.09 23.48
CA HIS A 658 -51.52 -19.10 24.27
C HIS A 658 -50.02 -18.80 24.31
N LEU A 659 -49.47 -18.37 23.18
CA LEU A 659 -48.05 -18.02 23.14
C LEU A 659 -47.74 -16.89 24.10
N ILE A 660 -48.60 -15.88 24.15
CA ILE A 660 -48.38 -14.76 25.06
C ILE A 660 -48.51 -15.24 26.50
N GLU A 661 -49.52 -16.06 26.79
CA GLU A 661 -49.70 -16.58 28.14
C GLU A 661 -48.43 -17.29 28.60
N LYS A 662 -47.94 -18.24 27.80
CA LYS A 662 -46.69 -18.91 28.13
C LYS A 662 -45.54 -17.92 28.18
N TYR A 663 -45.65 -16.82 27.43
CA TYR A 663 -44.54 -15.88 27.29
C TYR A 663 -44.37 -15.04 28.55
N MET A 664 -45.47 -14.55 29.11
CA MET A 664 -45.43 -13.73 30.30
C MET A 664 -45.61 -14.54 31.58
N LEU A 665 -45.45 -15.86 31.49
CA LEU A 665 -45.79 -16.72 32.62
C LEU A 665 -44.96 -16.39 33.85
N LEU A 666 -43.67 -16.14 33.69
CA LEU A 666 -42.82 -15.90 34.85
C LEU A 666 -43.04 -14.50 35.43
N PRO A 667 -43.05 -13.45 34.62
CA PRO A 667 -43.46 -12.15 35.16
C PRO A 667 -44.85 -12.20 35.76
N ASN A 668 -45.77 -12.93 35.15
CA ASN A 668 -47.10 -13.08 35.72
C ASN A 668 -47.05 -13.76 37.07
N GLN A 669 -46.22 -14.80 37.20
CA GLN A 669 -46.10 -15.49 38.48
C GLN A 669 -45.61 -14.54 39.57
N VAL A 670 -44.53 -13.82 39.29
CA VAL A 670 -44.00 -12.90 40.29
C VAL A 670 -45.04 -11.83 40.61
N TRP A 671 -45.72 -11.32 39.59
CA TRP A 671 -46.70 -10.27 39.81
C TRP A 671 -47.85 -10.77 40.68
N ASP A 672 -48.35 -11.97 40.42
CA ASP A 672 -49.44 -12.52 41.21
C ASP A 672 -48.99 -12.76 42.65
N SER A 673 -47.79 -13.28 42.83
CA SER A 673 -47.27 -13.46 44.18
C SER A 673 -47.23 -12.13 44.93
N ILE A 674 -46.76 -11.08 44.27
CA ILE A 674 -46.66 -9.78 44.93
C ILE A 674 -48.05 -9.21 45.19
N ILE A 675 -48.99 -9.44 44.28
CA ILE A 675 -50.36 -8.97 44.49
C ILE A 675 -50.96 -9.64 45.71
N GLN A 676 -50.78 -10.96 45.85
CA GLN A 676 -51.27 -11.63 47.04
C GLN A 676 -50.61 -11.08 48.29
N GLN A 677 -49.30 -10.89 48.25
CA GLN A 677 -48.60 -10.36 49.43
C GLN A 677 -49.14 -8.98 49.80
N ALA A 678 -49.35 -8.12 48.81
CA ALA A 678 -49.90 -6.80 49.08
C ALA A 678 -51.29 -6.89 49.67
N THR A 679 -52.13 -7.79 49.12
CA THR A 679 -53.43 -8.05 49.72
C THR A 679 -53.28 -8.39 51.20
N LYS A 680 -52.26 -9.15 51.55
CA LYS A 680 -52.00 -9.43 52.96
C LYS A 680 -51.62 -8.15 53.71
N ASN A 681 -50.66 -7.40 53.18
CA ASN A 681 -50.14 -6.22 53.86
C ASN A 681 -49.60 -5.26 52.81
N VAL A 682 -49.83 -3.97 53.03
CA VAL A 682 -49.37 -2.96 52.09
C VAL A 682 -47.97 -2.45 52.40
N ASP A 683 -47.49 -2.64 53.63
CA ASP A 683 -46.16 -2.14 53.96
C ASP A 683 -45.06 -2.77 53.13
N ILE A 684 -45.31 -3.95 52.55
CA ILE A 684 -44.32 -4.57 51.70
C ILE A 684 -44.01 -3.69 50.50
N LEU A 685 -44.94 -2.83 50.10
CA LEU A 685 -44.68 -1.91 49.00
C LEU A 685 -43.50 -1.01 49.29
N LYS A 686 -43.12 -0.87 50.56
CA LYS A 686 -41.92 -0.15 50.94
C LYS A 686 -40.67 -1.02 50.87
N ASP A 687 -40.80 -2.29 50.54
CA ASP A 687 -39.67 -3.18 50.38
C ASP A 687 -38.85 -2.77 49.16
N PRO A 688 -37.63 -2.25 49.30
CA PRO A 688 -36.87 -1.85 48.11
C PRO A 688 -36.69 -2.98 47.12
N GLU A 689 -36.44 -4.20 47.60
CA GLU A 689 -36.31 -5.33 46.69
C GLU A 689 -37.61 -5.57 45.93
N THR A 690 -38.74 -5.48 46.63
CA THR A 690 -40.02 -5.67 45.95
C THR A 690 -40.25 -4.60 44.89
N VAL A 691 -39.88 -3.36 45.19
CA VAL A 691 -40.07 -2.28 44.23
C VAL A 691 -39.18 -2.48 43.02
N LYS A 692 -37.93 -2.92 43.23
CA LYS A 692 -37.07 -3.22 42.10
C LYS A 692 -37.62 -4.37 41.27
N GLN A 693 -38.18 -5.38 41.93
CA GLN A 693 -38.82 -6.47 41.19
C GLN A 693 -39.98 -5.95 40.36
N LEU A 694 -40.78 -5.05 40.93
CA LEU A 694 -41.85 -4.43 40.16
C LEU A 694 -41.30 -3.66 38.97
N GLY A 695 -40.20 -2.93 39.18
CA GLY A 695 -39.61 -2.20 38.07
C GLY A 695 -39.19 -3.11 36.94
N SER A 696 -38.52 -4.21 37.28
CA SER A 696 -38.10 -5.16 36.25
C SER A 696 -39.31 -5.78 35.55
N ILE A 697 -40.32 -6.18 36.32
CA ILE A 697 -41.50 -6.79 35.73
C ILE A 697 -42.17 -5.82 34.77
N LEU A 698 -42.26 -4.55 35.17
CA LEU A 698 -43.00 -3.58 34.39
C LEU A 698 -42.20 -3.15 33.17
N LYS A 699 -40.87 -3.09 33.28
CA LYS A 699 -40.04 -2.88 32.09
C LYS A 699 -40.25 -4.02 31.11
N THR A 700 -40.28 -5.25 31.60
CA THR A 700 -40.58 -6.38 30.73
C THR A 700 -41.93 -6.21 30.06
N ASN A 701 -42.94 -5.79 30.83
CA ASN A 701 -44.27 -5.65 30.27
C ASN A 701 -44.30 -4.59 29.18
N VAL A 702 -43.65 -3.45 29.41
CA VAL A 702 -43.66 -2.39 28.41
C VAL A 702 -42.92 -2.82 27.16
N ARG A 703 -41.79 -3.51 27.32
CA ARG A 703 -41.08 -3.99 26.14
C ARG A 703 -41.94 -4.97 25.36
N ALA A 704 -42.61 -5.88 26.05
CA ALA A 704 -43.45 -6.86 25.36
C ALA A 704 -44.60 -6.17 24.64
N CYS A 705 -45.20 -5.16 25.27
CA CYS A 705 -46.26 -4.41 24.62
C CYS A 705 -45.74 -3.71 23.37
N LYS A 706 -44.60 -3.05 23.49
CA LYS A 706 -44.02 -2.35 22.35
C LYS A 706 -43.76 -3.32 21.20
N ALA A 707 -43.24 -4.50 21.51
CA ALA A 707 -42.92 -5.47 20.47
C ALA A 707 -44.18 -6.11 19.90
N VAL A 708 -45.10 -6.54 20.77
CA VAL A 708 -46.29 -7.24 20.30
C VAL A 708 -47.36 -6.24 19.89
N GLY A 709 -47.85 -5.43 20.85
CA GLY A 709 -48.80 -4.40 20.53
C GLY A 709 -50.22 -4.70 20.97
N HIS A 710 -51.18 -4.39 20.12
CA HIS A 710 -52.59 -4.51 20.48
C HIS A 710 -52.96 -5.87 21.07
N PRO A 711 -52.49 -7.00 20.56
CA PRO A 711 -52.76 -8.27 21.24
C PRO A 711 -52.30 -8.28 22.69
N PHE A 712 -51.30 -7.48 23.03
CA PHE A 712 -50.87 -7.40 24.42
C PHE A 712 -52.02 -7.06 25.34
N VAL A 713 -53.14 -6.59 24.80
CA VAL A 713 -54.29 -6.26 25.64
C VAL A 713 -54.66 -7.44 26.50
N ILE A 714 -54.67 -8.65 25.93
CA ILE A 714 -55.05 -9.81 26.73
C ILE A 714 -54.13 -9.93 27.94
N GLN A 715 -52.83 -9.71 27.73
CA GLN A 715 -51.91 -9.67 28.85
C GLN A 715 -52.26 -8.53 29.81
N LEU A 716 -52.46 -7.33 29.27
CA LEU A 716 -52.70 -6.17 30.12
C LEU A 716 -53.95 -6.37 30.97
N GLY A 717 -55.04 -6.81 30.34
CA GLY A 717 -56.26 -7.04 31.08
C GLY A 717 -56.09 -8.02 32.20
N ARG A 718 -55.05 -8.86 32.14
CA ARG A 718 -54.80 -9.80 33.21
C ARG A 718 -54.49 -9.08 34.52
N ILE A 719 -53.73 -8.00 34.45
CA ILE A 719 -53.28 -7.29 35.65
C ILE A 719 -53.82 -5.87 35.75
N TYR A 720 -54.42 -5.34 34.70
CA TYR A 720 -54.74 -3.91 34.62
C TYR A 720 -55.28 -3.38 35.93
N LEU A 721 -56.46 -3.87 36.33
CA LEU A 721 -57.11 -3.39 37.54
C LEU A 721 -56.12 -3.39 38.70
N ASP A 722 -55.57 -4.57 39.01
CA ASP A 722 -54.65 -4.68 40.13
C ASP A 722 -53.54 -3.66 39.99
N MET A 723 -52.92 -3.60 38.81
CA MET A 723 -51.81 -2.68 38.62
C MET A 723 -52.23 -1.26 38.96
N LEU A 724 -53.42 -0.86 38.52
CA LEU A 724 -53.89 0.49 38.83
C LEU A 724 -53.92 0.71 40.33
N ASN A 725 -54.49 -0.24 41.08
CA ASN A 725 -54.48 -0.13 42.54
C ASN A 725 -53.06 0.10 43.03
N VAL A 726 -52.11 -0.70 42.52
CA VAL A 726 -50.72 -0.54 42.93
C VAL A 726 -50.29 0.90 42.76
N TYR A 727 -50.58 1.48 41.59
CA TYR A 727 -50.21 2.86 41.35
C TYR A 727 -50.75 3.75 42.46
N LYS A 728 -52.05 3.64 42.75
CA LYS A 728 -52.61 4.39 43.87
C LYS A 728 -51.88 4.03 45.16
N CYS A 729 -51.77 2.73 45.44
CA CYS A 729 -51.06 2.30 46.63
C CYS A 729 -49.65 2.87 46.66
N LEU A 730 -49.06 3.05 45.48
CA LEU A 730 -47.75 3.68 45.40
C LEU A 730 -47.86 5.18 45.64
N SER A 731 -48.76 5.84 44.90
CA SER A 731 -48.77 7.30 44.88
C SER A 731 -48.92 7.87 46.28
N GLU A 732 -49.95 7.43 47.00
CA GLU A 732 -50.17 7.92 48.35
C GLU A 732 -48.91 7.71 49.20
N ASN A 733 -48.31 6.53 49.09
CA ASN A 733 -47.13 6.23 49.89
C ASN A 733 -46.08 7.31 49.72
N ILE A 734 -45.96 7.86 48.51
CA ILE A 734 -44.97 8.90 48.26
C ILE A 734 -45.31 10.15 49.05
N SER A 735 -46.57 10.61 48.95
CA SER A 735 -46.90 11.95 49.42
C SER A 735 -46.50 12.13 50.88
N ALA A 736 -46.94 11.22 51.74
CA ALA A 736 -46.61 11.33 53.16
C ALA A 736 -45.11 11.46 53.35
N ALA A 737 -44.34 10.61 52.67
CA ALA A 737 -42.89 10.68 52.77
C ALA A 737 -42.41 12.07 52.41
N ILE A 738 -42.89 12.63 51.30
CA ILE A 738 -42.55 14.01 50.96
C ILE A 738 -42.99 14.93 52.08
N GLN A 739 -44.23 14.78 52.53
CA GLN A 739 -44.71 15.58 53.66
C GLN A 739 -43.82 15.39 54.87
N ALA A 740 -43.21 14.22 55.01
CA ALA A 740 -42.33 13.98 56.14
C ALA A 740 -41.02 14.73 56.00
N ASN A 741 -40.48 14.83 54.78
CA ASN A 741 -39.15 15.38 54.60
C ASN A 741 -39.03 16.29 53.37
N GLY A 742 -40.15 16.75 52.82
CA GLY A 742 -40.07 17.57 51.64
C GLY A 742 -39.52 16.81 50.45
N GLU A 743 -38.97 17.57 49.50
CA GLU A 743 -38.44 16.98 48.27
C GLU A 743 -37.14 16.22 48.50
N MET A 744 -36.46 16.45 49.63
CA MET A 744 -35.22 15.72 49.91
C MET A 744 -35.42 14.22 49.83
N VAL A 745 -36.54 13.72 50.37
CA VAL A 745 -36.79 12.28 50.33
C VAL A 745 -36.82 11.77 48.90
N THR A 746 -37.19 12.62 47.94
CA THR A 746 -37.19 12.19 46.55
C THR A 746 -35.81 11.72 46.10
N LYS A 747 -34.75 12.22 46.74
CA LYS A 747 -33.40 11.80 46.39
C LYS A 747 -33.07 10.41 46.91
N GLN A 748 -33.85 9.90 47.86
CA GLN A 748 -33.61 8.57 48.40
C GLN A 748 -33.87 7.51 47.34
N PRO A 749 -33.10 6.40 47.36
CA PRO A 749 -33.36 5.35 46.38
C PRO A 749 -34.78 4.80 46.42
N LEU A 750 -35.37 4.70 47.61
CA LEU A 750 -36.72 4.16 47.71
C LEU A 750 -37.72 5.01 46.93
N ILE A 751 -37.71 6.33 47.19
CA ILE A 751 -38.65 7.21 46.50
C ILE A 751 -38.38 7.20 45.01
N ARG A 752 -37.11 7.14 44.63
CA ARG A 752 -36.76 7.09 43.21
C ARG A 752 -37.35 5.84 42.56
N SER A 753 -37.27 4.70 43.24
CA SER A 753 -37.84 3.48 42.69
C SER A 753 -39.36 3.55 42.64
N MET A 754 -39.97 4.17 43.65
CA MET A 754 -41.41 4.43 43.60
C MET A 754 -41.78 5.19 42.33
N ARG A 755 -41.09 6.31 42.09
CA ARG A 755 -41.35 7.11 40.92
C ARG A 755 -41.05 6.33 39.64
N THR A 756 -40.03 5.48 39.68
CA THR A 756 -39.69 4.66 38.52
C THR A 756 -40.84 3.72 38.18
N VAL A 757 -41.41 3.07 39.18
CA VAL A 757 -42.53 2.17 38.94
C VAL A 757 -43.72 2.95 38.39
N LYS A 758 -43.98 4.12 38.97
CA LYS A 758 -45.05 4.96 38.45
C LYS A 758 -44.84 5.27 36.97
N ARG A 759 -43.63 5.71 36.63
CA ARG A 759 -43.35 6.10 35.26
C ARG A 759 -43.45 4.91 34.32
N GLU A 760 -42.98 3.74 34.75
CA GLU A 760 -43.09 2.54 33.91
C GLU A 760 -44.55 2.17 33.70
N THR A 761 -45.38 2.30 34.74
CA THR A 761 -46.80 2.03 34.58
C THR A 761 -47.40 2.95 33.52
N LEU A 762 -47.12 4.24 33.64
CA LEU A 762 -47.65 5.19 32.69
C LEU A 762 -47.14 4.90 31.29
N LYS A 763 -45.87 4.53 31.18
CA LYS A 763 -45.27 4.23 29.90
C LYS A 763 -45.95 3.02 29.26
N LEU A 764 -46.26 2.00 30.06
CA LEU A 764 -46.99 0.85 29.54
C LEU A 764 -48.36 1.25 29.04
N ILE A 765 -49.07 2.08 29.81
CA ILE A 765 -50.39 2.53 29.38
C ILE A 765 -50.28 3.20 28.02
N SER A 766 -49.35 4.15 27.90
CA SER A 766 -49.19 4.87 26.65
C SER A 766 -48.78 3.94 25.52
N GLY A 767 -47.86 3.03 25.79
CA GLY A 767 -47.38 2.13 24.75
C GLY A 767 -48.49 1.29 24.18
N TRP A 768 -49.32 0.71 25.04
CA TRP A 768 -50.42 -0.08 24.51
C TRP A 768 -51.43 0.81 23.80
N VAL A 769 -51.77 1.96 24.39
CA VAL A 769 -52.81 2.79 23.81
C VAL A 769 -52.44 3.27 22.41
N SER A 770 -51.19 3.69 22.21
CA SER A 770 -50.80 4.28 20.94
C SER A 770 -51.10 3.33 19.78
N ARG A 771 -50.89 2.03 19.99
CA ARG A 771 -51.00 1.04 18.92
C ARG A 771 -52.33 0.30 18.94
N SER A 772 -53.27 0.71 19.79
CA SER A 772 -54.56 0.05 19.84
C SER A 772 -55.29 0.25 18.50
N ASN A 773 -56.30 -0.59 18.27
CA ASN A 773 -57.13 -0.46 17.07
C ASN A 773 -58.62 -0.68 17.34
N ASP A 774 -59.05 -0.73 18.60
CA ASP A 774 -60.46 -0.91 18.95
C ASP A 774 -60.82 0.21 19.93
N PRO A 775 -60.97 1.44 19.44
CA PRO A 775 -61.16 2.58 20.36
C PRO A 775 -62.36 2.43 21.27
N GLN A 776 -63.46 1.87 20.77
CA GLN A 776 -64.65 1.73 21.60
C GLN A 776 -64.34 0.92 22.86
N MET A 777 -63.71 -0.24 22.67
CA MET A 777 -63.37 -1.11 23.80
C MET A 777 -62.39 -0.39 24.73
N VAL A 778 -61.39 0.30 24.17
CA VAL A 778 -60.43 1.00 25.01
C VAL A 778 -61.14 1.99 25.91
N ALA A 779 -62.00 2.82 25.33
CA ALA A 779 -62.69 3.83 26.12
C ALA A 779 -63.61 3.18 27.15
N GLU A 780 -64.31 2.12 26.77
CA GLU A 780 -65.32 1.56 27.66
C GLU A 780 -64.69 0.82 28.85
N ASN A 781 -63.59 0.12 28.62
CA ASN A 781 -63.05 -0.77 29.65
C ASN A 781 -61.83 -0.21 30.37
N PHE A 782 -61.01 0.59 29.71
CA PHE A 782 -59.70 0.95 30.23
C PHE A 782 -59.60 2.37 30.77
N VAL A 783 -60.45 3.29 30.33
CA VAL A 783 -60.33 4.68 30.78
C VAL A 783 -60.92 4.89 32.16
N PRO A 784 -62.13 4.43 32.47
CA PRO A 784 -62.74 4.76 33.78
C PRO A 784 -61.86 4.33 34.94
N PRO A 785 -61.26 3.15 34.86
CA PRO A 785 -60.31 2.79 35.92
C PRO A 785 -59.18 3.79 36.05
N LEU A 786 -58.66 4.30 34.93
CA LEU A 786 -57.62 5.32 35.04
C LEU A 786 -58.17 6.59 35.65
N LEU A 787 -59.42 6.93 35.33
CA LEU A 787 -60.05 8.12 35.88
C LEU A 787 -60.01 8.08 37.40
N ASP A 788 -60.49 6.98 37.97
CA ASP A 788 -60.54 6.88 39.43
C ASP A 788 -59.14 6.67 40.02
N ALA A 789 -58.36 5.76 39.44
CA ALA A 789 -57.13 5.32 40.07
C ALA A 789 -56.08 6.43 40.14
N VAL A 790 -55.90 7.17 39.04
CA VAL A 790 -54.79 8.11 38.91
C VAL A 790 -55.26 9.56 38.92
N LEU A 791 -56.22 9.90 38.06
CA LEU A 791 -56.62 11.29 37.95
C LEU A 791 -57.13 11.82 39.28
N ILE A 792 -58.06 11.12 39.91
CA ILE A 792 -58.49 11.50 41.24
C ILE A 792 -57.31 11.49 42.19
N ASP A 793 -56.46 10.46 42.10
CA ASP A 793 -55.22 10.45 42.86
C ASP A 793 -54.36 11.65 42.51
N TYR A 794 -54.25 11.97 41.22
CA TYR A 794 -53.39 13.05 40.80
C TYR A 794 -53.80 14.37 41.45
N GLN A 795 -55.11 14.66 41.42
CA GLN A 795 -55.60 15.85 42.10
C GLN A 795 -55.35 15.74 43.60
N ARG A 796 -55.61 14.57 44.18
CA ARG A 796 -55.36 14.36 45.59
C ARG A 796 -53.88 14.49 45.93
N ASN A 797 -53.01 14.30 44.95
CA ASN A 797 -51.58 14.34 45.20
C ASN A 797 -51.11 15.79 45.39
N VAL A 798 -50.09 15.96 46.23
CA VAL A 798 -49.48 17.27 46.41
C VAL A 798 -48.75 17.63 45.11
N PRO A 799 -48.52 18.90 44.83
CA PRO A 799 -47.89 19.27 43.55
C PRO A 799 -46.60 18.53 43.29
N ALA A 800 -45.64 18.64 44.21
CA ALA A 800 -44.34 18.01 44.00
C ALA A 800 -44.46 16.51 43.82
N ALA A 801 -45.52 15.89 44.32
CA ALA A 801 -45.73 14.46 44.12
C ALA A 801 -46.38 14.16 42.78
N ARG A 802 -47.12 15.12 42.23
CA ARG A 802 -47.80 14.90 40.96
C ARG A 802 -46.78 14.61 39.87
N GLU A 803 -47.04 13.57 39.09
CA GLU A 803 -46.07 13.08 38.12
C GLU A 803 -46.40 13.64 36.75
N PRO A 804 -45.53 14.46 36.15
CA PRO A 804 -45.92 15.11 34.89
C PRO A 804 -46.25 14.14 33.79
N GLU A 805 -45.60 12.98 33.76
CA GLU A 805 -45.87 12.01 32.69
C GLU A 805 -47.33 11.61 32.66
N VAL A 806 -48.04 11.72 33.79
CA VAL A 806 -49.49 11.53 33.77
C VAL A 806 -50.11 12.38 32.67
N LEU A 807 -49.93 13.70 32.78
CA LEU A 807 -50.53 14.62 31.84
C LEU A 807 -50.33 14.16 30.41
N SER A 808 -49.07 14.12 29.96
CA SER A 808 -48.80 13.75 28.58
C SER A 808 -49.40 12.39 28.25
N THR A 809 -49.32 11.45 29.21
CA THR A 809 -49.88 10.12 28.94
C THR A 809 -51.33 10.23 28.52
N MET A 810 -52.11 11.00 29.28
CA MET A 810 -53.51 11.19 28.92
C MET A 810 -53.64 11.74 27.52
N ALA A 811 -52.80 12.71 27.16
CA ALA A 811 -52.82 13.25 25.81
C ALA A 811 -52.74 12.13 24.79
N ILE A 812 -51.78 11.22 24.97
CA ILE A 812 -51.60 10.16 23.98
C ILE A 812 -52.91 9.42 23.78
N ILE A 813 -53.64 9.18 24.87
CA ILE A 813 -54.89 8.43 24.74
C ILE A 813 -55.85 9.19 23.85
N VAL A 814 -56.05 10.48 24.14
CA VAL A 814 -56.97 11.22 23.30
C VAL A 814 -56.38 11.37 21.91
N ASN A 815 -55.05 11.48 21.81
CA ASN A 815 -54.42 11.53 20.49
C ASN A 815 -54.84 10.33 19.66
N LYS A 816 -55.14 9.22 20.30
CA LYS A 816 -55.57 8.03 19.61
C LYS A 816 -57.08 7.84 19.64
N LEU A 817 -57.76 8.37 20.65
CA LEU A 817 -59.17 8.07 20.86
C LEU A 817 -60.10 9.16 20.35
N GLY A 818 -59.63 10.40 20.22
CA GLY A 818 -60.45 11.48 19.71
C GLY A 818 -61.87 11.48 20.22
N GLY A 819 -62.83 11.47 19.29
CA GLY A 819 -64.23 11.59 19.69
C GLY A 819 -64.64 10.57 20.74
N HIS A 820 -64.08 9.37 20.67
CA HIS A 820 -64.49 8.31 21.58
C HIS A 820 -64.28 8.69 23.04
N ILE A 821 -63.40 9.66 23.31
CA ILE A 821 -63.11 10.07 24.69
C ILE A 821 -63.81 11.36 25.06
N THR A 822 -64.49 12.01 24.11
CA THR A 822 -65.01 13.35 24.35
C THR A 822 -65.86 13.41 25.62
N ALA A 823 -66.78 12.45 25.77
CA ALA A 823 -67.71 12.50 26.90
C ALA A 823 -66.97 12.56 28.23
N GLU A 824 -65.78 11.97 28.32
CA GLU A 824 -65.05 11.91 29.57
C GLU A 824 -64.15 13.12 29.79
N ILE A 825 -64.02 13.99 28.77
CA ILE A 825 -63.08 15.10 28.88
C ILE A 825 -63.40 16.01 30.07
N PRO A 826 -64.64 16.44 30.28
CA PRO A 826 -64.90 17.40 31.38
C PRO A 826 -64.38 16.92 32.71
N GLN A 827 -64.77 15.70 33.12
CA GLN A 827 -64.31 15.15 34.39
C GLN A 827 -62.81 15.28 34.54
N ILE A 828 -62.07 15.04 33.45
CA ILE A 828 -60.61 15.12 33.54
C ILE A 828 -60.18 16.51 33.96
N PHE A 829 -60.69 17.54 33.27
CA PHE A 829 -60.22 18.89 33.57
C PHE A 829 -60.60 19.30 34.98
N ASP A 830 -61.85 19.09 35.36
CA ASP A 830 -62.27 19.41 36.72
C ASP A 830 -61.40 18.70 37.73
N ALA A 831 -60.78 17.59 37.35
CA ALA A 831 -59.89 16.87 38.25
C ALA A 831 -58.50 17.49 38.28
N VAL A 832 -57.98 17.88 37.12
CA VAL A 832 -56.56 18.20 36.98
C VAL A 832 -56.29 19.64 36.60
N PHE A 833 -57.25 20.35 36.01
CA PHE A 833 -56.93 21.56 35.28
C PHE A 833 -56.43 22.67 36.20
N GLU A 834 -57.30 23.17 37.08
CA GLU A 834 -56.92 24.33 37.90
C GLU A 834 -55.72 24.01 38.76
N CYS A 835 -55.72 22.85 39.41
CA CYS A 835 -54.58 22.48 40.24
C CYS A 835 -53.30 22.49 39.42
N THR A 836 -53.37 22.04 38.17
CA THR A 836 -52.22 22.20 37.28
C THR A 836 -51.97 23.67 36.96
N LEU A 837 -53.02 24.39 36.56
CA LEU A 837 -52.83 25.79 36.19
C LEU A 837 -52.35 26.60 37.38
N ASN A 838 -52.94 26.37 38.56
CA ASN A 838 -52.51 27.07 39.76
C ASN A 838 -51.07 26.74 40.09
N MET A 839 -50.56 25.63 39.56
CA MET A 839 -49.19 25.20 39.78
C MET A 839 -48.20 25.83 38.82
N ILE A 840 -48.66 26.42 37.71
CA ILE A 840 -47.77 26.94 36.68
C ILE A 840 -48.09 28.40 36.38
N ASN A 841 -49.20 28.91 36.93
CA ASN A 841 -49.69 30.24 36.58
C ASN A 841 -48.94 31.36 37.27
N LYS A 842 -47.91 31.06 38.05
CA LYS A 842 -47.19 32.09 38.80
C LYS A 842 -45.90 32.53 38.14
N ASP A 843 -45.20 31.62 37.45
CA ASP A 843 -43.99 31.99 36.72
C ASP A 843 -43.88 31.08 35.51
N PHE A 844 -42.70 31.06 34.90
CA PHE A 844 -42.48 30.36 33.64
C PHE A 844 -41.35 29.36 33.70
N GLU A 845 -40.86 29.03 34.89
CA GLU A 845 -39.68 28.18 35.03
C GLU A 845 -39.92 26.93 35.85
N GLU A 846 -40.74 27.01 36.89
CA GLU A 846 -40.94 25.84 37.76
C GLU A 846 -41.78 24.79 37.05
N TYR A 847 -41.43 23.53 37.30
CA TYR A 847 -42.18 22.38 36.80
C TYR A 847 -42.26 22.40 35.27
N PRO A 848 -41.14 22.54 34.57
CA PRO A 848 -41.20 22.59 33.11
C PRO A 848 -41.84 21.37 32.49
N GLU A 849 -41.58 20.18 33.03
CA GLU A 849 -42.20 18.98 32.51
C GLU A 849 -43.72 19.08 32.58
N HIS A 850 -44.23 19.56 33.72
CA HIS A 850 -45.67 19.72 33.86
C HIS A 850 -46.21 20.72 32.85
N ARG A 851 -45.52 21.86 32.68
CA ARG A 851 -45.97 22.84 31.69
C ARG A 851 -46.08 22.19 30.32
N THR A 852 -45.01 21.52 29.88
CA THR A 852 -44.96 21.00 28.53
C THR A 852 -46.02 19.93 28.32
N ASN A 853 -46.10 18.97 29.24
CA ASN A 853 -47.09 17.91 29.10
C ASN A 853 -48.51 18.45 29.17
N PHE A 854 -48.76 19.45 30.02
CA PHE A 854 -50.07 20.05 30.11
C PHE A 854 -50.46 20.67 28.77
N PHE A 855 -49.55 21.42 28.16
CA PHE A 855 -49.88 22.03 26.88
C PHE A 855 -49.99 20.99 25.78
N LEU A 856 -49.24 19.88 25.89
CA LEU A 856 -49.44 18.78 24.95
C LEU A 856 -50.85 18.23 25.05
N LEU A 857 -51.34 18.06 26.29
CA LEU A 857 -52.71 17.59 26.47
C LEU A 857 -53.71 18.58 25.90
N LEU A 858 -53.49 19.87 26.15
CA LEU A 858 -54.36 20.88 25.56
C LEU A 858 -54.37 20.77 24.05
N GLN A 859 -53.20 20.59 23.44
CA GLN A 859 -53.12 20.51 21.98
C GLN A 859 -53.88 19.30 21.47
N ALA A 860 -53.71 18.15 22.14
CA ALA A 860 -54.42 16.96 21.69
C ALA A 860 -55.92 17.15 21.80
N VAL A 861 -56.38 17.72 22.93
CA VAL A 861 -57.82 17.92 23.13
C VAL A 861 -58.37 18.85 22.05
N ASN A 862 -57.68 19.96 21.81
CA ASN A 862 -58.11 20.89 20.78
C ASN A 862 -58.14 20.22 19.42
N SER A 863 -57.13 19.41 19.12
CA SER A 863 -57.05 18.77 17.80
C SER A 863 -58.19 17.79 17.60
N HIS A 864 -58.56 17.05 18.64
CA HIS A 864 -59.43 15.89 18.47
C HIS A 864 -60.67 15.88 19.34
N CYS A 865 -60.80 16.78 20.33
CA CYS A 865 -61.99 16.83 21.17
C CYS A 865 -62.53 18.25 21.26
N PHE A 866 -62.60 18.95 20.13
CA PHE A 866 -63.12 20.31 20.14
C PHE A 866 -64.53 20.36 20.71
N PRO A 867 -65.43 19.44 20.39
CA PRO A 867 -66.78 19.53 20.95
C PRO A 867 -66.77 19.62 22.46
N ALA A 868 -65.79 19.01 23.13
CA ALA A 868 -65.67 19.22 24.56
C ALA A 868 -65.55 20.70 24.89
N PHE A 869 -64.73 21.42 24.13
CA PHE A 869 -64.68 22.87 24.28
C PHE A 869 -66.03 23.49 24.00
N LEU A 870 -66.78 22.92 23.05
CA LEU A 870 -68.13 23.41 22.79
C LEU A 870 -69.06 23.19 23.97
N ALA A 871 -68.77 22.21 24.83
CA ALA A 871 -69.70 21.79 25.88
C ALA A 871 -69.32 22.32 27.26
N ILE A 872 -68.20 23.01 27.42
CA ILE A 872 -67.76 23.45 28.74
C ILE A 872 -68.41 24.77 29.10
N PRO A 873 -68.43 25.15 30.38
CA PRO A 873 -68.92 26.47 30.74
C PRO A 873 -68.03 27.55 30.16
N PRO A 874 -68.59 28.71 29.85
CA PRO A 874 -67.75 29.79 29.30
C PRO A 874 -66.61 30.19 30.21
N THR A 875 -66.79 30.09 31.54
CA THR A 875 -65.69 30.42 32.44
C THR A 875 -64.51 29.48 32.25
N GLN A 876 -64.78 28.18 32.09
CA GLN A 876 -63.71 27.23 31.79
C GLN A 876 -63.03 27.59 30.48
N PHE A 877 -63.81 27.98 29.48
CA PHE A 877 -63.22 28.33 28.19
C PHE A 877 -62.31 29.55 28.32
N LYS A 878 -62.74 30.55 29.07
CA LYS A 878 -61.91 31.73 29.26
C LYS A 878 -60.66 31.39 30.05
N LEU A 879 -60.77 30.47 31.01
CA LEU A 879 -59.57 30.01 31.71
C LEU A 879 -58.62 29.33 30.74
N VAL A 880 -59.16 28.52 29.83
CA VAL A 880 -58.32 27.87 28.82
C VAL A 880 -57.61 28.92 27.98
N LEU A 881 -58.34 29.94 27.55
CA LEU A 881 -57.73 30.97 26.70
C LEU A 881 -56.65 31.74 27.46
N ASP A 882 -56.90 32.06 28.72
CA ASP A 882 -55.88 32.72 29.52
C ASP A 882 -54.65 31.84 29.68
N SER A 883 -54.87 30.53 29.88
CA SER A 883 -53.75 29.60 29.95
C SER A 883 -52.96 29.59 28.64
N ILE A 884 -53.66 29.60 27.51
CA ILE A 884 -52.98 29.61 26.22
C ILE A 884 -52.16 30.88 26.07
N ILE A 885 -52.73 32.03 26.43
CA ILE A 885 -52.00 33.29 26.34
C ILE A 885 -50.77 33.23 27.23
N TRP A 886 -50.90 32.66 28.42
CA TRP A 886 -49.72 32.40 29.25
C TRP A 886 -48.74 31.51 28.49
N ALA A 887 -49.26 30.56 27.74
CA ALA A 887 -48.41 29.60 27.02
C ALA A 887 -47.53 30.30 26.00
N PHE A 888 -48.14 30.90 24.98
CA PHE A 888 -47.30 31.48 23.94
C PHE A 888 -46.60 32.75 24.38
N LYS A 889 -46.76 33.14 25.64
CA LYS A 889 -45.88 34.14 26.24
C LYS A 889 -44.64 33.52 26.88
N HIS A 890 -44.57 32.19 26.93
CA HIS A 890 -43.45 31.51 27.55
C HIS A 890 -42.15 31.79 26.79
N THR A 891 -41.04 31.65 27.50
CA THR A 891 -39.73 31.66 26.87
C THR A 891 -39.31 30.29 26.36
N MET A 892 -39.80 29.22 27.00
CA MET A 892 -39.53 27.87 26.52
C MET A 892 -40.04 27.72 25.10
N ARG A 893 -39.13 27.54 24.14
CA ARG A 893 -39.54 27.60 22.74
C ARG A 893 -40.52 26.49 22.41
N ASN A 894 -40.30 25.29 22.94
CA ASN A 894 -41.26 24.21 22.72
C ASN A 894 -42.64 24.61 23.21
N VAL A 895 -42.71 25.20 24.41
CA VAL A 895 -43.99 25.63 24.95
C VAL A 895 -44.62 26.68 24.05
N ALA A 896 -43.83 27.65 23.60
CA ALA A 896 -44.37 28.72 22.77
C ALA A 896 -44.95 28.16 21.48
N ASP A 897 -44.19 27.29 20.80
CA ASP A 897 -44.66 26.74 19.54
C ASP A 897 -45.90 25.90 19.76
N THR A 898 -45.94 25.12 20.84
CA THR A 898 -47.13 24.33 21.14
C THR A 898 -48.34 25.22 21.34
N GLY A 899 -48.17 26.29 22.13
CA GLY A 899 -49.29 27.19 22.36
C GLY A 899 -49.78 27.82 21.07
N LEU A 900 -48.85 28.27 20.23
CA LEU A 900 -49.24 28.92 18.99
C LEU A 900 -49.96 27.95 18.07
N GLN A 901 -49.48 26.71 17.99
CA GLN A 901 -50.17 25.71 17.17
C GLN A 901 -51.56 25.44 17.71
N ILE A 902 -51.70 25.35 19.04
CA ILE A 902 -53.02 25.19 19.64
C ILE A 902 -53.92 26.34 19.23
N LEU A 903 -53.40 27.56 19.30
CA LEU A 903 -54.21 28.74 18.98
C LEU A 903 -54.67 28.71 17.53
N PHE A 904 -53.76 28.39 16.61
CA PHE A 904 -54.12 28.33 15.19
C PHE A 904 -55.17 27.26 14.94
N THR A 905 -54.97 26.07 15.50
CA THR A 905 -55.94 25.00 15.31
C THR A 905 -57.28 25.39 15.91
N LEU A 906 -57.26 26.11 17.04
CA LEU A 906 -58.50 26.55 17.66
C LEU A 906 -59.22 27.55 16.77
N LEU A 907 -58.48 28.47 16.15
CA LEU A 907 -59.13 29.41 15.24
C LEU A 907 -59.75 28.68 14.06
N GLN A 908 -59.03 27.71 13.50
CA GLN A 908 -59.60 26.95 12.39
C GLN A 908 -60.85 26.18 12.82
N ASN A 909 -60.81 25.58 14.00
CA ASN A 909 -61.98 24.88 14.52
C ASN A 909 -63.15 25.83 14.69
N VAL A 910 -62.90 27.02 15.24
CA VAL A 910 -63.95 28.03 15.37
C VAL A 910 -64.54 28.32 14.01
N ALA A 911 -63.68 28.55 13.00
CA ALA A 911 -64.17 28.75 11.65
C ALA A 911 -65.02 27.57 11.20
N GLN A 912 -64.73 26.37 11.69
CA GLN A 912 -65.58 25.23 11.37
C GLN A 912 -66.89 25.24 12.13
N GLU A 913 -66.98 26.00 13.23
CA GLU A 913 -68.22 26.13 14.00
C GLU A 913 -68.80 27.52 13.74
N GLU A 914 -69.78 27.58 12.84
CA GLU A 914 -70.37 28.85 12.45
C GLU A 914 -71.07 29.53 13.63
N ALA A 915 -71.84 28.77 14.41
CA ALA A 915 -72.73 29.37 15.39
C ALA A 915 -71.95 30.20 16.41
N ALA A 916 -70.91 29.64 17.01
CA ALA A 916 -70.20 30.29 18.10
C ALA A 916 -69.06 31.17 17.63
N ALA A 917 -68.80 31.22 16.32
CA ALA A 917 -67.64 31.98 15.83
C ALA A 917 -67.77 33.46 16.17
N GLN A 918 -68.92 34.06 15.84
CA GLN A 918 -69.10 35.49 16.08
C GLN A 918 -69.02 35.80 17.56
N SER A 919 -69.66 34.98 18.40
CA SER A 919 -69.61 35.21 19.84
C SER A 919 -68.19 35.13 20.36
N PHE A 920 -67.45 34.11 19.93
CA PHE A 920 -66.07 33.97 20.38
C PHE A 920 -65.23 35.16 19.95
N TYR A 921 -65.40 35.61 18.71
CA TYR A 921 -64.71 36.79 18.25
C TYR A 921 -65.02 37.97 19.16
N GLN A 922 -66.30 38.32 19.26
CA GLN A 922 -66.69 39.46 20.08
C GLN A 922 -66.10 39.36 21.48
N THR A 923 -66.04 38.14 22.02
CA THR A 923 -65.58 37.97 23.40
C THR A 923 -64.08 38.15 23.53
N TYR A 924 -63.28 37.60 22.61
CA TYR A 924 -61.87 37.42 22.85
C TYR A 924 -60.93 38.09 21.85
N PHE A 925 -61.44 38.65 20.75
CA PHE A 925 -60.59 38.93 19.60
C PHE A 925 -59.60 40.04 19.91
N CYS A 926 -60.08 41.16 20.49
CA CYS A 926 -59.20 42.28 20.76
C CYS A 926 -58.16 41.91 21.81
N ASP A 927 -58.55 41.16 22.84
CA ASP A 927 -57.58 40.70 23.83
C ASP A 927 -56.54 39.79 23.19
N ILE A 928 -56.97 38.92 22.28
CA ILE A 928 -56.03 38.07 21.57
C ILE A 928 -55.05 38.92 20.79
N LEU A 929 -55.53 39.96 20.11
CA LEU A 929 -54.66 40.84 19.36
C LEU A 929 -53.65 41.51 20.27
N GLN A 930 -54.12 42.05 21.39
CA GLN A 930 -53.23 42.67 22.35
C GLN A 930 -52.13 41.71 22.77
N HIS A 931 -52.52 40.49 23.15
CA HIS A 931 -51.54 39.54 23.66
C HIS A 931 -50.54 39.14 22.58
N ILE A 932 -51.04 38.81 21.39
CA ILE A 932 -50.14 38.38 20.31
C ILE A 932 -49.17 39.51 19.97
N PHE A 933 -49.65 40.75 19.91
CA PHE A 933 -48.78 41.86 19.58
C PHE A 933 -47.77 42.11 20.68
N SER A 934 -48.18 42.01 21.94
CA SER A 934 -47.23 42.14 23.03
C SER A 934 -46.10 41.12 22.90
N VAL A 935 -46.45 39.88 22.55
CA VAL A 935 -45.42 38.86 22.34
C VAL A 935 -44.54 39.21 21.15
N VAL A 936 -45.16 39.55 20.02
CA VAL A 936 -44.40 39.80 18.80
C VAL A 936 -43.43 40.95 18.99
N THR A 937 -43.90 42.05 19.58
CA THR A 937 -43.02 43.17 19.87
C THR A 937 -41.88 42.77 20.77
N ASP A 938 -42.04 41.69 21.53
CA ASP A 938 -40.94 41.18 22.35
C ASP A 938 -39.98 40.40 21.47
N THR A 939 -38.70 40.76 21.52
CA THR A 939 -37.69 40.08 20.74
C THR A 939 -37.49 38.63 21.17
N SER A 940 -37.81 38.31 22.42
CA SER A 940 -37.49 36.99 22.95
C SER A 940 -38.25 35.89 22.25
N HIS A 941 -39.28 36.24 21.47
CA HIS A 941 -40.14 35.28 20.81
C HIS A 941 -39.92 35.30 19.30
N THR A 942 -38.80 35.86 18.85
CA THR A 942 -38.52 35.88 17.41
C THR A 942 -38.56 34.49 16.81
N ALA A 943 -38.19 33.46 17.56
CA ALA A 943 -38.20 32.11 17.02
C ALA A 943 -39.59 31.67 16.63
N GLY A 944 -40.61 32.18 17.32
CA GLY A 944 -41.99 31.88 16.96
C GLY A 944 -42.55 32.73 15.85
N LEU A 945 -41.73 33.64 15.31
CA LEU A 945 -42.23 34.60 14.32
C LEU A 945 -42.96 33.88 13.18
N THR A 946 -42.36 32.82 12.66
CA THR A 946 -42.96 32.13 11.52
C THR A 946 -44.41 31.75 11.80
N MET A 947 -44.70 31.33 13.03
CA MET A 947 -46.06 30.96 13.36
C MET A 947 -46.91 32.21 13.61
N HIS A 948 -46.34 33.23 14.25
CA HIS A 948 -47.09 34.46 14.50
C HIS A 948 -47.77 34.93 13.23
N ALA A 949 -46.96 35.28 12.22
CA ALA A 949 -47.54 35.76 10.97
C ALA A 949 -48.55 34.76 10.42
N SER A 950 -48.29 33.47 10.60
CA SER A 950 -49.19 32.46 10.04
C SER A 950 -50.60 32.69 10.55
N ILE A 951 -50.74 32.99 11.84
CA ILE A 951 -52.07 33.22 12.37
C ILE A 951 -52.52 34.63 12.05
N LEU A 952 -51.63 35.62 12.19
CA LEU A 952 -52.02 36.99 11.95
C LEU A 952 -52.62 37.14 10.55
N ALA A 953 -51.90 36.69 9.53
CA ALA A 953 -52.43 36.77 8.18
C ALA A 953 -53.81 36.12 8.12
N TYR A 954 -53.96 34.97 8.76
CA TYR A 954 -55.28 34.35 8.84
C TYR A 954 -56.27 35.26 9.54
N MET A 955 -55.93 35.69 10.75
CA MET A 955 -56.86 36.52 11.53
C MET A 955 -57.25 37.76 10.75
N PHE A 956 -56.28 38.54 10.29
CA PHE A 956 -56.58 39.70 9.48
C PHE A 956 -57.42 39.30 8.27
N ASN A 957 -57.05 38.20 7.61
CA ASN A 957 -57.84 37.74 6.47
C ASN A 957 -59.30 37.55 6.86
N LEU A 958 -59.54 36.92 8.03
CA LEU A 958 -60.91 36.73 8.47
C LEU A 958 -61.65 38.06 8.54
N VAL A 959 -60.98 39.11 9.00
CA VAL A 959 -61.60 40.44 9.02
C VAL A 959 -61.93 40.88 7.60
N GLU A 960 -60.94 40.75 6.69
CA GLU A 960 -61.12 41.28 5.35
C GLU A 960 -62.17 40.51 4.58
N GLU A 961 -62.18 39.19 4.72
CA GLU A 961 -63.12 38.35 3.99
C GLU A 961 -64.54 38.45 4.51
N GLY A 962 -64.83 39.34 5.44
CA GLY A 962 -66.18 39.49 5.94
C GLY A 962 -66.71 38.32 6.72
N LYS A 963 -65.88 37.31 6.98
CA LYS A 963 -66.33 36.18 7.78
C LYS A 963 -66.70 36.61 9.20
N ILE A 964 -66.17 37.73 9.66
CA ILE A 964 -66.61 38.31 10.94
C ILE A 964 -67.81 39.20 10.61
N SER A 965 -68.98 38.57 10.51
CA SER A 965 -70.17 39.30 10.12
C SER A 965 -70.52 40.37 11.14
N THR A 966 -70.44 40.06 12.43
CA THR A 966 -70.79 41.02 13.45
C THR A 966 -69.71 42.10 13.59
N SER A 967 -70.16 43.31 13.91
CA SER A 967 -69.25 44.39 14.25
C SER A 967 -68.58 44.11 15.60
N LEU A 968 -67.25 44.13 15.62
CA LEU A 968 -66.54 43.91 16.87
C LEU A 968 -66.89 44.95 17.92
N ASN A 969 -67.44 46.10 17.50
CA ASN A 969 -67.99 47.10 18.40
C ASN A 969 -69.49 47.16 18.13
N PRO A 970 -70.31 46.39 18.84
CA PRO A 970 -71.75 46.39 18.56
C PRO A 970 -72.39 47.76 18.67
N GLY A 971 -71.85 48.64 19.51
CA GLY A 971 -72.36 49.99 19.59
C GLY A 971 -72.14 50.81 18.34
N ASN A 972 -71.31 50.34 17.42
CA ASN A 972 -71.03 51.06 16.19
C ASN A 972 -70.90 50.09 15.02
N PRO A 973 -71.81 50.12 14.03
CA PRO A 973 -71.76 49.18 12.90
C PRO A 973 -70.72 49.57 11.85
N VAL A 974 -69.49 49.83 12.29
CA VAL A 974 -68.43 50.21 11.38
C VAL A 974 -67.86 48.98 10.70
N ASN A 975 -67.20 49.19 9.57
CA ASN A 975 -66.43 48.12 8.94
C ASN A 975 -65.43 47.56 9.94
N ASN A 976 -65.44 46.23 10.09
CA ASN A 976 -64.49 45.60 11.00
C ASN A 976 -63.07 45.97 10.62
N GLN A 977 -62.79 46.13 9.33
CA GLN A 977 -61.47 46.54 8.88
C GLN A 977 -61.09 47.90 9.47
N ILE A 978 -61.97 48.89 9.33
CA ILE A 978 -61.65 50.24 9.79
C ILE A 978 -61.48 50.25 11.30
N PHE A 979 -62.40 49.62 12.01
CA PHE A 979 -62.31 49.60 13.47
C PHE A 979 -61.03 48.92 13.92
N LEU A 980 -60.67 47.80 13.28
CA LEU A 980 -59.43 47.12 13.63
C LEU A 980 -58.22 47.98 13.34
N GLN A 981 -58.24 48.68 12.20
CA GLN A 981 -57.12 49.57 11.86
C GLN A 981 -56.93 50.62 12.95
N GLU A 982 -58.01 51.31 13.31
CA GLU A 982 -57.89 52.34 14.35
C GLU A 982 -57.48 51.74 15.68
N TYR A 983 -58.04 50.58 16.03
CA TYR A 983 -57.74 49.96 17.31
C TYR A 983 -56.27 49.58 17.39
N VAL A 984 -55.74 48.99 16.32
CA VAL A 984 -54.33 48.58 16.31
C VAL A 984 -53.43 49.79 16.34
N ALA A 985 -53.80 50.85 15.60
CA ALA A 985 -52.99 52.07 15.63
C ALA A 985 -52.93 52.64 17.03
N ASN A 986 -54.08 52.70 17.71
CA ASN A 986 -54.11 53.21 19.08
C ASN A 986 -53.28 52.33 20.00
N LEU A 987 -53.43 51.01 19.89
CA LEU A 987 -52.65 50.10 20.71
C LEU A 987 -51.17 50.34 20.54
N LEU A 988 -50.70 50.38 19.29
CA LEU A 988 -49.28 50.53 19.04
C LEU A 988 -48.77 51.89 19.52
N LYS A 989 -49.54 52.95 19.27
CA LYS A 989 -49.14 54.27 19.75
C LYS A 989 -49.03 54.28 21.26
N SER A 990 -49.99 53.66 21.96
CA SER A 990 -49.90 53.56 23.41
C SER A 990 -48.65 52.82 23.84
N ALA A 991 -48.37 51.69 23.19
CA ALA A 991 -47.17 50.93 23.54
C ALA A 991 -45.91 51.65 23.08
N PHE A 992 -45.98 52.33 21.93
CA PHE A 992 -44.82 52.96 21.30
C PHE A 992 -45.18 54.37 20.90
N PRO A 993 -45.31 55.29 21.87
CA PRO A 993 -45.69 56.66 21.52
C PRO A 993 -44.70 57.36 20.60
N HIS A 994 -43.42 57.02 20.71
CA HIS A 994 -42.40 57.76 19.96
C HIS A 994 -42.46 57.50 18.47
N LEU A 995 -43.26 56.55 18.01
CA LEU A 995 -43.27 56.20 16.60
C LEU A 995 -43.98 57.28 15.78
N GLN A 996 -43.60 57.37 14.52
CA GLN A 996 -44.29 58.24 13.57
C GLN A 996 -45.60 57.60 13.15
N ASP A 997 -46.66 58.40 13.07
CA ASP A 997 -47.97 57.88 12.72
C ASP A 997 -47.96 57.23 11.35
N ALA A 998 -47.23 57.83 10.40
CA ALA A 998 -47.17 57.26 9.06
C ALA A 998 -46.59 55.85 9.09
N GLN A 999 -45.59 55.61 9.93
CA GLN A 999 -45.04 54.26 10.05
C GLN A 999 -46.14 53.26 10.42
N VAL A 1000 -46.91 53.57 11.45
CA VAL A 1000 -47.93 52.64 11.91
C VAL A 1000 -49.01 52.47 10.87
N LYS A 1001 -49.42 53.57 10.22
CA LYS A 1001 -50.45 53.48 9.20
C LYS A 1001 -50.00 52.57 8.05
N LEU A 1002 -48.79 52.79 7.56
CA LEU A 1002 -48.26 51.93 6.49
C LEU A 1002 -48.17 50.49 6.96
N PHE A 1003 -47.72 50.29 8.20
CA PHE A 1003 -47.55 48.93 8.70
C PHE A 1003 -48.88 48.19 8.72
N VAL A 1004 -49.92 48.85 9.25
CA VAL A 1004 -51.24 48.23 9.31
C VAL A 1004 -51.76 47.96 7.90
N THR A 1005 -51.61 48.94 7.02
CA THR A 1005 -52.07 48.76 5.64
C THR A 1005 -51.42 47.52 5.03
N GLY A 1006 -50.11 47.38 5.23
CA GLY A 1006 -49.44 46.19 4.72
C GLY A 1006 -49.95 44.93 5.39
N LEU A 1007 -50.17 44.98 6.70
CA LEU A 1007 -50.70 43.82 7.41
C LEU A 1007 -51.97 43.32 6.75
N PHE A 1008 -52.82 44.23 6.30
CA PHE A 1008 -54.00 43.81 5.55
C PHE A 1008 -53.63 43.35 4.15
N SER A 1009 -52.69 44.06 3.50
CA SER A 1009 -52.31 43.72 2.14
C SER A 1009 -51.51 42.44 2.07
N LEU A 1010 -50.85 42.04 3.15
CA LEU A 1010 -49.91 40.92 3.14
C LEU A 1010 -50.50 39.65 3.75
N ASN A 1011 -51.82 39.60 3.93
CA ASN A 1011 -52.43 38.45 4.59
C ASN A 1011 -52.39 37.19 3.73
N GLN A 1012 -51.76 37.23 2.55
CA GLN A 1012 -51.67 36.06 1.69
C GLN A 1012 -50.29 35.84 1.10
N ASP A 1013 -49.30 36.64 1.46
CA ASP A 1013 -47.90 36.42 1.11
C ASP A 1013 -47.16 36.24 2.43
N ILE A 1014 -47.16 35.01 2.94
CA ILE A 1014 -46.69 34.79 4.31
C ILE A 1014 -45.24 35.20 4.49
N PRO A 1015 -44.30 34.83 3.62
CA PRO A 1015 -42.93 35.34 3.79
C PRO A 1015 -42.86 36.87 3.76
N ALA A 1016 -43.65 37.50 2.89
CA ALA A 1016 -43.68 38.96 2.88
C ALA A 1016 -44.27 39.49 4.17
N PHE A 1017 -45.29 38.82 4.71
CA PHE A 1017 -45.84 39.21 5.99
C PHE A 1017 -44.78 39.14 7.08
N LYS A 1018 -44.00 38.06 7.07
CA LYS A 1018 -42.95 37.87 8.07
C LYS A 1018 -41.91 38.97 7.96
N GLU A 1019 -41.48 39.28 6.73
CA GLU A 1019 -40.51 40.36 6.56
C GLU A 1019 -41.10 41.70 6.97
N HIS A 1020 -42.39 41.89 6.75
CA HIS A 1020 -43.07 43.11 7.19
C HIS A 1020 -43.02 43.23 8.71
N LEU A 1021 -43.32 42.14 9.41
CA LEU A 1021 -43.25 42.15 10.86
C LEU A 1021 -41.83 42.41 11.34
N ARG A 1022 -40.85 41.81 10.67
CA ARG A 1022 -39.46 42.05 11.04
C ARG A 1022 -39.08 43.51 10.84
N ASP A 1023 -39.52 44.10 9.74
CA ASP A 1023 -39.26 45.52 9.51
C ASP A 1023 -39.90 46.37 10.59
N PHE A 1024 -41.13 46.04 10.97
CA PHE A 1024 -41.78 46.78 12.05
C PHE A 1024 -40.99 46.65 13.35
N LEU A 1025 -40.52 45.45 13.66
CA LEU A 1025 -39.73 45.27 14.88
C LEU A 1025 -38.46 46.10 14.84
N VAL A 1026 -37.80 46.12 13.68
CA VAL A 1026 -36.62 46.96 13.53
C VAL A 1026 -36.96 48.41 13.79
N GLN A 1027 -38.11 48.86 13.26
CA GLN A 1027 -38.55 50.23 13.49
C GLN A 1027 -38.75 50.49 14.97
N ILE A 1028 -39.36 49.53 15.68
CA ILE A 1028 -39.63 49.71 17.11
C ILE A 1028 -38.34 49.99 17.86
N LYS A 1029 -37.22 49.43 17.42
CA LYS A 1029 -35.95 49.60 18.10
C LYS A 1029 -35.36 50.99 17.90
N GLU A 1030 -35.90 51.78 16.98
CA GLU A 1030 -35.35 53.08 16.62
C GLU A 1030 -36.26 54.20 17.11
N PHE A 1031 -35.67 55.23 17.70
CA PHE A 1031 -36.39 56.47 17.97
C PHE A 1031 -36.45 57.24 16.67
N ALA A 1032 -37.59 57.18 15.99
CA ALA A 1032 -37.74 57.76 14.66
C ALA A 1032 -38.22 59.20 14.78
N GLY A 1033 -37.40 60.14 14.32
CA GLY A 1033 -37.78 61.52 14.26
C GLY A 1033 -38.64 61.81 13.04
N GLU A 1034 -38.91 63.09 12.85
CA GLU A 1034 -39.71 63.51 11.70
C GLU A 1034 -39.00 63.23 10.38
N ASP A 1035 -37.69 62.99 10.41
CA ASP A 1035 -36.93 62.69 9.20
C ASP A 1035 -37.33 61.31 8.72
N THR A 1036 -38.23 61.26 7.74
CA THR A 1036 -38.68 60.02 7.13
C THR A 1036 -37.87 59.64 5.90
N SER A 1037 -36.84 60.41 5.57
CA SER A 1037 -36.05 60.13 4.38
C SER A 1037 -35.50 58.71 4.41
N ASP A 1038 -34.89 58.32 5.53
CA ASP A 1038 -34.34 56.98 5.64
C ASP A 1038 -35.41 55.91 5.65
N LEU A 1039 -36.68 56.26 5.82
CA LEU A 1039 -37.74 55.28 5.91
C LEU A 1039 -38.29 54.87 4.56
N PHE A 1040 -38.02 55.64 3.51
CA PHE A 1040 -38.46 55.29 2.16
C PHE A 1040 -39.94 54.93 2.16
N LEU A 1041 -40.73 55.76 2.84
CA LEU A 1041 -42.14 55.46 3.04
C LEU A 1041 -42.86 55.27 1.71
N GLU A 1042 -42.58 56.13 0.74
CA GLU A 1042 -43.27 56.02 -0.54
C GLU A 1042 -42.85 54.76 -1.29
N GLU A 1043 -41.58 54.37 -1.18
CA GLU A 1043 -41.13 53.14 -1.83
C GLU A 1043 -41.86 51.93 -1.25
N ARG A 1044 -41.87 51.82 0.08
CA ARG A 1044 -42.57 50.71 0.71
C ARG A 1044 -44.06 50.76 0.43
N GLU A 1045 -44.64 51.97 0.33
CA GLU A 1045 -46.05 52.07 0.02
C GLU A 1045 -46.34 51.58 -1.39
N ILE A 1046 -45.47 51.90 -2.33
CA ILE A 1046 -45.63 51.40 -3.69
C ILE A 1046 -45.52 49.89 -3.71
N ALA A 1047 -44.53 49.34 -3.00
CA ALA A 1047 -44.38 47.89 -2.95
C ALA A 1047 -45.60 47.24 -2.31
N LEU A 1048 -46.16 47.88 -1.29
CA LEU A 1048 -47.30 47.30 -0.59
C LEU A 1048 -48.56 47.37 -1.43
N ARG A 1049 -48.72 48.46 -2.20
CA ARG A 1049 -49.84 48.54 -3.12
C ARG A 1049 -49.71 47.52 -4.24
N GLN A 1050 -48.48 47.29 -4.71
CA GLN A 1050 -48.27 46.23 -5.69
C GLN A 1050 -48.62 44.87 -5.11
N ALA A 1051 -48.21 44.62 -3.87
CA ALA A 1051 -48.54 43.34 -3.24
C ALA A 1051 -50.04 43.21 -3.01
N ASP A 1052 -50.70 44.31 -2.69
CA ASP A 1052 -52.15 44.26 -2.53
C ASP A 1052 -52.84 44.00 -3.86
N GLU A 1053 -52.31 44.57 -4.95
CA GLU A 1053 -52.82 44.26 -6.27
C GLU A 1053 -52.63 42.79 -6.61
N GLU A 1054 -51.45 42.24 -6.27
CA GLU A 1054 -51.21 40.83 -6.50
C GLU A 1054 -52.18 39.96 -5.69
N LYS A 1055 -52.43 40.36 -4.44
CA LYS A 1055 -53.36 39.62 -3.59
C LYS A 1055 -54.78 39.68 -4.14
N HIS A 1056 -55.20 40.86 -4.63
CA HIS A 1056 -56.52 40.96 -5.21
C HIS A 1056 -56.60 40.22 -6.54
N LYS A 1057 -55.49 40.09 -7.25
CA LYS A 1057 -55.50 39.29 -8.47
C LYS A 1057 -55.65 37.82 -8.13
N ARG A 1058 -54.94 37.36 -7.12
CA ARG A 1058 -55.14 36.00 -6.63
C ARG A 1058 -56.59 35.77 -6.24
N GLN A 1059 -57.20 36.73 -5.53
CA GLN A 1059 -58.61 36.59 -5.14
C GLN A 1059 -59.56 36.53 -6.35
N MET A 1060 -59.38 37.41 -7.33
CA MET A 1060 -60.20 37.31 -8.54
C MET A 1060 -59.98 35.98 -9.25
N SER A 1061 -58.73 35.54 -9.37
CA SER A 1061 -58.47 34.24 -9.98
C SER A 1061 -59.04 33.10 -9.16
N VAL A 1062 -59.31 33.32 -7.87
CA VAL A 1062 -59.90 32.31 -7.01
C VAL A 1062 -61.34 32.70 -6.73
N LEU B 14 -33.31 -17.20 -29.44
CA LEU B 14 -33.80 -17.60 -28.12
C LEU B 14 -34.61 -18.89 -28.21
N LYS B 15 -35.43 -19.00 -29.26
CA LYS B 15 -36.25 -20.18 -29.42
C LYS B 15 -35.39 -21.41 -29.68
N ALA B 16 -35.86 -22.56 -29.19
CA ALA B 16 -35.05 -23.77 -29.22
C ALA B 16 -34.67 -24.14 -30.65
N VAL B 17 -35.59 -24.01 -31.60
CA VAL B 17 -35.30 -24.40 -32.97
C VAL B 17 -34.12 -23.61 -33.50
N ARG B 18 -34.11 -22.29 -33.26
CA ARG B 18 -33.03 -21.46 -33.77
C ARG B 18 -31.70 -21.84 -33.11
N LEU B 19 -31.71 -22.09 -31.81
CA LEU B 19 -30.47 -22.47 -31.12
C LEU B 19 -29.93 -23.78 -31.67
N ILE B 20 -30.81 -24.76 -31.87
CA ILE B 20 -30.37 -26.07 -32.37
C ILE B 20 -29.83 -25.94 -33.79
N LYS B 21 -30.51 -25.17 -34.64
CA LYS B 21 -30.03 -25.00 -36.00
C LYS B 21 -28.69 -24.28 -36.03
N PHE B 22 -28.52 -23.26 -35.19
CA PHE B 22 -27.22 -22.58 -35.12
C PHE B 22 -26.13 -23.51 -34.62
N LEU B 23 -26.45 -24.36 -33.63
CA LEU B 23 -25.48 -25.33 -33.14
C LEU B 23 -25.05 -26.28 -34.25
N TYR B 24 -26.02 -26.89 -34.95
CA TYR B 24 -25.69 -27.82 -36.01
C TYR B 24 -25.03 -27.15 -37.21
N GLN B 25 -25.23 -25.85 -37.40
CA GLN B 25 -24.61 -25.17 -38.52
C GLN B 25 -23.13 -24.90 -38.28
N SER B 26 -22.73 -24.66 -37.03
CA SER B 26 -21.37 -24.24 -36.74
C SER B 26 -20.37 -25.38 -36.78
N ASN B 27 -20.83 -26.64 -36.81
CA ASN B 27 -19.93 -27.78 -36.82
C ASN B 27 -19.82 -28.32 -38.24
N PRO B 28 -18.69 -28.16 -38.93
CA PRO B 28 -18.59 -28.68 -40.29
C PRO B 28 -18.55 -30.19 -40.29
N PRO B 29 -19.19 -30.84 -41.27
CA PRO B 29 -19.11 -32.30 -41.33
C PRO B 29 -17.70 -32.76 -41.64
N PRO B 30 -17.31 -33.96 -41.22
CA PRO B 30 -15.96 -34.45 -41.54
C PRO B 30 -15.75 -34.54 -43.04
N ASN B 31 -14.55 -34.16 -43.46
CA ASN B 31 -14.25 -34.11 -44.89
C ASN B 31 -14.19 -35.52 -45.46
N PRO B 32 -15.04 -35.87 -46.43
CA PRO B 32 -14.92 -37.19 -47.08
C PRO B 32 -13.62 -37.38 -47.85
N GLU B 33 -12.94 -36.30 -48.22
CA GLU B 33 -11.68 -36.40 -48.92
C GLU B 33 -10.60 -36.96 -48.00
N GLY B 34 -9.63 -37.63 -48.60
CA GLY B 34 -8.53 -38.25 -47.89
C GLY B 34 -8.69 -39.77 -47.83
N THR B 35 -7.76 -40.39 -47.11
CA THR B 35 -7.78 -41.84 -46.99
C THR B 35 -8.97 -42.32 -46.15
N ARG B 36 -9.25 -43.62 -46.27
CA ARG B 36 -10.31 -44.23 -45.47
C ARG B 36 -10.05 -44.05 -43.98
N GLN B 37 -8.82 -44.34 -43.54
CA GLN B 37 -8.53 -44.26 -42.11
C GLN B 37 -8.59 -42.81 -41.62
N ALA B 38 -8.12 -41.88 -42.44
CA ALA B 38 -8.20 -40.47 -42.08
C ALA B 38 -9.65 -40.04 -41.91
N ARG B 39 -10.48 -40.34 -42.92
CA ARG B 39 -11.89 -39.99 -42.84
C ARG B 39 -12.56 -40.64 -41.63
N ARG B 40 -12.18 -41.87 -41.32
CA ARG B 40 -12.85 -42.59 -40.24
C ARG B 40 -12.43 -42.06 -38.88
N ASN B 41 -11.17 -41.66 -38.73
CA ASN B 41 -10.74 -41.03 -37.49
C ASN B 41 -11.41 -39.67 -37.31
N ARG B 42 -11.49 -38.88 -38.39
CA ARG B 42 -12.25 -37.63 -38.32
C ARG B 42 -13.70 -37.90 -37.97
N ARG B 43 -14.29 -38.95 -38.52
CA ARG B 43 -15.67 -39.29 -38.21
C ARG B 43 -15.83 -39.63 -36.74
N ARG B 44 -14.88 -40.40 -36.17
CA ARG B 44 -14.97 -40.75 -34.77
C ARG B 44 -14.88 -39.51 -33.88
N ARG B 45 -13.91 -38.63 -34.15
CA ARG B 45 -13.79 -37.42 -33.34
C ARG B 45 -15.02 -36.54 -33.50
N TRP B 46 -15.53 -36.42 -34.73
CA TRP B 46 -16.72 -35.63 -34.99
C TRP B 46 -17.93 -36.21 -34.28
N ARG B 47 -18.03 -37.54 -34.21
CA ARG B 47 -19.16 -38.16 -33.53
C ARG B 47 -19.07 -37.97 -32.02
N ALA B 48 -17.86 -38.02 -31.46
CA ALA B 48 -17.71 -37.73 -30.04
C ALA B 48 -18.11 -36.29 -29.73
N ARG B 49 -17.64 -35.35 -30.56
CA ARG B 49 -18.00 -33.95 -30.35
C ARG B 49 -19.48 -33.72 -30.62
N GLN B 50 -20.09 -34.50 -31.52
CA GLN B 50 -21.53 -34.44 -31.74
C GLN B 50 -22.30 -34.94 -30.52
N ARG B 51 -21.79 -35.99 -29.86
CA ARG B 51 -22.42 -36.42 -28.62
C ARG B 51 -22.34 -35.34 -27.55
N GLN B 52 -21.18 -34.67 -27.46
CA GLN B 52 -21.05 -33.54 -26.54
C GLN B 52 -22.07 -32.45 -26.89
N ILE B 53 -22.17 -32.10 -28.17
CA ILE B 53 -23.11 -31.07 -28.59
C ILE B 53 -24.54 -31.49 -28.27
N HIS B 54 -24.88 -32.75 -28.53
CA HIS B 54 -26.22 -33.24 -28.24
C HIS B 54 -26.52 -33.15 -26.75
N SER B 55 -25.56 -33.49 -25.90
CA SER B 55 -25.78 -33.38 -24.46
C SER B 55 -26.02 -31.93 -24.07
N ILE B 56 -25.22 -31.01 -24.59
CA ILE B 56 -25.41 -29.59 -24.26
C ILE B 56 -26.77 -29.12 -24.75
N SER B 57 -27.13 -29.50 -25.98
CA SER B 57 -28.41 -29.07 -26.54
C SER B 57 -29.58 -29.62 -25.74
N GLU B 58 -29.51 -30.88 -25.30
CA GLU B 58 -30.57 -31.45 -24.49
C GLU B 58 -30.66 -30.74 -23.14
N ARG B 59 -29.51 -30.38 -22.58
CA ARG B 59 -29.52 -29.63 -21.32
C ARG B 59 -30.19 -28.27 -21.49
N ILE B 60 -29.88 -27.57 -22.59
CA ILE B 60 -30.59 -26.31 -22.88
C ILE B 60 -32.08 -26.56 -23.08
N ARG B 61 -32.43 -27.61 -23.83
CA ARG B 61 -33.82 -27.95 -24.07
C ARG B 61 -34.59 -28.18 -22.78
N SER B 62 -33.95 -28.79 -21.78
CA SER B 62 -34.65 -29.07 -20.53
C SER B 62 -35.20 -27.79 -19.90
N THR B 63 -34.33 -26.83 -19.63
CA THR B 63 -34.74 -25.57 -19.02
C THR B 63 -33.56 -24.60 -19.08
N TYR B 64 -33.71 -23.45 -18.43
CA TYR B 64 -32.69 -22.40 -18.43
C TYR B 64 -31.99 -22.25 -17.08
N LEU B 65 -32.39 -23.04 -16.08
CA LEU B 65 -31.72 -23.07 -14.79
C LEU B 65 -31.14 -24.44 -14.49
N GLY B 66 -31.94 -25.49 -14.64
CA GLY B 66 -31.46 -26.86 -14.63
C GLY B 66 -31.11 -27.42 -13.27
N ARG B 67 -30.54 -26.58 -12.40
CA ARG B 67 -30.04 -27.02 -11.11
C ARG B 67 -30.52 -26.10 -10.01
N SER B 68 -30.68 -26.66 -8.82
CA SER B 68 -30.93 -25.88 -7.62
C SER B 68 -29.58 -25.51 -7.00
N ALA B 69 -29.61 -24.55 -6.08
CA ALA B 69 -28.41 -24.15 -5.37
C ALA B 69 -28.15 -25.00 -4.13
N GLU B 70 -29.01 -25.96 -3.83
CA GLU B 70 -28.85 -26.77 -2.61
C GLU B 70 -27.55 -27.56 -2.65
N PRO B 71 -27.00 -27.87 -3.83
CA PRO B 71 -25.69 -28.56 -3.82
C PRO B 71 -24.63 -27.79 -3.05
N VAL B 72 -24.70 -26.46 -3.05
CA VAL B 72 -23.72 -25.67 -2.30
C VAL B 72 -23.82 -25.96 -0.81
N PRO B 73 -24.99 -25.82 -0.16
CA PRO B 73 -25.05 -26.21 1.26
C PRO B 73 -24.73 -27.68 1.47
N LEU B 74 -25.02 -28.52 0.49
CA LEU B 74 -24.58 -29.91 0.56
C LEU B 74 -23.06 -30.02 0.57
N GLN B 75 -22.34 -28.96 0.17
CA GLN B 75 -20.89 -29.03 0.10
C GLN B 75 -20.20 -28.08 1.07
N THR B 76 -20.73 -26.88 1.28
CA THR B 76 -20.03 -25.88 2.10
C THR B 76 -20.85 -25.34 3.26
N VAL B 77 -22.13 -25.04 3.07
CA VAL B 77 -22.88 -24.33 4.10
C VAL B 77 -23.06 -25.20 5.33
N ASP B 78 -23.45 -26.45 5.12
CA ASP B 78 -23.56 -27.39 6.24
C ASP B 78 -22.18 -27.83 6.72
N GLU B 79 -21.23 -28.02 5.81
CA GLU B 79 -19.87 -28.34 6.23
C GLU B 79 -19.21 -27.20 6.97
N MET B 80 -19.79 -26.01 6.92
CA MET B 80 -19.37 -24.89 7.75
C MET B 80 -20.20 -24.76 9.01
N THR B 81 -21.51 -25.07 8.93
CA THR B 81 -22.40 -24.92 10.08
C THR B 81 -22.13 -25.97 11.14
N LYS B 82 -21.86 -27.22 10.73
CA LYS B 82 -21.58 -28.24 11.75
C LYS B 82 -20.37 -27.86 12.57
N LYS B 83 -19.31 -27.39 11.92
CA LYS B 83 -18.13 -26.99 12.67
C LYS B 83 -18.35 -25.66 13.38
N PHE B 84 -19.26 -24.81 12.88
CA PHE B 84 -19.63 -23.63 13.63
C PHE B 84 -20.24 -24.02 14.97
N GLY B 85 -21.07 -25.05 14.97
CA GLY B 85 -21.55 -25.62 16.22
C GLY B 85 -20.41 -26.24 17.01
N THR B 86 -19.49 -26.91 16.33
CA THR B 86 -18.35 -27.54 16.98
C THR B 86 -17.45 -26.54 17.68
N LEU B 87 -17.50 -25.25 17.31
CA LEU B 87 -16.67 -24.26 17.98
C LEU B 87 -16.71 -24.48 19.49
N THR B 88 -15.53 -24.45 20.10
CA THR B 88 -15.41 -24.56 21.55
C THR B 88 -14.39 -23.55 22.07
N ILE B 89 -14.79 -22.80 23.11
CA ILE B 89 -13.87 -21.88 23.76
C ILE B 89 -12.60 -22.61 24.18
N ASP B 90 -12.75 -23.67 24.97
CA ASP B 90 -11.66 -24.30 25.72
C ASP B 90 -10.70 -23.30 26.33
N CYS B 91 -11.19 -22.12 26.69
CA CYS B 91 -10.39 -21.12 27.38
C CYS B 91 -9.59 -20.30 26.39
N ASN B 92 -9.22 -19.09 26.75
CA ASN B 92 -8.35 -18.27 25.91
C ASN B 92 -9.10 -17.87 24.66
N MET C 13 70.47 3.33 -1.05
CA MET C 13 69.99 2.14 -1.74
C MET C 13 69.88 0.95 -0.79
N LEU C 14 68.76 0.23 -0.89
CA LEU C 14 68.61 -1.03 -0.18
C LEU C 14 69.46 -2.09 -0.87
N ALA C 15 70.69 -2.26 -0.40
CA ALA C 15 71.69 -3.03 -1.14
C ALA C 15 71.15 -4.37 -1.58
N ASP C 16 71.08 -4.56 -2.90
CA ASP C 16 70.72 -5.86 -3.45
C ASP C 16 71.73 -6.92 -3.02
N HIS C 17 73.01 -6.54 -2.92
CA HIS C 17 74.02 -7.48 -2.44
C HIS C 17 73.71 -7.93 -1.02
N ALA C 18 73.35 -7.01 -0.14
CA ALA C 18 73.03 -7.38 1.24
C ALA C 18 71.81 -8.31 1.28
N ALA C 19 70.78 -7.99 0.49
CA ALA C 19 69.61 -8.86 0.48
C ALA C 19 69.99 -10.26 0.02
N ARG C 20 70.68 -10.38 -1.11
CA ARG C 20 71.09 -11.72 -1.52
C ARG C 20 71.99 -12.35 -0.47
N GLN C 21 72.74 -11.53 0.27
CA GLN C 21 73.54 -12.04 1.38
C GLN C 21 72.65 -12.71 2.42
N LEU C 22 71.39 -12.28 2.50
CA LEU C 22 70.50 -12.87 3.49
C LEU C 22 70.39 -14.36 3.30
N LEU C 23 70.58 -14.84 2.06
CA LEU C 23 70.62 -16.26 1.77
C LEU C 23 71.86 -16.95 2.34
N ASP C 24 72.84 -16.18 2.81
CA ASP C 24 74.05 -16.75 3.41
C ASP C 24 73.74 -17.12 4.86
N PHE C 25 73.60 -18.42 5.11
CA PHE C 25 73.35 -18.92 6.45
C PHE C 25 74.62 -19.02 7.29
N SER C 26 75.79 -18.74 6.70
CA SER C 26 77.03 -18.69 7.45
C SER C 26 77.22 -17.39 8.21
N GLN C 27 76.32 -16.42 8.04
CA GLN C 27 76.42 -15.12 8.68
C GLN C 27 75.20 -14.88 9.55
N LYS C 28 75.39 -14.11 10.61
CA LYS C 28 74.28 -13.82 11.52
C LYS C 28 73.21 -13.02 10.79
N LEU C 29 71.95 -13.36 11.05
CA LEU C 29 70.83 -12.75 10.37
C LEU C 29 70.56 -11.37 10.97
N ASP C 30 70.70 -10.33 10.14
CA ASP C 30 70.39 -8.97 10.57
C ASP C 30 68.87 -8.84 10.54
N ILE C 31 68.24 -8.97 11.71
CA ILE C 31 66.78 -8.90 11.78
C ILE C 31 66.30 -7.52 11.34
N ASN C 32 67.04 -6.47 11.68
CA ASN C 32 66.65 -5.14 11.24
C ASN C 32 66.68 -5.03 9.72
N LEU C 33 67.63 -5.72 9.08
CA LEU C 33 67.68 -5.72 7.62
C LEU C 33 66.43 -6.36 7.04
N LEU C 34 66.01 -7.49 7.59
CA LEU C 34 64.79 -8.14 7.11
C LEU C 34 63.58 -7.27 7.38
N ASP C 35 63.55 -6.58 8.52
CA ASP C 35 62.46 -5.64 8.79
C ASP C 35 62.41 -4.55 7.74
N ASN C 36 63.57 -4.00 7.37
CA ASN C 36 63.60 -2.99 6.32
C ASN C 36 63.11 -3.58 5.01
N VAL C 37 63.49 -4.83 4.71
CA VAL C 37 63.05 -5.47 3.48
C VAL C 37 61.54 -5.58 3.46
N VAL C 38 60.94 -6.00 4.58
CA VAL C 38 59.49 -6.17 4.63
C VAL C 38 58.80 -4.82 4.53
N ASN C 39 59.37 -3.80 5.17
CA ASN C 39 58.82 -2.46 5.06
C ASN C 39 58.84 -1.98 3.62
N CYS C 40 59.93 -2.24 2.90
CA CYS C 40 60.00 -1.88 1.49
C CYS C 40 58.97 -2.68 0.68
N LEU C 41 58.79 -3.96 1.03
CA LEU C 41 57.77 -4.75 0.34
C LEU C 41 56.40 -4.11 0.49
N TYR C 42 56.02 -3.76 1.72
CA TYR C 42 54.68 -3.26 1.99
C TYR C 42 54.52 -1.77 1.70
N HIS C 43 55.61 -1.06 1.41
CA HIS C 43 55.55 0.35 1.06
C HIS C 43 56.37 0.74 -0.15
N GLY C 44 57.33 -0.08 -0.58
CA GLY C 44 58.09 0.21 -1.76
C GLY C 44 57.35 -0.14 -3.04
N GLU C 45 57.92 0.32 -4.15
CA GLU C 45 57.28 0.20 -5.46
C GLU C 45 58.32 -0.11 -6.52
N GLY C 46 57.82 -0.62 -7.64
CA GLY C 46 58.69 -0.85 -8.79
C GLY C 46 59.82 -1.80 -8.48
N ALA C 47 61.02 -1.43 -8.92
CA ALA C 47 62.15 -2.34 -8.85
C ALA C 47 62.45 -2.77 -7.42
N GLN C 48 62.34 -1.84 -6.47
CA GLN C 48 62.63 -2.18 -5.08
C GLN C 48 61.66 -3.22 -4.55
N GLN C 49 60.37 -3.01 -4.78
CA GLN C 49 59.38 -4.00 -4.36
C GLN C 49 59.61 -5.34 -5.06
N ARG C 50 59.93 -5.31 -6.35
CA ARG C 50 60.17 -6.54 -7.09
C ARG C 50 61.35 -7.31 -6.48
N MET C 51 62.46 -6.62 -6.25
CA MET C 51 63.64 -7.29 -5.71
C MET C 51 63.37 -7.81 -4.30
N ALA C 52 62.67 -7.03 -3.49
CA ALA C 52 62.34 -7.47 -2.15
C ALA C 52 61.52 -8.76 -2.20
N GLN C 53 60.49 -8.79 -3.06
CA GLN C 53 59.66 -9.98 -3.17
C GLN C 53 60.45 -11.17 -3.67
N GLU C 54 61.31 -10.95 -4.66
CA GLU C 54 62.11 -12.05 -5.19
C GLU C 54 63.03 -12.63 -4.13
N VAL C 55 63.72 -11.77 -3.38
CA VAL C 55 64.62 -12.25 -2.35
C VAL C 55 63.85 -12.98 -1.26
N LEU C 56 62.70 -12.44 -0.86
CA LEU C 56 61.91 -13.08 0.19
C LEU C 56 61.43 -14.46 -0.27
N THR C 57 60.98 -14.57 -1.53
CA THR C 57 60.56 -15.86 -2.04
C THR C 57 61.73 -16.84 -2.08
N HIS C 58 62.89 -16.37 -2.53
CA HIS C 58 64.05 -17.25 -2.59
C HIS C 58 64.41 -17.75 -1.19
N LEU C 59 64.40 -16.87 -0.20
CA LEU C 59 64.68 -17.28 1.17
C LEU C 59 63.66 -18.29 1.66
N LYS C 60 62.38 -18.02 1.43
CA LYS C 60 61.35 -18.98 1.80
C LYS C 60 61.61 -20.35 1.16
N GLU C 61 62.10 -20.35 -0.07
CA GLU C 61 62.37 -21.61 -0.76
C GLU C 61 63.55 -22.36 -0.18
N HIS C 62 64.40 -21.70 0.59
CA HIS C 62 65.61 -22.35 1.08
C HIS C 62 65.23 -23.46 2.06
N PRO C 63 65.93 -24.59 2.06
CA PRO C 63 65.58 -25.65 3.00
C PRO C 63 65.86 -25.30 4.45
N ASP C 64 67.01 -24.69 4.73
CA ASP C 64 67.46 -24.43 6.09
C ASP C 64 66.94 -23.13 6.66
N ALA C 65 65.97 -22.48 5.98
CA ALA C 65 65.43 -21.23 6.49
C ALA C 65 64.91 -21.41 7.92
N TRP C 66 64.27 -22.54 8.19
CA TRP C 66 63.75 -22.80 9.53
C TRP C 66 64.82 -22.67 10.59
N THR C 67 66.08 -22.95 10.25
CA THR C 67 67.16 -22.86 11.23
C THR C 67 67.22 -21.47 11.86
N ARG C 68 66.80 -20.43 11.15
CA ARG C 68 66.76 -19.09 11.71
C ARG C 68 65.37 -18.66 12.13
N VAL C 69 64.33 -19.39 11.73
CA VAL C 69 62.97 -18.91 11.97
C VAL C 69 62.76 -18.66 13.47
N ASP C 70 63.12 -19.64 14.30
CA ASP C 70 62.97 -19.45 15.73
C ASP C 70 63.70 -18.19 16.19
N THR C 71 64.94 -18.03 15.74
CA THR C 71 65.72 -16.86 16.14
C THR C 71 64.98 -15.58 15.81
N ILE C 72 64.23 -15.56 14.71
CA ILE C 72 63.47 -14.37 14.35
C ILE C 72 62.46 -14.04 15.45
N LEU C 73 61.68 -15.03 15.86
CA LEU C 73 60.54 -14.74 16.71
C LEU C 73 60.98 -14.24 18.07
N GLU C 74 62.11 -14.72 18.57
CA GLU C 74 62.61 -14.22 19.84
C GLU C 74 63.02 -12.76 19.73
N PHE C 75 63.67 -12.39 18.61
CA PHE C 75 64.17 -11.04 18.42
C PHE C 75 63.24 -10.14 17.61
N SER C 76 62.42 -10.72 16.74
CA SER C 76 61.65 -9.93 15.79
C SER C 76 60.73 -8.96 16.51
N GLN C 77 60.63 -7.75 15.97
CA GLN C 77 59.70 -6.74 16.45
C GLN C 77 58.61 -6.42 15.44
N ASN C 78 58.74 -6.88 14.20
CA ASN C 78 57.79 -6.61 13.14
C ASN C 78 56.85 -7.79 12.99
N MET C 79 55.56 -7.55 13.27
CA MET C 79 54.58 -8.63 13.17
C MET C 79 54.60 -9.26 11.78
N ASN C 80 54.80 -8.46 10.73
CA ASN C 80 54.82 -9.00 9.38
C ASN C 80 56.04 -9.90 9.17
N THR C 81 57.20 -9.50 9.68
CA THR C 81 58.37 -10.37 9.62
C THR C 81 58.11 -11.67 10.37
N LYS C 82 57.45 -11.57 11.52
CA LYS C 82 57.07 -12.78 12.25
C LYS C 82 56.17 -13.66 11.42
N TYR C 83 55.21 -13.05 10.71
CA TYR C 83 54.32 -13.82 9.85
C TYR C 83 55.09 -14.52 8.74
N TYR C 84 56.08 -13.84 8.15
CA TYR C 84 56.87 -14.47 7.10
C TYR C 84 57.67 -15.65 7.65
N GLY C 85 58.26 -15.47 8.83
CA GLY C 85 58.92 -16.60 9.48
C GLY C 85 57.97 -17.74 9.75
N LEU C 86 56.74 -17.41 10.17
CA LEU C 86 55.74 -18.44 10.40
C LEU C 86 55.39 -19.16 9.10
N GLN C 87 55.35 -18.44 7.99
CA GLN C 87 55.09 -19.09 6.71
C GLN C 87 56.21 -20.04 6.34
N ILE C 88 57.46 -19.64 6.58
CA ILE C 88 58.58 -20.55 6.37
C ILE C 88 58.39 -21.81 7.22
N LEU C 89 58.06 -21.63 8.49
CA LEU C 89 57.88 -22.76 9.38
C LEU C 89 56.73 -23.64 8.93
N GLU C 90 55.65 -23.03 8.44
CA GLU C 90 54.52 -23.78 7.94
C GLU C 90 54.87 -24.62 6.73
N ASN C 91 55.64 -24.03 5.80
CA ASN C 91 56.14 -24.81 4.67
C ASN C 91 56.95 -26.01 5.16
N VAL C 92 57.87 -25.76 6.11
CA VAL C 92 58.70 -26.83 6.62
C VAL C 92 57.84 -27.92 7.24
N ILE C 93 56.84 -27.53 8.03
CA ILE C 93 55.98 -28.51 8.68
C ILE C 93 55.22 -29.33 7.65
N LYS C 94 54.65 -28.67 6.65
CA LYS C 94 53.89 -29.40 5.64
C LYS C 94 54.76 -30.32 4.80
N THR C 95 56.04 -29.99 4.65
CA THR C 95 56.86 -30.68 3.66
C THR C 95 57.80 -31.71 4.25
N ARG C 96 58.39 -31.46 5.42
CA ARG C 96 59.47 -32.29 5.91
C ARG C 96 59.38 -32.57 7.41
N TRP C 97 58.19 -32.42 8.01
CA TRP C 97 58.05 -32.77 9.42
C TRP C 97 58.39 -34.22 9.67
N LYS C 98 58.11 -35.10 8.71
CA LYS C 98 58.26 -36.53 8.94
C LYS C 98 59.72 -36.95 8.98
N ILE C 99 60.60 -36.26 8.25
CA ILE C 99 61.99 -36.68 8.12
C ILE C 99 62.91 -36.00 9.11
N LEU C 100 62.47 -34.92 9.75
CA LEU C 100 63.35 -34.19 10.64
C LEU C 100 63.58 -34.99 11.93
N PRO C 101 64.68 -34.73 12.63
CA PRO C 101 64.91 -35.43 13.90
C PRO C 101 63.76 -35.20 14.87
N ARG C 102 63.34 -36.28 15.54
CA ARG C 102 62.20 -36.19 16.43
C ARG C 102 62.45 -35.18 17.55
N ASN C 103 63.68 -35.11 18.04
CA ASN C 103 63.99 -34.22 19.16
C ASN C 103 63.67 -32.77 18.79
N GLN C 104 64.15 -32.31 17.65
CA GLN C 104 63.90 -30.92 17.28
C GLN C 104 62.45 -30.71 16.84
N CYS C 105 61.81 -31.75 16.30
CA CYS C 105 60.37 -31.65 16.04
C CYS C 105 59.62 -31.34 17.32
N GLU C 106 59.90 -32.10 18.38
CA GLU C 106 59.24 -31.86 19.66
C GLU C 106 59.64 -30.51 20.23
N GLY C 107 60.91 -30.12 20.05
CA GLY C 107 61.33 -28.80 20.50
C GLY C 107 60.52 -27.70 19.85
N ILE C 108 60.36 -27.77 18.54
CA ILE C 108 59.57 -26.77 17.82
C ILE C 108 58.12 -26.79 18.29
N LYS C 109 57.57 -28.00 18.47
CA LYS C 109 56.18 -28.12 18.93
C LYS C 109 56.00 -27.41 20.26
N LYS C 110 56.83 -27.74 21.23
CA LYS C 110 56.69 -27.15 22.56
C LYS C 110 56.99 -25.66 22.52
N TYR C 111 57.92 -25.23 21.66
CA TYR C 111 58.19 -23.82 21.50
C TYR C 111 56.95 -23.08 21.04
N VAL C 112 56.29 -23.58 19.99
CA VAL C 112 55.12 -22.89 19.46
C VAL C 112 53.99 -22.90 20.47
N VAL C 113 53.82 -24.01 21.19
CA VAL C 113 52.74 -24.07 22.18
C VAL C 113 52.99 -23.08 23.30
N GLY C 114 54.23 -23.00 23.78
CA GLY C 114 54.56 -22.04 24.81
C GLY C 114 54.37 -20.61 24.33
N LEU C 115 54.74 -20.34 23.09
CA LEU C 115 54.51 -19.00 22.54
C LEU C 115 53.02 -18.69 22.48
N ILE C 116 52.21 -19.68 22.12
CA ILE C 116 50.77 -19.48 22.09
C ILE C 116 50.26 -19.12 23.47
N ILE C 117 50.72 -19.86 24.49
CA ILE C 117 50.26 -19.60 25.86
C ILE C 117 50.69 -18.21 26.31
N LYS C 118 51.96 -17.86 26.09
CA LYS C 118 52.44 -16.54 26.47
C LYS C 118 51.62 -15.45 25.80
N THR C 119 51.36 -15.58 24.50
CA THR C 119 50.57 -14.59 23.80
C THR C 119 49.16 -14.49 24.38
N SER C 120 48.57 -15.65 24.70
CA SER C 120 47.25 -15.65 25.33
C SER C 120 47.28 -15.04 26.72
N SER C 121 48.45 -14.96 27.34
CA SER C 121 48.53 -14.36 28.68
C SER C 121 48.25 -12.87 28.65
N ASP C 122 48.59 -12.18 27.55
CA ASP C 122 48.41 -10.74 27.47
C ASP C 122 47.15 -10.43 26.70
N PRO C 123 46.15 -9.77 27.30
CA PRO C 123 44.94 -9.42 26.52
C PRO C 123 45.24 -8.53 25.32
N THR C 124 46.24 -7.66 25.41
CA THR C 124 46.52 -6.74 24.31
C THR C 124 46.78 -7.51 23.03
N CYS C 125 47.60 -8.56 23.08
CA CYS C 125 47.90 -9.34 21.89
C CYS C 125 46.64 -9.86 21.22
N VAL C 126 45.58 -10.10 22.00
CA VAL C 126 44.34 -10.60 21.43
C VAL C 126 43.80 -9.62 20.38
N GLU C 127 44.08 -8.34 20.54
CA GLU C 127 43.63 -7.31 19.59
C GLU C 127 44.73 -6.90 18.63
N LYS C 128 45.91 -6.54 19.15
CA LYS C 128 46.95 -5.97 18.30
C LYS C 128 47.51 -7.00 17.33
N GLU C 129 47.64 -8.25 17.76
CA GLU C 129 48.32 -9.27 16.96
C GLU C 129 47.39 -10.43 16.64
N LYS C 130 46.18 -10.10 16.16
CA LYS C 130 45.23 -11.15 15.80
C LYS C 130 45.79 -12.03 14.68
N VAL C 131 46.40 -11.41 13.67
CA VAL C 131 46.93 -12.18 12.55
C VAL C 131 48.03 -13.13 13.03
N TYR C 132 48.90 -12.64 13.92
CA TYR C 132 49.97 -13.47 14.45
C TYR C 132 49.39 -14.68 15.18
N ILE C 133 48.39 -14.46 16.03
CA ILE C 133 47.79 -15.55 16.77
C ILE C 133 47.13 -16.54 15.82
N GLY C 134 46.42 -16.03 14.81
CA GLY C 134 45.78 -16.92 13.86
C GLY C 134 46.78 -17.78 13.09
N LYS C 135 47.90 -17.19 12.69
CA LYS C 135 48.90 -17.96 11.99
C LYS C 135 49.53 -19.00 12.91
N LEU C 136 49.77 -18.64 14.16
CA LEU C 136 50.26 -19.62 15.13
C LEU C 136 49.26 -20.76 15.28
N ASN C 137 47.97 -20.43 15.33
CA ASN C 137 46.95 -21.46 15.47
C ASN C 137 46.95 -22.39 14.27
N MET C 138 47.08 -21.84 13.07
CA MET C 138 47.16 -22.67 11.88
C MET C 138 48.40 -23.56 11.91
N ILE C 139 49.52 -23.02 12.37
CA ILE C 139 50.72 -23.84 12.49
C ILE C 139 50.44 -25.02 13.41
N LEU C 140 49.90 -24.73 14.59
CA LEU C 140 49.62 -25.80 15.54
C LEU C 140 48.65 -26.81 14.93
N VAL C 141 47.71 -26.33 14.12
CA VAL C 141 46.82 -27.27 13.42
C VAL C 141 47.61 -28.17 12.49
N GLN C 142 48.63 -27.62 11.83
CA GLN C 142 49.47 -28.44 10.96
C GLN C 142 50.22 -29.51 11.75
N ILE C 143 50.82 -29.12 12.87
CA ILE C 143 51.48 -30.10 13.73
C ILE C 143 50.50 -31.17 14.19
N LEU C 144 49.30 -30.77 14.57
CA LEU C 144 48.29 -31.74 14.99
C LEU C 144 47.96 -32.70 13.84
N LYS C 145 47.78 -32.17 12.63
CA LYS C 145 47.57 -33.01 11.47
C LYS C 145 48.70 -34.02 11.30
N GLN C 146 49.94 -33.58 11.49
CA GLN C 146 51.08 -34.48 11.28
C GLN C 146 51.20 -35.51 12.38
N GLU C 147 50.80 -35.17 13.61
CA GLU C 147 51.09 -36.00 14.78
C GLU C 147 49.83 -36.54 15.44
N TRP C 148 48.83 -35.71 15.64
CA TRP C 148 47.66 -36.13 16.41
C TRP C 148 46.92 -37.23 15.67
N PRO C 149 46.36 -38.22 16.37
CA PRO C 149 46.40 -38.47 17.82
C PRO C 149 47.59 -39.31 18.24
N LYS C 150 48.41 -39.75 17.28
CA LYS C 150 49.44 -40.73 17.59
C LYS C 150 50.41 -40.20 18.63
N HIS C 151 50.98 -39.02 18.40
CA HIS C 151 52.00 -38.47 19.27
C HIS C 151 51.47 -37.36 20.18
N TRP C 152 50.17 -37.11 20.15
CA TRP C 152 49.57 -36.26 21.17
C TRP C 152 48.16 -36.78 21.46
N PRO C 153 48.03 -38.06 21.83
CA PRO C 153 46.69 -38.60 22.09
C PRO C 153 45.96 -37.88 23.21
N THR C 154 46.70 -37.35 24.18
CA THR C 154 46.10 -36.65 25.31
C THR C 154 45.80 -35.20 25.00
N PHE C 155 45.82 -34.82 23.72
CA PHE C 155 45.65 -33.41 23.35
C PHE C 155 44.34 -32.85 23.91
N ILE C 156 43.23 -33.52 23.63
CA ILE C 156 41.93 -32.96 23.96
C ILE C 156 41.81 -32.72 25.46
N SER C 157 42.19 -33.71 26.26
CA SER C 157 42.07 -33.55 27.71
C SER C 157 42.92 -32.40 28.22
N ASP C 158 44.18 -32.32 27.76
CA ASP C 158 45.07 -31.27 28.23
C ASP C 158 44.55 -29.89 27.85
N ILE C 159 44.14 -29.75 26.59
CA ILE C 159 43.68 -28.43 26.13
C ILE C 159 42.39 -28.05 26.82
N VAL C 160 41.51 -29.02 27.07
CA VAL C 160 40.25 -28.74 27.76
C VAL C 160 40.54 -28.28 29.19
N GLY C 161 41.46 -28.95 29.87
CA GLY C 161 41.81 -28.53 31.21
C GLY C 161 42.38 -27.13 31.23
N ALA C 162 43.30 -26.84 30.30
CA ALA C 162 43.85 -25.50 30.21
C ALA C 162 42.75 -24.48 29.97
N SER C 163 41.82 -24.79 29.07
CA SER C 163 40.70 -23.90 28.79
C SER C 163 39.91 -23.63 30.06
N ARG C 164 39.50 -24.68 30.77
CA ARG C 164 38.76 -24.50 32.01
C ARG C 164 39.57 -23.75 33.05
N THR C 165 40.90 -23.71 32.90
CA THR C 165 41.71 -22.94 33.84
C THR C 165 41.55 -21.44 33.63
N SER C 166 41.56 -20.99 32.37
CA SER C 166 41.54 -19.56 32.07
C SER C 166 40.57 -19.27 30.95
N GLU C 167 39.87 -18.14 31.05
CA GLU C 167 38.96 -17.73 29.98
C GLU C 167 39.71 -17.45 28.68
N SER C 168 40.83 -16.74 28.77
CA SER C 168 41.61 -16.46 27.57
C SER C 168 42.13 -17.76 26.95
N LEU C 169 42.64 -18.66 27.78
CA LEU C 169 43.08 -19.95 27.28
C LEU C 169 41.93 -20.70 26.62
N CYS C 170 40.75 -20.65 27.24
CA CYS C 170 39.61 -21.35 26.68
C CYS C 170 39.27 -20.79 25.31
N GLN C 171 39.26 -19.46 25.19
CA GLN C 171 38.91 -18.84 23.92
C GLN C 171 39.93 -19.19 22.84
N ASN C 172 41.21 -19.05 23.14
CA ASN C 172 42.22 -19.38 22.14
C ASN C 172 42.20 -20.86 21.76
N ASN C 173 41.98 -21.76 22.72
CA ASN C 173 42.02 -23.19 22.40
C ASN C 173 40.79 -23.64 21.62
N MET C 174 39.65 -23.06 21.92
CA MET C 174 38.46 -23.28 21.13
C MET C 174 38.62 -22.71 19.72
N VAL C 175 39.31 -21.59 19.59
CA VAL C 175 39.63 -21.11 18.25
C VAL C 175 40.46 -22.18 17.54
N ILE C 176 41.42 -22.77 18.26
CA ILE C 176 42.22 -23.85 17.70
C ILE C 176 41.30 -24.94 17.18
N LEU C 177 40.30 -25.28 17.98
CA LEU C 177 39.39 -26.37 17.59
C LEU C 177 38.61 -25.97 16.34
N LYS C 178 38.19 -24.71 16.24
CA LYS C 178 37.50 -24.25 15.05
C LYS C 178 38.37 -24.43 13.81
N LEU C 179 39.63 -23.98 13.88
CA LEU C 179 40.53 -24.14 12.74
C LEU C 179 40.74 -25.61 12.41
N LEU C 180 40.91 -26.44 13.43
CA LEU C 180 41.14 -27.86 13.20
C LEU C 180 39.94 -28.49 12.51
N SER C 181 38.73 -28.16 12.95
CA SER C 181 37.54 -28.70 12.30
C SER C 181 37.45 -28.22 10.86
N GLU C 182 37.79 -26.95 10.61
CA GLU C 182 37.79 -26.46 9.23
C GLU C 182 38.73 -27.28 8.38
N GLU C 183 39.96 -27.48 8.86
CA GLU C 183 40.95 -28.20 8.07
C GLU C 183 40.64 -29.69 7.95
N VAL C 184 39.86 -30.24 8.86
CA VAL C 184 39.57 -31.68 8.84
C VAL C 184 38.35 -31.98 7.98
N PHE C 185 37.35 -31.11 7.97
CA PHE C 185 36.06 -31.41 7.34
C PHE C 185 35.76 -30.57 6.11
N ASP C 186 36.20 -29.32 6.08
CA ASP C 186 35.86 -28.42 4.98
C ASP C 186 36.91 -28.43 3.88
N PHE C 187 38.17 -28.64 4.22
CA PHE C 187 39.28 -28.48 3.28
C PHE C 187 40.18 -29.72 3.27
N SER C 188 39.61 -30.88 3.62
CA SER C 188 40.40 -32.11 3.59
C SER C 188 40.84 -32.44 2.17
N SER C 189 39.92 -32.38 1.21
CA SER C 189 40.27 -32.71 -0.17
C SER C 189 41.36 -31.80 -0.68
N GLY C 190 42.34 -32.39 -1.37
CA GLY C 190 43.42 -31.63 -1.96
C GLY C 190 44.56 -31.30 -1.03
N GLN C 191 44.43 -31.57 0.27
CA GLN C 191 45.48 -31.33 1.23
C GLN C 191 45.86 -32.56 2.04
N ILE C 192 44.98 -33.57 2.11
CA ILE C 192 45.17 -34.71 2.98
C ILE C 192 44.74 -35.97 2.23
N THR C 193 45.43 -37.07 2.50
CA THR C 193 45.06 -38.33 1.88
C THR C 193 43.68 -38.78 2.36
N GLN C 194 43.06 -39.66 1.58
CA GLN C 194 41.74 -40.17 1.94
C GLN C 194 41.81 -40.91 3.29
N VAL C 195 42.77 -41.80 3.44
CA VAL C 195 42.85 -42.61 4.65
C VAL C 195 43.16 -41.74 5.85
N LYS C 196 44.14 -40.83 5.71
CA LYS C 196 44.47 -39.94 6.82
C LYS C 196 43.28 -39.06 7.18
N SER C 197 42.57 -38.55 6.18
CA SER C 197 41.40 -37.73 6.46
C SER C 197 40.36 -38.52 7.24
N LYS C 198 40.09 -39.76 6.81
CA LYS C 198 39.09 -40.57 7.51
C LYS C 198 39.54 -40.85 8.95
N HIS C 199 40.82 -41.16 9.13
CA HIS C 199 41.31 -41.42 10.49
C HIS C 199 41.18 -40.19 11.37
N LEU C 200 41.52 -39.01 10.84
CA LEU C 200 41.37 -37.79 11.60
C LEU C 200 39.92 -37.53 11.96
N LYS C 201 39.01 -37.78 11.00
CA LYS C 201 37.59 -37.61 11.28
C LYS C 201 37.13 -38.54 12.37
N ASP C 202 37.59 -39.79 12.34
CA ASP C 202 37.22 -40.74 13.39
C ASP C 202 37.74 -40.27 14.74
N SER C 203 39.00 -39.82 14.79
CA SER C 203 39.55 -39.35 16.06
C SER C 203 38.75 -38.17 16.60
N MET C 204 38.39 -37.23 15.72
CA MET C 204 37.54 -36.11 16.12
C MET C 204 36.23 -36.61 16.70
N CYS C 205 35.53 -37.48 15.96
CA CYS C 205 34.22 -37.90 16.42
C CYS C 205 34.34 -38.59 17.77
N ASN C 206 35.33 -39.46 17.91
CA ASN C 206 35.50 -40.21 19.15
C ASN C 206 35.82 -39.28 20.33
N GLU C 207 36.53 -38.18 20.08
CA GLU C 207 36.92 -37.29 21.17
C GLU C 207 36.07 -36.02 21.23
N PHE C 208 34.94 -35.99 20.52
CA PHE C 208 34.14 -34.77 20.46
C PHE C 208 33.35 -34.52 21.74
N SER C 209 32.88 -35.57 22.41
CA SER C 209 31.97 -35.38 23.54
C SER C 209 32.54 -34.38 24.54
N GLN C 210 33.84 -34.45 24.80
CA GLN C 210 34.46 -33.48 25.71
C GLN C 210 34.33 -32.07 25.16
N ILE C 211 34.53 -31.89 23.85
CA ILE C 211 34.43 -30.57 23.25
C ILE C 211 33.03 -30.03 23.41
N PHE C 212 32.03 -30.86 23.10
CA PHE C 212 30.64 -30.43 23.24
C PHE C 212 30.32 -30.06 24.66
N GLN C 213 30.76 -30.87 25.62
CA GLN C 213 30.49 -30.57 27.02
C GLN C 213 31.12 -29.25 27.42
N LEU C 214 32.36 -29.01 27.00
CA LEU C 214 33.01 -27.74 27.33
C LEU C 214 32.27 -26.57 26.70
N CYS C 215 31.86 -26.69 25.45
CA CYS C 215 31.15 -25.60 24.78
C CYS C 215 29.86 -25.29 25.51
N GLN C 216 29.08 -26.32 25.83
CA GLN C 216 27.81 -26.10 26.51
C GLN C 216 28.03 -25.51 27.89
N PHE C 217 29.06 -25.98 28.60
CA PHE C 217 29.42 -25.39 29.89
C PHE C 217 29.72 -23.91 29.75
N VAL C 218 30.54 -23.56 28.75
CA VAL C 218 30.93 -22.16 28.57
C VAL C 218 29.71 -21.30 28.29
N MET C 219 28.83 -21.78 27.41
CA MET C 219 27.61 -21.02 27.12
C MET C 219 26.75 -20.87 28.36
N GLU C 220 26.60 -21.94 29.15
CA GLU C 220 25.72 -21.89 30.31
C GLU C 220 26.28 -21.00 31.41
N ASN C 221 27.61 -20.88 31.49
CA ASN C 221 28.25 -20.22 32.62
C ASN C 221 29.02 -18.96 32.24
N SER C 222 29.75 -18.97 31.13
CA SER C 222 30.61 -17.84 30.81
C SER C 222 29.80 -16.59 30.52
N GLN C 223 30.38 -15.44 30.87
CA GLN C 223 29.79 -14.14 30.59
C GLN C 223 30.71 -13.22 29.81
N ASN C 224 31.86 -13.71 29.36
CA ASN C 224 32.79 -12.91 28.57
C ASN C 224 32.28 -12.87 27.13
N ALA C 225 31.68 -11.75 26.75
CA ALA C 225 30.98 -11.68 25.47
C ALA C 225 31.87 -12.01 24.28
N PRO C 226 33.09 -11.50 24.17
CA PRO C 226 33.96 -11.98 23.09
C PRO C 226 34.14 -13.49 23.10
N LEU C 227 34.29 -14.08 24.28
CA LEU C 227 34.42 -15.52 24.37
C LEU C 227 33.16 -16.21 23.88
N VAL C 228 31.99 -15.67 24.23
CA VAL C 228 30.73 -16.22 23.74
C VAL C 228 30.66 -16.13 22.22
N HIS C 229 31.12 -15.01 21.66
CA HIS C 229 31.09 -14.84 20.20
C HIS C 229 31.94 -15.90 19.53
N ALA C 230 33.15 -16.09 20.03
CA ALA C 230 34.03 -17.12 19.48
C ALA C 230 33.40 -18.49 19.66
N THR C 231 32.79 -18.74 20.82
CA THR C 231 32.14 -20.01 21.10
C THR C 231 31.08 -20.32 20.08
N LEU C 232 30.24 -19.32 19.79
CA LEU C 232 29.17 -19.54 18.84
C LEU C 232 29.73 -19.78 17.44
N GLU C 233 30.79 -19.05 17.07
CA GLU C 233 31.45 -19.29 15.78
C GLU C 233 32.01 -20.72 15.69
N THR C 234 32.74 -21.16 16.71
CA THR C 234 33.29 -22.51 16.68
C THR C 234 32.18 -23.53 16.61
N LEU C 235 31.11 -23.34 17.37
CA LEU C 235 29.95 -24.20 17.26
C LEU C 235 29.40 -24.16 15.84
N LEU C 236 29.48 -23.00 15.20
CA LEU C 236 28.96 -22.88 13.84
C LEU C 236 29.69 -23.82 12.91
N ARG C 237 31.02 -23.84 13.00
CA ARG C 237 31.79 -24.81 12.22
C ARG C 237 31.43 -26.23 12.62
N PHE C 238 31.37 -26.51 13.93
CA PHE C 238 31.10 -27.86 14.39
C PHE C 238 29.77 -28.39 13.85
N LEU C 239 28.78 -27.51 13.69
CA LEU C 239 27.45 -27.92 13.29
C LEU C 239 27.39 -28.52 11.89
N ASN C 240 28.45 -28.36 11.10
CA ASN C 240 28.44 -28.94 9.75
C ASN C 240 28.31 -30.45 9.79
N TRP C 241 28.97 -31.10 10.75
CA TRP C 241 29.24 -32.53 10.66
C TRP C 241 28.98 -33.31 11.93
N ILE C 242 28.85 -32.68 13.09
CA ILE C 242 28.85 -33.42 14.36
C ILE C 242 27.63 -34.31 14.46
N PRO C 243 27.67 -35.38 15.26
CA PRO C 243 26.51 -36.27 15.36
C PRO C 243 25.27 -35.53 15.82
N LEU C 244 24.13 -35.92 15.24
CA LEU C 244 22.87 -35.23 15.52
C LEU C 244 22.50 -35.31 17.00
N GLY C 245 22.95 -36.35 17.69
CA GLY C 245 22.66 -36.45 19.11
C GLY C 245 23.07 -35.22 19.90
N TYR C 246 24.21 -34.62 19.52
CA TYR C 246 24.66 -33.39 20.17
C TYR C 246 23.75 -32.20 19.90
N ILE C 247 22.93 -32.26 18.86
CA ILE C 247 22.08 -31.14 18.47
C ILE C 247 20.70 -31.26 19.10
N PHE C 248 20.00 -32.35 18.79
CA PHE C 248 18.59 -32.45 19.11
C PHE C 248 18.30 -33.09 20.46
N GLU C 249 19.28 -33.75 21.07
CA GLU C 249 19.10 -34.37 22.38
C GLU C 249 19.73 -33.55 23.49
N THR C 250 19.83 -32.24 23.31
CA THR C 250 20.52 -31.38 24.27
C THR C 250 19.76 -30.07 24.40
N LYS C 251 20.19 -29.27 25.37
CA LYS C 251 19.65 -27.94 25.61
C LYS C 251 20.20 -26.91 24.64
N LEU C 252 20.88 -27.36 23.58
CA LEU C 252 21.59 -26.44 22.69
C LEU C 252 20.65 -25.42 22.08
N ILE C 253 19.57 -25.89 21.47
CA ILE C 253 18.66 -24.98 20.76
C ILE C 253 18.11 -23.94 21.74
N SER C 254 17.62 -24.40 22.89
CA SER C 254 17.05 -23.48 23.85
C SER C 254 18.10 -22.52 24.37
N THR C 255 19.30 -23.03 24.67
CA THR C 255 20.35 -22.15 25.16
C THR C 255 20.64 -21.04 24.17
N LEU C 256 20.83 -21.39 22.90
CA LEU C 256 21.12 -20.39 21.88
C LEU C 256 19.98 -19.39 21.76
N ILE C 257 18.76 -19.88 21.62
CA ILE C 257 17.63 -18.98 21.37
C ILE C 257 17.43 -18.02 22.54
N TYR C 258 17.48 -18.55 23.76
CA TYR C 258 17.14 -17.72 24.91
C TYR C 258 18.28 -16.81 25.31
N LYS C 259 19.50 -17.35 25.41
CA LYS C 259 20.61 -16.55 25.91
C LYS C 259 21.16 -15.60 24.86
N PHE C 260 21.19 -16.01 23.59
CA PHE C 260 22.03 -15.33 22.62
C PHE C 260 21.28 -14.75 21.44
N LEU C 261 20.12 -15.30 21.07
CA LEU C 261 19.43 -14.80 19.89
C LEU C 261 19.05 -13.34 20.05
N ASN C 262 18.62 -12.94 21.26
CA ASN C 262 18.22 -11.57 21.49
C ASN C 262 19.40 -10.63 21.71
N VAL C 263 20.58 -11.16 22.01
CA VAL C 263 21.75 -10.32 22.25
C VAL C 263 22.26 -9.81 20.91
N PRO C 264 22.39 -8.50 20.72
CA PRO C 264 22.93 -8.02 19.44
C PRO C 264 24.29 -8.61 19.10
N MET C 265 25.14 -8.77 20.10
CA MET C 265 26.50 -9.27 19.86
C MET C 265 26.52 -10.73 19.44
N PHE C 266 25.41 -11.46 19.60
CA PHE C 266 25.37 -12.88 19.30
C PHE C 266 24.24 -13.26 18.36
N ARG C 267 23.38 -12.32 17.99
CA ARG C 267 22.24 -12.67 17.14
C ARG C 267 22.69 -13.23 15.79
N ASN C 268 23.72 -12.64 15.19
CA ASN C 268 24.15 -13.09 13.88
C ASN C 268 24.66 -14.53 13.92
N VAL C 269 25.60 -14.82 14.83
CA VAL C 269 26.15 -16.17 14.89
C VAL C 269 25.08 -17.15 15.32
N SER C 270 24.25 -16.77 16.29
CA SER C 270 23.16 -17.63 16.73
C SER C 270 22.27 -18.00 15.55
N LEU C 271 21.88 -17.00 14.76
CA LEU C 271 20.99 -17.25 13.64
C LEU C 271 21.68 -18.10 12.58
N LYS C 272 22.99 -17.91 12.38
CA LYS C 272 23.72 -18.76 11.46
C LYS C 272 23.68 -20.22 11.91
N CYS C 273 23.92 -20.44 13.21
CA CYS C 273 23.87 -21.79 13.74
C CYS C 273 22.48 -22.40 13.56
N LEU C 274 21.44 -21.61 13.85
CA LEU C 274 20.09 -22.11 13.73
C LEU C 274 19.76 -22.43 12.28
N THR C 275 20.28 -21.63 11.35
CA THR C 275 20.09 -21.93 9.93
C THR C 275 20.75 -23.25 9.56
N GLU C 276 22.02 -23.42 9.92
CA GLU C 276 22.70 -24.66 9.61
C GLU C 276 21.96 -25.85 10.19
N ILE C 277 21.40 -25.69 11.39
CA ILE C 277 20.56 -26.74 11.96
C ILE C 277 19.33 -26.96 11.08
N ALA C 278 18.74 -25.88 10.59
CA ALA C 278 17.53 -25.99 9.78
C ALA C 278 17.76 -26.82 8.53
N GLY C 279 18.98 -26.81 8.00
CA GLY C 279 19.26 -27.59 6.80
C GLY C 279 19.29 -29.08 7.02
N VAL C 280 19.29 -29.53 8.27
CA VAL C 280 19.28 -30.96 8.55
C VAL C 280 17.90 -31.51 8.24
N SER C 281 17.86 -32.58 7.46
CA SER C 281 16.60 -33.17 7.00
C SER C 281 16.48 -34.56 7.60
N VAL C 282 15.79 -34.66 8.73
CA VAL C 282 15.54 -35.92 9.41
C VAL C 282 14.12 -35.87 9.97
N SER C 283 13.42 -37.00 9.88
CA SER C 283 12.06 -37.08 10.40
C SER C 283 12.02 -37.40 11.90
N GLN C 284 13.16 -37.69 12.51
CA GLN C 284 13.19 -38.17 13.89
C GLN C 284 13.07 -37.07 14.92
N TYR C 285 13.32 -35.82 14.54
CA TYR C 285 13.42 -34.72 15.50
C TYR C 285 12.37 -33.65 15.24
N GLU C 286 11.23 -34.05 14.66
CA GLU C 286 10.17 -33.10 14.32
C GLU C 286 9.93 -32.10 15.44
N GLU C 287 9.55 -32.62 16.62
CA GLU C 287 9.21 -31.74 17.74
C GLU C 287 10.31 -30.72 17.97
N GLN C 288 11.57 -31.16 17.93
CA GLN C 288 12.68 -30.23 18.16
C GLN C 288 12.61 -29.08 17.16
N PHE C 289 12.45 -29.40 15.88
CA PHE C 289 12.29 -28.37 14.86
C PHE C 289 11.16 -27.42 15.22
N VAL C 290 10.00 -27.97 15.56
CA VAL C 290 8.85 -27.16 15.94
C VAL C 290 9.24 -26.16 17.01
N THR C 291 9.82 -26.65 18.10
CA THR C 291 10.30 -25.78 19.17
C THR C 291 11.23 -24.70 18.63
N LEU C 292 12.26 -25.13 17.88
CA LEU C 292 13.23 -24.19 17.33
C LEU C 292 12.56 -23.06 16.58
N PHE C 293 11.49 -23.38 15.85
CA PHE C 293 10.77 -22.33 15.13
C PHE C 293 9.98 -21.47 16.09
N THR C 294 9.15 -22.08 16.93
CA THR C 294 8.25 -21.29 17.74
C THR C 294 9.04 -20.32 18.60
N LEU C 295 10.08 -20.82 19.27
CA LEU C 295 10.95 -19.96 20.07
C LEU C 295 11.64 -18.92 19.19
N THR C 296 12.22 -19.33 18.07
CA THR C 296 12.97 -18.37 17.26
C THR C 296 12.08 -17.19 16.89
N MET C 297 10.91 -17.48 16.32
CA MET C 297 9.98 -16.43 15.95
C MET C 297 9.60 -15.58 17.15
N MET C 298 9.33 -16.21 18.30
CA MET C 298 8.98 -15.45 19.49
C MET C 298 10.07 -14.43 19.82
N GLN C 299 11.33 -14.87 19.75
CA GLN C 299 12.43 -13.93 19.99
C GLN C 299 12.48 -12.86 18.92
N LEU C 300 12.32 -13.26 17.66
CA LEU C 300 12.49 -12.32 16.55
C LEU C 300 11.48 -11.18 16.66
N LYS C 301 10.24 -11.50 16.98
CA LYS C 301 9.21 -10.46 17.08
C LYS C 301 9.61 -9.39 18.09
N GLN C 302 10.31 -9.77 19.15
CA GLN C 302 10.85 -8.78 20.07
C GLN C 302 12.05 -8.07 19.47
N MET C 303 12.90 -8.82 18.78
CA MET C 303 14.10 -8.22 18.18
C MET C 303 13.77 -7.39 16.95
N LEU C 304 12.75 -7.80 16.20
CA LEU C 304 12.44 -7.17 14.92
C LEU C 304 10.92 -7.15 14.76
N PRO C 305 10.26 -6.11 15.27
CA PRO C 305 8.79 -6.09 15.19
C PRO C 305 8.31 -6.22 13.76
N LEU C 306 7.22 -6.96 13.59
CA LEU C 306 6.70 -7.21 12.25
C LEU C 306 6.23 -5.94 11.56
N ASN C 307 5.98 -4.87 12.32
CA ASN C 307 5.46 -3.64 11.73
C ASN C 307 6.56 -2.68 11.28
N THR C 308 7.83 -3.04 11.47
CA THR C 308 8.91 -2.19 11.03
C THR C 308 9.11 -2.30 9.54
N ASN C 309 9.61 -1.22 8.94
CA ASN C 309 10.00 -1.22 7.52
C ASN C 309 11.38 -1.83 7.41
N ILE C 310 11.45 -3.10 6.99
CA ILE C 310 12.73 -3.77 6.89
C ILE C 310 13.61 -3.12 5.83
N ARG C 311 13.01 -2.69 4.71
CA ARG C 311 13.79 -2.05 3.66
C ARG C 311 14.47 -0.79 4.18
N LEU C 312 13.72 0.04 4.91
CA LEU C 312 14.31 1.25 5.48
C LEU C 312 15.42 0.91 6.47
N ALA C 313 15.18 -0.08 7.32
CA ALA C 313 16.21 -0.49 8.28
C ALA C 313 17.49 -0.90 7.57
N TYR C 314 17.35 -1.72 6.53
CA TYR C 314 18.51 -2.16 5.75
C TYR C 314 19.22 -0.97 5.11
N SER C 315 18.45 -0.05 4.52
CA SER C 315 19.06 1.12 3.88
C SER C 315 19.82 1.96 4.89
N ASN C 316 19.27 2.14 6.08
CA ASN C 316 19.87 2.96 7.11
C ASN C 316 20.63 2.16 8.16
N GLY C 317 20.48 0.83 8.18
CA GLY C 317 21.17 0.03 9.16
C GLY C 317 22.63 -0.15 8.82
N LYS C 318 23.40 -0.56 9.82
CA LYS C 318 24.83 -0.78 9.65
C LYS C 318 25.07 -2.21 9.17
N ASP C 319 26.34 -2.60 9.08
CA ASP C 319 26.69 -3.91 8.56
C ASP C 319 26.06 -5.02 9.40
N ASP C 320 26.07 -4.87 10.72
CA ASP C 320 25.53 -5.92 11.58
C ASP C 320 24.04 -6.13 11.31
N GLU C 321 23.27 -5.05 11.19
CA GLU C 321 21.84 -5.19 10.96
C GLU C 321 21.57 -5.82 9.60
N GLN C 322 22.29 -5.40 8.57
CA GLN C 322 22.07 -5.95 7.24
C GLN C 322 22.43 -7.44 7.21
N ASN C 323 23.55 -7.80 7.85
CA ASN C 323 23.91 -9.21 7.92
C ASN C 323 22.87 -10.01 8.70
N PHE C 324 22.34 -9.43 9.77
CA PHE C 324 21.30 -10.11 10.53
C PHE C 324 20.06 -10.33 9.69
N ILE C 325 19.68 -9.34 8.89
CA ILE C 325 18.50 -9.50 8.03
C ILE C 325 18.75 -10.57 6.98
N GLN C 326 19.95 -10.56 6.39
CA GLN C 326 20.29 -11.60 5.42
C GLN C 326 20.24 -12.98 6.05
N ASN C 327 20.79 -13.11 7.26
CA ASN C 327 20.77 -14.40 7.95
C ASN C 327 19.34 -14.81 8.31
N LEU C 328 18.49 -13.84 8.63
CA LEU C 328 17.10 -14.12 8.90
C LEU C 328 16.41 -14.68 7.67
N SER C 329 16.64 -14.04 6.52
CA SER C 329 16.10 -14.57 5.27
C SER C 329 16.62 -15.98 5.02
N LEU C 330 17.91 -16.20 5.25
CA LEU C 330 18.48 -17.52 5.05
C LEU C 330 17.80 -18.56 5.93
N PHE C 331 17.69 -18.28 7.22
CA PHE C 331 17.09 -19.24 8.14
C PHE C 331 15.65 -19.52 7.76
N LEU C 332 14.88 -18.47 7.47
CA LEU C 332 13.48 -18.66 7.13
C LEU C 332 13.35 -19.51 5.88
N CYS C 333 14.12 -19.18 4.83
CA CYS C 333 14.07 -19.95 3.61
C CYS C 333 14.40 -21.41 3.87
N THR C 334 15.53 -21.68 4.52
CA THR C 334 15.95 -23.06 4.73
C THR C 334 14.92 -23.83 5.54
N PHE C 335 14.55 -23.28 6.70
CA PHE C 335 13.65 -24.00 7.59
C PHE C 335 12.31 -24.24 6.94
N LEU C 336 11.76 -23.23 6.28
CA LEU C 336 10.46 -23.40 5.63
C LEU C 336 10.55 -24.42 4.51
N LYS C 337 11.59 -24.33 3.67
CA LYS C 337 11.74 -25.29 2.59
C LYS C 337 11.78 -26.71 3.13
N GLU C 338 12.46 -26.93 4.25
CA GLU C 338 12.64 -28.29 4.74
C GLU C 338 11.52 -28.78 5.64
N HIS C 339 10.68 -27.88 6.17
CA HIS C 339 9.72 -28.28 7.20
C HIS C 339 8.35 -27.64 7.04
N ASP C 340 8.02 -27.16 5.83
CA ASP C 340 6.67 -26.66 5.60
C ASP C 340 5.64 -27.76 5.83
N GLN C 341 5.96 -28.98 5.42
CA GLN C 341 5.02 -30.08 5.61
C GLN C 341 4.75 -30.30 7.10
N LEU C 342 5.79 -30.18 7.93
CA LEU C 342 5.62 -30.32 9.37
C LEU C 342 4.77 -29.19 9.94
N ILE C 343 5.13 -27.95 9.62
CA ILE C 343 4.47 -26.81 10.26
C ILE C 343 3.03 -26.68 9.79
N GLU C 344 2.74 -27.07 8.55
CA GLU C 344 1.41 -26.85 7.98
C GLU C 344 0.33 -27.59 8.78
N LYS C 345 0.59 -28.84 9.14
CA LYS C 345 -0.44 -29.68 9.73
C LYS C 345 -0.74 -29.35 11.19
N ARG C 346 0.06 -28.49 11.82
CA ARG C 346 -0.12 -28.15 13.23
C ARG C 346 -0.84 -26.81 13.32
N LEU C 347 -2.13 -26.87 13.71
CA LEU C 347 -2.97 -25.68 13.68
C LEU C 347 -2.48 -24.62 14.66
N ASN C 348 -2.05 -25.03 15.85
CA ASN C 348 -1.68 -24.05 16.86
C ASN C 348 -0.50 -23.20 16.42
N LEU C 349 0.29 -23.65 15.45
CA LEU C 349 1.41 -22.88 14.94
C LEU C 349 1.04 -22.00 13.74
N ARG C 350 -0.18 -22.14 13.22
CA ARG C 350 -0.53 -21.48 11.97
C ARG C 350 -0.22 -19.99 12.03
N GLU C 351 -0.74 -19.32 13.06
CA GLU C 351 -0.49 -17.88 13.18
C GLU C 351 1.00 -17.59 13.13
N THR C 352 1.79 -18.33 13.91
CA THR C 352 3.24 -18.13 13.88
C THR C 352 3.77 -18.30 12.47
N LEU C 353 3.38 -19.37 11.78
CA LEU C 353 3.80 -19.55 10.39
C LEU C 353 3.54 -18.29 9.59
N MET C 354 2.34 -17.73 9.72
CA MET C 354 2.00 -16.57 8.89
C MET C 354 2.95 -15.42 9.20
N GLU C 355 3.28 -15.23 10.48
CA GLU C 355 4.26 -14.20 10.82
C GLU C 355 5.53 -14.37 10.01
N ALA C 356 6.03 -15.60 9.93
CA ALA C 356 7.22 -15.86 9.13
C ALA C 356 7.03 -15.32 7.73
N LEU C 357 5.93 -15.69 7.09
CA LEU C 357 5.65 -15.20 5.74
C LEU C 357 5.70 -13.68 5.72
N HIS C 358 5.02 -13.05 6.67
CA HIS C 358 5.08 -11.59 6.77
C HIS C 358 6.51 -11.10 6.70
N TYR C 359 7.37 -11.64 7.56
CA TYR C 359 8.77 -11.24 7.54
C TYR C 359 9.34 -11.27 6.12
N MET C 360 9.22 -12.41 5.46
CA MET C 360 9.84 -12.53 4.14
C MET C 360 9.33 -11.46 3.20
N LEU C 361 8.03 -11.14 3.27
CA LEU C 361 7.52 -10.08 2.42
C LEU C 361 8.27 -8.79 2.69
N LEU C 362 8.33 -8.37 3.94
CA LEU C 362 9.06 -7.15 4.25
C LEU C 362 10.51 -7.28 3.83
N VAL C 363 11.08 -8.48 4.00
CA VAL C 363 12.47 -8.67 3.59
C VAL C 363 12.60 -8.54 2.09
N SER C 364 11.60 -9.02 1.35
CA SER C 364 11.70 -8.94 -0.09
C SER C 364 11.79 -7.50 -0.56
N GLU C 365 11.36 -6.54 0.26
CA GLU C 365 11.42 -5.15 -0.15
C GLU C 365 12.82 -4.55 -0.05
N VAL C 366 13.78 -5.28 0.54
CA VAL C 366 15.10 -4.71 0.76
C VAL C 366 15.72 -4.31 -0.57
N GLU C 367 16.46 -3.19 -0.56
CA GLU C 367 17.13 -2.70 -1.76
C GLU C 367 18.48 -3.42 -1.95
N GLU C 368 18.39 -4.75 -2.04
CA GLU C 368 19.57 -5.57 -2.25
C GLU C 368 19.19 -6.76 -3.11
N THR C 369 19.93 -6.97 -4.19
CA THR C 369 19.56 -8.03 -5.13
C THR C 369 19.69 -9.41 -4.51
N GLU C 370 20.72 -9.62 -3.69
CA GLU C 370 20.93 -10.94 -3.09
C GLU C 370 19.78 -11.34 -2.18
N ILE C 371 19.32 -10.40 -1.34
CA ILE C 371 18.22 -10.71 -0.43
C ILE C 371 16.97 -11.05 -1.22
N PHE C 372 16.71 -10.28 -2.29
CA PHE C 372 15.55 -10.58 -3.11
C PHE C 372 15.71 -11.92 -3.80
N LYS C 373 16.94 -12.28 -4.18
CA LYS C 373 17.16 -13.61 -4.75
C LYS C 373 16.80 -14.70 -3.76
N ILE C 374 17.21 -14.53 -2.50
CA ILE C 374 16.90 -15.54 -1.49
C ILE C 374 15.39 -15.65 -1.31
N CYS C 375 14.72 -14.50 -1.17
CA CYS C 375 13.28 -14.51 -1.01
C CYS C 375 12.60 -15.16 -2.21
N LEU C 376 13.05 -14.81 -3.42
CA LEU C 376 12.47 -15.40 -4.62
C LEU C 376 12.70 -16.91 -4.65
N GLU C 377 13.87 -17.35 -4.20
CA GLU C 377 14.12 -18.78 -4.12
C GLU C 377 13.08 -19.44 -3.22
N TYR C 378 12.81 -18.83 -2.07
CA TYR C 378 11.83 -19.40 -1.15
C TYR C 378 10.44 -19.42 -1.79
N TRP C 379 10.05 -18.31 -2.42
CA TRP C 379 8.72 -18.24 -3.02
C TRP C 379 8.58 -19.23 -4.16
N ASN C 380 9.63 -19.37 -4.96
CA ASN C 380 9.62 -20.33 -6.06
C ASN C 380 9.51 -21.75 -5.54
N HIS C 381 10.18 -22.05 -4.42
CA HIS C 381 10.03 -23.36 -3.82
C HIS C 381 8.59 -23.57 -3.36
N LEU C 382 7.97 -22.53 -2.82
CA LEU C 382 6.54 -22.63 -2.48
C LEU C 382 5.71 -22.97 -3.71
N ALA C 383 5.88 -22.19 -4.77
CA ALA C 383 5.09 -22.39 -5.98
C ALA C 383 5.28 -23.79 -6.53
N ALA C 384 6.53 -24.25 -6.61
CA ALA C 384 6.80 -25.61 -7.08
C ALA C 384 6.12 -26.63 -6.17
N GLU C 385 6.35 -26.52 -4.86
CA GLU C 385 5.67 -27.41 -3.92
C GLU C 385 4.17 -27.34 -4.09
N LEU C 386 3.65 -26.18 -4.47
CA LEU C 386 2.24 -26.05 -4.83
C LEU C 386 2.07 -26.65 -6.22
N TYR C 387 2.01 -27.98 -6.24
CA TYR C 387 1.82 -28.72 -7.49
C TYR C 387 0.34 -28.71 -7.83
N ARG C 388 -0.02 -28.04 -8.90
CA ARG C 388 -1.42 -27.88 -9.25
C ARG C 388 -1.97 -29.21 -9.71
N GLU C 389 -2.55 -29.97 -8.78
CA GLU C 389 -3.07 -31.28 -9.12
C GLU C 389 -4.14 -31.18 -10.19
N SER C 390 -5.04 -30.20 -10.07
CA SER C 390 -6.01 -29.89 -11.11
C SER C 390 -6.02 -28.39 -11.38
N PRO C 391 -5.16 -27.92 -12.29
CA PRO C 391 -5.22 -26.49 -12.65
C PRO C 391 -6.60 -26.09 -13.13
N PHE C 392 -7.35 -27.06 -13.68
CA PHE C 392 -8.74 -26.80 -14.00
C PHE C 392 -9.56 -26.46 -12.77
N SER C 393 -9.09 -26.82 -11.57
CA SER C 393 -9.72 -26.29 -10.37
C SER C 393 -9.51 -24.78 -10.28
N THR C 394 -8.30 -24.30 -10.56
CA THR C 394 -8.08 -22.86 -10.68
C THR C 394 -9.05 -22.26 -11.69
N SER C 395 -9.13 -22.85 -12.89
CA SER C 395 -10.08 -22.36 -13.87
C SER C 395 -11.52 -22.45 -13.40
N ALA C 396 -11.80 -23.33 -12.43
CA ALA C 396 -13.11 -23.43 -11.81
C ALA C 396 -13.33 -22.37 -10.74
N SER C 397 -12.27 -21.75 -10.25
CA SER C 397 -12.41 -20.68 -9.27
C SER C 397 -13.34 -19.57 -9.74
N PRO C 398 -13.32 -19.16 -11.01
CA PRO C 398 -14.36 -18.24 -11.50
C PRO C 398 -15.74 -18.88 -11.49
N LEU C 399 -16.72 -18.20 -12.09
CA LEU C 399 -18.12 -18.59 -12.02
C LEU C 399 -18.37 -19.98 -12.60
N LEU C 400 -17.32 -20.65 -13.06
CA LEU C 400 -17.41 -22.05 -13.45
C LEU C 400 -17.64 -22.91 -12.20
N SER C 401 -17.58 -24.23 -12.38
CA SER C 401 -17.91 -25.18 -11.31
C SER C 401 -17.29 -24.76 -9.99
N GLY C 402 -18.07 -24.92 -8.91
CA GLY C 402 -17.60 -24.54 -7.60
C GLY C 402 -16.95 -25.68 -6.85
N SER C 403 -17.63 -26.83 -6.77
CA SER C 403 -17.14 -27.92 -5.92
C SER C 403 -15.71 -28.27 -6.28
N GLN C 404 -15.40 -28.32 -7.57
CA GLN C 404 -14.03 -28.63 -7.98
C GLN C 404 -13.06 -27.59 -7.44
N HIS C 405 -13.45 -26.31 -7.51
CA HIS C 405 -12.66 -25.25 -6.91
C HIS C 405 -12.56 -25.41 -5.39
N PHE C 406 -13.61 -25.93 -4.75
CA PHE C 406 -13.55 -26.14 -3.32
C PHE C 406 -12.80 -27.41 -2.94
N ASP C 407 -12.42 -28.23 -3.92
CA ASP C 407 -11.52 -29.34 -3.67
C ASP C 407 -10.06 -28.87 -3.56
N VAL C 408 -9.82 -27.57 -3.60
CA VAL C 408 -8.49 -26.99 -3.48
C VAL C 408 -7.68 -27.72 -2.41
N PRO C 409 -6.47 -28.19 -2.71
CA PRO C 409 -5.70 -28.89 -1.71
C PRO C 409 -5.51 -28.04 -0.47
N PRO C 410 -5.35 -28.68 0.70
CA PRO C 410 -5.28 -27.89 1.94
C PRO C 410 -4.18 -26.84 1.94
N ARG C 411 -3.00 -27.18 1.41
CA ARG C 411 -1.87 -26.26 1.49
C ARG C 411 -2.16 -24.96 0.76
N ARG C 412 -2.76 -25.07 -0.42
CA ARG C 412 -3.17 -23.90 -1.17
C ARG C 412 -4.13 -23.05 -0.35
N GLN C 413 -5.04 -23.70 0.38
CA GLN C 413 -5.95 -22.96 1.27
C GLN C 413 -5.15 -22.22 2.34
N LEU C 414 -4.21 -22.92 2.99
CA LEU C 414 -3.44 -22.31 4.06
C LEU C 414 -2.67 -21.09 3.57
N TYR C 415 -2.17 -21.15 2.35
CA TYR C 415 -1.37 -20.05 1.82
C TYR C 415 -2.20 -19.01 1.07
N LEU C 416 -3.50 -19.24 0.88
CA LEU C 416 -4.33 -18.26 0.21
C LEU C 416 -4.11 -16.84 0.72
N PRO C 417 -4.06 -16.59 2.03
CA PRO C 417 -3.80 -15.22 2.50
C PRO C 417 -2.51 -14.62 1.97
N MET C 418 -1.62 -15.40 1.37
CA MET C 418 -0.32 -14.91 0.93
C MET C 418 -0.08 -15.03 -0.57
N LEU C 419 -0.81 -15.87 -1.30
CA LEU C 419 -0.54 -16.01 -2.73
C LEU C 419 -0.62 -14.67 -3.43
N PHE C 420 -1.69 -13.91 -3.18
CA PHE C 420 -1.81 -12.61 -3.84
C PHE C 420 -0.72 -11.65 -3.37
N LYS C 421 -0.28 -11.78 -2.12
CA LYS C 421 0.81 -10.93 -1.65
C LYS C 421 2.10 -11.21 -2.42
N VAL C 422 2.39 -12.49 -2.64
CA VAL C 422 3.56 -12.86 -3.42
C VAL C 422 3.40 -12.36 -4.86
N ARG C 423 2.20 -12.51 -5.42
CA ARG C 423 1.93 -11.99 -6.75
C ARG C 423 2.29 -10.51 -6.83
N LEU C 424 1.79 -9.73 -5.87
CA LEU C 424 2.05 -8.29 -5.88
C LEU C 424 3.52 -8.01 -5.72
N LEU C 425 4.22 -8.77 -4.86
CA LEU C 425 5.64 -8.54 -4.67
C LEU C 425 6.41 -8.79 -5.97
N MET C 426 6.11 -9.91 -6.64
CA MET C 426 6.72 -10.19 -7.93
C MET C 426 6.48 -9.03 -8.90
N VAL C 427 5.22 -8.62 -9.06
CA VAL C 427 4.89 -7.58 -10.02
C VAL C 427 5.60 -6.28 -9.68
N SER C 428 5.73 -5.98 -8.39
CA SER C 428 6.33 -4.71 -7.99
C SER C 428 7.83 -4.67 -8.23
N ARG C 429 8.52 -5.79 -8.07
CA ARG C 429 9.97 -5.82 -8.15
C ARG C 429 10.47 -6.77 -9.24
N MET C 430 9.74 -6.89 -10.34
CA MET C 430 10.22 -7.71 -11.44
C MET C 430 11.45 -7.07 -12.06
N ALA C 431 12.43 -7.90 -12.39
CA ALA C 431 13.69 -7.42 -12.94
C ALA C 431 13.61 -7.30 -14.46
N LYS C 432 14.64 -6.69 -15.03
CA LYS C 432 14.64 -6.43 -16.47
C LYS C 432 14.71 -7.75 -17.22
N PRO C 433 13.85 -7.96 -18.23
CA PRO C 433 13.84 -9.27 -18.90
C PRO C 433 15.07 -9.51 -19.76
N GLU C 434 15.63 -8.49 -20.38
CA GLU C 434 16.76 -8.65 -21.28
C GLU C 434 17.76 -7.53 -21.02
N GLU C 435 19.04 -7.89 -21.02
CA GLU C 435 20.13 -6.95 -20.77
C GLU C 435 20.96 -6.81 -22.03
N VAL C 436 21.15 -5.57 -22.47
CA VAL C 436 21.91 -5.26 -23.69
C VAL C 436 23.06 -4.35 -23.31
N LEU C 437 24.22 -4.62 -23.90
CA LEU C 437 25.45 -3.91 -23.56
C LEU C 437 26.03 -3.22 -24.79
N VAL C 438 26.67 -2.08 -24.54
CA VAL C 438 27.41 -1.35 -25.57
C VAL C 438 28.84 -1.90 -25.57
N VAL C 439 29.18 -2.69 -26.58
CA VAL C 439 30.43 -3.42 -26.64
C VAL C 439 31.31 -2.77 -27.70
N GLU C 440 32.54 -2.44 -27.32
CA GLU C 440 33.55 -1.93 -28.24
C GLU C 440 34.54 -3.06 -28.50
N ASN C 441 34.42 -3.71 -29.66
CA ASN C 441 35.33 -4.78 -30.01
C ASN C 441 36.73 -4.22 -30.22
N ASP C 442 37.68 -5.13 -30.46
CA ASP C 442 39.05 -4.70 -30.72
C ASP C 442 39.14 -3.81 -31.96
N GLN C 443 38.16 -3.90 -32.86
CA GLN C 443 38.14 -3.09 -34.06
C GLN C 443 37.55 -1.71 -33.85
N GLY C 444 37.18 -1.36 -32.62
CA GLY C 444 36.60 -0.07 -32.34
C GLY C 444 35.15 0.08 -32.74
N GLU C 445 34.47 -1.03 -33.03
CA GLU C 445 33.08 -0.98 -33.45
C GLU C 445 32.17 -1.04 -32.23
N VAL C 446 31.25 -0.09 -32.15
CA VAL C 446 30.30 -0.02 -31.04
C VAL C 446 29.06 -0.80 -31.46
N VAL C 447 28.82 -1.93 -30.81
CA VAL C 447 27.70 -2.80 -31.12
C VAL C 447 26.86 -2.99 -29.87
N ARG C 448 25.64 -3.49 -30.06
CA ARG C 448 24.79 -3.89 -28.95
C ARG C 448 24.80 -5.40 -28.85
N GLU C 449 25.20 -5.91 -27.68
CA GLU C 449 25.29 -7.34 -27.44
C GLU C 449 24.23 -7.74 -26.43
N PHE C 450 23.50 -8.82 -26.73
CA PHE C 450 22.49 -9.36 -25.84
C PHE C 450 23.16 -10.38 -24.92
N MET C 451 23.44 -9.97 -23.69
CA MET C 451 23.98 -10.89 -22.71
C MET C 451 23.03 -12.06 -22.50
N LYS C 452 23.57 -13.22 -22.16
CA LYS C 452 22.78 -14.42 -21.96
C LYS C 452 23.21 -15.13 -20.68
N ASP C 453 22.23 -15.72 -20.00
CA ASP C 453 22.48 -16.58 -18.85
C ASP C 453 23.32 -15.87 -17.80
N THR C 454 23.24 -14.54 -17.75
CA THR C 454 23.82 -13.81 -16.64
C THR C 454 22.99 -14.04 -15.39
N ASP C 455 23.46 -13.47 -14.28
CA ASP C 455 22.73 -13.57 -13.03
C ASP C 455 21.36 -12.92 -13.14
N SER C 456 21.29 -11.74 -13.76
CA SER C 456 20.02 -11.03 -13.87
C SER C 456 19.04 -11.81 -14.72
N ILE C 457 19.51 -12.49 -15.76
CA ILE C 457 18.61 -13.28 -16.60
C ILE C 457 18.03 -14.43 -15.79
N ASN C 458 18.86 -15.09 -14.97
CA ASN C 458 18.33 -16.13 -14.10
C ASN C 458 17.32 -15.55 -13.12
N LEU C 459 17.59 -14.36 -12.58
CA LEU C 459 16.62 -13.70 -11.72
C LEU C 459 15.29 -13.54 -12.43
N TYR C 460 15.32 -13.02 -13.65
CA TYR C 460 14.08 -12.80 -14.39
C TYR C 460 13.37 -14.12 -14.65
N LYS C 461 14.10 -15.15 -15.06
CA LYS C 461 13.46 -16.43 -15.33
C LYS C 461 12.84 -17.01 -14.08
N ASN C 462 13.51 -16.91 -12.94
CA ASN C 462 12.95 -17.41 -11.70
C ASN C 462 11.68 -16.66 -11.33
N MET C 463 11.70 -15.32 -11.45
CA MET C 463 10.51 -14.55 -11.16
C MET C 463 9.37 -14.93 -12.10
N ARG C 464 9.70 -15.11 -13.38
CA ARG C 464 8.70 -15.50 -14.37
C ARG C 464 8.09 -16.85 -14.01
N GLU C 465 8.91 -17.82 -13.62
CA GLU C 465 8.39 -19.13 -13.26
C GLU C 465 7.49 -19.05 -12.05
N THR C 466 7.94 -18.33 -11.01
CA THR C 466 7.11 -18.16 -9.82
C THR C 466 5.77 -17.53 -10.18
N LEU C 467 5.80 -16.44 -10.95
CA LEU C 467 4.56 -15.76 -11.27
C LEU C 467 3.66 -16.60 -12.14
N VAL C 468 4.22 -17.40 -13.05
CA VAL C 468 3.40 -18.26 -13.88
C VAL C 468 2.72 -19.33 -13.04
N TYR C 469 3.46 -19.92 -12.10
CA TYR C 469 2.83 -20.89 -11.22
C TYR C 469 1.71 -20.23 -10.42
N LEU C 470 1.96 -19.03 -9.91
CA LEU C 470 0.92 -18.32 -9.16
C LEU C 470 -0.29 -18.05 -10.04
N THR C 471 -0.06 -17.68 -11.30
CA THR C 471 -1.16 -17.41 -12.22
C THR C 471 -1.95 -18.68 -12.50
N HIS C 472 -1.27 -19.80 -12.73
CA HIS C 472 -1.96 -21.07 -12.88
C HIS C 472 -2.69 -21.46 -11.61
N LEU C 473 -2.30 -20.89 -10.47
CA LEU C 473 -3.02 -21.16 -9.23
C LEU C 473 -4.29 -20.32 -9.16
N ASP C 474 -4.19 -19.03 -9.50
CA ASP C 474 -5.37 -18.20 -9.68
C ASP C 474 -4.97 -17.02 -10.56
N TYR C 475 -5.40 -17.05 -11.82
CA TYR C 475 -4.96 -16.03 -12.77
C TYR C 475 -5.80 -14.78 -12.73
N VAL C 476 -7.06 -14.89 -12.27
CA VAL C 476 -7.93 -13.71 -12.21
C VAL C 476 -7.28 -12.64 -11.33
N ASP C 477 -6.75 -13.05 -10.18
CA ASP C 477 -6.14 -12.10 -9.27
C ASP C 477 -4.94 -11.42 -9.91
N THR C 478 -4.11 -12.19 -10.62
CA THR C 478 -2.95 -11.58 -11.27
C THR C 478 -3.38 -10.60 -12.35
N GLU C 479 -4.32 -11.02 -13.19
CA GLU C 479 -4.87 -10.12 -14.21
C GLU C 479 -5.34 -8.82 -13.59
N ARG C 480 -6.13 -8.91 -12.53
CA ARG C 480 -6.69 -7.69 -11.97
C ARG C 480 -5.63 -6.86 -11.28
N ILE C 481 -4.63 -7.49 -10.67
CA ILE C 481 -3.54 -6.73 -10.08
C ILE C 481 -2.81 -5.93 -11.16
N MET C 482 -2.55 -6.57 -12.29
CA MET C 482 -1.98 -5.86 -13.43
C MET C 482 -2.85 -4.67 -13.80
N THR C 483 -4.16 -4.90 -13.91
CA THR C 483 -5.07 -3.83 -14.31
C THR C 483 -5.06 -2.69 -13.29
N GLU C 484 -5.02 -3.03 -12.00
CA GLU C 484 -5.00 -2.02 -10.95
C GLU C 484 -3.73 -1.19 -11.01
N LYS C 485 -2.59 -1.82 -11.27
CA LYS C 485 -1.35 -1.05 -11.32
C LYS C 485 -1.31 -0.22 -12.60
N LEU C 486 -1.87 -0.74 -13.68
CA LEU C 486 -2.00 0.04 -14.89
C LEU C 486 -2.83 1.29 -14.63
N HIS C 487 -3.95 1.14 -13.92
CA HIS C 487 -4.78 2.30 -13.58
C HIS C 487 -4.00 3.27 -12.70
N ASN C 488 -3.27 2.75 -11.71
CA ASN C 488 -2.41 3.60 -10.90
C ASN C 488 -1.50 4.45 -11.78
N GLN C 489 -0.94 3.85 -12.83
CA GLN C 489 -0.18 4.63 -13.80
C GLN C 489 -1.06 5.64 -14.51
N VAL C 490 -2.28 5.24 -14.90
CA VAL C 490 -3.15 6.13 -15.65
C VAL C 490 -3.51 7.34 -14.82
N ASN C 491 -3.87 7.14 -13.56
CA ASN C 491 -4.34 8.23 -12.72
C ASN C 491 -3.21 9.08 -12.15
N GLY C 492 -1.96 8.76 -12.48
CA GLY C 492 -0.83 9.57 -12.04
C GLY C 492 -0.37 9.31 -10.63
N THR C 493 -0.94 8.31 -9.94
CA THR C 493 -0.50 8.00 -8.59
C THR C 493 0.91 7.41 -8.60
N GLU C 494 1.15 6.43 -9.48
CA GLU C 494 2.41 5.70 -9.51
C GLU C 494 3.21 6.02 -10.77
N TRP C 495 3.00 7.20 -11.33
CA TRP C 495 3.63 7.54 -12.60
C TRP C 495 5.14 7.67 -12.44
N SER C 496 5.88 6.83 -13.15
CA SER C 496 7.32 6.94 -13.27
C SER C 496 7.79 5.94 -14.30
N TRP C 497 8.79 6.33 -15.08
CA TRP C 497 9.32 5.43 -16.11
C TRP C 497 9.65 4.07 -15.52
N LYS C 498 10.32 4.06 -14.37
CA LYS C 498 10.70 2.80 -13.74
C LYS C 498 9.48 1.93 -13.46
N ASN C 499 8.45 2.51 -12.86
CA ASN C 499 7.29 1.72 -12.47
C ASN C 499 6.56 1.18 -13.69
N LEU C 500 6.36 2.01 -14.72
CA LEU C 500 5.67 1.54 -15.91
C LEU C 500 6.49 0.46 -16.61
N ASN C 501 7.81 0.63 -16.67
CA ASN C 501 8.66 -0.39 -17.25
C ASN C 501 8.53 -1.70 -16.51
N THR C 502 8.54 -1.65 -15.18
CA THR C 502 8.41 -2.87 -14.39
C THR C 502 7.06 -3.53 -14.65
N LEU C 503 5.98 -2.73 -14.67
CA LEU C 503 4.66 -3.28 -14.92
C LEU C 503 4.61 -3.98 -16.28
N CYS C 504 5.16 -3.33 -17.30
CA CYS C 504 5.07 -3.90 -18.65
C CYS C 504 5.94 -5.15 -18.78
N TRP C 505 7.13 -5.13 -18.17
CA TRP C 505 7.95 -6.34 -18.14
C TRP C 505 7.19 -7.48 -17.48
N ALA C 506 6.54 -7.20 -16.35
CA ALA C 506 5.78 -8.25 -15.68
C ALA C 506 4.65 -8.75 -16.58
N ILE C 507 3.95 -7.84 -17.24
CA ILE C 507 2.86 -8.23 -18.12
C ILE C 507 3.37 -9.17 -19.20
N GLY C 508 4.51 -8.81 -19.81
CA GLY C 508 5.12 -9.70 -20.77
C GLY C 508 5.52 -11.04 -20.17
N SER C 509 5.95 -11.03 -18.90
CA SER C 509 6.50 -12.24 -18.30
C SER C 509 5.52 -13.40 -18.39
N ILE C 510 4.22 -13.13 -18.29
CA ILE C 510 3.22 -14.19 -18.24
C ILE C 510 2.64 -14.45 -19.62
N SER C 511 3.30 -13.98 -20.68
CA SER C 511 2.79 -14.17 -22.02
C SER C 511 2.52 -15.63 -22.31
N GLY C 512 1.31 -15.92 -22.76
CA GLY C 512 0.93 -17.29 -23.06
C GLY C 512 0.66 -18.15 -21.84
N ALA C 513 0.81 -17.60 -20.64
CA ALA C 513 0.58 -18.37 -19.43
C ALA C 513 -0.91 -18.55 -19.14
N MET C 514 -1.75 -17.72 -19.74
CA MET C 514 -3.18 -17.76 -19.54
C MET C 514 -3.86 -18.32 -20.79
N HIS C 515 -5.13 -18.64 -20.65
CA HIS C 515 -5.90 -19.14 -21.77
C HIS C 515 -6.15 -18.03 -22.79
N GLU C 516 -6.29 -18.42 -24.06
CA GLU C 516 -6.25 -17.42 -25.12
C GLU C 516 -7.39 -16.43 -25.01
N GLU C 517 -8.59 -16.87 -24.63
CA GLU C 517 -9.70 -15.93 -24.53
C GLU C 517 -9.43 -14.89 -23.44
N ASP C 518 -9.10 -15.36 -22.24
CA ASP C 518 -8.81 -14.43 -21.14
C ASP C 518 -7.59 -13.59 -21.45
N GLU C 519 -6.54 -14.19 -22.01
CA GLU C 519 -5.35 -13.43 -22.37
C GLU C 519 -5.70 -12.35 -23.38
N LYS C 520 -6.51 -12.70 -24.38
CA LYS C 520 -6.91 -11.75 -25.40
C LYS C 520 -7.65 -10.57 -24.77
N ARG C 521 -8.65 -10.85 -23.93
CA ARG C 521 -9.43 -9.78 -23.34
C ARG C 521 -8.56 -8.89 -22.46
N PHE C 522 -7.71 -9.51 -21.63
CA PHE C 522 -6.83 -8.75 -20.76
C PHE C 522 -5.87 -7.88 -21.57
N LEU C 523 -5.31 -8.43 -22.64
CA LEU C 523 -4.40 -7.66 -23.47
C LEU C 523 -5.13 -6.50 -24.14
N VAL C 524 -6.36 -6.72 -24.59
CA VAL C 524 -7.13 -5.65 -25.20
C VAL C 524 -7.33 -4.52 -24.20
N THR C 525 -7.72 -4.88 -22.97
CA THR C 525 -7.92 -3.85 -21.95
C THR C 525 -6.63 -3.10 -21.69
N VAL C 526 -5.52 -3.82 -21.54
CA VAL C 526 -4.24 -3.19 -21.24
C VAL C 526 -3.85 -2.24 -22.36
N ILE C 527 -3.96 -2.70 -23.61
CA ILE C 527 -3.52 -1.90 -24.74
C ILE C 527 -4.39 -0.66 -24.87
N LYS C 528 -5.70 -0.81 -24.65
CA LYS C 528 -6.59 0.34 -24.76
C LYS C 528 -6.27 1.37 -23.69
N ASP C 529 -6.03 0.93 -22.46
CA ASP C 529 -5.68 1.87 -21.40
C ASP C 529 -4.34 2.54 -21.69
N LEU C 530 -3.37 1.78 -22.21
CA LEU C 530 -2.08 2.36 -22.54
C LEU C 530 -2.20 3.40 -23.64
N LEU C 531 -3.04 3.12 -24.65
CA LEU C 531 -3.26 4.12 -25.70
C LEU C 531 -3.90 5.36 -25.14
N GLY C 532 -4.87 5.20 -24.24
CA GLY C 532 -5.44 6.37 -23.58
C GLY C 532 -4.40 7.16 -22.83
N LEU C 533 -3.51 6.46 -22.12
CA LEU C 533 -2.44 7.15 -21.40
C LEU C 533 -1.54 7.91 -22.36
N CYS C 534 -1.20 7.29 -23.49
CA CYS C 534 -0.39 7.99 -24.48
C CYS C 534 -1.10 9.24 -24.96
N GLU C 535 -2.40 9.15 -25.21
CA GLU C 535 -3.16 10.34 -25.60
C GLU C 535 -3.08 11.40 -24.52
N GLN C 536 -3.10 10.98 -23.25
CA GLN C 536 -3.12 11.92 -22.14
C GLN C 536 -1.87 12.79 -22.12
N LYS C 537 -0.70 12.19 -22.34
CA LYS C 537 0.55 12.86 -22.05
C LYS C 537 0.95 13.83 -23.16
N ARG C 538 1.70 14.86 -22.78
CA ARG C 538 2.60 15.54 -23.69
C ARG C 538 4.04 15.41 -23.20
N GLY C 539 4.95 15.68 -24.13
CA GLY C 539 6.37 15.46 -23.92
C GLY C 539 6.87 14.27 -24.71
N LYS C 540 7.96 14.45 -25.46
CA LYS C 540 8.47 13.38 -26.29
C LYS C 540 8.91 12.20 -25.44
N ASP C 541 9.55 12.49 -24.30
CA ASP C 541 10.16 11.43 -23.51
C ASP C 541 9.11 10.43 -23.04
N ASN C 542 8.05 10.93 -22.42
CA ASN C 542 7.04 10.04 -21.86
C ASN C 542 6.34 9.25 -22.96
N LYS C 543 6.03 9.91 -24.08
CA LYS C 543 5.36 9.21 -25.16
C LYS C 543 6.25 8.11 -25.72
N ALA C 544 7.55 8.39 -25.88
CA ALA C 544 8.47 7.39 -26.36
C ALA C 544 8.57 6.21 -25.39
N ILE C 545 8.63 6.50 -24.10
CA ILE C 545 8.68 5.43 -23.10
C ILE C 545 7.45 4.55 -23.21
N ILE C 546 6.27 5.17 -23.29
CA ILE C 546 5.03 4.41 -23.37
C ILE C 546 5.01 3.56 -24.63
N ALA C 547 5.41 4.15 -25.77
CA ALA C 547 5.42 3.40 -27.01
C ALA C 547 6.38 2.21 -26.93
N SER C 548 7.58 2.44 -26.40
CA SER C 548 8.54 1.36 -26.27
C SER C 548 7.97 0.23 -25.43
N ASN C 549 7.37 0.56 -24.29
CA ASN C 549 6.81 -0.46 -23.43
C ASN C 549 5.67 -1.22 -24.11
N ILE C 550 4.80 -0.49 -24.79
CA ILE C 550 3.68 -1.14 -25.48
C ILE C 550 4.21 -2.11 -26.54
N MET C 551 5.22 -1.68 -27.30
CA MET C 551 5.75 -2.53 -28.35
C MET C 551 6.41 -3.77 -27.75
N TYR C 552 7.15 -3.60 -26.66
CA TYR C 552 7.71 -4.76 -25.97
C TYR C 552 6.60 -5.73 -25.59
N ILE C 553 5.52 -5.20 -25.00
CA ILE C 553 4.43 -6.06 -24.55
C ILE C 553 3.84 -6.83 -25.71
N VAL C 554 3.51 -6.14 -26.79
CA VAL C 554 2.89 -6.82 -27.93
C VAL C 554 3.83 -7.86 -28.50
N GLY C 555 5.13 -7.56 -28.54
CA GLY C 555 6.09 -8.57 -28.95
C GLY C 555 6.02 -9.82 -28.10
N GLN C 556 5.81 -9.66 -26.80
CA GLN C 556 5.75 -10.79 -25.89
C GLN C 556 4.53 -11.68 -26.10
N TYR C 557 3.55 -11.26 -26.89
CA TYR C 557 2.27 -11.98 -27.00
C TYR C 557 2.03 -12.35 -28.46
N PRO C 558 2.83 -13.27 -29.00
CA PRO C 558 2.67 -13.64 -30.40
C PRO C 558 1.36 -14.30 -30.73
N ARG C 559 0.76 -15.04 -29.78
CA ARG C 559 -0.46 -15.77 -30.09
C ARG C 559 -1.57 -14.82 -30.51
N PHE C 560 -1.80 -13.78 -29.71
CA PHE C 560 -2.79 -12.77 -30.08
C PHE C 560 -2.50 -12.18 -31.45
N LEU C 561 -1.22 -11.91 -31.74
CA LEU C 561 -0.85 -11.36 -33.03
C LEU C 561 -1.26 -12.29 -34.17
N ARG C 562 -0.94 -13.58 -34.03
CA ARG C 562 -1.32 -14.53 -35.07
C ARG C 562 -2.82 -14.67 -35.22
N ALA C 563 -3.59 -14.31 -34.19
CA ALA C 563 -5.04 -14.38 -34.27
C ALA C 563 -5.66 -13.17 -34.96
N HIS C 564 -4.87 -12.17 -35.32
CA HIS C 564 -5.42 -10.90 -35.79
C HIS C 564 -4.46 -10.33 -36.84
N TRP C 565 -4.77 -10.57 -38.12
CA TRP C 565 -3.93 -10.05 -39.18
C TRP C 565 -3.87 -8.53 -39.16
N LYS C 566 -5.04 -7.89 -38.99
CA LYS C 566 -5.08 -6.43 -39.03
C LYS C 566 -4.22 -5.84 -37.93
N PHE C 567 -4.23 -6.45 -36.74
CA PHE C 567 -3.38 -5.98 -35.66
C PHE C 567 -1.91 -6.08 -36.05
N LEU C 568 -1.52 -7.18 -36.69
CA LEU C 568 -0.14 -7.34 -37.13
C LEU C 568 0.24 -6.25 -38.12
N LYS C 569 -0.63 -6.00 -39.10
CA LYS C 569 -0.33 -4.98 -40.10
C LYS C 569 -0.19 -3.62 -39.42
N THR C 570 -1.09 -3.34 -38.47
CA THR C 570 -1.04 -2.07 -37.74
C THR C 570 0.26 -1.92 -36.97
N VAL C 571 0.68 -2.98 -36.29
CA VAL C 571 1.91 -2.93 -35.52
C VAL C 571 3.10 -2.68 -36.44
N VAL C 572 3.16 -3.39 -37.56
CA VAL C 572 4.31 -3.26 -38.45
C VAL C 572 4.33 -1.89 -39.11
N ASN C 573 3.17 -1.37 -39.51
CA ASN C 573 3.14 -0.03 -40.08
C ASN C 573 3.57 1.02 -39.05
N LYS C 574 3.15 0.86 -37.80
CA LYS C 574 3.57 1.81 -36.78
C LYS C 574 5.06 1.67 -36.50
N LEU C 575 5.59 0.44 -36.60
CA LEU C 575 7.04 0.25 -36.52
C LEU C 575 7.75 1.01 -37.63
N PHE C 576 7.21 0.95 -38.85
CA PHE C 576 7.83 1.68 -39.94
C PHE C 576 7.78 3.18 -39.69
N GLU C 577 6.67 3.66 -39.13
CA GLU C 577 6.61 5.06 -38.75
C GLU C 577 7.67 5.40 -37.72
N PHE C 578 7.85 4.54 -36.71
CA PHE C 578 8.85 4.76 -35.68
C PHE C 578 10.26 4.80 -36.28
N MET C 579 10.53 3.91 -37.23
CA MET C 579 11.91 3.78 -37.72
C MET C 579 12.45 5.11 -38.23
N HIS C 580 11.58 5.98 -38.71
CA HIS C 580 12.00 7.31 -39.14
C HIS C 580 12.17 8.27 -37.97
N GLU C 581 11.80 7.86 -36.76
CA GLU C 581 11.94 8.72 -35.59
C GLU C 581 13.41 8.88 -35.25
N THR C 582 13.78 10.08 -34.78
CA THR C 582 15.14 10.38 -34.39
C THR C 582 15.35 10.31 -32.88
N HIS C 583 14.30 10.40 -32.08
CA HIS C 583 14.47 10.44 -30.64
C HIS C 583 15.15 9.18 -30.15
N ASP C 584 15.96 9.34 -29.10
CA ASP C 584 16.86 8.27 -28.68
C ASP C 584 16.09 7.01 -28.32
N GLY C 585 16.52 5.88 -28.89
CA GLY C 585 16.06 4.58 -28.50
C GLY C 585 14.83 4.08 -29.23
N VAL C 586 14.09 4.95 -29.91
CA VAL C 586 12.86 4.51 -30.56
C VAL C 586 13.17 3.50 -31.64
N GLN C 587 14.15 3.80 -32.50
CA GLN C 587 14.44 2.92 -33.62
C GLN C 587 14.93 1.56 -33.15
N ASP C 588 15.82 1.55 -32.15
CA ASP C 588 16.35 0.28 -31.66
C ASP C 588 15.24 -0.59 -31.11
N MET C 589 14.36 0.00 -30.30
CA MET C 589 13.25 -0.76 -29.74
C MET C 589 12.34 -1.28 -30.85
N ALA C 590 12.04 -0.43 -31.84
CA ALA C 590 11.18 -0.87 -32.92
C ALA C 590 11.79 -2.05 -33.66
N CYS C 591 13.09 -1.97 -33.95
CA CYS C 591 13.76 -3.07 -34.65
C CYS C 591 13.73 -4.34 -33.81
N ASP C 592 13.98 -4.23 -32.51
CA ASP C 592 13.99 -5.41 -31.65
C ASP C 592 12.61 -6.06 -31.61
N THR C 593 11.56 -5.25 -31.42
CA THR C 593 10.22 -5.79 -31.43
C THR C 593 9.89 -6.41 -32.79
N PHE C 594 10.39 -5.81 -33.86
CA PHE C 594 10.13 -6.34 -35.19
C PHE C 594 10.75 -7.72 -35.35
N ILE C 595 11.99 -7.88 -34.91
CA ILE C 595 12.64 -9.19 -35.04
C ILE C 595 11.92 -10.22 -34.19
N LYS C 596 11.49 -9.83 -32.98
CA LYS C 596 10.76 -10.77 -32.15
C LYS C 596 9.47 -11.21 -32.83
N ILE C 597 8.72 -10.25 -33.37
CA ILE C 597 7.46 -10.57 -34.02
C ILE C 597 7.70 -11.46 -35.23
N ALA C 598 8.77 -11.18 -35.98
CA ALA C 598 9.13 -12.04 -37.09
C ALA C 598 9.36 -13.47 -36.61
N GLN C 599 10.22 -13.62 -35.59
CA GLN C 599 10.53 -14.95 -35.09
C GLN C 599 9.27 -15.70 -34.69
N LYS C 600 8.31 -14.99 -34.10
CA LYS C 600 7.16 -15.67 -33.55
C LYS C 600 5.99 -15.83 -34.52
N CYS C 601 5.97 -15.08 -35.63
CA CYS C 601 4.82 -15.13 -36.53
C CYS C 601 5.21 -15.16 -38.01
N ARG C 602 6.42 -15.57 -38.34
CA ARG C 602 6.86 -15.67 -39.72
C ARG C 602 5.82 -16.27 -40.65
N ARG C 603 5.10 -17.30 -40.18
CA ARG C 603 4.16 -17.98 -41.06
C ARG C 603 3.13 -17.02 -41.65
N HIS C 604 2.64 -16.08 -40.85
CA HIS C 604 1.59 -15.19 -41.32
C HIS C 604 2.09 -14.03 -42.14
N PHE C 605 3.42 -13.88 -42.27
CA PHE C 605 3.94 -12.81 -43.14
C PHE C 605 3.95 -13.25 -44.60
N VAL C 606 4.26 -14.52 -44.84
CA VAL C 606 4.42 -15.00 -46.21
C VAL C 606 3.14 -15.61 -46.77
N GLN C 607 2.21 -16.01 -45.92
CA GLN C 607 0.91 -16.52 -46.36
C GLN C 607 -0.09 -15.38 -46.41
N VAL C 608 -0.84 -15.30 -47.50
CA VAL C 608 -1.75 -14.19 -47.69
C VAL C 608 -2.86 -14.26 -46.64
N GLN C 609 -3.05 -13.17 -45.92
CA GLN C 609 -4.13 -13.07 -44.95
C GLN C 609 -5.40 -12.57 -45.62
N VAL C 610 -6.53 -12.87 -44.99
CA VAL C 610 -7.83 -12.45 -45.53
C VAL C 610 -7.82 -10.94 -45.72
N GLY C 611 -8.41 -10.49 -46.82
CA GLY C 611 -8.40 -9.08 -47.16
C GLY C 611 -7.15 -8.61 -47.86
N GLU C 612 -6.17 -9.48 -48.06
CA GLU C 612 -4.95 -9.16 -48.77
C GLU C 612 -4.86 -10.01 -50.03
N VAL C 613 -4.25 -9.44 -51.07
CA VAL C 613 -4.08 -10.15 -52.33
C VAL C 613 -2.66 -10.70 -52.49
N MET C 614 -1.68 -10.18 -51.78
CA MET C 614 -0.35 -10.75 -51.75
C MET C 614 0.19 -10.69 -50.33
N PRO C 615 1.15 -11.54 -49.99
CA PRO C 615 1.72 -11.48 -48.64
C PRO C 615 2.37 -10.14 -48.35
N PHE C 616 2.29 -9.72 -47.09
CA PHE C 616 2.78 -8.40 -46.71
C PHE C 616 4.26 -8.23 -47.05
N ILE C 617 5.01 -9.34 -47.08
CA ILE C 617 6.42 -9.28 -47.44
C ILE C 617 6.63 -8.55 -48.75
N ASP C 618 5.69 -8.68 -49.69
CA ASP C 618 5.85 -8.03 -50.98
C ASP C 618 5.90 -6.52 -50.83
N GLU C 619 4.94 -5.95 -50.09
CA GLU C 619 4.95 -4.51 -49.86
C GLU C 619 6.21 -4.08 -49.11
N ILE C 620 6.63 -4.88 -48.13
CA ILE C 620 7.82 -4.55 -47.36
C ILE C 620 9.04 -4.48 -48.30
N LEU C 621 9.17 -5.48 -49.17
CA LEU C 621 10.29 -5.50 -50.10
C LEU C 621 10.23 -4.30 -51.04
N ASN C 622 9.03 -3.97 -51.53
CA ASN C 622 8.90 -2.82 -52.40
C ASN C 622 9.34 -1.55 -51.71
N ASN C 623 9.00 -1.39 -50.43
CA ASN C 623 9.22 -0.13 -49.72
C ASN C 623 10.49 -0.10 -48.89
N ILE C 624 11.32 -1.15 -48.95
CA ILE C 624 12.52 -1.20 -48.11
C ILE C 624 13.26 0.14 -48.15
N ASN C 625 13.67 0.56 -49.34
CA ASN C 625 14.55 1.72 -49.45
C ASN C 625 13.95 2.93 -48.74
N THR C 626 12.67 3.19 -48.95
CA THR C 626 12.00 4.27 -48.22
C THR C 626 12.04 4.03 -46.72
N ILE C 627 11.81 2.78 -46.31
CA ILE C 627 11.62 2.48 -44.88
C ILE C 627 12.90 2.78 -44.11
N ILE C 628 14.05 2.34 -44.62
CA ILE C 628 15.27 2.29 -43.84
C ILE C 628 16.14 3.51 -44.08
N CYS C 629 15.58 4.57 -44.67
CA CYS C 629 16.40 5.72 -45.03
C CYS C 629 17.04 6.35 -43.79
N ASP C 630 16.38 6.28 -42.64
CA ASP C 630 16.84 6.96 -41.43
C ASP C 630 17.47 6.01 -40.42
N LEU C 631 17.65 4.74 -40.76
CA LEU C 631 18.16 3.76 -39.82
C LEU C 631 19.68 3.71 -39.85
N GLN C 632 20.26 3.40 -38.70
CA GLN C 632 21.70 3.22 -38.58
C GLN C 632 22.11 1.85 -39.14
N PRO C 633 23.40 1.67 -39.45
CA PRO C 633 23.81 0.39 -40.05
C PRO C 633 23.44 -0.82 -39.22
N GLN C 634 23.58 -0.73 -37.89
CA GLN C 634 23.18 -1.83 -37.03
C GLN C 634 21.68 -2.11 -37.16
N GLN C 635 20.88 -1.04 -37.15
CA GLN C 635 19.45 -1.21 -37.32
C GLN C 635 19.13 -1.78 -38.69
N VAL C 636 19.89 -1.36 -39.72
CA VAL C 636 19.72 -1.93 -41.04
C VAL C 636 19.93 -3.44 -40.99
N HIS C 637 21.02 -3.86 -40.35
CA HIS C 637 21.31 -5.29 -40.27
C HIS C 637 20.23 -6.03 -39.51
N THR C 638 19.73 -5.44 -38.42
CA THR C 638 18.67 -6.09 -37.65
C THR C 638 17.41 -6.25 -38.49
N PHE C 639 17.06 -5.21 -39.26
CA PHE C 639 15.89 -5.31 -40.13
C PHE C 639 16.08 -6.36 -41.22
N TYR C 640 17.28 -6.43 -41.79
CA TYR C 640 17.57 -7.46 -42.78
C TYR C 640 17.44 -8.85 -42.17
N GLU C 641 17.89 -9.01 -40.92
CA GLU C 641 17.74 -10.29 -40.23
C GLU C 641 16.26 -10.64 -40.07
N ALA C 642 15.45 -9.67 -39.66
CA ALA C 642 14.02 -9.91 -39.54
C ALA C 642 13.44 -10.39 -40.87
N VAL C 643 13.77 -9.69 -41.94
CA VAL C 643 13.26 -10.09 -43.25
C VAL C 643 13.78 -11.46 -43.63
N GLY C 644 15.02 -11.78 -43.25
CA GLY C 644 15.55 -13.09 -43.57
C GLY C 644 14.78 -14.20 -42.89
N TYR C 645 14.42 -13.99 -41.62
CA TYR C 645 13.57 -14.96 -40.94
C TYR C 645 12.22 -15.08 -41.65
N MET C 646 11.60 -13.95 -41.99
CA MET C 646 10.34 -14.03 -42.72
C MET C 646 10.48 -14.88 -43.96
N ILE C 647 11.53 -14.62 -44.75
CA ILE C 647 11.74 -15.34 -46.01
C ILE C 647 11.96 -16.83 -45.75
N GLY C 648 12.78 -17.16 -44.75
CA GLY C 648 13.03 -18.55 -44.44
C GLY C 648 11.78 -19.34 -44.14
N ALA C 649 10.73 -18.68 -43.68
CA ALA C 649 9.46 -19.37 -43.49
C ALA C 649 8.84 -19.82 -44.81
N GLN C 650 9.33 -19.31 -45.95
CA GLN C 650 8.77 -19.71 -47.23
C GLN C 650 9.12 -21.16 -47.53
N THR C 651 8.21 -21.84 -48.22
CA THR C 651 8.39 -23.24 -48.58
C THR C 651 8.56 -23.48 -50.08
N ASP C 652 7.90 -22.69 -50.92
CA ASP C 652 8.05 -22.85 -52.36
C ASP C 652 9.45 -22.42 -52.77
N GLN C 653 10.23 -23.35 -53.31
CA GLN C 653 11.64 -23.07 -53.57
C GLN C 653 11.80 -21.95 -54.59
N THR C 654 11.03 -21.99 -55.68
CA THR C 654 11.16 -20.97 -56.71
C THR C 654 10.71 -19.61 -56.20
N VAL C 655 9.56 -19.57 -55.51
CA VAL C 655 9.09 -18.33 -54.93
C VAL C 655 10.08 -17.80 -53.91
N GLN C 656 10.64 -18.70 -53.08
CA GLN C 656 11.63 -18.28 -52.11
C GLN C 656 12.86 -17.70 -52.81
N GLU C 657 13.26 -18.31 -53.92
CA GLU C 657 14.44 -17.84 -54.64
C GLU C 657 14.20 -16.44 -55.20
N HIS C 658 13.04 -16.22 -55.80
CA HIS C 658 12.72 -14.88 -56.31
C HIS C 658 12.64 -13.88 -55.16
N LEU C 659 12.07 -14.30 -54.03
CA LEU C 659 12.00 -13.43 -52.86
C LEU C 659 13.40 -13.02 -52.41
N ILE C 660 14.32 -13.99 -52.37
CA ILE C 660 15.69 -13.68 -51.97
C ILE C 660 16.32 -12.73 -52.97
N GLU C 661 16.14 -13.01 -54.27
CA GLU C 661 16.66 -12.12 -55.30
C GLU C 661 16.23 -10.69 -55.06
N LYS C 662 14.92 -10.49 -54.83
CA LYS C 662 14.43 -9.16 -54.52
C LYS C 662 15.00 -8.65 -53.20
N TYR C 663 15.32 -9.56 -52.28
CA TYR C 663 15.65 -9.20 -50.92
C TYR C 663 17.07 -8.65 -50.81
N MET C 664 18.01 -9.24 -51.56
CA MET C 664 19.36 -8.71 -51.69
C MET C 664 19.50 -7.70 -52.82
N LEU C 665 18.39 -7.12 -53.28
CA LEU C 665 18.47 -6.26 -54.46
C LEU C 665 19.41 -5.10 -54.21
N LEU C 666 19.19 -4.32 -53.15
CA LEU C 666 20.07 -3.20 -52.87
C LEU C 666 21.48 -3.66 -52.53
N PRO C 667 21.68 -4.62 -51.62
CA PRO C 667 23.05 -5.12 -51.40
C PRO C 667 23.67 -5.67 -52.67
N ASN C 668 22.96 -6.49 -53.44
CA ASN C 668 23.56 -7.05 -54.64
C ASN C 668 23.94 -5.94 -55.61
N GLN C 669 23.13 -4.88 -55.68
CA GLN C 669 23.44 -3.77 -56.57
C GLN C 669 24.71 -3.06 -56.14
N VAL C 670 24.81 -2.70 -54.85
CA VAL C 670 26.03 -2.05 -54.39
C VAL C 670 27.22 -2.97 -54.58
N TRP C 671 27.02 -4.27 -54.35
CA TRP C 671 28.09 -5.25 -54.52
C TRP C 671 28.58 -5.25 -55.96
N ASP C 672 27.66 -5.31 -56.92
CA ASP C 672 28.05 -5.34 -58.32
C ASP C 672 28.75 -4.05 -58.72
N SER C 673 28.26 -2.91 -58.22
CA SER C 673 28.93 -1.65 -58.51
C SER C 673 30.37 -1.65 -58.00
N ILE C 674 30.57 -2.08 -56.75
CA ILE C 674 31.90 -2.08 -56.17
C ILE C 674 32.81 -3.11 -56.84
N ILE C 675 32.26 -4.27 -57.22
CA ILE C 675 33.07 -5.26 -57.93
C ILE C 675 33.52 -4.72 -59.27
N GLN C 676 32.61 -4.08 -60.01
CA GLN C 676 33.02 -3.44 -61.26
C GLN C 676 34.13 -2.42 -61.01
N GLN C 677 33.93 -1.55 -60.02
CA GLN C 677 34.92 -0.53 -59.73
C GLN C 677 36.27 -1.16 -59.43
N ALA C 678 36.28 -2.27 -58.71
CA ALA C 678 37.53 -2.94 -58.36
C ALA C 678 38.16 -3.60 -59.58
N THR C 679 37.34 -4.26 -60.40
CA THR C 679 37.85 -4.93 -61.59
C THR C 679 38.55 -3.91 -62.50
N LYS C 680 37.90 -2.78 -62.75
CA LYS C 680 38.54 -1.77 -63.57
C LYS C 680 39.81 -1.25 -62.90
N ASN C 681 39.76 -1.04 -61.59
CA ASN C 681 40.94 -0.64 -60.83
C ASN C 681 40.77 -1.14 -59.40
N VAL C 682 41.72 -1.95 -58.94
CA VAL C 682 41.64 -2.51 -57.58
C VAL C 682 42.02 -1.51 -56.51
N ASP C 683 42.55 -0.35 -56.89
CA ASP C 683 43.02 0.62 -55.90
C ASP C 683 41.91 1.02 -54.94
N ILE C 684 40.65 0.94 -55.38
CA ILE C 684 39.55 1.35 -54.52
C ILE C 684 39.51 0.49 -53.26
N LEU C 685 40.00 -0.74 -53.33
CA LEU C 685 40.03 -1.60 -52.16
C LEU C 685 40.88 -1.01 -51.04
N LYS C 686 41.60 0.07 -51.29
CA LYS C 686 42.27 0.84 -50.24
C LYS C 686 41.47 2.06 -49.82
N ASP C 687 40.26 2.23 -50.36
CA ASP C 687 39.42 3.38 -50.00
C ASP C 687 38.70 3.10 -48.69
N PRO C 688 38.88 3.92 -47.66
CA PRO C 688 38.16 3.66 -46.40
C PRO C 688 36.65 3.59 -46.57
N GLU C 689 36.08 4.47 -47.41
CA GLU C 689 34.63 4.45 -47.58
C GLU C 689 34.18 3.19 -48.31
N THR C 690 34.91 2.79 -49.35
CA THR C 690 34.54 1.58 -50.08
C THR C 690 34.62 0.36 -49.18
N VAL C 691 35.72 0.21 -48.45
CA VAL C 691 35.88 -0.96 -47.60
C VAL C 691 34.86 -0.93 -46.46
N LYS C 692 34.52 0.26 -45.96
CA LYS C 692 33.52 0.34 -44.91
C LYS C 692 32.15 -0.09 -45.42
N GLN C 693 31.76 0.42 -46.59
CA GLN C 693 30.51 -0.03 -47.21
C GLN C 693 30.53 -1.53 -47.45
N LEU C 694 31.69 -2.06 -47.85
CA LEU C 694 31.81 -3.49 -48.08
C LEU C 694 31.63 -4.27 -46.78
N GLY C 695 32.19 -3.76 -45.70
CA GLY C 695 31.98 -4.40 -44.40
C GLY C 695 30.51 -4.39 -44.01
N SER C 696 29.84 -3.27 -44.22
CA SER C 696 28.41 -3.21 -43.92
C SER C 696 27.63 -4.22 -44.74
N ILE C 697 27.94 -4.33 -46.03
CA ILE C 697 27.19 -5.26 -46.87
C ILE C 697 27.48 -6.69 -46.44
N LEU C 698 28.72 -6.99 -46.07
CA LEU C 698 29.02 -8.34 -45.61
C LEU C 698 28.31 -8.64 -44.31
N LYS C 699 28.21 -7.66 -43.41
CA LYS C 699 27.44 -7.85 -42.18
C LYS C 699 26.00 -8.18 -42.50
N THR C 700 25.41 -7.45 -43.45
CA THR C 700 24.04 -7.74 -43.86
C THR C 700 23.95 -9.14 -44.45
N ASN C 701 24.94 -9.53 -45.25
CA ASN C 701 24.93 -10.86 -45.86
C ASN C 701 24.95 -11.95 -44.80
N VAL C 702 25.80 -11.79 -43.77
CA VAL C 702 25.89 -12.82 -42.74
C VAL C 702 24.61 -12.86 -41.92
N ARG C 703 24.01 -11.71 -41.66
CA ARG C 703 22.72 -11.72 -40.97
C ARG C 703 21.68 -12.46 -41.79
N ALA C 704 21.62 -12.19 -43.09
CA ALA C 704 20.65 -12.87 -43.94
C ALA C 704 20.91 -14.37 -43.97
N CYS C 705 22.18 -14.76 -44.05
CA CYS C 705 22.52 -16.18 -44.00
C CYS C 705 22.03 -16.82 -42.71
N LYS C 706 22.36 -16.20 -41.58
CA LYS C 706 21.92 -16.73 -40.29
C LYS C 706 20.41 -16.84 -40.23
N ALA C 707 19.71 -15.89 -40.83
CA ALA C 707 18.24 -15.91 -40.79
C ALA C 707 17.66 -17.00 -41.68
N VAL C 708 18.25 -17.22 -42.86
CA VAL C 708 17.67 -18.15 -43.83
C VAL C 708 18.29 -19.54 -43.70
N GLY C 709 19.59 -19.64 -43.91
CA GLY C 709 20.24 -20.93 -43.91
C GLY C 709 20.61 -21.43 -45.30
N HIS C 710 20.36 -22.72 -45.55
CA HIS C 710 20.76 -23.33 -46.82
C HIS C 710 20.28 -22.60 -48.05
N PRO C 711 19.02 -22.16 -48.15
CA PRO C 711 18.59 -21.46 -49.37
C PRO C 711 19.40 -20.20 -49.65
N PHE C 712 20.08 -19.66 -48.65
CA PHE C 712 20.89 -18.48 -48.88
C PHE C 712 21.99 -18.76 -49.89
N VAL C 713 22.24 -20.05 -50.17
CA VAL C 713 23.19 -20.42 -51.21
C VAL C 713 22.96 -19.59 -52.45
N ILE C 714 21.69 -19.39 -52.83
CA ILE C 714 21.41 -18.66 -54.06
C ILE C 714 22.09 -17.30 -54.04
N GLN C 715 21.99 -16.59 -52.92
CA GLN C 715 22.75 -15.35 -52.77
C GLN C 715 24.24 -15.64 -52.72
N LEU C 716 24.65 -16.58 -51.86
CA LEU C 716 26.07 -16.82 -51.66
C LEU C 716 26.73 -17.21 -52.98
N GLY C 717 26.19 -18.23 -53.64
CA GLY C 717 26.75 -18.66 -54.91
C GLY C 717 26.76 -17.54 -55.93
N ARG C 718 25.86 -16.57 -55.79
CA ARG C 718 25.83 -15.45 -56.72
C ARG C 718 27.17 -14.74 -56.75
N ILE C 719 27.83 -14.64 -55.60
CA ILE C 719 29.05 -13.85 -55.47
C ILE C 719 30.23 -14.64 -54.96
N TYR C 720 30.02 -15.86 -54.46
CA TYR C 720 31.08 -16.60 -53.77
C TYR C 720 32.43 -16.46 -54.49
N LEU C 721 32.52 -16.96 -55.71
CA LEU C 721 33.79 -16.90 -56.42
C LEU C 721 34.37 -15.51 -56.34
N ASP C 722 33.62 -14.53 -56.85
CA ASP C 722 34.10 -13.15 -56.83
C ASP C 722 34.52 -12.71 -55.44
N MET C 723 33.65 -12.91 -54.43
CA MET C 723 34.01 -12.44 -53.10
C MET C 723 35.36 -12.98 -52.67
N LEU C 724 35.63 -14.25 -53.00
CA LEU C 724 36.88 -14.85 -52.54
C LEU C 724 38.06 -14.07 -53.10
N ASN C 725 38.01 -13.70 -54.38
CA ASN C 725 39.06 -12.86 -54.96
C ASN C 725 39.25 -11.61 -54.11
N VAL C 726 38.15 -10.96 -53.74
CA VAL C 726 38.24 -9.78 -52.90
C VAL C 726 39.03 -10.11 -51.65
N TYR C 727 38.64 -11.20 -50.97
CA TYR C 727 39.40 -11.63 -49.80
C TYR C 727 40.87 -11.74 -50.13
N LYS C 728 41.19 -12.45 -51.22
CA LYS C 728 42.57 -12.56 -51.65
C LYS C 728 43.18 -11.18 -51.81
N CYS C 729 42.51 -10.31 -52.56
CA CYS C 729 43.03 -8.97 -52.81
C CYS C 729 43.29 -8.25 -51.49
N LEU C 730 42.45 -8.50 -50.49
CA LEU C 730 42.65 -7.83 -49.20
C LEU C 730 43.90 -8.37 -48.50
N SER C 731 44.10 -9.69 -48.55
CA SER C 731 45.11 -10.30 -47.70
C SER C 731 46.48 -9.70 -47.95
N GLU C 732 46.93 -9.70 -49.20
CA GLU C 732 48.23 -9.11 -49.51
C GLU C 732 48.25 -7.65 -49.12
N ASN C 733 47.15 -6.93 -49.39
CA ASN C 733 47.10 -5.52 -49.05
C ASN C 733 47.40 -5.31 -47.58
N ILE C 734 47.09 -6.30 -46.74
CA ILE C 734 47.43 -6.23 -45.33
C ILE C 734 48.91 -6.47 -45.12
N SER C 735 49.42 -7.60 -45.64
CA SER C 735 50.78 -8.00 -45.31
C SER C 735 51.78 -6.91 -45.67
N ALA C 736 51.69 -6.38 -46.89
CA ALA C 736 52.58 -5.29 -47.28
C ALA C 736 52.55 -4.17 -46.25
N ALA C 737 51.34 -3.74 -45.88
CA ALA C 737 51.22 -2.70 -44.86
C ALA C 737 51.95 -3.11 -43.58
N ILE C 738 51.71 -4.34 -43.12
CA ILE C 738 52.44 -4.84 -41.96
C ILE C 738 53.94 -4.77 -42.25
N GLN C 739 54.36 -5.26 -43.41
CA GLN C 739 55.77 -5.24 -43.75
C GLN C 739 56.32 -3.83 -43.72
N ALA C 740 55.47 -2.82 -43.94
CA ALA C 740 55.94 -1.44 -43.89
C ALA C 740 56.22 -1.01 -42.45
N ASN C 741 55.34 -1.36 -41.51
CA ASN C 741 55.49 -0.87 -40.14
C ASN C 741 55.14 -1.92 -39.10
N GLY C 742 55.13 -3.19 -39.47
CA GLY C 742 54.84 -4.23 -38.49
C GLY C 742 53.39 -4.16 -37.99
N GLU C 743 53.20 -4.68 -36.77
CA GLU C 743 51.87 -4.78 -36.19
C GLU C 743 51.30 -3.43 -35.80
N MET C 744 52.14 -2.43 -35.54
CA MET C 744 51.65 -1.12 -35.14
C MET C 744 50.64 -0.58 -36.14
N VAL C 745 50.89 -0.76 -37.43
CA VAL C 745 50.00 -0.23 -38.46
C VAL C 745 48.58 -0.76 -38.29
N THR C 746 48.41 -1.89 -37.63
CA THR C 746 47.07 -2.44 -37.43
C THR C 746 46.17 -1.50 -36.66
N LYS C 747 46.74 -0.54 -35.92
CA LYS C 747 45.92 0.37 -35.14
C LYS C 747 45.21 1.40 -36.01
N GLN C 748 45.57 1.51 -37.28
CA GLN C 748 44.87 2.44 -38.17
C GLN C 748 43.45 1.94 -38.42
N PRO C 749 42.48 2.84 -38.55
CA PRO C 749 41.10 2.38 -38.84
C PRO C 749 41.00 1.59 -40.12
N LEU C 750 41.80 1.91 -41.14
CA LEU C 750 41.73 1.18 -42.40
C LEU C 750 42.07 -0.30 -42.19
N ILE C 751 43.17 -0.58 -41.51
CA ILE C 751 43.58 -1.96 -41.31
C ILE C 751 42.53 -2.71 -40.50
N ARG C 752 41.95 -2.03 -39.50
CA ARG C 752 40.91 -2.64 -38.70
C ARG C 752 39.70 -2.98 -39.56
N SER C 753 39.32 -2.07 -40.46
CA SER C 753 38.19 -2.34 -41.35
C SER C 753 38.49 -3.51 -42.27
N MET C 754 39.74 -3.63 -42.75
CA MET C 754 40.10 -4.74 -43.61
C MET C 754 39.99 -6.06 -42.85
N ARG C 755 40.57 -6.10 -41.65
CA ARG C 755 40.46 -7.30 -40.82
C ARG C 755 39.01 -7.63 -40.54
N THR C 756 38.19 -6.61 -40.31
CA THR C 756 36.75 -6.82 -40.18
C THR C 756 36.21 -7.54 -41.41
N VAL C 757 36.39 -6.93 -42.58
CA VAL C 757 35.83 -7.50 -43.80
C VAL C 757 36.20 -8.97 -43.87
N LYS C 758 37.45 -9.28 -43.56
CA LYS C 758 37.88 -10.67 -43.55
C LYS C 758 37.05 -11.49 -42.56
N ARG C 759 36.87 -10.96 -41.34
CA ARG C 759 36.25 -11.74 -40.28
C ARG C 759 34.77 -12.00 -40.55
N GLU C 760 34.02 -11.00 -41.02
CA GLU C 760 32.63 -11.31 -41.38
C GLU C 760 32.55 -12.16 -42.65
N THR C 761 33.50 -12.06 -43.56
CA THR C 761 33.49 -13.01 -44.67
C THR C 761 33.55 -14.44 -44.14
N LEU C 762 34.48 -14.70 -43.22
CA LEU C 762 34.58 -16.03 -42.64
C LEU C 762 33.31 -16.39 -41.87
N LYS C 763 32.73 -15.44 -41.14
CA LYS C 763 31.50 -15.72 -40.41
C LYS C 763 30.37 -16.09 -41.36
N LEU C 764 30.24 -15.39 -42.48
CA LEU C 764 29.24 -15.75 -43.46
C LEU C 764 29.44 -17.19 -43.94
N ILE C 765 30.68 -17.53 -44.30
CA ILE C 765 30.94 -18.87 -44.81
C ILE C 765 30.56 -19.90 -43.75
N SER C 766 31.01 -19.67 -42.52
CA SER C 766 30.74 -20.61 -41.43
C SER C 766 29.25 -20.74 -41.17
N GLY C 767 28.53 -19.62 -41.12
CA GLY C 767 27.10 -19.69 -40.88
C GLY C 767 26.37 -20.49 -41.93
N TRP C 768 26.69 -20.22 -43.21
CA TRP C 768 25.99 -20.95 -44.25
C TRP C 768 26.30 -22.44 -44.17
N VAL C 769 27.57 -22.80 -44.02
CA VAL C 769 27.89 -24.21 -43.97
C VAL C 769 27.23 -24.83 -42.76
N SER C 770 27.19 -24.10 -41.64
CA SER C 770 26.54 -24.60 -40.43
C SER C 770 25.08 -24.94 -40.70
N ARG C 771 24.44 -24.20 -41.58
CA ARG C 771 23.05 -24.48 -41.92
C ARG C 771 22.92 -25.18 -43.27
N SER C 772 24.02 -25.62 -43.85
CA SER C 772 23.99 -26.36 -45.09
C SER C 772 23.31 -27.71 -44.89
N ASN C 773 22.83 -28.29 -46.00
CA ASN C 773 22.17 -29.59 -45.95
C ASN C 773 22.52 -30.47 -47.13
N ASP C 774 23.46 -30.06 -47.99
CA ASP C 774 23.89 -30.84 -49.15
C ASP C 774 25.41 -30.93 -49.11
N PRO C 775 25.96 -31.81 -48.28
CA PRO C 775 27.42 -31.85 -48.12
C PRO C 775 28.16 -32.13 -49.41
N GLN C 776 27.61 -32.99 -50.28
CA GLN C 776 28.29 -33.32 -51.53
C GLN C 776 28.46 -32.07 -52.39
N MET C 777 27.38 -31.32 -52.58
CA MET C 777 27.45 -30.07 -53.33
C MET C 777 28.45 -29.12 -52.69
N VAL C 778 28.44 -29.05 -51.36
CA VAL C 778 29.33 -28.14 -50.65
C VAL C 778 30.78 -28.48 -50.95
N ALA C 779 31.13 -29.76 -50.82
CA ALA C 779 32.50 -30.18 -51.09
C ALA C 779 32.86 -29.92 -52.54
N GLU C 780 31.95 -30.19 -53.46
CA GLU C 780 32.27 -30.08 -54.88
C GLU C 780 32.46 -28.63 -55.30
N ASN C 781 31.72 -27.69 -54.72
CA ASN C 781 31.65 -26.34 -55.25
C ASN C 781 32.40 -25.30 -54.43
N PHE C 782 32.34 -25.38 -53.10
CA PHE C 782 32.78 -24.29 -52.24
C PHE C 782 34.16 -24.50 -51.63
N VAL C 783 34.65 -25.73 -51.54
CA VAL C 783 35.90 -26.00 -50.82
C VAL C 783 37.13 -25.62 -51.66
N PRO C 784 37.25 -26.06 -52.91
CA PRO C 784 38.49 -25.78 -53.66
C PRO C 784 38.78 -24.29 -53.72
N PRO C 785 37.75 -23.46 -53.94
CA PRO C 785 37.99 -22.01 -53.86
C PRO C 785 38.55 -21.59 -52.53
N LEU C 786 38.09 -22.16 -51.42
CA LEU C 786 38.70 -21.82 -50.14
C LEU C 786 40.16 -22.25 -50.11
N LEU C 787 40.43 -23.45 -50.64
CA LEU C 787 41.78 -23.98 -50.65
C LEU C 787 42.75 -22.99 -51.30
N ASP C 788 42.38 -22.47 -52.46
CA ASP C 788 43.29 -21.57 -53.17
C ASP C 788 43.24 -20.16 -52.61
N ALA C 789 42.04 -19.59 -52.50
CA ALA C 789 41.90 -18.18 -52.15
C ALA C 789 42.44 -17.87 -50.76
N VAL C 790 42.15 -18.72 -49.78
CA VAL C 790 42.42 -18.43 -48.37
C VAL C 790 43.60 -19.26 -47.85
N LEU C 791 43.52 -20.58 -47.96
CA LEU C 791 44.51 -21.43 -47.30
C LEU C 791 45.91 -21.14 -47.82
N ILE C 792 46.09 -21.19 -49.14
CA ILE C 792 47.38 -20.84 -49.72
C ILE C 792 47.74 -19.41 -49.37
N ASP C 793 46.77 -18.50 -49.46
CA ASP C 793 46.99 -17.13 -49.00
C ASP C 793 47.42 -17.11 -47.54
N TYR C 794 46.70 -17.83 -46.69
CA TYR C 794 47.01 -17.82 -45.26
C TYR C 794 48.46 -18.25 -45.04
N GLN C 795 48.89 -19.30 -45.71
CA GLN C 795 50.29 -19.72 -45.60
C GLN C 795 51.21 -18.61 -46.07
N ARG C 796 50.88 -18.00 -47.21
CA ARG C 796 51.71 -16.93 -47.77
C ARG C 796 51.70 -15.68 -46.90
N ASN C 797 50.69 -15.51 -46.05
CA ASN C 797 50.58 -14.31 -45.24
C ASN C 797 51.67 -14.29 -44.19
N VAL C 798 52.03 -13.08 -43.76
CA VAL C 798 52.94 -12.91 -42.63
C VAL C 798 52.21 -13.34 -41.37
N PRO C 799 52.92 -13.72 -40.30
CA PRO C 799 52.22 -14.13 -39.07
C PRO C 799 51.18 -13.12 -38.59
N ALA C 800 51.57 -11.86 -38.40
CA ALA C 800 50.66 -10.86 -37.87
C ALA C 800 49.39 -10.75 -38.72
N ALA C 801 49.52 -10.89 -40.04
CA ALA C 801 48.34 -10.78 -40.90
C ALA C 801 47.44 -12.01 -40.81
N ARG C 802 47.99 -13.16 -40.46
CA ARG C 802 47.18 -14.38 -40.44
C ARG C 802 45.98 -14.21 -39.53
N GLU C 803 44.80 -14.56 -40.06
CA GLU C 803 43.55 -14.48 -39.31
C GLU C 803 43.30 -15.81 -38.62
N PRO C 804 43.35 -15.89 -37.29
CA PRO C 804 43.10 -17.18 -36.64
C PRO C 804 41.73 -17.76 -36.93
N GLU C 805 40.71 -16.92 -37.10
CA GLU C 805 39.36 -17.45 -37.31
C GLU C 805 39.31 -18.37 -38.51
N VAL C 806 40.21 -18.15 -39.48
CA VAL C 806 40.30 -19.04 -40.64
C VAL C 806 40.33 -20.48 -40.15
N LEU C 807 41.31 -20.79 -39.30
CA LEU C 807 41.45 -22.14 -38.80
C LEU C 807 40.11 -22.63 -38.24
N SER C 808 39.58 -21.89 -37.25
CA SER C 808 38.30 -22.28 -36.67
C SER C 808 37.25 -22.49 -37.75
N THR C 809 37.18 -21.58 -38.72
CA THR C 809 36.20 -21.74 -39.78
C THR C 809 36.34 -23.11 -40.43
N MET C 810 37.55 -23.46 -40.84
CA MET C 810 37.78 -24.78 -41.39
C MET C 810 37.29 -25.86 -40.44
N ALA C 811 37.60 -25.73 -39.15
CA ALA C 811 37.11 -26.70 -38.18
C ALA C 811 35.60 -26.86 -38.31
N ILE C 812 34.87 -25.75 -38.34
CA ILE C 812 33.42 -25.82 -38.46
C ILE C 812 33.05 -26.56 -39.72
N ILE C 813 33.78 -26.28 -40.81
CA ILE C 813 33.51 -26.96 -42.07
C ILE C 813 33.64 -28.46 -41.89
N VAL C 814 34.72 -28.88 -41.25
CA VAL C 814 34.94 -30.31 -41.07
C VAL C 814 33.78 -30.90 -40.28
N ASN C 815 33.38 -30.21 -39.20
CA ASN C 815 32.32 -30.73 -38.36
C ASN C 815 31.03 -30.93 -39.14
N LYS C 816 30.89 -30.24 -40.26
CA LYS C 816 29.66 -30.35 -41.03
C LYS C 816 29.76 -31.39 -42.13
N LEU C 817 30.97 -31.64 -42.64
CA LEU C 817 31.13 -32.53 -43.80
C LEU C 817 31.81 -33.85 -43.49
N GLY C 818 32.69 -33.89 -42.49
CA GLY C 818 33.36 -35.12 -42.13
C GLY C 818 33.92 -35.88 -43.32
N GLY C 819 33.40 -37.08 -43.57
CA GLY C 819 33.92 -37.90 -44.65
C GLY C 819 33.98 -37.16 -45.97
N HIS C 820 32.99 -36.29 -46.22
CA HIS C 820 32.91 -35.63 -47.52
C HIS C 820 34.12 -34.73 -47.79
N ILE C 821 34.87 -34.34 -46.76
CA ILE C 821 36.05 -33.52 -46.95
C ILE C 821 37.35 -34.31 -46.81
N THR C 822 37.26 -35.59 -46.44
CA THR C 822 38.45 -36.35 -46.08
C THR C 822 39.52 -36.23 -47.15
N ALA C 823 39.15 -36.46 -48.41
CA ALA C 823 40.14 -36.51 -49.48
C ALA C 823 40.97 -35.22 -49.53
N GLU C 824 40.36 -34.09 -49.19
CA GLU C 824 41.03 -32.80 -49.31
C GLU C 824 41.81 -32.41 -48.06
N ILE C 825 41.78 -33.25 -47.03
CA ILE C 825 42.42 -32.87 -45.77
C ILE C 825 43.90 -32.58 -45.93
N PRO C 826 44.70 -33.41 -46.60
CA PRO C 826 46.15 -33.16 -46.62
C PRO C 826 46.58 -31.78 -47.08
N GLN C 827 46.23 -31.38 -48.30
CA GLN C 827 46.67 -30.07 -48.79
C GLN C 827 46.30 -28.97 -47.81
N ILE C 828 45.11 -29.08 -47.20
CA ILE C 828 44.71 -28.08 -46.21
C ILE C 828 45.82 -27.94 -45.19
N PHE C 829 46.16 -29.03 -44.52
CA PHE C 829 47.13 -28.94 -43.44
C PHE C 829 48.40 -28.29 -43.95
N ASP C 830 48.83 -28.67 -45.16
CA ASP C 830 50.08 -28.16 -45.70
C ASP C 830 50.13 -26.64 -45.61
N ALA C 831 49.01 -25.98 -45.89
CA ALA C 831 48.98 -24.53 -45.90
C ALA C 831 48.97 -23.96 -44.49
N VAL C 832 48.27 -24.61 -43.57
CA VAL C 832 47.96 -24.02 -42.27
C VAL C 832 48.65 -24.74 -41.11
N PHE C 833 49.07 -25.98 -41.28
CA PHE C 833 49.54 -26.78 -40.16
C PHE C 833 50.90 -26.29 -39.70
N GLU C 834 51.93 -26.46 -40.53
CA GLU C 834 53.29 -26.17 -40.09
C GLU C 834 53.43 -24.70 -39.71
N CYS C 835 53.01 -23.80 -40.60
CA CYS C 835 53.10 -22.38 -40.30
C CYS C 835 52.44 -22.07 -38.97
N THR C 836 51.33 -22.72 -38.66
CA THR C 836 50.67 -22.47 -37.38
C THR C 836 51.52 -23.01 -36.25
N LEU C 837 52.00 -24.25 -36.38
CA LEU C 837 52.85 -24.82 -35.35
C LEU C 837 54.12 -24.00 -35.20
N ASN C 838 54.71 -23.61 -36.33
CA ASN C 838 55.91 -22.80 -36.29
C ASN C 838 55.68 -21.49 -35.55
N MET C 839 54.42 -21.08 -35.43
CA MET C 839 54.07 -19.85 -34.73
C MET C 839 53.82 -20.08 -33.25
N ILE C 840 53.49 -21.31 -32.84
CA ILE C 840 53.08 -21.58 -31.46
C ILE C 840 53.96 -22.61 -30.78
N ASN C 841 54.73 -23.41 -31.52
CA ASN C 841 55.53 -24.46 -30.89
C ASN C 841 56.68 -23.89 -30.06
N LYS C 842 56.83 -22.58 -29.96
CA LYS C 842 57.92 -21.98 -29.21
C LYS C 842 57.55 -21.61 -27.78
N ASP C 843 56.28 -21.38 -27.49
CA ASP C 843 55.84 -21.10 -26.14
C ASP C 843 54.36 -21.42 -26.04
N PHE C 844 53.73 -21.00 -24.95
CA PHE C 844 52.33 -21.34 -24.66
C PHE C 844 51.39 -20.15 -24.80
N GLU C 845 51.90 -18.96 -25.12
CA GLU C 845 51.16 -17.73 -24.91
C GLU C 845 50.75 -17.05 -26.21
N GLU C 846 51.72 -16.74 -27.09
CA GLU C 846 51.44 -15.86 -28.21
C GLU C 846 50.39 -16.47 -29.14
N TYR C 847 49.64 -15.60 -29.80
CA TYR C 847 48.65 -16.00 -30.79
C TYR C 847 47.64 -16.96 -30.18
N PRO C 848 47.09 -16.65 -29.00
CA PRO C 848 46.19 -17.61 -28.34
C PRO C 848 44.98 -17.98 -29.18
N GLU C 849 44.41 -17.02 -29.91
CA GLU C 849 43.32 -17.35 -30.81
C GLU C 849 43.74 -18.44 -31.77
N HIS C 850 44.95 -18.32 -32.32
CA HIS C 850 45.45 -19.34 -33.24
C HIS C 850 45.56 -20.69 -32.54
N ARG C 851 46.09 -20.71 -31.32
CA ARG C 851 46.20 -21.96 -30.59
C ARG C 851 44.84 -22.63 -30.45
N THR C 852 43.86 -21.88 -29.94
CA THR C 852 42.56 -22.47 -29.66
C THR C 852 41.89 -22.95 -30.93
N ASN C 853 41.85 -22.10 -31.96
CA ASN C 853 41.20 -22.48 -33.20
C ASN C 853 41.91 -23.68 -33.84
N PHE C 854 43.24 -23.69 -33.79
CA PHE C 854 44.00 -24.77 -34.40
C PHE C 854 43.67 -26.10 -33.74
N PHE C 855 43.67 -26.12 -32.41
CA PHE C 855 43.38 -27.38 -31.74
C PHE C 855 41.92 -27.77 -31.88
N LEU C 856 41.01 -26.79 -32.01
CA LEU C 856 39.62 -27.14 -32.30
C LEU C 856 39.50 -27.78 -33.67
N LEU C 857 40.27 -27.28 -34.65
CA LEU C 857 40.29 -27.90 -35.97
C LEU C 857 40.83 -29.33 -35.87
N LEU C 858 41.88 -29.52 -35.06
CA LEU C 858 42.37 -30.87 -34.84
C LEU C 858 41.29 -31.77 -34.26
N GLN C 859 40.52 -31.25 -33.30
CA GLN C 859 39.44 -32.03 -32.72
C GLN C 859 38.41 -32.39 -33.77
N ALA C 860 38.05 -31.44 -34.63
CA ALA C 860 37.09 -31.73 -35.70
C ALA C 860 37.62 -32.84 -36.60
N VAL C 861 38.87 -32.72 -37.04
CA VAL C 861 39.46 -33.72 -37.93
C VAL C 861 39.44 -35.09 -37.25
N ASN C 862 39.89 -35.14 -36.00
CA ASN C 862 39.95 -36.41 -35.28
C ASN C 862 38.55 -37.01 -35.11
N SER C 863 37.55 -36.16 -34.86
CA SER C 863 36.20 -36.65 -34.66
C SER C 863 35.61 -37.20 -35.95
N HIS C 864 35.89 -36.56 -37.09
CA HIS C 864 35.20 -36.90 -38.33
C HIS C 864 36.12 -37.26 -39.49
N CYS C 865 37.41 -36.92 -39.42
CA CYS C 865 38.35 -37.20 -40.51
C CYS C 865 39.56 -37.93 -39.99
N PHE C 866 39.33 -38.95 -39.17
CA PHE C 866 40.44 -39.77 -38.68
C PHE C 866 41.26 -40.39 -39.80
N PRO C 867 40.66 -40.92 -40.87
CA PRO C 867 41.48 -41.60 -41.90
C PRO C 867 42.59 -40.73 -42.45
N ALA C 868 42.39 -39.41 -42.51
CA ALA C 868 43.47 -38.53 -42.95
C ALA C 868 44.71 -38.72 -42.10
N PHE C 869 44.54 -38.84 -40.79
CA PHE C 869 45.68 -39.15 -39.92
C PHE C 869 46.41 -40.39 -40.40
N LEU C 870 45.67 -41.41 -40.82
CA LEU C 870 46.30 -42.63 -41.33
C LEU C 870 46.98 -42.37 -42.66
N ALA C 871 46.48 -41.43 -43.45
CA ALA C 871 46.96 -41.25 -44.81
C ALA C 871 48.25 -40.43 -44.89
N ILE C 872 48.60 -39.71 -43.83
CA ILE C 872 49.77 -38.82 -43.89
C ILE C 872 51.04 -39.63 -43.59
N PRO C 873 52.22 -39.11 -43.91
CA PRO C 873 53.44 -39.80 -43.53
C PRO C 873 53.55 -39.87 -42.03
N PRO C 874 54.23 -40.90 -41.50
CA PRO C 874 54.37 -41.00 -40.03
C PRO C 874 55.01 -39.79 -39.40
N THR C 875 55.88 -39.08 -40.13
CA THR C 875 56.53 -37.91 -39.55
C THR C 875 55.51 -36.83 -39.21
N GLN C 876 54.57 -36.57 -40.13
CA GLN C 876 53.54 -35.59 -39.84
C GLN C 876 52.65 -36.05 -38.69
N PHE C 877 52.40 -37.35 -38.59
CA PHE C 877 51.61 -37.85 -37.48
C PHE C 877 52.32 -37.61 -36.15
N LYS C 878 53.63 -37.87 -36.11
CA LYS C 878 54.38 -37.60 -34.89
C LYS C 878 54.39 -36.11 -34.57
N LEU C 879 54.46 -35.27 -35.59
CA LEU C 879 54.36 -33.84 -35.36
C LEU C 879 53.00 -33.49 -34.76
N VAL C 880 51.94 -34.13 -35.25
CA VAL C 880 50.61 -33.90 -34.70
C VAL C 880 50.58 -34.31 -33.23
N LEU C 881 51.18 -35.44 -32.89
CA LEU C 881 51.20 -35.89 -31.51
C LEU C 881 51.97 -34.93 -30.63
N ASP C 882 53.10 -34.43 -31.12
CA ASP C 882 53.83 -33.42 -30.35
C ASP C 882 52.98 -32.18 -30.15
N SER C 883 52.23 -31.78 -31.18
CA SER C 883 51.33 -30.66 -31.04
C SER C 883 50.28 -30.91 -29.97
N ILE C 884 49.70 -32.11 -29.95
CA ILE C 884 48.68 -32.42 -28.95
C ILE C 884 49.28 -32.37 -27.56
N ILE C 885 50.47 -32.94 -27.38
CA ILE C 885 51.12 -32.90 -26.08
C ILE C 885 51.38 -31.46 -25.66
N TRP C 886 51.86 -30.64 -26.59
CA TRP C 886 51.97 -29.21 -26.33
C TRP C 886 50.62 -28.64 -25.92
N ALA C 887 49.54 -29.17 -26.51
CA ALA C 887 48.20 -28.69 -26.19
C ALA C 887 47.87 -28.92 -24.72
N PHE C 888 47.82 -30.17 -24.30
CA PHE C 888 47.44 -30.43 -22.92
C PHE C 888 48.57 -30.19 -21.94
N LYS C 889 49.67 -29.61 -22.38
CA LYS C 889 50.63 -28.98 -21.48
C LYS C 889 50.38 -27.49 -21.30
N HIS C 890 49.34 -26.95 -21.93
CA HIS C 890 49.03 -25.53 -21.78
C HIS C 890 48.45 -25.24 -20.41
N THR C 891 48.62 -23.99 -19.96
CA THR C 891 47.93 -23.51 -18.78
C THR C 891 46.50 -23.10 -19.09
N MET C 892 46.18 -22.85 -20.36
CA MET C 892 44.84 -22.43 -20.76
C MET C 892 43.88 -23.61 -20.61
N ARG C 893 42.91 -23.48 -19.72
CA ARG C 893 42.07 -24.62 -19.38
C ARG C 893 41.33 -25.15 -20.61
N ASN C 894 40.77 -24.25 -21.43
CA ASN C 894 40.07 -24.70 -22.62
C ASN C 894 41.01 -25.43 -23.57
N VAL C 895 42.23 -24.93 -23.72
CA VAL C 895 43.21 -25.60 -24.59
C VAL C 895 43.47 -27.01 -24.10
N ALA C 896 43.73 -27.16 -22.80
CA ALA C 896 44.04 -28.48 -22.27
C ALA C 896 42.85 -29.42 -22.40
N ASP C 897 41.65 -28.93 -22.11
CA ASP C 897 40.46 -29.76 -22.23
C ASP C 897 40.29 -30.23 -23.67
N THR C 898 40.46 -29.32 -24.62
CA THR C 898 40.34 -29.70 -26.03
C THR C 898 41.38 -30.73 -26.39
N GLY C 899 42.63 -30.51 -25.98
CA GLY C 899 43.68 -31.46 -26.30
C GLY C 899 43.39 -32.85 -25.74
N LEU C 900 42.89 -32.91 -24.51
CA LEU C 900 42.67 -34.20 -23.89
C LEU C 900 41.45 -34.91 -24.49
N GLN C 901 40.40 -34.15 -24.83
CA GLN C 901 39.29 -34.75 -25.55
C GLN C 901 39.76 -35.31 -26.90
N ILE C 902 40.60 -34.54 -27.59
CA ILE C 902 41.19 -35.03 -28.85
C ILE C 902 41.92 -36.33 -28.60
N LEU C 903 42.72 -36.38 -27.54
CA LEU C 903 43.53 -37.57 -27.28
C LEU C 903 42.65 -38.78 -27.00
N PHE C 904 41.60 -38.59 -26.20
CA PHE C 904 40.70 -39.71 -25.88
C PHE C 904 40.01 -40.21 -27.14
N THR C 905 39.44 -39.30 -27.93
CA THR C 905 38.77 -39.73 -29.15
C THR C 905 39.76 -40.37 -30.11
N LEU C 906 41.00 -39.91 -30.12
CA LEU C 906 42.02 -40.48 -30.98
C LEU C 906 42.36 -41.90 -30.55
N LEU C 907 42.45 -42.14 -29.24
CA LEU C 907 42.70 -43.49 -28.76
C LEU C 907 41.54 -44.40 -29.11
N GLN C 908 40.31 -43.90 -29.00
CA GLN C 908 39.16 -44.70 -29.43
C GLN C 908 39.25 -45.03 -30.92
N ASN C 909 39.59 -44.03 -31.74
CA ASN C 909 39.74 -44.27 -33.17
C ASN C 909 40.81 -45.32 -33.45
N VAL C 910 41.94 -45.22 -32.77
CA VAL C 910 43.00 -46.22 -32.93
C VAL C 910 42.45 -47.60 -32.59
N ALA C 911 41.75 -47.71 -31.46
CA ALA C 911 41.12 -48.98 -31.11
C ALA C 911 40.20 -49.46 -32.21
N GLN C 912 39.59 -48.53 -32.95
CA GLN C 912 38.74 -48.94 -34.06
C GLN C 912 39.56 -49.41 -35.26
N GLU C 913 40.79 -48.92 -35.41
CA GLU C 913 41.67 -49.31 -36.52
C GLU C 913 42.70 -50.30 -35.98
N GLU C 914 42.42 -51.59 -36.18
CA GLU C 914 43.25 -52.62 -35.57
C GLU C 914 44.62 -52.71 -36.23
N ALA C 915 44.66 -52.60 -37.56
CA ALA C 915 45.92 -52.85 -38.27
C ALA C 915 47.04 -51.97 -37.74
N ALA C 916 46.78 -50.67 -37.62
CA ALA C 916 47.80 -49.73 -37.14
C ALA C 916 47.80 -49.58 -35.63
N ALA C 917 46.87 -50.23 -34.93
CA ALA C 917 46.76 -50.06 -33.48
C ALA C 917 48.04 -50.51 -32.78
N GLN C 918 48.49 -51.72 -33.09
CA GLN C 918 49.68 -52.25 -32.42
C GLN C 918 50.89 -51.39 -32.72
N SER C 919 51.08 -51.00 -33.98
CA SER C 919 52.21 -50.16 -34.35
C SER C 919 52.17 -48.84 -33.60
N PHE C 920 51.01 -48.19 -33.55
CA PHE C 920 50.90 -46.91 -32.86
C PHE C 920 51.19 -47.08 -31.38
N TYR C 921 50.67 -48.14 -30.77
CA TYR C 921 50.96 -48.38 -29.36
C TYR C 921 52.46 -48.50 -29.15
N GLN C 922 53.10 -49.41 -29.88
CA GLN C 922 54.53 -49.62 -29.73
C GLN C 922 55.29 -48.32 -29.94
N THR C 923 54.80 -47.46 -30.83
CA THR C 923 55.52 -46.23 -31.14
C THR C 923 55.39 -45.19 -30.04
N TYR C 924 54.19 -45.06 -29.44
CA TYR C 924 53.87 -43.87 -28.67
C TYR C 924 53.40 -44.10 -27.25
N PHE C 925 53.18 -45.34 -26.81
CA PHE C 925 52.49 -45.55 -25.54
C PHE C 925 53.31 -45.02 -24.37
N CYS C 926 54.58 -45.41 -24.28
CA CYS C 926 55.41 -44.98 -23.17
C CYS C 926 55.59 -43.47 -23.17
N ASP C 927 55.76 -42.88 -24.36
CA ASP C 927 55.88 -41.43 -24.45
C ASP C 927 54.61 -40.74 -23.95
N ILE C 928 53.45 -41.26 -24.35
CA ILE C 928 52.18 -40.67 -23.93
C ILE C 928 52.05 -40.75 -22.42
N LEU C 929 52.36 -41.91 -21.84
CA LEU C 929 52.27 -42.03 -20.39
C LEU C 929 53.24 -41.09 -19.70
N GLN C 930 54.47 -40.99 -20.20
CA GLN C 930 55.43 -40.05 -19.63
C GLN C 930 54.85 -38.65 -19.59
N HIS C 931 54.34 -38.17 -20.72
CA HIS C 931 53.87 -36.78 -20.76
C HIS C 931 52.60 -36.60 -19.91
N ILE C 932 51.69 -37.56 -19.96
CA ILE C 932 50.49 -37.47 -19.13
C ILE C 932 50.87 -37.37 -17.67
N PHE C 933 51.82 -38.19 -17.22
CA PHE C 933 52.20 -38.16 -15.82
C PHE C 933 52.92 -36.87 -15.46
N SER C 934 53.81 -36.40 -16.34
CA SER C 934 54.45 -35.12 -16.10
C SER C 934 53.42 -34.01 -15.94
N VAL C 935 52.33 -34.07 -16.71
CA VAL C 935 51.25 -33.10 -16.55
C VAL C 935 50.54 -33.30 -15.22
N VAL C 936 50.18 -34.55 -14.90
CA VAL C 936 49.35 -34.81 -13.74
C VAL C 936 50.07 -34.38 -12.47
N THR C 937 51.34 -34.78 -12.34
CA THR C 937 52.11 -34.37 -11.17
C THR C 937 52.22 -32.86 -11.08
N ASP C 938 52.05 -32.16 -12.19
CA ASP C 938 52.02 -30.70 -12.15
C ASP C 938 50.69 -30.26 -11.58
N THR C 939 50.74 -29.46 -10.51
CA THR C 939 49.53 -28.93 -9.91
C THR C 939 48.84 -27.93 -10.83
N SER C 940 49.59 -27.28 -11.72
CA SER C 940 49.01 -26.22 -12.53
C SER C 940 47.88 -26.74 -13.41
N HIS C 941 47.89 -28.03 -13.72
CA HIS C 941 46.90 -28.63 -14.61
C HIS C 941 45.87 -29.45 -13.85
N THR C 942 45.75 -29.22 -12.54
CA THR C 942 44.86 -30.02 -11.71
C THR C 942 43.46 -30.09 -12.31
N ALA C 943 42.96 -28.98 -12.86
CA ALA C 943 41.58 -28.97 -13.33
C ALA C 943 41.34 -30.04 -14.38
N GLY C 944 42.36 -30.39 -15.16
CA GLY C 944 42.20 -31.38 -16.21
C GLY C 944 42.24 -32.82 -15.73
N LEU C 945 42.38 -33.03 -14.43
CA LEU C 945 42.62 -34.38 -13.92
C LEU C 945 41.53 -35.34 -14.36
N THR C 946 40.28 -34.87 -14.43
CA THR C 946 39.21 -35.75 -14.86
C THR C 946 39.50 -36.36 -16.22
N MET C 947 39.93 -35.53 -17.17
CA MET C 947 40.34 -36.08 -18.46
C MET C 947 41.50 -37.03 -18.28
N HIS C 948 42.48 -36.65 -17.46
CA HIS C 948 43.55 -37.59 -17.15
C HIS C 948 42.93 -38.90 -16.68
N ALA C 949 42.14 -38.84 -15.61
CA ALA C 949 41.44 -40.03 -15.14
C ALA C 949 40.65 -40.69 -16.26
N SER C 950 40.05 -39.87 -17.12
CA SER C 950 39.25 -40.42 -18.21
C SER C 950 40.12 -41.25 -19.15
N ILE C 951 41.33 -40.79 -19.45
CA ILE C 951 42.15 -41.48 -20.44
C ILE C 951 43.00 -42.57 -19.79
N LEU C 952 43.65 -42.29 -18.66
CA LEU C 952 44.50 -43.29 -18.03
C LEU C 952 43.73 -44.57 -17.80
N ALA C 953 42.59 -44.47 -17.11
CA ALA C 953 41.77 -45.63 -16.85
C ALA C 953 41.49 -46.40 -18.13
N TYR C 954 41.22 -45.66 -19.22
CA TYR C 954 41.02 -46.32 -20.50
C TYR C 954 42.27 -47.10 -20.91
N MET C 955 43.40 -46.41 -21.05
CA MET C 955 44.60 -47.08 -21.54
C MET C 955 44.94 -48.29 -20.69
N PHE C 956 44.97 -48.12 -19.37
CA PHE C 956 45.28 -49.23 -18.48
C PHE C 956 44.32 -50.38 -18.72
N ASN C 957 43.03 -50.08 -18.87
CA ASN C 957 42.08 -51.15 -19.19
C ASN C 957 42.51 -51.89 -20.44
N LEU C 958 42.84 -51.14 -21.49
CA LEU C 958 43.36 -51.77 -22.71
C LEU C 958 44.56 -52.64 -22.40
N VAL C 959 45.46 -52.16 -21.54
CA VAL C 959 46.59 -52.98 -21.13
C VAL C 959 46.12 -54.21 -20.39
N GLU C 960 45.16 -54.04 -19.48
CA GLU C 960 44.73 -55.16 -18.65
C GLU C 960 44.14 -56.28 -19.49
N GLU C 961 43.25 -55.94 -20.42
CA GLU C 961 42.62 -56.96 -21.24
C GLU C 961 43.55 -57.53 -22.29
N GLY C 962 44.79 -57.04 -22.37
CA GLY C 962 45.71 -57.53 -23.37
C GLY C 962 45.35 -57.15 -24.79
N LYS C 963 44.38 -56.25 -24.97
CA LYS C 963 44.04 -55.82 -26.33
C LYS C 963 45.26 -55.26 -27.04
N ILE C 964 46.20 -54.68 -26.29
CA ILE C 964 47.56 -54.50 -26.79
C ILE C 964 48.23 -55.87 -26.78
N SER C 965 48.45 -56.44 -27.96
CA SER C 965 48.98 -57.80 -28.05
C SER C 965 50.50 -57.83 -28.00
N THR C 966 51.17 -56.92 -28.69
CA THR C 966 52.62 -57.00 -28.79
C THR C 966 53.27 -56.60 -27.47
N SER C 967 54.34 -57.29 -27.12
CA SER C 967 55.16 -56.88 -25.99
C SER C 967 55.85 -55.56 -26.29
N LEU C 968 55.83 -54.65 -25.33
CA LEU C 968 56.40 -53.32 -25.55
C LEU C 968 57.92 -53.31 -25.38
N ASN C 969 58.51 -54.41 -24.93
CA ASN C 969 59.95 -54.51 -24.75
C ASN C 969 60.51 -55.48 -25.79
N PRO C 970 61.19 -55.00 -26.82
CA PRO C 970 61.84 -55.95 -27.75
C PRO C 970 62.81 -56.88 -27.07
N GLY C 971 63.47 -56.44 -26.01
CA GLY C 971 64.35 -57.30 -25.25
C GLY C 971 63.66 -58.24 -24.29
N ASN C 972 62.34 -58.14 -24.14
CA ASN C 972 61.60 -59.02 -23.24
C ASN C 972 60.17 -59.15 -23.76
N PRO C 973 59.83 -60.30 -24.42
CA PRO C 973 58.47 -60.50 -24.94
C PRO C 973 57.48 -60.97 -23.87
N VAL C 974 57.47 -60.27 -22.74
CA VAL C 974 56.59 -60.61 -21.62
C VAL C 974 55.28 -59.85 -21.77
N ASN C 975 54.26 -60.29 -21.03
CA ASN C 975 53.00 -59.56 -21.00
C ASN C 975 53.25 -58.12 -20.63
N ASN C 976 52.62 -57.20 -21.38
CA ASN C 976 52.93 -55.78 -21.24
C ASN C 976 52.63 -55.26 -19.84
N GLN C 977 51.75 -55.90 -19.09
CA GLN C 977 51.29 -55.34 -17.82
C GLN C 977 52.45 -55.18 -16.84
N ILE C 978 53.21 -56.25 -16.63
CA ILE C 978 54.30 -56.20 -15.66
C ILE C 978 55.38 -55.24 -16.12
N PHE C 979 55.69 -55.25 -17.42
CA PHE C 979 56.67 -54.32 -17.96
C PHE C 979 56.23 -52.88 -17.70
N LEU C 980 54.94 -52.62 -17.87
CA LEU C 980 54.40 -51.29 -17.62
C LEU C 980 54.57 -50.92 -16.16
N GLN C 981 54.27 -51.86 -15.26
CA GLN C 981 54.45 -51.57 -13.84
C GLN C 981 55.90 -51.20 -13.53
N GLU C 982 56.86 -52.00 -14.01
CA GLU C 982 58.26 -51.66 -13.71
C GLU C 982 58.63 -50.32 -14.33
N TYR C 983 58.19 -50.07 -15.56
CA TYR C 983 58.56 -48.82 -16.23
C TYR C 983 57.99 -47.61 -15.50
N VAL C 984 56.72 -47.68 -15.09
CA VAL C 984 56.11 -46.57 -14.36
C VAL C 984 56.82 -46.36 -13.03
N ALA C 985 57.08 -47.46 -12.31
CA ALA C 985 57.75 -47.34 -11.02
C ALA C 985 59.13 -46.70 -11.20
N ASN C 986 59.90 -47.17 -12.18
CA ASN C 986 61.23 -46.63 -12.41
C ASN C 986 61.15 -45.15 -12.77
N LEU C 987 60.23 -44.79 -13.66
CA LEU C 987 60.11 -43.40 -14.07
C LEU C 987 59.81 -42.50 -12.89
N LEU C 988 58.78 -42.86 -12.11
CA LEU C 988 58.40 -42.02 -10.98
C LEU C 988 59.52 -41.95 -9.95
N LYS C 989 60.16 -43.09 -9.65
CA LYS C 989 61.21 -43.10 -8.66
C LYS C 989 62.39 -42.24 -9.09
N SER C 990 62.75 -42.29 -10.38
CA SER C 990 63.79 -41.41 -10.90
C SER C 990 63.37 -39.95 -10.78
N ALA C 991 62.11 -39.66 -11.10
CA ALA C 991 61.63 -38.28 -11.02
C ALA C 991 61.41 -37.88 -9.57
N PHE C 992 61.12 -38.83 -8.69
CA PHE C 992 60.79 -38.56 -7.29
C PHE C 992 61.64 -39.45 -6.40
N PRO C 993 62.94 -39.16 -6.30
CA PRO C 993 63.81 -40.01 -5.49
C PRO C 993 63.41 -40.08 -4.02
N HIS C 994 62.85 -38.99 -3.47
CA HIS C 994 62.53 -38.94 -2.07
C HIS C 994 61.32 -39.80 -1.69
N LEU C 995 60.59 -40.33 -2.66
CA LEU C 995 59.40 -41.11 -2.36
C LEU C 995 59.75 -42.52 -1.94
N GLN C 996 58.94 -43.08 -1.06
CA GLN C 996 59.10 -44.47 -0.65
C GLN C 996 58.64 -45.41 -1.76
N ASP C 997 59.40 -46.48 -1.96
CA ASP C 997 59.08 -47.41 -3.04
C ASP C 997 57.72 -48.05 -2.83
N ALA C 998 57.39 -48.37 -1.58
CA ALA C 998 56.08 -48.95 -1.29
C ALA C 998 54.96 -48.02 -1.72
N GLN C 999 55.14 -46.71 -1.57
CA GLN C 999 54.14 -45.77 -2.03
C GLN C 999 53.88 -45.94 -3.52
N VAL C 1000 54.95 -46.00 -4.31
CA VAL C 1000 54.78 -46.14 -5.76
C VAL C 1000 54.13 -47.47 -6.09
N LYS C 1001 54.54 -48.54 -5.42
CA LYS C 1001 53.93 -49.85 -5.64
C LYS C 1001 52.43 -49.78 -5.40
N LEU C 1002 52.03 -49.23 -4.26
CA LEU C 1002 50.62 -49.09 -3.94
C LEU C 1002 49.90 -48.26 -4.98
N PHE C 1003 50.52 -47.14 -5.40
CA PHE C 1003 49.86 -46.25 -6.35
C PHE C 1003 49.62 -46.95 -7.68
N VAL C 1004 50.63 -47.65 -8.19
CA VAL C 1004 50.47 -48.36 -9.46
C VAL C 1004 49.43 -49.46 -9.33
N THR C 1005 49.47 -50.20 -8.22
CA THR C 1005 48.47 -51.23 -8.00
C THR C 1005 47.07 -50.64 -8.04
N GLY C 1006 46.87 -49.50 -7.37
CA GLY C 1006 45.58 -48.83 -7.47
C GLY C 1006 45.24 -48.42 -8.89
N LEU C 1007 46.22 -47.91 -9.62
CA LEU C 1007 45.98 -47.52 -11.00
C LEU C 1007 45.36 -48.66 -11.77
N PHE C 1008 45.92 -49.86 -11.62
CA PHE C 1008 45.34 -51.01 -12.30
C PHE C 1008 44.02 -51.43 -11.68
N SER C 1009 43.89 -51.33 -10.37
CA SER C 1009 42.66 -51.75 -9.69
C SER C 1009 41.52 -50.77 -9.90
N LEU C 1010 41.83 -49.49 -10.11
CA LEU C 1010 40.81 -48.44 -10.14
C LEU C 1010 40.43 -48.04 -11.56
N ASN C 1011 40.90 -48.75 -12.58
CA ASN C 1011 40.67 -48.34 -13.95
C ASN C 1011 39.21 -48.43 -14.37
N GLN C 1012 38.30 -48.83 -13.48
CA GLN C 1012 36.87 -48.86 -13.79
C GLN C 1012 36.05 -48.06 -12.78
N ASP C 1013 36.70 -47.21 -11.98
CA ASP C 1013 36.01 -46.31 -11.05
C ASP C 1013 36.65 -44.93 -11.22
N ILE C 1014 36.09 -44.14 -12.14
CA ILE C 1014 36.67 -42.83 -12.42
C ILE C 1014 36.71 -41.95 -11.19
N PRO C 1015 35.66 -41.88 -10.37
CA PRO C 1015 35.77 -41.07 -9.13
C PRO C 1015 36.87 -41.56 -8.21
N ALA C 1016 36.89 -42.87 -7.91
CA ALA C 1016 37.93 -43.41 -7.05
C ALA C 1016 39.30 -43.27 -7.70
N PHE C 1017 39.38 -43.45 -9.02
CA PHE C 1017 40.64 -43.27 -9.73
C PHE C 1017 41.14 -41.84 -9.56
N LYS C 1018 40.24 -40.86 -9.69
CA LYS C 1018 40.64 -39.47 -9.57
C LYS C 1018 41.08 -39.15 -8.15
N GLU C 1019 40.37 -39.68 -7.15
CA GLU C 1019 40.81 -39.47 -5.78
C GLU C 1019 42.15 -40.14 -5.53
N HIS C 1020 42.41 -41.28 -6.18
CA HIS C 1020 43.70 -41.94 -6.06
C HIS C 1020 44.81 -41.08 -6.66
N LEU C 1021 44.55 -40.49 -7.84
CA LEU C 1021 45.53 -39.58 -8.44
C LEU C 1021 45.77 -38.39 -7.53
N ARG C 1022 44.71 -37.87 -6.91
CA ARG C 1022 44.87 -36.73 -6.01
C ARG C 1022 45.69 -37.13 -4.79
N ASP C 1023 45.46 -38.34 -4.29
CA ASP C 1023 46.25 -38.85 -3.17
C ASP C 1023 47.72 -38.94 -3.55
N PHE C 1024 48.01 -39.45 -4.75
CA PHE C 1024 49.40 -39.51 -5.19
C PHE C 1024 50.00 -38.12 -5.29
N LEU C 1025 49.23 -37.16 -5.81
CA LEU C 1025 49.73 -35.80 -5.92
C LEU C 1025 50.02 -35.22 -4.54
N VAL C 1026 49.17 -35.55 -3.57
CA VAL C 1026 49.45 -35.13 -2.19
C VAL C 1026 50.76 -35.73 -1.73
N GLN C 1027 50.97 -37.01 -2.01
CA GLN C 1027 52.18 -37.68 -1.55
C GLN C 1027 53.43 -37.06 -2.15
N ILE C 1028 53.44 -36.86 -3.47
CA ILE C 1028 54.65 -36.33 -4.12
C ILE C 1028 55.02 -34.98 -3.54
N LYS C 1029 54.06 -34.22 -3.03
CA LYS C 1029 54.38 -32.94 -2.40
C LYS C 1029 55.13 -33.12 -1.09
N GLU C 1030 55.18 -34.32 -0.53
CA GLU C 1030 55.71 -34.56 0.80
C GLU C 1030 57.00 -35.36 0.70
N PHE C 1031 58.07 -34.83 1.31
CA PHE C 1031 59.29 -35.60 1.52
C PHE C 1031 59.06 -36.47 2.74
N ALA C 1032 58.61 -37.70 2.50
CA ALA C 1032 58.25 -38.63 3.56
C ALA C 1032 59.41 -39.57 3.83
N GLY C 1033 59.80 -39.69 5.09
CA GLY C 1033 60.85 -40.59 5.49
C GLY C 1033 60.38 -42.03 5.51
N GLU C 1034 61.21 -42.88 6.11
CA GLU C 1034 60.85 -44.29 6.21
C GLU C 1034 59.62 -44.51 7.06
N ASP C 1035 59.21 -43.52 7.84
CA ASP C 1035 58.05 -43.65 8.73
C ASP C 1035 56.79 -43.74 7.88
N THR C 1036 56.30 -44.96 7.67
CA THR C 1036 55.07 -45.19 6.95
C THR C 1036 53.85 -45.28 7.84
N SER C 1037 54.02 -45.11 9.16
CA SER C 1037 52.91 -45.24 10.08
C SER C 1037 51.78 -44.27 9.72
N ASP C 1038 52.12 -43.06 9.33
CA ASP C 1038 51.08 -42.09 8.96
C ASP C 1038 50.43 -42.42 7.63
N LEU C 1039 50.98 -43.36 6.86
CA LEU C 1039 50.51 -43.59 5.50
C LEU C 1039 49.36 -44.59 5.44
N PHE C 1040 49.18 -45.40 6.47
CA PHE C 1040 48.10 -46.38 6.48
C PHE C 1040 48.18 -47.28 5.24
N LEU C 1041 49.41 -47.61 4.85
CA LEU C 1041 49.61 -48.39 3.63
C LEU C 1041 48.82 -49.69 3.69
N GLU C 1042 48.71 -50.30 4.86
CA GLU C 1042 47.93 -51.53 4.97
C GLU C 1042 46.44 -51.26 4.78
N GLU C 1043 45.93 -50.16 5.34
CA GLU C 1043 44.52 -49.83 5.17
C GLU C 1043 44.20 -49.49 3.72
N ARG C 1044 45.03 -48.65 3.12
CA ARG C 1044 44.82 -48.29 1.71
C ARG C 1044 44.97 -49.52 0.83
N GLU C 1045 45.87 -50.43 1.19
CA GLU C 1045 46.03 -51.66 0.42
C GLU C 1045 44.79 -52.54 0.54
N ILE C 1046 44.20 -52.59 1.74
CA ILE C 1046 42.96 -53.34 1.92
C ILE C 1046 41.85 -52.73 1.09
N ALA C 1047 41.75 -51.41 1.09
CA ALA C 1047 40.73 -50.74 0.28
C ALA C 1047 40.96 -51.02 -1.20
N LEU C 1048 42.22 -51.01 -1.64
CA LEU C 1048 42.52 -51.29 -3.04
C LEU C 1048 42.20 -52.73 -3.38
N ARG C 1049 42.45 -53.65 -2.45
CA ARG C 1049 42.08 -55.04 -2.66
C ARG C 1049 40.57 -55.19 -2.81
N GLN C 1050 39.81 -54.49 -1.98
CA GLN C 1050 38.35 -54.53 -2.08
C GLN C 1050 37.90 -53.96 -3.43
N ALA C 1051 38.48 -52.84 -3.84
CA ALA C 1051 38.11 -52.24 -5.12
C ALA C 1051 38.44 -53.16 -6.28
N ASP C 1052 39.63 -53.77 -6.24
CA ASP C 1052 40.01 -54.71 -7.29
C ASP C 1052 39.13 -55.94 -7.27
N GLU C 1053 38.70 -56.39 -6.09
CA GLU C 1053 37.79 -57.52 -6.01
C GLU C 1053 36.46 -57.18 -6.68
N GLU C 1054 35.93 -55.98 -6.43
CA GLU C 1054 34.71 -55.58 -7.11
C GLU C 1054 34.93 -55.45 -8.60
N LYS C 1055 36.11 -54.98 -9.01
CA LYS C 1055 36.40 -54.86 -10.44
C LYS C 1055 36.46 -56.23 -11.11
N HIS C 1056 37.10 -57.21 -10.47
CA HIS C 1056 37.16 -58.56 -11.02
C HIS C 1056 35.78 -59.19 -11.03
N LYS C 1057 34.97 -58.94 -10.00
CA LYS C 1057 33.60 -59.44 -10.01
C LYS C 1057 32.81 -58.84 -11.17
N ARG C 1058 32.95 -57.54 -11.39
CA ARG C 1058 32.26 -56.90 -12.51
C ARG C 1058 32.71 -57.49 -13.84
N GLN C 1059 34.02 -57.69 -14.00
CA GLN C 1059 34.54 -58.28 -15.24
C GLN C 1059 34.04 -59.70 -15.45
N MET C 1060 34.03 -60.51 -14.40
CA MET C 1060 33.56 -61.90 -14.52
C MET C 1060 32.06 -61.95 -14.79
N SER C 1061 31.29 -61.05 -14.18
CA SER C 1061 29.85 -61.06 -14.36
C SER C 1061 29.45 -60.86 -15.81
N VAL C 1062 30.32 -60.28 -16.62
CA VAL C 1062 30.05 -60.11 -18.04
C VAL C 1062 30.05 -61.47 -18.73
N GLN D 10 46.71 9.50 -1.17
CA GLN D 10 45.61 10.10 -0.43
C GLN D 10 44.32 9.32 -0.61
N VAL D 11 43.54 9.22 0.47
CA VAL D 11 42.26 8.50 0.48
C VAL D 11 42.41 7.20 -0.30
N GLN D 12 43.46 6.44 -0.03
CA GLN D 12 43.72 5.19 -0.71
C GLN D 12 43.43 4.03 0.23
N PHE D 13 43.00 2.91 -0.35
CA PHE D 13 42.68 1.71 0.39
C PHE D 13 43.51 0.55 -0.12
N LYS D 14 43.88 -0.34 0.79
CA LYS D 14 44.61 -1.55 0.42
C LYS D 14 43.62 -2.60 -0.08
N LEU D 15 43.70 -2.93 -1.35
CA LEU D 15 42.82 -3.92 -1.97
C LEU D 15 43.63 -5.14 -2.34
N VAL D 16 43.07 -6.32 -2.06
CA VAL D 16 43.71 -7.59 -2.39
C VAL D 16 42.82 -8.34 -3.35
N LEU D 17 43.38 -8.74 -4.49
CA LEU D 17 42.66 -9.48 -5.51
C LEU D 17 43.13 -10.93 -5.49
N VAL D 18 42.19 -11.85 -5.38
CA VAL D 18 42.49 -13.28 -5.25
C VAL D 18 41.80 -14.05 -6.37
N GLY D 19 42.46 -15.07 -6.87
CA GLY D 19 41.95 -15.85 -7.98
C GLY D 19 43.10 -16.49 -8.73
N ASP D 20 42.76 -17.19 -9.80
CA ASP D 20 43.77 -17.81 -10.64
C ASP D 20 44.56 -16.74 -11.38
N GLY D 21 45.90 -16.87 -11.36
CA GLY D 21 46.76 -15.84 -11.88
C GLY D 21 46.54 -15.53 -13.35
N GLY D 22 46.46 -14.24 -13.68
CA GLY D 22 46.20 -13.82 -15.04
C GLY D 22 44.94 -14.41 -15.64
N THR D 23 44.15 -15.09 -14.81
CA THR D 23 42.87 -15.65 -15.21
C THR D 23 41.76 -14.60 -15.19
N GLY D 24 42.14 -13.33 -15.13
CA GLY D 24 41.18 -12.25 -15.08
C GLY D 24 41.62 -11.17 -14.12
N LYS D 25 42.35 -11.54 -13.08
CA LYS D 25 42.86 -10.55 -12.15
C LYS D 25 43.83 -9.60 -12.83
N THR D 26 44.85 -10.16 -13.48
CA THR D 26 45.77 -9.32 -14.26
C THR D 26 45.03 -8.63 -15.39
N THR D 27 44.18 -9.38 -16.10
CA THR D 27 43.42 -8.77 -17.19
C THR D 27 42.49 -7.68 -16.67
N PHE D 28 41.84 -7.93 -15.54
CA PHE D 28 40.93 -6.93 -14.98
C PHE D 28 41.69 -5.66 -14.59
N VAL D 29 42.82 -5.83 -13.92
CA VAL D 29 43.61 -4.67 -13.51
C VAL D 29 44.07 -3.88 -14.73
N LYS D 30 44.57 -4.58 -15.75
CA LYS D 30 45.01 -3.87 -16.95
C LYS D 30 43.84 -3.16 -17.62
N ARG D 31 42.69 -3.82 -17.72
CA ARG D 31 41.54 -3.24 -18.40
C ARG D 31 41.07 -1.97 -17.69
N HIS D 32 41.03 -2.00 -16.36
CA HIS D 32 40.75 -0.76 -15.63
C HIS D 32 41.89 0.25 -15.75
N LEU D 33 43.10 -0.20 -16.04
CA LEU D 33 44.23 0.73 -16.14
C LEU D 33 44.29 1.38 -17.52
N THR D 34 44.47 0.57 -18.57
CA THR D 34 44.60 1.08 -19.92
C THR D 34 43.27 1.13 -20.67
N GLY D 35 42.38 0.19 -20.39
CA GLY D 35 41.17 0.01 -21.15
C GLY D 35 41.26 -1.07 -22.20
N GLU D 36 42.48 -1.48 -22.56
CA GLU D 36 42.67 -2.58 -23.48
C GLU D 36 42.28 -3.89 -22.82
N PHE D 37 41.85 -4.85 -23.63
CA PHE D 37 41.48 -6.17 -23.15
C PHE D 37 42.54 -7.16 -23.62
N GLU D 38 43.40 -7.58 -22.70
CA GLU D 38 44.48 -8.48 -23.04
C GLU D 38 43.95 -9.80 -23.56
N LYS D 39 44.61 -10.35 -24.57
CA LYS D 39 44.30 -11.67 -25.10
C LYS D 39 45.25 -12.74 -24.58
N LYS D 40 46.54 -12.45 -24.54
CA LYS D 40 47.51 -13.43 -24.07
C LYS D 40 47.26 -13.79 -22.62
N TYR D 41 47.69 -14.98 -22.24
CA TYR D 41 47.60 -15.46 -20.86
C TYR D 41 49.01 -15.69 -20.33
N VAL D 42 49.61 -14.64 -19.78
CA VAL D 42 50.87 -14.74 -19.06
C VAL D 42 50.53 -14.83 -17.59
N ALA D 43 50.57 -16.04 -17.04
CA ALA D 43 50.17 -16.24 -15.66
C ALA D 43 50.94 -15.32 -14.73
N THR D 44 50.22 -14.64 -13.85
CA THR D 44 50.85 -13.65 -12.99
C THR D 44 51.87 -14.32 -12.06
N LEU D 45 52.96 -13.62 -11.81
CA LEU D 45 54.01 -14.09 -10.92
C LEU D 45 53.91 -13.33 -9.60
N GLY D 46 53.70 -14.06 -8.51
CA GLY D 46 53.55 -13.44 -7.21
C GLY D 46 52.46 -12.40 -7.20
N VAL D 47 52.82 -11.13 -7.05
CA VAL D 47 51.84 -10.06 -6.99
C VAL D 47 52.39 -8.82 -7.69
N GLU D 48 51.46 -8.04 -8.25
CA GLU D 48 51.75 -6.73 -8.80
C GLU D 48 50.85 -5.72 -8.14
N VAL D 49 51.44 -4.65 -7.60
CA VAL D 49 50.69 -3.59 -6.94
C VAL D 49 50.50 -2.47 -7.95
N HIS D 50 49.25 -2.10 -8.19
CA HIS D 50 48.90 -1.07 -9.15
C HIS D 50 48.05 0.00 -8.46
N PRO D 51 48.42 1.27 -8.56
CA PRO D 51 47.45 2.33 -8.28
C PRO D 51 46.32 2.27 -9.28
N LEU D 52 45.11 2.54 -8.80
CA LEU D 52 43.94 2.56 -9.67
C LEU D 52 42.97 3.59 -9.12
N VAL D 53 42.77 4.67 -9.87
CA VAL D 53 42.08 5.85 -9.36
C VAL D 53 40.69 5.93 -9.97
N PHE D 54 39.71 6.24 -9.13
CA PHE D 54 38.35 6.55 -9.56
C PHE D 54 38.00 7.95 -9.07
N HIS D 55 36.98 8.54 -9.68
CA HIS D 55 36.49 9.85 -9.27
C HIS D 55 35.00 9.74 -9.00
N THR D 56 34.62 9.91 -7.74
CA THR D 56 33.24 9.84 -7.31
C THR D 56 32.66 11.22 -7.12
N ASN D 57 31.34 11.27 -6.94
CA ASN D 57 30.67 12.51 -6.60
C ASN D 57 31.29 13.16 -5.38
N ARG D 58 32.10 12.41 -4.63
CA ARG D 58 32.72 12.90 -3.41
C ARG D 58 34.24 12.96 -3.50
N GLY D 59 34.80 13.06 -4.71
CA GLY D 59 36.22 13.28 -4.86
C GLY D 59 36.98 12.07 -5.37
N PRO D 60 38.30 12.16 -5.35
CA PRO D 60 39.13 11.05 -5.85
C PRO D 60 39.15 9.88 -4.86
N ILE D 61 39.44 8.71 -5.40
CA ILE D 61 39.58 7.49 -4.62
C ILE D 61 40.72 6.68 -5.24
N LYS D 62 41.57 6.11 -4.40
CA LYS D 62 42.72 5.34 -4.85
C LYS D 62 42.64 3.91 -4.32
N PHE D 63 42.75 2.95 -5.22
CA PHE D 63 42.88 1.55 -4.86
C PHE D 63 44.32 1.12 -5.08
N ASN D 64 44.92 0.52 -4.04
CA ASN D 64 46.23 -0.08 -4.15
C ASN D 64 46.02 -1.57 -4.43
N VAL D 65 45.69 -1.87 -5.69
CA VAL D 65 45.26 -3.21 -6.04
C VAL D 65 46.47 -4.13 -6.07
N TRP D 66 46.46 -5.16 -5.24
CA TRP D 66 47.51 -6.18 -5.24
C TRP D 66 47.00 -7.37 -6.05
N ASP D 67 47.20 -7.30 -7.36
CA ASP D 67 46.84 -8.42 -8.23
C ASP D 67 47.82 -9.55 -7.93
N THR D 68 47.37 -10.53 -7.16
CA THR D 68 48.21 -11.61 -6.70
C THR D 68 48.22 -12.76 -7.70
N ALA D 69 49.29 -13.53 -7.68
CA ALA D 69 49.37 -14.70 -8.55
C ALA D 69 48.43 -15.77 -8.05
N GLY D 70 47.74 -16.42 -8.99
CA GLY D 70 46.82 -17.48 -8.66
C GLY D 70 47.36 -18.88 -8.85
N LEU D 71 48.60 -19.02 -9.31
CA LEU D 71 49.22 -20.32 -9.47
C LEU D 71 50.17 -20.58 -8.31
N GLU D 72 49.99 -21.73 -7.66
CA GLU D 72 50.79 -22.09 -6.51
C GLU D 72 52.29 -21.95 -6.80
N LYS D 73 52.72 -22.41 -7.98
CA LYS D 73 54.14 -22.34 -8.31
C LYS D 73 54.63 -20.91 -8.28
N PHE D 74 53.74 -19.94 -8.49
CA PHE D 74 54.09 -18.52 -8.51
C PHE D 74 53.44 -17.77 -7.36
N GLY D 75 52.89 -18.49 -6.36
CA GLY D 75 52.27 -17.82 -5.24
C GLY D 75 53.24 -16.96 -4.46
N GLY D 76 54.50 -17.38 -4.36
CA GLY D 76 55.48 -16.60 -3.63
C GLY D 76 55.06 -16.43 -2.19
N LEU D 77 55.06 -15.17 -1.74
CA LEU D 77 54.71 -14.90 -0.34
C LEU D 77 53.33 -15.43 -0.01
N ARG D 78 52.43 -15.49 -0.99
CA ARG D 78 51.09 -16.05 -0.82
C ARG D 78 50.34 -15.23 0.22
N ASP D 79 49.87 -15.81 1.32
CA ASP D 79 48.98 -15.11 2.23
C ASP D 79 49.61 -13.85 2.81
N GLY D 80 50.94 -13.75 2.79
CA GLY D 80 51.58 -12.56 3.29
C GLY D 80 51.10 -11.30 2.59
N TYR D 81 50.65 -11.43 1.34
CA TYR D 81 50.15 -10.28 0.61
C TYR D 81 48.89 -9.71 1.26
N TYR D 82 48.13 -10.54 1.96
CA TYR D 82 46.85 -10.11 2.53
C TYR D 82 47.02 -9.23 3.75
N ILE D 83 48.19 -9.23 4.38
CA ILE D 83 48.38 -8.47 5.61
C ILE D 83 47.99 -7.02 5.39
N GLN D 84 47.19 -6.49 6.31
CA GLN D 84 46.75 -5.10 6.29
C GLN D 84 45.84 -4.79 5.11
N ALA D 85 45.27 -5.80 4.47
CA ALA D 85 44.34 -5.56 3.39
C ALA D 85 43.10 -4.85 3.91
N GLN D 86 42.57 -3.92 3.11
CA GLN D 86 41.39 -3.16 3.50
C GLN D 86 40.15 -3.56 2.73
N CYS D 87 40.30 -4.30 1.64
CA CYS D 87 39.17 -4.85 0.89
C CYS D 87 39.68 -6.01 0.07
N ALA D 88 38.77 -6.90 -0.32
CA ALA D 88 39.14 -8.11 -1.04
C ALA D 88 38.19 -8.35 -2.19
N ILE D 89 38.74 -8.69 -3.35
CA ILE D 89 37.97 -9.11 -4.51
C ILE D 89 38.37 -10.52 -4.86
N ILE D 90 37.50 -11.47 -4.59
CA ILE D 90 37.66 -12.84 -5.05
C ILE D 90 37.14 -12.96 -6.47
N MET D 91 37.84 -13.73 -7.29
CA MET D 91 37.52 -13.91 -8.69
C MET D 91 37.34 -15.38 -9.00
N PHE D 92 36.62 -15.66 -10.07
CA PHE D 92 36.56 -17.01 -10.60
C PHE D 92 35.98 -16.97 -12.00
N ASP D 93 36.38 -17.93 -12.82
CA ASP D 93 35.93 -18.00 -14.21
C ASP D 93 34.70 -18.88 -14.30
N VAL D 94 33.58 -18.31 -14.75
CA VAL D 94 32.33 -19.06 -14.80
C VAL D 94 32.39 -20.19 -15.80
N THR D 95 33.38 -20.19 -16.69
CA THR D 95 33.53 -21.23 -17.70
C THR D 95 34.24 -22.47 -17.17
N SER D 96 34.79 -22.42 -15.97
CA SER D 96 35.51 -23.55 -15.39
C SER D 96 35.05 -23.73 -13.94
N ARG D 97 34.34 -24.83 -13.69
CA ARG D 97 33.81 -25.09 -12.36
C ARG D 97 34.92 -25.20 -11.32
N VAL D 98 36.09 -25.72 -11.72
CA VAL D 98 37.15 -25.96 -10.76
C VAL D 98 37.58 -24.67 -10.08
N THR D 99 37.73 -23.60 -10.86
CA THR D 99 38.08 -22.32 -10.26
C THR D 99 37.00 -21.82 -9.31
N TYR D 100 35.79 -22.36 -9.42
CA TYR D 100 34.74 -22.03 -8.47
C TYR D 100 34.87 -22.85 -7.20
N LYS D 101 35.03 -24.17 -7.34
CA LYS D 101 35.26 -24.99 -6.15
C LYS D 101 36.46 -24.52 -5.36
N ASN D 102 37.46 -23.95 -6.03
CA ASN D 102 38.59 -23.35 -5.33
C ASN D 102 38.22 -22.07 -4.60
N VAL D 103 37.03 -21.52 -4.86
CA VAL D 103 36.64 -20.27 -4.21
C VAL D 103 36.63 -20.39 -2.69
N PRO D 104 36.02 -21.42 -2.09
CA PRO D 104 36.01 -21.49 -0.62
C PRO D 104 37.40 -21.48 -0.01
N ASN D 105 38.38 -22.10 -0.66
CA ASN D 105 39.74 -22.07 -0.13
C ASN D 105 40.28 -20.65 -0.07
N TRP D 106 40.09 -19.88 -1.14
CA TRP D 106 40.53 -18.49 -1.13
C TRP D 106 39.80 -17.70 -0.07
N HIS D 107 38.49 -17.92 0.08
CA HIS D 107 37.74 -17.21 1.11
C HIS D 107 38.27 -17.54 2.50
N ARG D 108 38.55 -18.82 2.74
CA ARG D 108 39.09 -19.24 4.02
C ARG D 108 40.40 -18.51 4.30
N ASP D 109 41.33 -18.55 3.35
CA ASP D 109 42.62 -17.91 3.58
C ASP D 109 42.46 -16.41 3.82
N LEU D 110 41.59 -15.76 3.05
CA LEU D 110 41.42 -14.33 3.21
C LEU D 110 40.83 -14.00 4.57
N VAL D 111 39.75 -14.68 4.96
CA VAL D 111 39.14 -14.35 6.24
C VAL D 111 40.11 -14.68 7.36
N ARG D 112 40.89 -15.76 7.20
CA ARG D 112 41.85 -16.15 8.21
C ARG D 112 42.86 -15.04 8.43
N VAL D 113 43.31 -14.41 7.34
CA VAL D 113 44.22 -13.28 7.48
C VAL D 113 43.45 -12.00 7.77
N CYS D 114 42.39 -11.74 7.01
CA CYS D 114 41.51 -10.60 7.18
C CYS D 114 40.17 -11.12 7.71
N GLU D 115 39.93 -10.93 9.00
CA GLU D 115 38.73 -11.50 9.61
C GLU D 115 37.47 -10.74 9.20
N ASN D 116 37.54 -9.40 9.18
CA ASN D 116 36.36 -8.58 8.90
C ASN D 116 36.72 -7.59 7.79
N ILE D 117 36.55 -8.02 6.54
CA ILE D 117 36.77 -7.15 5.39
C ILE D 117 35.69 -7.40 4.35
N PRO D 118 35.25 -6.37 3.63
CA PRO D 118 34.29 -6.58 2.56
C PRO D 118 34.85 -7.50 1.49
N ILE D 119 34.00 -8.36 0.96
CA ILE D 119 34.42 -9.36 -0.02
C ILE D 119 33.45 -9.33 -1.19
N VAL D 120 34.00 -9.25 -2.40
CA VAL D 120 33.22 -9.25 -3.64
C VAL D 120 33.56 -10.50 -4.42
N LEU D 121 32.55 -11.32 -4.67
CA LEU D 121 32.71 -12.52 -5.49
C LEU D 121 32.37 -12.15 -6.92
N CYS D 122 33.37 -12.21 -7.80
CA CYS D 122 33.22 -11.74 -9.17
C CYS D 122 33.37 -12.91 -10.14
N GLY D 123 32.38 -13.10 -10.99
CA GLY D 123 32.49 -14.06 -12.06
C GLY D 123 33.01 -13.43 -13.33
N ASN D 124 34.27 -13.67 -13.67
CA ASN D 124 34.87 -12.96 -14.78
C ASN D 124 34.45 -13.56 -16.13
N LYS D 125 34.72 -12.80 -17.18
CA LYS D 125 34.51 -13.22 -18.56
C LYS D 125 33.20 -13.99 -18.72
N VAL D 126 32.11 -13.37 -18.24
CA VAL D 126 30.79 -13.86 -18.56
C VAL D 126 30.49 -13.68 -20.04
N ASP D 127 31.17 -12.73 -20.69
CA ASP D 127 30.92 -12.47 -22.10
C ASP D 127 31.12 -13.73 -22.93
N ILE D 128 32.18 -14.46 -22.68
CA ILE D 128 32.40 -15.74 -23.35
C ILE D 128 31.14 -16.59 -23.23
N LYS D 129 30.61 -17.01 -24.37
CA LYS D 129 29.28 -17.58 -24.42
C LYS D 129 29.21 -18.85 -23.58
N ASP D 130 30.29 -19.63 -23.55
CA ASP D 130 30.32 -20.92 -22.88
C ASP D 130 30.43 -20.72 -21.37
N ARG D 131 29.28 -20.60 -20.72
CA ARG D 131 29.20 -20.43 -19.28
C ARG D 131 28.96 -21.78 -18.61
N LYS D 132 29.88 -22.20 -17.75
CA LYS D 132 29.75 -23.47 -17.05
C LYS D 132 29.15 -23.32 -15.66
N VAL D 133 29.64 -22.35 -14.88
CA VAL D 133 29.14 -22.12 -13.53
C VAL D 133 27.85 -21.30 -13.62
N LYS D 134 26.71 -21.97 -13.64
CA LYS D 134 25.45 -21.29 -13.83
C LYS D 134 25.20 -20.32 -12.67
N ALA D 135 24.41 -19.28 -12.95
CA ALA D 135 24.07 -18.32 -11.91
C ALA D 135 23.35 -18.98 -10.74
N LYS D 136 22.63 -20.07 -11.00
CA LYS D 136 21.89 -20.73 -9.92
C LYS D 136 22.84 -21.25 -8.85
N SER D 137 23.96 -21.86 -9.25
CA SER D 137 24.81 -22.56 -8.31
C SER D 137 25.78 -21.65 -7.57
N ILE D 138 25.87 -20.38 -7.97
CA ILE D 138 26.78 -19.43 -7.31
C ILE D 138 26.10 -18.99 -6.02
N VAL D 139 26.46 -19.62 -4.91
CA VAL D 139 25.75 -19.41 -3.65
C VAL D 139 26.67 -19.15 -2.47
N PHE D 140 27.96 -19.48 -2.56
CA PHE D 140 28.84 -19.37 -1.40
C PHE D 140 28.77 -17.99 -0.76
N HIS D 141 28.68 -16.95 -1.59
CA HIS D 141 28.56 -15.59 -1.05
C HIS D 141 27.35 -15.48 -0.14
N ARG D 142 26.30 -16.26 -0.42
CA ARG D 142 25.07 -16.15 0.35
C ARG D 142 25.36 -16.34 1.82
N LYS D 143 25.80 -17.54 2.18
CA LYS D 143 26.10 -17.84 3.58
C LYS D 143 27.25 -16.97 4.07
N LYS D 144 28.29 -16.79 3.26
CA LYS D 144 29.39 -15.96 3.71
C LYS D 144 29.06 -14.48 3.73
N ASN D 145 27.95 -14.06 3.13
CA ASN D 145 27.56 -12.66 3.11
C ASN D 145 28.50 -11.84 2.21
N LEU D 146 28.96 -12.46 1.13
CA LEU D 146 29.77 -11.76 0.14
C LEU D 146 28.88 -11.05 -0.87
N GLN D 147 29.38 -9.94 -1.39
CA GLN D 147 28.64 -9.19 -2.40
C GLN D 147 29.05 -9.72 -3.78
N TYR D 148 28.08 -10.19 -4.55
CA TYR D 148 28.35 -10.90 -5.78
C TYR D 148 28.17 -10.01 -7.00
N TYR D 149 28.88 -10.34 -8.07
CA TYR D 149 28.78 -9.62 -9.33
C TYR D 149 29.17 -10.53 -10.48
N ASP D 150 28.34 -10.56 -11.51
CA ASP D 150 28.72 -11.11 -12.80
C ASP D 150 29.43 -10.03 -13.60
N ILE D 151 30.67 -10.29 -14.00
CA ILE D 151 31.47 -9.29 -14.70
C ILE D 151 32.18 -9.96 -15.88
N SER D 152 32.80 -9.13 -16.71
CA SER D 152 33.57 -9.62 -17.84
C SER D 152 34.51 -8.51 -18.28
N ALA D 153 35.81 -8.71 -18.07
CA ALA D 153 36.79 -7.69 -18.44
C ALA D 153 36.85 -7.46 -19.94
N LYS D 154 36.25 -8.35 -20.74
CA LYS D 154 36.27 -8.19 -22.19
C LYS D 154 35.23 -7.16 -22.65
N SER D 155 33.96 -7.42 -22.35
CA SER D 155 32.89 -6.53 -22.74
C SER D 155 32.50 -5.54 -21.65
N ASN D 156 33.17 -5.57 -20.49
CA ASN D 156 32.97 -4.62 -19.42
C ASN D 156 31.59 -4.73 -18.79
N TYR D 157 30.91 -5.85 -18.96
CA TYR D 157 29.65 -6.06 -18.27
C TYR D 157 29.86 -5.94 -16.78
N ASN D 158 29.06 -5.10 -16.12
CA ASN D 158 29.25 -4.81 -14.70
C ASN D 158 30.70 -4.45 -14.41
N PHE D 159 31.36 -3.83 -15.38
CA PHE D 159 32.79 -3.59 -15.30
C PHE D 159 33.17 -2.80 -14.06
N GLU D 160 32.29 -1.93 -13.59
CA GLU D 160 32.60 -1.05 -12.47
C GLU D 160 31.91 -1.43 -11.18
N LYS D 161 30.89 -2.29 -11.24
CA LYS D 161 30.09 -2.59 -10.04
C LYS D 161 30.92 -3.00 -8.85
N PRO D 162 31.89 -3.91 -8.96
CA PRO D 162 32.66 -4.30 -7.77
C PRO D 162 33.40 -3.14 -7.13
N PHE D 163 34.11 -2.34 -7.93
CA PHE D 163 34.85 -1.22 -7.37
C PHE D 163 33.92 -0.19 -6.74
N LEU D 164 32.80 0.11 -7.40
CA LEU D 164 31.84 1.04 -6.82
C LEU D 164 31.31 0.51 -5.48
N TRP D 165 30.97 -0.78 -5.43
CA TRP D 165 30.48 -1.35 -4.18
C TRP D 165 31.52 -1.26 -3.09
N LEU D 166 32.78 -1.58 -3.42
CA LEU D 166 33.83 -1.52 -2.41
C LEU D 166 34.04 -0.09 -1.92
N ALA D 167 34.01 0.88 -2.84
CA ALA D 167 34.16 2.27 -2.43
C ALA D 167 33.02 2.70 -1.52
N ARG D 168 31.80 2.31 -1.85
CA ARG D 168 30.66 2.64 -0.99
C ARG D 168 30.83 2.02 0.38
N LYS D 169 31.24 0.75 0.43
CA LYS D 169 31.37 0.08 1.72
C LYS D 169 32.51 0.68 2.55
N LEU D 170 33.56 1.18 1.88
CA LEU D 170 34.69 1.76 2.60
C LEU D 170 34.35 3.15 3.12
N ILE D 171 34.02 4.08 2.20
CA ILE D 171 33.73 5.44 2.62
C ILE D 171 32.47 5.49 3.48
N GLY D 172 31.57 4.53 3.30
CA GLY D 172 30.32 4.52 4.03
C GLY D 172 29.17 5.20 3.34
N ASP D 173 29.41 5.82 2.18
CA ASP D 173 28.34 6.46 1.42
C ASP D 173 27.63 5.43 0.56
N PRO D 174 26.46 4.95 0.97
CA PRO D 174 25.73 3.99 0.12
C PRO D 174 25.33 4.53 -1.24
N ASN D 175 25.04 5.82 -1.37
CA ASN D 175 24.62 6.37 -2.66
C ASN D 175 25.77 7.03 -3.42
N LEU D 176 27.00 6.87 -2.94
CA LEU D 176 28.14 7.43 -3.66
C LEU D 176 28.21 6.86 -5.06
N GLU D 177 28.57 7.71 -6.02
CA GLU D 177 28.60 7.36 -7.43
C GLU D 177 29.92 7.78 -8.05
N PHE D 178 30.48 6.92 -8.90
CA PHE D 178 31.66 7.29 -9.65
C PHE D 178 31.36 8.40 -10.65
N VAL D 179 32.37 9.22 -10.91
CA VAL D 179 32.29 10.31 -11.87
C VAL D 179 33.36 10.08 -12.92
N ALA D 180 33.12 10.60 -14.12
CA ALA D 180 34.08 10.44 -15.20
C ALA D 180 35.44 11.00 -14.79
N MET D 181 35.48 12.29 -14.46
CA MET D 181 36.72 12.92 -14.03
C MET D 181 36.64 13.14 -12.52
N ASP E 13 -36.97 -10.67 -15.51
CA ASP E 13 -36.83 -10.31 -16.91
C ASP E 13 -35.37 -10.37 -17.36
N LEU E 14 -34.48 -9.95 -16.47
CA LEU E 14 -33.05 -9.94 -16.74
C LEU E 14 -32.27 -10.86 -15.82
N LEU E 15 -32.71 -10.98 -14.56
CA LEU E 15 -32.05 -11.86 -13.60
C LEU E 15 -32.01 -13.31 -14.10
N LYS E 16 -33.04 -13.73 -14.82
CA LYS E 16 -33.08 -15.10 -15.32
C LYS E 16 -31.97 -15.37 -16.33
N ALA E 17 -31.72 -14.45 -17.27
CA ALA E 17 -30.59 -14.63 -18.17
C ALA E 17 -29.28 -14.73 -17.41
N VAL E 18 -29.15 -13.97 -16.32
CA VAL E 18 -27.92 -14.01 -15.54
C VAL E 18 -27.76 -15.36 -14.85
N ARG E 19 -28.84 -15.86 -14.26
CA ARG E 19 -28.81 -17.19 -13.65
C ARG E 19 -28.51 -18.26 -14.69
N LEU E 20 -29.06 -18.10 -15.89
CA LEU E 20 -28.77 -19.05 -16.96
C LEU E 20 -27.29 -19.06 -17.30
N ILE E 21 -26.69 -17.88 -17.44
CA ILE E 21 -25.27 -17.80 -17.76
C ILE E 21 -24.44 -18.43 -16.64
N LYS E 22 -24.76 -18.10 -15.39
CA LYS E 22 -24.01 -18.65 -14.28
C LYS E 22 -24.14 -20.16 -14.21
N PHE E 23 -25.32 -20.71 -14.53
CA PHE E 23 -25.46 -22.15 -14.62
C PHE E 23 -24.58 -22.73 -15.72
N LEU E 24 -24.69 -22.19 -16.94
CA LEU E 24 -23.87 -22.71 -18.04
C LEU E 24 -22.39 -22.65 -17.71
N TYR E 25 -21.97 -21.65 -16.93
CA TYR E 25 -20.62 -21.63 -16.39
C TYR E 25 -20.42 -22.80 -15.44
N GLN E 26 -21.37 -23.03 -14.54
CA GLN E 26 -21.30 -24.11 -13.57
C GLN E 26 -21.61 -25.48 -14.14
N SER E 27 -22.18 -25.56 -15.34
CA SER E 27 -22.55 -26.86 -15.88
C SER E 27 -21.38 -27.57 -16.56
N ASN E 28 -20.22 -26.93 -16.67
CA ASN E 28 -19.03 -27.51 -17.28
C ASN E 28 -18.02 -27.74 -16.16
N PRO E 29 -18.01 -28.90 -15.51
CA PRO E 29 -17.03 -29.16 -14.45
C PRO E 29 -15.69 -29.57 -15.01
N PRO E 30 -14.92 -28.62 -15.57
CA PRO E 30 -13.83 -28.95 -16.52
C PRO E 30 -13.65 -30.40 -16.92
N PRO E 31 -12.46 -30.79 -17.40
CA PRO E 31 -12.10 -32.21 -17.44
C PRO E 31 -11.23 -32.61 -16.25
N ASN E 32 -10.95 -33.90 -16.09
CA ASN E 32 -10.03 -34.35 -15.05
C ASN E 32 -8.62 -34.41 -15.62
N PRO E 33 -7.67 -33.61 -15.12
CA PRO E 33 -6.33 -33.56 -15.73
C PRO E 33 -5.40 -34.71 -15.38
N GLU E 34 -5.50 -35.83 -16.09
CA GLU E 34 -4.65 -36.99 -15.86
C GLU E 34 -4.01 -37.39 -17.18
N GLY E 35 -2.87 -38.08 -17.11
CA GLY E 35 -2.22 -38.58 -18.29
C GLY E 35 -0.92 -37.85 -18.60
N THR E 36 -0.31 -38.29 -19.70
CA THR E 36 0.93 -37.73 -20.21
C THR E 36 0.70 -36.35 -20.81
N ARG E 37 1.81 -35.62 -21.02
CA ARG E 37 1.73 -34.24 -21.45
C ARG E 37 1.05 -34.09 -22.80
N GLN E 38 1.00 -35.13 -23.61
CA GLN E 38 0.29 -35.05 -24.88
C GLN E 38 -1.18 -35.40 -24.71
N ALA E 39 -1.51 -36.44 -23.95
CA ALA E 39 -2.90 -36.64 -23.57
C ALA E 39 -3.43 -35.44 -22.79
N ARG E 40 -2.58 -34.83 -21.95
CA ARG E 40 -2.98 -33.63 -21.24
C ARG E 40 -3.09 -32.43 -22.17
N ARG E 41 -2.23 -32.35 -23.19
CA ARG E 41 -2.40 -31.37 -24.26
C ARG E 41 -3.78 -31.52 -24.90
N ASN E 42 -4.15 -32.76 -25.22
CA ASN E 42 -5.44 -32.99 -25.87
C ASN E 42 -6.59 -32.63 -24.94
N ARG E 43 -6.49 -32.93 -23.65
CA ARG E 43 -7.53 -32.49 -22.72
C ARG E 43 -7.59 -30.98 -22.62
N ARG E 44 -6.44 -30.31 -22.56
CA ARG E 44 -6.43 -28.86 -22.60
C ARG E 44 -7.16 -28.34 -23.83
N ARG E 45 -6.89 -28.93 -25.00
CA ARG E 45 -7.53 -28.45 -26.22
C ARG E 45 -9.03 -28.74 -26.24
N ARG E 46 -9.43 -29.89 -25.69
CA ARG E 46 -10.86 -30.20 -25.59
C ARG E 46 -11.57 -29.23 -24.65
N TRP E 47 -10.98 -28.96 -23.49
CA TRP E 47 -11.56 -27.99 -22.57
C TRP E 47 -11.60 -26.60 -23.18
N ARG E 48 -10.59 -26.27 -23.98
CA ARG E 48 -10.58 -25.00 -24.69
C ARG E 48 -11.72 -24.91 -25.71
N GLU E 49 -11.96 -26.00 -26.44
CA GLU E 49 -13.11 -26.03 -27.35
C GLU E 49 -14.41 -25.88 -26.57
N ARG E 50 -14.50 -26.50 -25.40
CA ARG E 50 -15.66 -26.35 -24.54
C ARG E 50 -15.84 -24.88 -24.11
N GLN E 51 -14.74 -24.22 -23.76
CA GLN E 51 -14.81 -22.81 -23.40
C GLN E 51 -15.26 -21.97 -24.58
N ARG E 52 -14.71 -22.27 -25.77
CA ARG E 52 -15.16 -21.61 -26.98
C ARG E 52 -16.67 -21.76 -27.15
N GLN E 53 -17.18 -22.98 -26.99
CA GLN E 53 -18.61 -23.21 -27.14
C GLN E 53 -19.40 -22.41 -26.10
N ILE E 54 -18.91 -22.37 -24.87
CA ILE E 54 -19.60 -21.64 -23.81
C ILE E 54 -19.66 -20.16 -24.15
N HIS E 55 -18.53 -19.60 -24.59
CA HIS E 55 -18.49 -18.19 -24.96
C HIS E 55 -19.40 -17.92 -26.15
N SER E 56 -19.43 -18.83 -27.13
CA SER E 56 -20.32 -18.65 -28.26
C SER E 56 -21.77 -18.62 -27.83
N ILE E 57 -22.15 -19.54 -26.94
CA ILE E 57 -23.52 -19.58 -26.43
C ILE E 57 -23.85 -18.28 -25.69
N SER E 58 -22.92 -17.83 -24.85
CA SER E 58 -23.14 -16.61 -24.09
C SER E 58 -23.32 -15.43 -25.03
N GLU E 59 -22.44 -15.31 -26.04
CA GLU E 59 -22.51 -14.18 -26.96
C GLU E 59 -23.79 -14.23 -27.78
N ARG E 60 -24.24 -15.42 -28.17
CA ARG E 60 -25.46 -15.51 -28.95
C ARG E 60 -26.68 -15.16 -28.10
N ILE E 61 -26.69 -15.61 -26.84
CA ILE E 61 -27.78 -15.22 -25.94
C ILE E 61 -27.78 -13.71 -25.74
N LEU E 62 -26.59 -13.11 -25.63
CA LEU E 62 -26.50 -11.66 -25.60
C LEU E 62 -27.09 -11.05 -26.86
N SER E 63 -26.77 -11.61 -28.02
CA SER E 63 -27.31 -11.10 -29.28
C SER E 63 -28.83 -11.20 -29.30
N THR E 64 -29.39 -12.17 -28.57
CA THR E 64 -30.84 -12.34 -28.57
C THR E 64 -31.53 -11.02 -28.25
N TYR E 65 -31.26 -10.48 -27.06
CA TYR E 65 -31.83 -9.20 -26.65
C TYR E 65 -30.85 -8.25 -26.01
N LEU E 66 -29.75 -8.74 -25.44
CA LEU E 66 -28.72 -7.88 -24.84
C LEU E 66 -27.71 -7.39 -25.86
N GLY E 67 -27.68 -7.96 -27.06
CA GLY E 67 -26.64 -7.61 -28.02
C GLY E 67 -26.49 -6.12 -28.22
N ARG E 68 -27.60 -5.38 -28.15
CA ARG E 68 -27.56 -3.94 -28.33
C ARG E 68 -26.54 -3.25 -27.41
N SER E 69 -26.11 -3.94 -26.36
CA SER E 69 -25.11 -3.41 -25.42
C SER E 69 -23.71 -4.00 -25.62
N ALA E 70 -23.60 -5.30 -25.87
CA ALA E 70 -22.30 -5.97 -25.89
C ALA E 70 -21.87 -6.41 -27.30
N GLU E 71 -22.54 -5.90 -28.34
CA GLU E 71 -22.15 -6.25 -29.70
C GLU E 71 -20.70 -5.88 -30.01
N PRO E 72 -20.19 -4.72 -29.59
CA PRO E 72 -18.85 -4.28 -30.04
C PRO E 72 -17.71 -5.17 -29.56
N VAL E 73 -17.97 -6.13 -28.66
CA VAL E 73 -16.87 -6.85 -28.02
C VAL E 73 -15.95 -7.48 -29.05
N PRO E 74 -16.41 -8.31 -29.99
CA PRO E 74 -15.50 -8.75 -31.07
C PRO E 74 -14.99 -7.60 -31.94
N LEU E 75 -15.77 -6.55 -32.13
CA LEU E 75 -15.38 -5.48 -33.04
C LEU E 75 -14.34 -4.55 -32.44
N GLN E 76 -13.98 -4.75 -31.18
CA GLN E 76 -13.02 -3.84 -30.56
C GLN E 76 -11.64 -3.91 -31.20
N THR E 77 -11.44 -4.80 -32.17
CA THR E 77 -10.15 -4.99 -32.82
C THR E 77 -9.99 -4.06 -34.00
N VAL E 78 -10.93 -3.12 -34.18
CA VAL E 78 -10.83 -2.04 -35.14
C VAL E 78 -10.77 -0.70 -34.43
N ASP E 79 -11.58 -0.53 -33.38
CA ASP E 79 -11.48 0.67 -32.56
C ASP E 79 -10.15 0.73 -31.84
N GLU E 80 -9.68 -0.39 -31.27
CA GLU E 80 -8.35 -0.40 -30.69
C GLU E 80 -7.32 -0.01 -31.76
N MET E 81 -7.63 -0.28 -33.04
CA MET E 81 -6.66 0.02 -34.12
C MET E 81 -6.68 1.50 -34.44
N THR E 82 -7.86 2.10 -34.45
CA THR E 82 -7.95 3.55 -34.60
C THR E 82 -7.28 4.25 -33.45
N LYS E 83 -7.26 3.62 -32.28
CA LYS E 83 -6.48 4.14 -31.16
C LYS E 83 -4.98 3.88 -31.27
N LYS E 84 -4.59 2.78 -31.92
CA LYS E 84 -3.18 2.47 -32.09
C LYS E 84 -2.55 3.44 -33.09
N PHE E 85 -3.30 3.79 -34.12
CA PHE E 85 -2.99 4.90 -35.02
C PHE E 85 -3.31 6.25 -34.37
N GLY E 86 -3.02 7.34 -35.07
CA GLY E 86 -3.10 8.65 -34.44
C GLY E 86 -2.21 8.89 -33.24
N THR E 87 -1.03 8.26 -33.19
CA THR E 87 -0.12 8.46 -32.07
C THR E 87 0.74 9.70 -32.27
N LEU E 88 0.27 10.62 -33.11
CA LEU E 88 0.93 11.88 -33.45
C LEU E 88 1.58 12.65 -32.30
N THR E 89 2.84 13.02 -32.51
CA THR E 89 3.66 13.73 -31.52
C THR E 89 3.83 15.18 -31.93
N ILE E 90 2.76 15.77 -32.47
CA ILE E 90 2.71 17.13 -33.01
C ILE E 90 3.44 18.16 -32.15
N ASP E 91 3.70 17.87 -30.89
CA ASP E 91 4.40 18.84 -30.05
C ASP E 91 5.47 18.18 -29.21
N CYS E 92 5.57 18.56 -27.94
CA CYS E 92 6.61 18.03 -27.08
C CYS E 92 6.33 16.57 -26.78
N GLN F 10 -3.40 29.45 37.69
CA GLN F 10 -2.67 28.23 37.36
C GLN F 10 -3.23 27.58 36.10
N VAL F 11 -2.53 27.78 34.99
CA VAL F 11 -2.91 27.22 33.69
C VAL F 11 -4.41 27.33 33.48
N GLN F 12 -4.95 28.54 33.66
CA GLN F 12 -6.34 28.82 33.40
C GLN F 12 -6.47 29.69 32.15
N PHE F 13 -7.58 29.50 31.44
CA PHE F 13 -7.83 30.23 30.21
C PHE F 13 -9.19 30.90 30.28
N LYS F 14 -9.35 31.98 29.53
CA LYS F 14 -10.62 32.68 29.45
C LYS F 14 -11.43 32.07 28.33
N LEU F 15 -12.55 31.44 28.69
CA LEU F 15 -13.45 30.81 27.73
C LEU F 15 -14.77 31.57 27.74
N VAL F 16 -15.27 31.89 26.55
CA VAL F 16 -16.52 32.60 26.38
C VAL F 16 -17.53 31.63 25.74
N LEU F 17 -18.62 31.39 26.45
CA LEU F 17 -19.71 30.57 25.93
C LEU F 17 -20.79 31.52 25.41
N VAL F 18 -21.12 31.40 24.12
CA VAL F 18 -22.12 32.25 23.51
C VAL F 18 -23.10 31.38 22.73
N GLY F 19 -24.24 31.96 22.44
CA GLY F 19 -25.30 31.27 21.73
C GLY F 19 -26.66 31.83 22.10
N ASP F 20 -27.68 31.33 21.41
CA ASP F 20 -29.03 31.80 21.66
C ASP F 20 -29.47 31.46 23.07
N GLY F 21 -30.24 32.36 23.68
CA GLY F 21 -30.73 32.13 25.02
C GLY F 21 -31.69 30.96 25.08
N GLY F 22 -31.73 30.32 26.25
CA GLY F 22 -32.58 29.16 26.41
C GLY F 22 -32.20 28.01 25.52
N THR F 23 -30.92 27.83 25.23
CA THR F 23 -30.45 26.68 24.49
C THR F 23 -29.73 25.65 25.34
N GLY F 24 -29.16 26.06 26.47
CA GLY F 24 -28.53 25.13 27.38
C GLY F 24 -27.20 25.61 27.93
N LYS F 25 -26.74 26.78 27.47
CA LYS F 25 -25.44 27.30 27.92
C LYS F 25 -25.32 27.22 29.44
N THR F 26 -26.26 27.82 30.14
CA THR F 26 -26.27 27.70 31.60
C THR F 26 -26.44 26.25 32.02
N THR F 27 -27.30 25.51 31.32
CA THR F 27 -27.46 24.09 31.59
C THR F 27 -26.13 23.35 31.46
N PHE F 28 -25.43 23.57 30.35
CA PHE F 28 -24.16 22.89 30.11
C PHE F 28 -23.13 23.26 31.17
N VAL F 29 -23.04 24.54 31.52
CA VAL F 29 -22.05 24.97 32.51
C VAL F 29 -22.36 24.32 33.85
N LYS F 30 -23.63 24.32 34.26
CA LYS F 30 -23.99 23.68 35.51
C LYS F 30 -23.67 22.19 35.49
N ARG F 31 -23.98 21.52 34.38
CA ARG F 31 -23.72 20.10 34.29
C ARG F 31 -22.23 19.81 34.44
N HIS F 32 -21.39 20.65 33.85
CA HIS F 32 -19.94 20.45 34.02
C HIS F 32 -19.47 20.80 35.43
N LEU F 33 -20.09 21.80 36.08
CA LEU F 33 -19.62 22.20 37.40
C LEU F 33 -20.05 21.22 38.48
N THR F 34 -21.36 21.05 38.66
CA THR F 34 -21.86 20.15 39.70
C THR F 34 -21.89 18.71 39.24
N GLY F 35 -22.43 18.46 38.05
CA GLY F 35 -22.68 17.13 37.55
C GLY F 35 -24.15 16.82 37.43
N GLU F 36 -25.01 17.57 38.10
CA GLU F 36 -26.45 17.43 37.99
C GLU F 36 -26.92 18.07 36.68
N PHE F 37 -28.08 17.63 36.21
CA PHE F 37 -28.66 18.14 34.98
C PHE F 37 -29.84 19.05 35.32
N GLU F 38 -29.68 20.34 35.10
CA GLU F 38 -30.75 21.29 35.33
C GLU F 38 -31.90 21.04 34.36
N LYS F 39 -33.13 21.21 34.86
CA LYS F 39 -34.34 21.07 34.07
C LYS F 39 -34.94 22.40 33.67
N LYS F 40 -35.02 23.34 34.61
CA LYS F 40 -35.64 24.63 34.37
C LYS F 40 -34.70 25.55 33.60
N TYR F 41 -35.29 26.56 32.97
CA TYR F 41 -34.55 27.58 32.22
C TYR F 41 -34.66 28.89 32.98
N VAL F 42 -33.68 29.16 33.84
CA VAL F 42 -33.54 30.45 34.49
C VAL F 42 -32.75 31.34 33.51
N ALA F 43 -33.46 32.16 32.76
CA ALA F 43 -32.83 32.97 31.72
C ALA F 43 -31.67 33.76 32.30
N THR F 44 -30.51 33.61 31.67
CA THR F 44 -29.29 34.23 32.17
C THR F 44 -29.36 35.75 32.00
N LEU F 45 -28.72 36.46 32.92
CA LEU F 45 -28.57 37.91 32.85
C LEU F 45 -27.11 38.23 32.59
N GLY F 46 -26.84 38.91 31.48
CA GLY F 46 -25.47 39.22 31.11
C GLY F 46 -24.61 37.97 31.07
N VAL F 47 -23.66 37.86 32.01
CA VAL F 47 -22.72 36.76 32.03
C VAL F 47 -22.50 36.32 33.47
N GLU F 48 -22.32 35.02 33.65
CA GLU F 48 -21.83 34.45 34.90
C GLU F 48 -20.49 33.77 34.64
N VAL F 49 -19.51 34.06 35.48
CA VAL F 49 -18.18 33.48 35.35
C VAL F 49 -18.10 32.28 36.29
N HIS F 50 -17.75 31.12 35.73
CA HIS F 50 -17.59 29.90 36.52
C HIS F 50 -16.22 29.30 36.23
N PRO F 51 -15.38 29.10 37.24
CA PRO F 51 -14.20 28.26 37.04
C PRO F 51 -14.61 26.81 36.83
N LEU F 52 -13.82 26.11 36.03
CA LEU F 52 -14.10 24.70 35.77
C LEU F 52 -12.76 23.98 35.61
N VAL F 53 -12.58 22.87 36.31
CA VAL F 53 -11.28 22.22 36.41
C VAL F 53 -11.33 20.87 35.70
N PHE F 54 -10.21 20.51 35.08
CA PHE F 54 -10.03 19.21 34.46
C PHE F 54 -8.64 18.71 34.80
N HIS F 55 -8.45 17.40 34.72
CA HIS F 55 -7.15 16.77 34.97
C HIS F 55 -6.73 16.04 33.71
N THR F 56 -5.89 16.68 32.90
CA THR F 56 -5.34 16.08 31.70
C THR F 56 -4.09 15.29 32.03
N ASN F 57 -3.63 14.52 31.05
CA ASN F 57 -2.39 13.76 31.22
C ASN F 57 -1.22 14.66 31.58
N ARG F 58 -1.30 15.96 31.27
CA ARG F 58 -0.24 16.90 31.55
C ARG F 58 -0.56 17.83 32.71
N GLY F 59 -1.50 17.44 33.57
CA GLY F 59 -1.75 18.18 34.79
C GLY F 59 -3.11 18.83 34.84
N PRO F 60 -3.31 19.72 35.81
CA PRO F 60 -4.60 20.40 35.94
C PRO F 60 -4.78 21.45 34.86
N ILE F 61 -6.04 21.76 34.58
CA ILE F 61 -6.41 22.77 33.60
C ILE F 61 -7.68 23.47 34.08
N LYS F 62 -7.77 24.76 33.81
CA LYS F 62 -8.90 25.57 34.27
C LYS F 62 -9.49 26.35 33.10
N PHE F 63 -10.80 26.22 32.91
CA PHE F 63 -11.54 27.05 31.98
C PHE F 63 -12.35 28.06 32.78
N ASN F 64 -12.21 29.34 32.40
CA ASN F 64 -13.02 30.41 32.99
C ASN F 64 -14.23 30.62 32.10
N VAL F 65 -15.26 29.81 32.32
CA VAL F 65 -16.42 29.84 31.44
C VAL F 65 -17.22 31.10 31.72
N TRP F 66 -17.34 31.96 30.70
CA TRP F 66 -18.16 33.16 30.79
C TRP F 66 -19.53 32.85 30.17
N ASP F 67 -20.35 32.11 30.91
CA ASP F 67 -21.65 31.75 30.37
C ASP F 67 -22.44 33.03 30.20
N THR F 68 -22.60 33.48 28.96
CA THR F 68 -23.24 34.76 28.69
C THR F 68 -24.72 34.57 28.42
N ALA F 69 -25.48 35.64 28.67
CA ALA F 69 -26.91 35.61 28.42
C ALA F 69 -27.18 35.49 26.93
N GLY F 70 -28.14 34.65 26.58
CA GLY F 70 -28.52 34.44 25.20
C GLY F 70 -29.69 35.27 24.73
N LEU F 71 -30.26 36.10 25.60
CA LEU F 71 -31.38 36.96 25.25
C LEU F 71 -30.90 38.39 25.14
N GLU F 72 -31.24 39.04 24.03
CA GLU F 72 -30.80 40.41 23.79
C GLU F 72 -31.26 41.34 24.90
N LYS F 73 -32.52 41.21 25.34
CA LYS F 73 -33.02 42.09 26.39
C LYS F 73 -32.16 42.03 27.64
N PHE F 74 -31.50 40.89 27.87
CA PHE F 74 -30.51 40.77 28.92
C PHE F 74 -29.08 40.78 28.38
N GLY F 75 -28.88 41.34 27.19
CA GLY F 75 -27.55 41.35 26.61
C GLY F 75 -26.53 42.04 27.50
N GLY F 76 -26.93 43.15 28.14
CA GLY F 76 -26.00 43.85 28.99
C GLY F 76 -24.78 44.30 28.21
N LEU F 77 -23.60 44.03 28.77
CA LEU F 77 -22.37 44.43 28.09
C LEU F 77 -22.20 43.73 26.75
N ARG F 78 -22.91 42.63 26.53
CA ARG F 78 -22.85 41.93 25.25
C ARG F 78 -21.42 41.63 24.85
N ASP F 79 -21.03 42.09 23.66
CA ASP F 79 -19.71 41.76 23.13
C ASP F 79 -18.59 42.24 24.03
N GLY F 80 -18.89 43.18 24.92
CA GLY F 80 -17.89 43.62 25.89
C GLY F 80 -17.30 42.46 26.66
N TYR F 81 -18.12 41.47 27.00
CA TYR F 81 -17.62 40.31 27.72
C TYR F 81 -16.52 39.61 26.96
N TYR F 82 -16.58 39.65 25.62
CA TYR F 82 -15.66 38.87 24.80
C TYR F 82 -14.22 39.34 24.90
N ILE F 83 -13.98 40.53 25.44
CA ILE F 83 -12.62 41.06 25.48
C ILE F 83 -11.71 40.09 26.21
N GLN F 84 -10.49 39.93 25.70
CA GLN F 84 -9.46 39.10 26.31
C GLN F 84 -9.81 37.62 26.29
N ALA F 85 -10.86 37.24 25.57
CA ALA F 85 -11.26 35.84 25.51
C ALA F 85 -10.14 35.00 24.91
N GLN F 86 -9.90 33.83 25.50
CA GLN F 86 -8.85 32.94 25.02
C GLN F 86 -9.40 31.79 24.19
N CYS F 87 -10.68 31.46 24.35
CA CYS F 87 -11.32 30.45 23.54
C CYS F 87 -12.82 30.70 23.57
N ALA F 88 -13.53 30.14 22.60
CA ALA F 88 -14.94 30.43 22.43
C ALA F 88 -15.71 29.16 22.09
N ILE F 89 -16.88 29.01 22.72
CA ILE F 89 -17.81 27.95 22.40
C ILE F 89 -19.12 28.59 21.97
N ILE F 90 -19.40 28.56 20.68
CA ILE F 90 -20.70 28.95 20.16
C ILE F 90 -21.60 27.73 20.13
N MET F 91 -22.77 27.85 20.74
CA MET F 91 -23.65 26.72 20.96
C MET F 91 -25.06 27.07 20.53
N PHE F 92 -25.76 26.08 19.98
CA PHE F 92 -27.12 26.25 19.51
C PHE F 92 -27.91 24.98 19.86
N ASP F 93 -29.20 25.00 19.56
CA ASP F 93 -30.08 23.87 19.79
C ASP F 93 -30.49 23.29 18.46
N VAL F 94 -30.37 21.96 18.33
CA VAL F 94 -30.65 21.31 17.05
C VAL F 94 -32.13 21.15 16.78
N THR F 95 -32.99 21.40 17.76
CA THR F 95 -34.42 21.28 17.60
C THR F 95 -35.08 22.59 17.15
N SER F 96 -34.32 23.67 17.03
CA SER F 96 -34.86 24.98 16.68
C SER F 96 -33.98 25.61 15.61
N ARG F 97 -34.46 25.61 14.36
CA ARG F 97 -33.65 26.06 13.24
C ARG F 97 -33.16 27.49 13.47
N VAL F 98 -34.01 28.34 14.04
CA VAL F 98 -33.64 29.73 14.22
C VAL F 98 -32.40 29.86 15.08
N THR F 99 -32.31 29.06 16.15
CA THR F 99 -31.12 29.11 17.00
C THR F 99 -29.86 28.71 16.25
N TYR F 100 -29.99 28.05 15.10
CA TYR F 100 -28.85 27.83 14.23
C TYR F 100 -28.61 29.00 13.28
N LYS F 101 -29.65 29.43 12.57
CA LYS F 101 -29.49 30.55 11.65
C LYS F 101 -28.91 31.77 12.34
N ASN F 102 -29.22 31.95 13.63
CA ASN F 102 -28.60 33.01 14.40
C ASN F 102 -27.12 32.77 14.65
N VAL F 103 -26.63 31.55 14.43
CA VAL F 103 -25.23 31.24 14.73
C VAL F 103 -24.27 32.21 14.03
N PRO F 104 -24.43 32.50 12.74
CA PRO F 104 -23.47 33.40 12.09
C PRO F 104 -23.38 34.76 12.76
N ASN F 105 -24.47 35.27 13.31
CA ASN F 105 -24.40 36.54 14.03
C ASN F 105 -23.45 36.44 15.22
N TRP F 106 -23.60 35.39 16.02
CA TRP F 106 -22.70 35.20 17.15
C TRP F 106 -21.27 35.03 16.67
N HIS F 107 -21.07 34.28 15.59
CA HIS F 107 -19.72 34.08 15.08
C HIS F 107 -19.09 35.40 14.68
N ARG F 108 -19.83 36.24 13.95
CA ARG F 108 -19.28 37.52 13.52
C ARG F 108 -18.96 38.40 14.71
N ASP F 109 -19.87 38.47 15.68
CA ASP F 109 -19.62 39.29 16.86
C ASP F 109 -18.37 38.81 17.58
N LEU F 110 -18.23 37.50 17.73
CA LEU F 110 -17.09 36.93 18.44
C LEU F 110 -15.79 37.20 17.69
N VAL F 111 -15.75 36.91 16.40
CA VAL F 111 -14.55 37.10 15.61
C VAL F 111 -14.13 38.57 15.60
N ARG F 112 -15.12 39.48 15.64
CA ARG F 112 -14.77 40.89 15.59
C ARG F 112 -13.88 41.31 16.74
N VAL F 113 -13.88 40.57 17.84
CA VAL F 113 -13.05 40.87 18.99
C VAL F 113 -11.84 39.95 19.08
N CYS F 114 -12.03 38.65 18.84
CA CYS F 114 -10.95 37.67 18.84
C CYS F 114 -10.81 37.12 17.43
N GLU F 115 -9.88 37.69 16.66
CA GLU F 115 -9.74 37.31 15.26
C GLU F 115 -9.33 35.84 15.11
N ASN F 116 -8.32 35.42 15.86
CA ASN F 116 -7.73 34.09 15.71
C ASN F 116 -7.77 33.37 17.05
N ILE F 117 -8.88 32.69 17.32
CA ILE F 117 -9.02 31.90 18.54
C ILE F 117 -9.74 30.60 18.21
N PRO F 118 -9.32 29.47 18.77
CA PRO F 118 -10.02 28.21 18.49
C PRO F 118 -11.48 28.35 18.87
N ILE F 119 -12.36 27.87 17.99
CA ILE F 119 -13.79 28.04 18.17
C ILE F 119 -14.50 26.72 17.90
N VAL F 120 -15.40 26.36 18.80
CA VAL F 120 -16.14 25.10 18.72
C VAL F 120 -17.63 25.40 18.64
N LEU F 121 -18.28 24.86 17.63
CA LEU F 121 -19.73 24.96 17.45
C LEU F 121 -20.37 23.71 18.04
N CYS F 122 -21.13 23.86 19.11
CA CYS F 122 -21.70 22.73 19.85
C CYS F 122 -23.20 22.72 19.65
N GLY F 123 -23.72 21.59 19.17
CA GLY F 123 -25.16 21.38 19.09
C GLY F 123 -25.71 20.70 20.33
N ASN F 124 -26.30 21.49 21.23
CA ASN F 124 -26.73 20.96 22.52
C ASN F 124 -28.00 20.13 22.41
N LYS F 125 -28.21 19.29 23.42
CA LYS F 125 -29.38 18.44 23.55
C LYS F 125 -29.75 17.74 22.24
N VAL F 126 -28.76 17.06 21.67
CA VAL F 126 -29.00 16.16 20.55
C VAL F 126 -29.89 15.01 20.99
N ASP F 127 -29.98 14.76 22.30
CA ASP F 127 -30.73 13.61 22.81
C ASP F 127 -32.18 13.63 22.36
N ILE F 128 -32.81 14.82 22.39
CA ILE F 128 -34.21 14.91 22.02
C ILE F 128 -34.46 14.22 20.69
N LYS F 129 -35.53 13.43 20.63
CA LYS F 129 -35.74 12.55 19.49
C LYS F 129 -35.87 13.34 18.19
N ASP F 130 -36.70 14.38 18.19
CA ASP F 130 -37.02 15.11 16.95
C ASP F 130 -35.97 16.19 16.72
N ARG F 131 -34.89 15.81 16.04
CA ARG F 131 -33.85 16.76 15.68
C ARG F 131 -34.29 17.57 14.47
N LYS F 132 -34.13 18.89 14.55
CA LYS F 132 -34.51 19.79 13.47
C LYS F 132 -33.34 20.12 12.55
N VAL F 133 -32.23 20.58 13.12
CA VAL F 133 -31.06 20.91 12.31
C VAL F 133 -30.28 19.64 12.03
N LYS F 134 -30.62 18.96 10.93
CA LYS F 134 -29.94 17.74 10.58
C LYS F 134 -28.46 18.01 10.33
N ALA F 135 -27.62 17.02 10.71
CA ALA F 135 -26.19 17.18 10.51
C ALA F 135 -25.87 17.48 9.05
N LYS F 136 -26.70 17.00 8.13
CA LYS F 136 -26.49 17.29 6.72
C LYS F 136 -26.44 18.79 6.47
N SER F 137 -27.23 19.57 7.21
CA SER F 137 -27.29 21.00 6.99
C SER F 137 -26.34 21.80 7.87
N ILE F 138 -25.66 21.15 8.83
CA ILE F 138 -24.72 21.84 9.70
C ILE F 138 -23.41 21.96 8.92
N VAL F 139 -23.18 23.11 8.30
CA VAL F 139 -22.05 23.27 7.40
C VAL F 139 -21.28 24.55 7.71
N PHE F 140 -21.88 25.43 8.50
CA PHE F 140 -21.30 26.75 8.71
C PHE F 140 -19.86 26.67 9.20
N HIS F 141 -19.53 25.65 9.99
CA HIS F 141 -18.18 25.54 10.53
C HIS F 141 -17.16 25.36 9.41
N ARG F 142 -17.49 24.54 8.41
CA ARG F 142 -16.53 24.18 7.38
C ARG F 142 -15.78 25.40 6.84
N LYS F 143 -16.51 26.36 6.28
CA LYS F 143 -15.87 27.50 5.64
C LYS F 143 -15.09 28.33 6.65
N LYS F 144 -15.62 28.47 7.86
CA LYS F 144 -15.00 29.31 8.88
C LYS F 144 -13.93 28.58 9.67
N ASN F 145 -13.75 27.29 9.45
CA ASN F 145 -12.74 26.49 10.15
C ASN F 145 -13.07 26.30 11.62
N LEU F 146 -14.34 26.40 11.98
CA LEU F 146 -14.77 26.06 13.34
C LEU F 146 -14.81 24.55 13.51
N GLN F 147 -14.52 24.10 14.73
CA GLN F 147 -14.59 22.68 15.05
C GLN F 147 -15.99 22.37 15.56
N TYR F 148 -16.68 21.46 14.90
CA TYR F 148 -18.06 21.16 15.25
C TYR F 148 -18.13 19.98 16.22
N TYR F 149 -19.22 19.93 16.99
CA TYR F 149 -19.41 18.87 17.96
C TYR F 149 -20.89 18.72 18.26
N ASP F 150 -21.38 17.49 18.21
CA ASP F 150 -22.71 17.16 18.71
C ASP F 150 -22.61 16.81 20.18
N ILE F 151 -23.44 17.46 21.00
CA ILE F 151 -23.46 17.22 22.44
C ILE F 151 -24.90 17.17 22.91
N SER F 152 -25.08 16.75 24.16
CA SER F 152 -26.39 16.73 24.79
C SER F 152 -26.17 16.78 26.30
N ALA F 153 -26.47 17.93 26.91
CA ALA F 153 -26.25 18.10 28.34
C ALA F 153 -27.11 17.17 29.18
N LYS F 154 -28.17 16.61 28.60
CA LYS F 154 -29.02 15.69 29.36
C LYS F 154 -28.46 14.27 29.33
N SER F 155 -28.16 13.76 28.14
CA SER F 155 -27.64 12.41 27.99
C SER F 155 -26.12 12.35 28.12
N ASN F 156 -25.46 13.47 28.36
CA ASN F 156 -24.04 13.53 28.68
C ASN F 156 -23.18 13.20 27.46
N TYR F 157 -23.78 13.10 26.28
CA TYR F 157 -23.06 12.75 25.07
C TYR F 157 -22.00 13.79 24.74
N ASN F 158 -20.81 13.32 24.36
CA ASN F 158 -19.69 14.19 24.03
C ASN F 158 -19.57 15.33 25.02
N PHE F 159 -19.74 15.02 26.31
CA PHE F 159 -19.79 16.05 27.33
C PHE F 159 -18.50 16.86 27.36
N GLU F 160 -17.36 16.18 27.38
CA GLU F 160 -16.06 16.84 27.47
C GLU F 160 -15.40 17.04 26.11
N LYS F 161 -16.00 16.54 25.03
CA LYS F 161 -15.40 16.70 23.70
C LYS F 161 -15.06 18.15 23.38
N PRO F 162 -15.98 19.11 23.53
CA PRO F 162 -15.62 20.51 23.26
C PRO F 162 -14.46 20.99 24.10
N PHE F 163 -14.48 20.72 25.41
CA PHE F 163 -13.42 21.21 26.27
C PHE F 163 -12.10 20.50 25.97
N LEU F 164 -12.15 19.20 25.70
CA LEU F 164 -10.93 18.48 25.32
C LEU F 164 -10.32 19.07 24.06
N TRP F 165 -11.14 19.31 23.04
CA TRP F 165 -10.64 19.89 21.80
C TRP F 165 -10.06 21.27 22.05
N LEU F 166 -10.75 22.09 22.85
CA LEU F 166 -10.26 23.43 23.13
C LEU F 166 -8.93 23.39 23.87
N ALA F 167 -8.80 22.49 24.84
CA ALA F 167 -7.55 22.38 25.58
C ALA F 167 -6.42 21.92 24.66
N ARG F 168 -6.69 20.95 23.79
CA ARG F 168 -5.67 20.52 22.85
C ARG F 168 -5.23 21.67 21.97
N LYS F 169 -6.18 22.45 21.46
CA LYS F 169 -5.83 23.60 20.62
C LYS F 169 -5.01 24.62 21.40
N LEU F 170 -5.46 24.98 22.59
CA LEU F 170 -4.79 26.03 23.36
C LEU F 170 -3.39 25.63 23.76
N ILE F 171 -3.25 24.46 24.38
CA ILE F 171 -1.94 24.05 24.88
C ILE F 171 -1.01 23.71 23.73
N GLY F 172 -1.56 23.23 22.61
CA GLY F 172 -0.75 22.78 21.51
C GLY F 172 -0.41 21.31 21.52
N ASP F 173 -0.86 20.56 22.53
CA ASP F 173 -0.64 19.13 22.59
C ASP F 173 -1.79 18.38 21.92
N PRO F 174 -1.66 17.98 20.67
CA PRO F 174 -2.72 17.17 20.06
C PRO F 174 -2.93 15.82 20.72
N ASN F 175 -1.92 15.25 21.38
CA ASN F 175 -2.11 13.96 22.03
C ASN F 175 -2.49 14.11 23.50
N LEU F 176 -2.57 15.33 24.00
CA LEU F 176 -2.98 15.56 25.38
C LEU F 176 -4.37 14.96 25.62
N GLU F 177 -4.53 14.32 26.77
CA GLU F 177 -5.73 13.57 27.09
C GLU F 177 -6.20 13.92 28.50
N PHE F 178 -7.52 14.06 28.65
CA PHE F 178 -8.10 14.24 29.97
C PHE F 178 -8.00 12.97 30.79
N VAL F 179 -7.57 13.13 32.04
CA VAL F 179 -7.54 12.04 33.00
C VAL F 179 -8.64 12.27 34.03
N ALA F 180 -9.11 11.17 34.62
CA ALA F 180 -10.19 11.27 35.61
C ALA F 180 -9.76 12.15 36.78
N MET F 181 -8.73 11.74 37.50
CA MET F 181 -8.12 12.58 38.52
C MET F 181 -6.73 13.03 38.09
#